data_1I6Z
#
_entry.id   1I6Z
#
_cell.length_a   ?
_cell.length_b   ?
_cell.length_c   ?
_cell.angle_alpha   ?
_cell.angle_beta   ?
_cell.angle_gamma   ?
#
_entity_poly.entity_id   1
_entity_poly.type   'polypeptide(L)'
_entity_poly.pdbx_seq_one_letter_code
;GSPEFMLIGEKSNPEEEVELKKLKDLEVSAEKIANHLQELNKELSGIQQGFLAKELQAEALCKLDRKVKATIEQFMKILE
EIDTMVLPEQFKDSRLKRKNLVKKVQVFLAECDTVEQYICQETERLQSTNLALAE
;
_entity_poly.pdbx_strand_id   A
#
# COMPACT_ATOMS: atom_id res chain seq x y z
N GLY A 1 -28.12 -29.63 25.37
CA GLY A 1 -28.34 -28.58 24.33
C GLY A 1 -27.07 -27.88 23.92
N SER A 2 -26.70 -26.84 24.68
CA SER A 2 -25.50 -26.08 24.40
C SER A 2 -25.08 -25.25 25.60
N PRO A 3 -24.36 -25.85 26.56
CA PRO A 3 -23.90 -25.16 27.76
C PRO A 3 -23.17 -23.86 27.44
N GLU A 4 -23.56 -22.78 28.11
CA GLU A 4 -22.94 -21.49 27.90
C GLU A 4 -22.55 -20.83 29.22
N PHE A 5 -21.31 -20.38 29.32
CA PHE A 5 -20.82 -19.74 30.53
C PHE A 5 -19.64 -18.82 30.22
N MET A 6 -19.76 -17.56 30.61
CA MET A 6 -18.70 -16.58 30.37
C MET A 6 -18.95 -15.29 31.15
N LEU A 7 -20.21 -14.86 31.19
CA LEU A 7 -20.57 -13.64 31.90
C LEU A 7 -22.07 -13.59 32.21
N ILE A 8 -22.87 -14.15 31.30
CA ILE A 8 -24.32 -14.16 31.47
C ILE A 8 -24.92 -12.78 31.26
N GLY A 9 -24.80 -12.27 30.04
CA GLY A 9 -25.33 -10.96 29.73
C GLY A 9 -25.56 -10.78 28.24
N GLU A 10 -24.48 -10.56 27.50
CA GLU A 10 -24.57 -10.38 26.05
C GLU A 10 -25.40 -9.15 25.69
N LYS A 11 -24.78 -8.18 25.04
CA LYS A 11 -25.47 -6.96 24.65
C LYS A 11 -25.00 -6.49 23.27
N SER A 12 -25.03 -7.39 22.30
CA SER A 12 -24.61 -7.08 20.95
C SER A 12 -23.14 -6.68 20.91
N ASN A 13 -22.64 -6.37 19.71
CA ASN A 13 -21.25 -5.97 19.54
C ASN A 13 -21.14 -4.50 19.16
N PRO A 14 -21.53 -3.59 20.08
CA PRO A 14 -21.48 -2.15 19.85
C PRO A 14 -20.06 -1.65 19.58
N GLU A 15 -19.27 -1.50 20.65
CA GLU A 15 -17.91 -1.02 20.52
C GLU A 15 -17.09 -1.92 19.60
N GLU A 16 -17.40 -3.20 19.63
CA GLU A 16 -16.70 -4.16 18.78
C GLU A 16 -16.82 -3.76 17.33
N GLU A 17 -18.01 -3.32 16.96
CA GLU A 17 -18.29 -2.88 15.60
C GLU A 17 -17.55 -1.58 15.33
N VAL A 18 -17.51 -0.71 16.33
CA VAL A 18 -16.84 0.59 16.20
C VAL A 18 -15.35 0.40 15.92
N GLU A 19 -14.70 -0.44 16.71
CA GLU A 19 -13.28 -0.71 16.53
C GLU A 19 -13.04 -1.39 15.18
N LEU A 20 -14.01 -2.21 14.79
CA LEU A 20 -13.95 -2.93 13.54
C LEU A 20 -14.17 -1.98 12.35
N LYS A 21 -15.05 -1.00 12.53
CA LYS A 21 -15.36 -0.04 11.47
C LYS A 21 -14.14 0.74 11.04
N LYS A 22 -13.33 1.11 12.02
CA LYS A 22 -12.10 1.85 11.76
C LYS A 22 -11.14 0.98 11.01
N LEU A 23 -11.02 -0.26 11.46
CA LEU A 23 -10.14 -1.24 10.84
C LEU A 23 -10.54 -1.43 9.37
N LYS A 24 -11.85 -1.46 9.13
CA LYS A 24 -12.38 -1.60 7.81
C LYS A 24 -11.88 -0.47 6.91
N ASP A 25 -12.02 0.74 7.43
CA ASP A 25 -11.59 1.94 6.74
C ASP A 25 -10.11 1.87 6.37
N LEU A 26 -9.31 1.25 7.23
CA LEU A 26 -7.87 1.14 6.99
C LEU A 26 -7.59 0.34 5.71
N GLU A 27 -8.28 -0.77 5.53
CA GLU A 27 -8.10 -1.60 4.34
C GLU A 27 -8.49 -0.84 3.08
N VAL A 28 -9.55 -0.05 3.21
CA VAL A 28 -10.07 0.76 2.11
C VAL A 28 -9.10 1.85 1.70
N SER A 29 -8.58 2.54 2.70
CA SER A 29 -7.62 3.60 2.47
C SER A 29 -6.45 2.99 1.74
N ALA A 30 -6.16 1.76 2.14
CA ALA A 30 -5.09 0.99 1.51
C ALA A 30 -5.49 0.64 0.10
N GLU A 31 -6.75 0.25 -0.05
CA GLU A 31 -7.30 -0.09 -1.35
C GLU A 31 -7.20 1.10 -2.28
N LYS A 32 -7.40 2.30 -1.73
CA LYS A 32 -7.32 3.53 -2.50
C LYS A 32 -5.90 3.77 -2.96
N ILE A 33 -4.93 3.60 -2.05
CA ILE A 33 -3.53 3.79 -2.40
C ILE A 33 -3.15 2.80 -3.49
N ALA A 34 -3.58 1.56 -3.31
CA ALA A 34 -3.31 0.52 -4.28
C ALA A 34 -3.99 0.83 -5.62
N ASN A 35 -5.17 1.45 -5.53
CA ASN A 35 -5.92 1.82 -6.73
C ASN A 35 -5.19 2.92 -7.50
N HIS A 36 -4.62 3.87 -6.77
CA HIS A 36 -3.89 4.97 -7.39
C HIS A 36 -2.73 4.45 -8.22
N LEU A 37 -2.07 3.41 -7.74
CA LEU A 37 -0.94 2.82 -8.45
C LEU A 37 -1.39 2.26 -9.80
N GLN A 38 -2.45 1.48 -9.79
CA GLN A 38 -2.99 0.89 -11.01
C GLN A 38 -3.44 1.97 -11.99
N GLU A 39 -3.95 3.07 -11.44
CA GLU A 39 -4.41 4.19 -12.25
C GLU A 39 -3.23 4.90 -12.88
N LEU A 40 -2.25 5.22 -12.05
CA LEU A 40 -1.04 5.87 -12.50
C LEU A 40 -0.29 4.94 -13.44
N ASN A 41 -0.35 3.64 -13.13
CA ASN A 41 0.31 2.63 -13.94
C ASN A 41 -0.26 2.60 -15.36
N LYS A 42 -1.57 2.79 -15.47
CA LYS A 42 -2.23 2.79 -16.77
C LYS A 42 -1.80 3.98 -17.60
N GLU A 43 -1.76 5.15 -16.98
CA GLU A 43 -1.36 6.38 -17.68
C GLU A 43 0.11 6.35 -18.03
N LEU A 44 0.93 5.77 -17.14
CA LEU A 44 2.36 5.67 -17.36
C LEU A 44 2.65 4.72 -18.51
N SER A 45 1.98 3.58 -18.49
CA SER A 45 2.14 2.58 -19.54
C SER A 45 1.71 3.14 -20.88
N GLY A 46 0.69 4.00 -20.86
CA GLY A 46 0.20 4.62 -22.07
C GLY A 46 1.22 5.57 -22.62
N ILE A 47 1.78 6.37 -21.72
CA ILE A 47 2.82 7.31 -22.06
C ILE A 47 4.08 6.54 -22.43
N GLN A 48 4.27 5.42 -21.73
CA GLN A 48 5.43 4.57 -21.95
C GLN A 48 5.51 4.09 -23.40
N GLN A 49 4.35 3.97 -24.04
CA GLN A 49 4.27 3.51 -25.43
C GLN A 49 5.28 4.27 -26.31
N GLY A 50 5.58 5.51 -25.93
CA GLY A 50 6.50 6.31 -26.70
C GLY A 50 6.17 7.79 -26.67
N PHE A 51 7.20 8.63 -26.69
CA PHE A 51 7.00 10.08 -26.68
C PHE A 51 8.34 10.81 -26.75
N LEU A 52 9.29 10.39 -25.92
CA LEU A 52 10.61 10.99 -25.90
C LEU A 52 11.70 9.93 -26.07
N ALA A 53 12.95 10.38 -26.08
CA ALA A 53 14.09 9.48 -26.24
C ALA A 53 14.34 8.70 -24.95
N LYS A 54 15.38 7.87 -24.97
CA LYS A 54 15.73 7.07 -23.80
C LYS A 54 16.14 7.97 -22.63
N GLU A 55 16.72 9.11 -22.95
CA GLU A 55 17.16 10.06 -21.93
C GLU A 55 16.01 10.47 -21.03
N LEU A 56 14.88 10.83 -21.64
CA LEU A 56 13.70 11.25 -20.89
C LEU A 56 12.94 10.03 -20.37
N GLN A 57 12.85 8.99 -21.19
CA GLN A 57 12.15 7.77 -20.81
C GLN A 57 12.75 7.20 -19.53
N ALA A 58 14.07 7.06 -19.52
CA ALA A 58 14.77 6.54 -18.35
C ALA A 58 14.63 7.53 -17.20
N GLU A 59 14.61 8.81 -17.54
CA GLU A 59 14.46 9.88 -16.56
C GLU A 59 13.08 9.82 -15.91
N ALA A 60 12.07 9.52 -16.72
CA ALA A 60 10.70 9.43 -16.23
C ALA A 60 10.51 8.21 -15.35
N LEU A 61 11.14 7.10 -15.72
CA LEU A 61 11.02 5.86 -14.96
C LEU A 61 11.65 5.97 -13.57
N CYS A 62 12.87 6.51 -13.51
CA CYS A 62 13.55 6.67 -12.23
C CYS A 62 12.70 7.54 -11.32
N LYS A 63 12.14 8.61 -11.89
CA LYS A 63 11.27 9.50 -11.16
C LYS A 63 9.97 8.77 -10.84
N LEU A 64 9.56 7.89 -11.76
CA LEU A 64 8.33 7.13 -11.59
C LEU A 64 8.45 6.14 -10.43
N ASP A 65 9.53 5.38 -10.40
CA ASP A 65 9.74 4.41 -9.33
C ASP A 65 9.87 5.10 -7.98
N ARG A 66 10.61 6.20 -7.95
CA ARG A 66 10.79 6.92 -6.69
C ARG A 66 9.46 7.38 -6.12
N LYS A 67 8.55 7.79 -7.00
CA LYS A 67 7.24 8.20 -6.56
C LYS A 67 6.49 7.00 -6.07
N VAL A 68 6.77 5.88 -6.71
CA VAL A 68 6.17 4.62 -6.31
C VAL A 68 6.62 4.33 -4.88
N LYS A 69 7.87 4.70 -4.60
CA LYS A 69 8.46 4.50 -3.27
C LYS A 69 7.61 5.21 -2.22
N ALA A 70 7.16 6.42 -2.54
CA ALA A 70 6.34 7.18 -1.62
C ALA A 70 5.06 6.42 -1.31
N THR A 71 4.54 5.73 -2.33
CA THR A 71 3.32 4.96 -2.16
C THR A 71 3.56 3.80 -1.20
N ILE A 72 4.75 3.20 -1.30
CA ILE A 72 5.13 2.09 -0.43
C ILE A 72 5.13 2.54 1.02
N GLU A 73 5.68 3.73 1.25
CA GLU A 73 5.76 4.31 2.58
C GLU A 73 4.38 4.41 3.22
N GLN A 74 3.38 4.80 2.43
CA GLN A 74 2.02 4.91 2.95
C GLN A 74 1.60 3.56 3.49
N PHE A 75 1.92 2.52 2.73
CA PHE A 75 1.62 1.15 3.12
C PHE A 75 2.37 0.82 4.40
N MET A 76 3.59 1.34 4.52
CA MET A 76 4.41 1.14 5.71
C MET A 76 3.70 1.71 6.93
N LYS A 77 3.14 2.90 6.76
CA LYS A 77 2.42 3.57 7.85
C LYS A 77 1.28 2.70 8.35
N ILE A 78 0.64 1.96 7.44
CA ILE A 78 -0.46 1.09 7.82
C ILE A 78 0.01 0.03 8.80
N LEU A 79 1.12 -0.62 8.46
CA LEU A 79 1.69 -1.65 9.33
C LEU A 79 2.20 -1.03 10.62
N GLU A 80 2.93 0.07 10.49
CA GLU A 80 3.49 0.78 11.64
C GLU A 80 2.39 1.30 12.56
N GLU A 81 1.28 1.74 11.96
CA GLU A 81 0.15 2.26 12.73
C GLU A 81 -0.51 1.13 13.49
N ILE A 82 -0.73 0.03 12.80
CA ILE A 82 -1.32 -1.15 13.41
C ILE A 82 -0.33 -1.72 14.41
N ASP A 83 0.95 -1.65 14.04
CA ASP A 83 2.02 -2.15 14.90
C ASP A 83 2.01 -1.45 16.25
N THR A 84 1.64 -0.17 16.25
CA THR A 84 1.60 0.61 17.48
C THR A 84 0.17 0.72 18.01
N MET A 85 -0.64 -0.29 17.73
CA MET A 85 -2.02 -0.30 18.19
C MET A 85 -2.19 -1.20 19.41
N VAL A 86 -3.15 -0.86 20.27
CA VAL A 86 -3.41 -1.63 21.48
C VAL A 86 -4.76 -2.33 21.40
N LEU A 87 -4.78 -3.61 21.74
CA LEU A 87 -6.00 -4.39 21.72
C LEU A 87 -5.82 -5.71 22.48
N PRO A 88 -6.76 -6.05 23.38
CA PRO A 88 -6.69 -7.29 24.16
C PRO A 88 -6.95 -8.52 23.32
N GLU A 89 -7.13 -9.67 23.98
CA GLU A 89 -7.39 -10.92 23.29
C GLU A 89 -8.87 -11.25 23.28
N GLN A 90 -9.70 -10.20 23.23
CA GLN A 90 -11.15 -10.37 23.21
C GLN A 90 -11.70 -10.17 21.81
N PHE A 91 -11.26 -9.09 21.16
CA PHE A 91 -11.71 -8.78 19.80
C PHE A 91 -11.14 -9.79 18.81
N LYS A 92 -11.86 -10.89 18.63
CA LYS A 92 -11.44 -11.96 17.72
C LYS A 92 -11.53 -11.51 16.27
N ASP A 93 -12.67 -10.95 15.88
CA ASP A 93 -12.87 -10.49 14.51
C ASP A 93 -12.00 -9.29 14.20
N SER A 94 -11.97 -8.33 15.11
CA SER A 94 -11.17 -7.12 14.92
C SER A 94 -9.70 -7.48 14.78
N ARG A 95 -9.22 -8.37 15.66
CA ARG A 95 -7.83 -8.80 15.63
C ARG A 95 -7.51 -9.57 14.36
N LEU A 96 -8.38 -10.50 14.00
CA LEU A 96 -8.20 -11.28 12.80
C LEU A 96 -8.11 -10.35 11.61
N LYS A 97 -8.91 -9.28 11.66
CA LYS A 97 -8.94 -8.29 10.60
C LYS A 97 -7.61 -7.54 10.51
N ARG A 98 -7.03 -7.23 11.66
CA ARG A 98 -5.76 -6.53 11.71
C ARG A 98 -4.61 -7.40 11.20
N LYS A 99 -4.58 -8.65 11.65
CA LYS A 99 -3.54 -9.59 11.25
C LYS A 99 -3.54 -9.78 9.74
N ASN A 100 -4.71 -10.02 9.18
CA ASN A 100 -4.85 -10.20 7.75
C ASN A 100 -4.40 -8.95 7.01
N LEU A 101 -4.69 -7.80 7.62
CA LEU A 101 -4.32 -6.52 7.05
C LEU A 101 -2.82 -6.33 7.05
N VAL A 102 -2.17 -6.83 8.10
CA VAL A 102 -0.73 -6.71 8.20
C VAL A 102 -0.09 -7.33 6.98
N LYS A 103 -0.50 -8.55 6.67
CA LYS A 103 0.03 -9.23 5.50
C LYS A 103 -0.34 -8.53 4.22
N LYS A 104 -1.48 -7.88 4.22
CA LYS A 104 -1.88 -7.12 3.05
C LYS A 104 -0.86 -6.02 2.86
N VAL A 105 -0.42 -5.51 4.00
CA VAL A 105 0.56 -4.45 4.05
C VAL A 105 1.91 -4.95 3.57
N GLN A 106 2.25 -6.18 3.96
CA GLN A 106 3.52 -6.77 3.56
C GLN A 106 3.59 -6.90 2.04
N VAL A 107 2.51 -7.43 1.46
CA VAL A 107 2.43 -7.61 0.01
C VAL A 107 2.30 -6.27 -0.71
N PHE A 108 1.48 -5.38 -0.17
CA PHE A 108 1.25 -4.08 -0.77
C PHE A 108 2.51 -3.25 -0.86
N LEU A 109 3.32 -3.30 0.19
CA LEU A 109 4.56 -2.55 0.24
C LEU A 109 5.58 -3.15 -0.70
N ALA A 110 5.66 -4.47 -0.63
CA ALA A 110 6.59 -5.23 -1.45
C ALA A 110 6.21 -5.23 -2.92
N GLU A 111 4.93 -5.46 -3.22
CA GLU A 111 4.48 -5.47 -4.60
C GLU A 111 4.75 -4.12 -5.23
N CYS A 112 4.49 -3.09 -4.46
CA CYS A 112 4.72 -1.71 -4.90
C CYS A 112 6.22 -1.47 -5.08
N ASP A 113 7.02 -2.04 -4.18
CA ASP A 113 8.48 -1.88 -4.25
C ASP A 113 9.06 -2.60 -5.45
N THR A 114 8.52 -3.77 -5.77
CA THR A 114 9.01 -4.53 -6.90
C THR A 114 8.80 -3.75 -8.19
N VAL A 115 7.65 -3.13 -8.33
CA VAL A 115 7.36 -2.34 -9.50
C VAL A 115 8.33 -1.18 -9.60
N GLU A 116 8.50 -0.47 -8.48
CA GLU A 116 9.42 0.65 -8.42
C GLU A 116 10.86 0.16 -8.61
N GLN A 117 11.17 -1.00 -8.01
CA GLN A 117 12.50 -1.56 -8.11
C GLN A 117 12.80 -2.03 -9.54
N TYR A 118 11.79 -2.58 -10.20
CA TYR A 118 11.96 -3.06 -11.56
C TYR A 118 12.18 -1.90 -12.51
N ILE A 119 11.35 -0.87 -12.37
CA ILE A 119 11.47 0.32 -13.18
C ILE A 119 12.80 0.97 -12.89
N CYS A 120 13.17 0.96 -11.61
CA CYS A 120 14.44 1.54 -11.17
C CYS A 120 15.61 0.70 -11.67
N GLN A 121 15.53 -0.61 -11.48
CA GLN A 121 16.58 -1.54 -11.88
C GLN A 121 16.84 -1.47 -13.38
N GLU A 122 15.78 -1.31 -14.16
CA GLU A 122 15.89 -1.24 -15.61
C GLU A 122 16.61 0.04 -16.02
N THR A 123 16.19 1.13 -15.41
CA THR A 123 16.80 2.43 -15.66
C THR A 123 18.20 2.45 -15.06
N GLU A 124 18.32 1.84 -13.88
CA GLU A 124 19.59 1.79 -13.18
C GLU A 124 20.66 1.10 -14.03
N ARG A 125 20.31 -0.02 -14.63
CA ARG A 125 21.24 -0.77 -15.47
C ARG A 125 21.65 0.06 -16.67
N LEU A 126 20.70 0.82 -17.20
CA LEU A 126 20.95 1.67 -18.37
C LEU A 126 22.03 2.71 -18.07
N GLN A 127 22.09 3.16 -16.82
CA GLN A 127 23.08 4.15 -16.42
C GLN A 127 23.97 3.64 -15.30
N SER A 128 25.26 3.51 -15.59
CA SER A 128 26.22 3.03 -14.60
C SER A 128 27.32 4.07 -14.37
N THR A 129 27.94 4.51 -15.46
CA THR A 129 29.01 5.50 -15.37
C THR A 129 30.08 5.08 -14.37
N ASN A 130 31.07 5.96 -14.17
CA ASN A 130 32.15 5.69 -13.23
C ASN A 130 31.92 6.43 -11.91
N LEU A 131 32.92 6.37 -11.04
CA LEU A 131 32.83 7.04 -9.74
C LEU A 131 34.21 7.52 -9.29
N ALA A 132 34.24 8.25 -8.17
CA ALA A 132 35.49 8.77 -7.63
C ALA A 132 35.38 8.98 -6.13
N LEU A 133 36.21 8.27 -5.37
CA LEU A 133 36.22 8.37 -3.92
C LEU A 133 37.46 9.12 -3.44
N ALA A 134 37.24 10.21 -2.70
CA ALA A 134 38.34 11.01 -2.17
C ALA A 134 37.97 11.62 -0.83
N GLU A 135 36.78 12.22 -0.77
CA GLU A 135 36.31 12.85 0.47
C GLU A 135 34.79 13.00 0.45
N GLY A 1 -41.64 -6.82 42.86
CA GLY A 1 -40.88 -5.58 42.55
C GLY A 1 -39.52 -5.55 43.23
N SER A 2 -38.46 -5.64 42.42
CA SER A 2 -37.10 -5.61 42.94
C SER A 2 -36.09 -5.53 41.81
N PRO A 3 -36.04 -6.55 40.93
CA PRO A 3 -35.11 -6.57 39.80
C PRO A 3 -35.43 -5.50 38.76
N GLU A 4 -34.42 -5.11 38.00
CA GLU A 4 -34.60 -4.10 36.96
C GLU A 4 -34.11 -4.60 35.61
N PHE A 5 -34.96 -4.50 34.59
CA PHE A 5 -34.63 -4.94 33.26
C PHE A 5 -34.34 -6.44 33.24
N MET A 6 -34.56 -7.07 32.08
CA MET A 6 -34.32 -8.50 31.94
C MET A 6 -33.13 -8.76 31.02
N LEU A 7 -32.17 -9.53 31.51
CA LEU A 7 -30.98 -9.86 30.74
C LEU A 7 -30.55 -11.31 30.97
N ILE A 8 -30.83 -12.17 30.01
CA ILE A 8 -30.48 -13.58 30.11
C ILE A 8 -29.71 -14.05 28.88
N GLY A 9 -28.38 -14.09 29.00
CA GLY A 9 -27.55 -14.52 27.89
C GLY A 9 -27.04 -13.36 27.06
N GLU A 10 -26.13 -13.65 26.14
CA GLU A 10 -25.56 -12.62 25.27
C GLU A 10 -25.20 -13.19 23.91
N LYS A 11 -25.19 -12.33 22.90
CA LYS A 11 -24.85 -12.76 21.54
C LYS A 11 -24.36 -11.57 20.71
N SER A 12 -24.14 -11.81 19.42
CA SER A 12 -23.67 -10.77 18.52
C SER A 12 -22.28 -10.29 18.91
N ASN A 13 -21.75 -9.32 18.17
CA ASN A 13 -20.43 -8.78 18.43
C ASN A 13 -20.49 -7.25 18.59
N PRO A 14 -20.69 -6.77 19.82
CA PRO A 14 -20.79 -5.33 20.10
C PRO A 14 -19.45 -4.60 19.93
N GLU A 15 -18.60 -4.64 20.96
CA GLU A 15 -17.31 -3.96 20.93
C GLU A 15 -16.45 -4.46 19.77
N GLU A 16 -16.62 -5.73 19.44
CA GLU A 16 -15.86 -6.33 18.33
C GLU A 16 -16.09 -5.55 17.06
N GLU A 17 -17.35 -5.18 16.85
CA GLU A 17 -17.74 -4.41 15.68
C GLU A 17 -17.19 -2.99 15.77
N VAL A 18 -17.19 -2.43 16.97
CA VAL A 18 -16.70 -1.07 17.17
C VAL A 18 -15.24 -0.93 16.82
N GLU A 19 -14.41 -1.84 17.34
CA GLU A 19 -12.99 -1.81 17.05
C GLU A 19 -12.74 -2.13 15.59
N LEU A 20 -13.58 -2.99 15.03
CA LEU A 20 -13.49 -3.39 13.65
C LEU A 20 -13.92 -2.25 12.74
N LYS A 21 -14.93 -1.50 13.17
CA LYS A 21 -15.47 -0.38 12.38
C LYS A 21 -14.42 0.68 12.13
N LYS A 22 -13.64 0.97 13.14
CA LYS A 22 -12.59 1.98 13.04
C LYS A 22 -11.52 1.50 12.06
N LEU A 23 -11.14 0.25 12.22
CA LEU A 23 -10.15 -0.36 11.35
C LEU A 23 -10.62 -0.33 9.90
N LYS A 24 -11.92 -0.55 9.71
CA LYS A 24 -12.51 -0.57 8.41
C LYS A 24 -12.28 0.77 7.70
N ASP A 25 -12.57 1.85 8.41
CA ASP A 25 -12.37 3.18 7.87
C ASP A 25 -10.93 3.36 7.41
N LEU A 26 -10.00 2.74 8.15
CA LEU A 26 -8.59 2.81 7.80
C LEU A 26 -8.32 2.11 6.49
N GLU A 27 -8.99 0.97 6.28
CA GLU A 27 -8.84 0.19 5.07
C GLU A 27 -9.29 0.99 3.85
N VAL A 28 -10.34 1.76 4.02
CA VAL A 28 -10.90 2.58 2.96
C VAL A 28 -9.94 3.67 2.54
N SER A 29 -9.39 4.35 3.54
CA SER A 29 -8.42 5.39 3.28
C SER A 29 -7.27 4.77 2.56
N ALA A 30 -7.00 3.54 2.98
CA ALA A 30 -5.94 2.73 2.37
C ALA A 30 -6.35 2.34 0.97
N GLU A 31 -7.62 2.02 0.82
CA GLU A 31 -8.18 1.63 -0.47
C GLU A 31 -8.01 2.74 -1.49
N LYS A 32 -8.13 3.99 -1.05
CA LYS A 32 -7.98 5.13 -1.95
C LYS A 32 -6.54 5.26 -2.43
N ILE A 33 -5.59 5.16 -1.51
CA ILE A 33 -4.18 5.23 -1.89
C ILE A 33 -3.84 4.05 -2.77
N ALA A 34 -4.36 2.88 -2.39
CA ALA A 34 -4.13 1.66 -3.14
C ALA A 34 -4.82 1.72 -4.50
N ASN A 35 -5.97 2.39 -4.56
CA ASN A 35 -6.72 2.51 -5.81
C ASN A 35 -5.98 3.40 -6.80
N HIS A 36 -5.43 4.50 -6.31
CA HIS A 36 -4.70 5.44 -7.16
C HIS A 36 -3.47 4.76 -7.76
N LEU A 37 -2.81 3.92 -6.98
CA LEU A 37 -1.62 3.22 -7.43
C LEU A 37 -1.95 2.26 -8.57
N GLN A 38 -2.96 1.43 -8.38
CA GLN A 38 -3.38 0.47 -9.40
C GLN A 38 -3.82 1.20 -10.68
N GLU A 39 -4.43 2.35 -10.49
CA GLU A 39 -4.90 3.17 -11.60
C GLU A 39 -3.72 3.76 -12.33
N LEU A 40 -2.78 4.27 -11.55
CA LEU A 40 -1.57 4.85 -12.09
C LEU A 40 -0.82 3.78 -12.87
N ASN A 41 -0.89 2.54 -12.37
CA ASN A 41 -0.23 1.42 -13.03
C ASN A 41 -0.86 1.13 -14.39
N LYS A 42 -2.19 1.07 -14.40
CA LYS A 42 -2.94 0.80 -15.63
C LYS A 42 -2.84 1.97 -16.60
N GLU A 43 -3.03 3.18 -16.08
CA GLU A 43 -2.99 4.38 -16.90
C GLU A 43 -1.59 4.67 -17.44
N LEU A 44 -0.58 4.50 -16.59
CA LEU A 44 0.80 4.76 -16.99
C LEU A 44 1.25 3.74 -18.03
N SER A 45 0.96 2.47 -17.76
CA SER A 45 1.32 1.39 -18.68
C SER A 45 0.46 1.46 -19.93
N GLY A 46 -0.78 1.87 -19.79
CA GLY A 46 -1.64 1.99 -20.96
C GLY A 46 -1.04 3.01 -21.89
N ILE A 47 -0.62 4.10 -21.28
CA ILE A 47 0.06 5.17 -21.97
C ILE A 47 1.44 4.69 -22.40
N GLN A 48 2.05 3.87 -21.53
CA GLN A 48 3.40 3.35 -21.78
C GLN A 48 4.34 4.51 -22.04
N GLN A 49 4.07 5.60 -21.34
CA GLN A 49 4.85 6.84 -21.45
C GLN A 49 6.31 6.58 -21.83
N GLY A 50 6.91 5.56 -21.21
CA GLY A 50 8.28 5.23 -21.50
C GLY A 50 8.54 5.00 -22.99
N PHE A 51 9.15 5.97 -23.65
CA PHE A 51 9.44 5.87 -25.07
C PHE A 51 10.34 7.01 -25.54
N LEU A 52 11.30 7.37 -24.71
CA LEU A 52 12.23 8.46 -25.03
C LEU A 52 13.67 7.97 -24.96
N ALA A 53 14.62 8.91 -25.10
CA ALA A 53 16.03 8.58 -25.04
C ALA A 53 16.44 8.11 -23.64
N LYS A 54 17.66 7.64 -23.51
CA LYS A 54 18.17 7.16 -22.23
C LYS A 54 18.06 8.24 -21.16
N GLU A 55 18.21 9.49 -21.58
CA GLU A 55 18.14 10.62 -20.66
C GLU A 55 16.73 10.78 -20.09
N LEU A 56 15.73 10.76 -20.98
CA LEU A 56 14.35 10.92 -20.56
C LEU A 56 13.79 9.61 -19.99
N GLN A 57 14.15 8.49 -20.61
CA GLN A 57 13.69 7.18 -20.14
C GLN A 57 14.11 6.95 -18.70
N ALA A 58 15.39 7.16 -18.43
CA ALA A 58 15.92 7.00 -17.08
C ALA A 58 15.27 8.03 -16.17
N GLU A 59 15.01 9.20 -16.72
CA GLU A 59 14.38 10.28 -15.99
C GLU A 59 12.96 9.91 -15.61
N ALA A 60 12.19 9.44 -16.59
CA ALA A 60 10.80 9.06 -16.35
C ALA A 60 10.70 7.80 -15.50
N LEU A 61 11.49 6.79 -15.84
CA LEU A 61 11.48 5.53 -15.10
C LEU A 61 11.87 5.74 -13.64
N CYS A 62 12.95 6.48 -13.43
CA CYS A 62 13.41 6.76 -12.07
C CYS A 62 12.39 7.61 -11.34
N LYS A 63 11.76 8.53 -12.07
CA LYS A 63 10.75 9.40 -11.49
C LYS A 63 9.50 8.58 -11.15
N LEU A 64 9.24 7.57 -11.97
CA LEU A 64 8.10 6.70 -11.78
C LEU A 64 8.29 5.90 -10.50
N ASP A 65 9.47 5.32 -10.34
CA ASP A 65 9.80 4.52 -9.18
C ASP A 65 9.76 5.36 -7.90
N ARG A 66 10.34 6.55 -7.97
CA ARG A 66 10.38 7.42 -6.80
C ARG A 66 8.98 7.81 -6.36
N LYS A 67 8.09 8.00 -7.31
CA LYS A 67 6.72 8.35 -6.97
C LYS A 67 6.05 7.17 -6.32
N VAL A 68 6.44 5.99 -6.77
CA VAL A 68 5.94 4.77 -6.21
C VAL A 68 6.32 4.71 -4.74
N LYS A 69 7.52 5.22 -4.45
CA LYS A 69 8.02 5.25 -3.08
C LYS A 69 7.12 6.08 -2.20
N ALA A 70 6.60 7.17 -2.76
CA ALA A 70 5.70 8.05 -2.02
C ALA A 70 4.46 7.28 -1.58
N THR A 71 3.93 6.44 -2.47
CA THR A 71 2.75 5.65 -2.15
C THR A 71 3.08 4.65 -1.05
N ILE A 72 4.28 4.07 -1.13
CA ILE A 72 4.75 3.11 -0.16
C ILE A 72 4.83 3.74 1.23
N GLU A 73 5.30 4.97 1.28
CA GLU A 73 5.45 5.69 2.54
C GLU A 73 4.09 5.97 3.19
N GLN A 74 3.08 6.27 2.37
CA GLN A 74 1.75 6.54 2.90
C GLN A 74 1.16 5.28 3.48
N PHE A 75 1.26 4.21 2.70
CA PHE A 75 0.75 2.91 3.11
C PHE A 75 1.59 2.34 4.25
N MET A 76 2.90 2.45 4.12
CA MET A 76 3.82 1.94 5.13
C MET A 76 3.61 2.68 6.44
N LYS A 77 3.37 3.99 6.35
CA LYS A 77 3.15 4.82 7.52
C LYS A 77 1.94 4.34 8.30
N ILE A 78 0.88 3.97 7.59
CA ILE A 78 -0.33 3.48 8.21
C ILE A 78 -0.10 2.11 8.83
N LEU A 79 0.71 1.29 8.15
CA LEU A 79 1.03 -0.04 8.63
C LEU A 79 1.77 0.05 9.97
N GLU A 80 2.76 0.91 10.02
CA GLU A 80 3.56 1.12 11.23
C GLU A 80 2.68 1.53 12.41
N GLU A 81 1.66 2.34 12.12
CA GLU A 81 0.74 2.80 13.15
C GLU A 81 -0.09 1.64 13.65
N ILE A 82 -0.61 0.88 12.71
CA ILE A 82 -1.40 -0.30 13.03
C ILE A 82 -0.50 -1.32 13.71
N ASP A 83 0.74 -1.38 13.24
CA ASP A 83 1.72 -2.31 13.80
C ASP A 83 1.87 -2.13 15.30
N THR A 84 1.80 -0.88 15.75
CA THR A 84 1.93 -0.57 17.18
C THR A 84 0.61 -0.08 17.75
N MET A 85 -0.49 -0.63 17.24
CA MET A 85 -1.82 -0.26 17.70
C MET A 85 -2.25 -1.12 18.88
N VAL A 86 -3.14 -0.58 19.72
CA VAL A 86 -3.63 -1.30 20.88
C VAL A 86 -4.80 -2.21 20.50
N LEU A 87 -4.70 -3.49 20.88
CA LEU A 87 -5.75 -4.45 20.58
C LEU A 87 -5.59 -5.70 21.45
N PRO A 88 -6.61 -6.04 22.26
CA PRO A 88 -6.58 -7.21 23.14
C PRO A 88 -6.71 -8.52 22.36
N GLU A 89 -6.32 -9.62 22.98
CA GLU A 89 -6.40 -10.93 22.35
C GLU A 89 -7.73 -11.60 22.66
N GLN A 90 -8.62 -11.63 21.67
CA GLN A 90 -9.93 -12.24 21.84
C GLN A 90 -10.72 -12.20 20.54
N PHE A 91 -10.89 -10.99 20.00
CA PHE A 91 -11.62 -10.81 18.75
C PHE A 91 -10.95 -11.57 17.61
N LYS A 92 -11.59 -12.63 17.16
CA LYS A 92 -11.06 -13.45 16.07
C LYS A 92 -11.10 -12.71 14.74
N ASP A 93 -12.25 -12.14 14.41
CA ASP A 93 -12.42 -11.40 13.17
C ASP A 93 -11.59 -10.12 13.18
N SER A 94 -11.63 -9.40 14.29
CA SER A 94 -10.88 -8.17 14.43
C SER A 94 -9.38 -8.41 14.25
N ARG A 95 -8.87 -9.46 14.85
CA ARG A 95 -7.45 -9.76 14.74
C ARG A 95 -7.06 -10.17 13.33
N LEU A 96 -7.82 -11.07 12.75
CA LEU A 96 -7.55 -11.55 11.41
C LEU A 96 -7.57 -10.41 10.40
N LYS A 97 -8.48 -9.47 10.61
CA LYS A 97 -8.60 -8.33 9.69
C LYS A 97 -7.37 -7.43 9.77
N ARG A 98 -6.96 -7.10 10.99
CA ARG A 98 -5.81 -6.23 11.21
C ARG A 98 -4.54 -6.82 10.61
N LYS A 99 -4.32 -8.11 10.84
CA LYS A 99 -3.13 -8.78 10.33
C LYS A 99 -3.11 -8.77 8.81
N ASN A 100 -4.23 -9.16 8.22
CA ASN A 100 -4.34 -9.18 6.76
C ASN A 100 -4.20 -7.77 6.20
N LEU A 101 -4.67 -6.80 6.97
CA LEU A 101 -4.59 -5.40 6.58
C LEU A 101 -3.14 -4.95 6.56
N VAL A 102 -2.37 -5.46 7.50
CA VAL A 102 -0.97 -5.13 7.55
C VAL A 102 -0.27 -5.70 6.34
N LYS A 103 -0.49 -7.00 6.11
CA LYS A 103 0.11 -7.68 4.97
C LYS A 103 -0.36 -7.14 3.66
N LYS A 104 -1.60 -6.73 3.58
CA LYS A 104 -2.12 -6.18 2.36
C LYS A 104 -1.27 -4.96 2.04
N VAL A 105 -0.94 -4.26 3.10
CA VAL A 105 -0.12 -3.06 3.00
C VAL A 105 1.31 -3.41 2.61
N GLN A 106 1.80 -4.49 3.17
CA GLN A 106 3.17 -4.93 2.90
C GLN A 106 3.35 -5.39 1.46
N VAL A 107 2.44 -6.24 0.99
CA VAL A 107 2.53 -6.79 -0.36
C VAL A 107 2.27 -5.78 -1.47
N PHE A 108 1.19 -5.04 -1.37
CA PHE A 108 0.84 -4.09 -2.41
C PHE A 108 1.87 -2.98 -2.57
N LEU A 109 2.35 -2.47 -1.45
CA LEU A 109 3.33 -1.39 -1.48
C LEU A 109 4.68 -1.92 -1.91
N ALA A 110 5.04 -3.02 -1.30
CA ALA A 110 6.32 -3.68 -1.58
C ALA A 110 6.34 -4.28 -2.98
N GLU A 111 5.24 -4.92 -3.38
CA GLU A 111 5.16 -5.52 -4.71
C GLU A 111 5.36 -4.44 -5.76
N CYS A 112 4.82 -3.26 -5.47
CA CYS A 112 4.95 -2.13 -6.36
C CYS A 112 6.42 -1.74 -6.49
N ASP A 113 7.15 -1.84 -5.38
CA ASP A 113 8.57 -1.51 -5.36
C ASP A 113 9.36 -2.49 -6.22
N THR A 114 8.97 -3.75 -6.18
CA THR A 114 9.66 -4.76 -6.97
C THR A 114 9.53 -4.46 -8.46
N VAL A 115 8.32 -4.15 -8.90
CA VAL A 115 8.09 -3.80 -10.29
C VAL A 115 8.91 -2.57 -10.64
N GLU A 116 8.89 -1.60 -9.73
CA GLU A 116 9.64 -0.37 -9.91
C GLU A 116 11.13 -0.66 -9.91
N GLN A 117 11.56 -1.53 -8.98
CA GLN A 117 12.96 -1.91 -8.89
C GLN A 117 13.44 -2.43 -10.25
N TYR A 118 12.55 -3.13 -10.93
CA TYR A 118 12.85 -3.68 -12.25
C TYR A 118 12.98 -2.52 -13.23
N ILE A 119 12.02 -1.61 -13.16
CA ILE A 119 12.04 -0.43 -14.00
C ILE A 119 13.32 0.35 -13.75
N CYS A 120 13.70 0.43 -12.48
CA CYS A 120 14.91 1.13 -12.07
C CYS A 120 16.16 0.38 -12.55
N GLN A 121 16.20 -0.93 -12.30
CA GLN A 121 17.34 -1.76 -12.67
C GLN A 121 17.53 -1.81 -14.18
N GLU A 122 16.43 -1.82 -14.93
CA GLU A 122 16.50 -1.86 -16.39
C GLU A 122 17.22 -0.63 -16.89
N THR A 123 16.82 0.50 -16.34
CA THR A 123 17.43 1.77 -16.67
C THR A 123 18.87 1.76 -16.17
N GLU A 124 19.06 1.16 -15.00
CA GLU A 124 20.37 1.06 -14.39
C GLU A 124 21.32 0.29 -15.30
N ARG A 125 20.84 -0.82 -15.84
CA ARG A 125 21.64 -1.64 -16.74
C ARG A 125 21.96 -0.87 -18.01
N LEU A 126 21.00 -0.07 -18.47
CA LEU A 126 21.18 0.74 -19.66
C LEU A 126 22.35 1.70 -19.51
N GLN A 127 22.56 2.18 -18.29
CA GLN A 127 23.65 3.11 -18.01
C GLN A 127 24.97 2.36 -17.84
N SER A 128 25.79 2.38 -18.88
CA SER A 128 27.09 1.70 -18.84
C SER A 128 28.12 2.52 -18.06
N THR A 129 28.35 3.74 -18.52
CA THR A 129 29.31 4.64 -17.87
C THR A 129 28.84 5.01 -16.47
N ASN A 130 29.79 5.15 -15.55
CA ASN A 130 29.47 5.51 -14.17
C ASN A 130 29.64 7.02 -13.95
N LEU A 131 29.09 7.50 -12.85
CA LEU A 131 29.18 8.93 -12.51
C LEU A 131 28.86 9.15 -11.04
N ALA A 132 29.17 8.17 -10.21
CA ALA A 132 28.91 8.28 -8.78
C ALA A 132 30.21 8.53 -8.00
N LEU A 133 30.07 8.90 -6.73
CA LEU A 133 31.23 9.18 -5.89
C LEU A 133 30.96 8.76 -4.45
N ALA A 134 29.88 9.26 -3.88
CA ALA A 134 29.51 8.94 -2.51
C ALA A 134 28.79 7.60 -2.43
N GLU A 135 29.52 6.57 -2.02
CA GLU A 135 28.95 5.22 -1.91
C GLU A 135 29.47 4.52 -0.66
N GLY A 1 -32.98 11.93 40.82
CA GLY A 1 -34.07 11.70 39.83
C GLY A 1 -34.22 10.25 39.44
N SER A 2 -33.16 9.68 38.86
CA SER A 2 -33.18 8.28 38.45
C SER A 2 -31.77 7.69 38.49
N PRO A 3 -31.65 6.40 38.87
CA PRO A 3 -30.36 5.72 38.95
C PRO A 3 -29.58 5.81 37.64
N GLU A 4 -30.14 5.24 36.58
CA GLU A 4 -29.51 5.25 35.27
C GLU A 4 -30.54 5.39 34.16
N PHE A 5 -30.08 5.34 32.92
CA PHE A 5 -30.97 5.46 31.76
C PHE A 5 -30.62 4.43 30.70
N MET A 6 -31.33 3.31 30.70
CA MET A 6 -31.10 2.25 29.73
C MET A 6 -32.32 1.34 29.60
N LEU A 7 -32.28 0.44 28.63
CA LEU A 7 -33.38 -0.50 28.41
C LEU A 7 -33.00 -1.54 27.37
N ILE A 8 -31.96 -2.31 27.66
CA ILE A 8 -31.49 -3.35 26.74
C ILE A 8 -30.80 -4.48 27.51
N GLY A 9 -30.74 -5.65 26.89
CA GLY A 9 -30.11 -6.79 27.52
C GLY A 9 -29.37 -7.66 26.53
N GLU A 10 -29.06 -8.89 26.93
CA GLU A 10 -28.35 -9.83 26.07
C GLU A 10 -26.98 -9.27 25.69
N LYS A 11 -26.10 -10.15 25.19
CA LYS A 11 -24.77 -9.73 24.77
C LYS A 11 -24.83 -8.66 23.69
N SER A 12 -23.86 -7.77 23.69
CA SER A 12 -23.80 -6.69 22.72
C SER A 12 -22.49 -6.70 21.96
N ASN A 13 -22.54 -6.31 20.69
CA ASN A 13 -21.36 -6.27 19.84
C ASN A 13 -21.33 -4.99 18.99
N PRO A 14 -21.19 -3.82 19.64
CA PRO A 14 -21.16 -2.54 18.96
C PRO A 14 -19.75 -2.11 18.57
N GLU A 15 -18.96 -1.76 19.58
CA GLU A 15 -17.58 -1.32 19.36
C GLU A 15 -16.77 -2.37 18.62
N GLU A 16 -17.07 -3.63 18.86
CA GLU A 16 -16.37 -4.72 18.19
C GLU A 16 -16.50 -4.55 16.68
N GLU A 17 -17.70 -4.22 16.25
CA GLU A 17 -17.99 -3.99 14.84
C GLU A 17 -17.31 -2.71 14.37
N VAL A 18 -17.32 -1.70 15.23
CA VAL A 18 -16.72 -0.41 14.91
C VAL A 18 -15.21 -0.55 14.70
N GLU A 19 -14.54 -1.19 15.65
CA GLU A 19 -13.10 -1.39 15.55
C GLU A 19 -12.77 -2.24 14.34
N LEU A 20 -13.66 -3.17 14.05
CA LEU A 20 -13.51 -4.06 12.92
C LEU A 20 -13.73 -3.31 11.61
N LYS A 21 -14.68 -2.37 11.63
CA LYS A 21 -15.02 -1.58 10.45
C LYS A 21 -13.83 -0.77 9.96
N LYS A 22 -13.10 -0.20 10.89
CA LYS A 22 -11.94 0.61 10.55
C LYS A 22 -10.87 -0.25 9.91
N LEU A 23 -10.62 -1.41 10.53
CA LEU A 23 -9.63 -2.33 10.00
C LEU A 23 -10.01 -2.73 8.58
N LYS A 24 -11.30 -2.97 8.38
CA LYS A 24 -11.83 -3.33 7.09
C LYS A 24 -11.59 -2.20 6.10
N ASP A 25 -11.94 -1.01 6.52
CA ASP A 25 -11.78 0.20 5.72
C ASP A 25 -10.31 0.48 5.46
N LEU A 26 -9.46 0.18 6.45
CA LEU A 26 -8.03 0.42 6.31
C LEU A 26 -7.44 -0.38 5.16
N GLU A 27 -7.91 -1.60 4.98
CA GLU A 27 -7.43 -2.45 3.89
C GLU A 27 -7.87 -1.89 2.55
N VAL A 28 -9.10 -1.40 2.52
CA VAL A 28 -9.68 -0.81 1.32
C VAL A 28 -8.99 0.47 0.94
N SER A 29 -8.79 1.31 1.94
CA SER A 29 -8.10 2.57 1.75
C SER A 29 -6.73 2.25 1.23
N ALA A 30 -6.20 1.15 1.77
CA ALA A 30 -4.89 0.64 1.37
C ALA A 30 -4.96 0.13 -0.06
N GLU A 31 -6.04 -0.58 -0.36
CA GLU A 31 -6.27 -1.12 -1.68
C GLU A 31 -6.32 0.03 -2.68
N LYS A 32 -6.90 1.15 -2.27
CA LYS A 32 -7.02 2.32 -3.12
C LYS A 32 -5.63 2.89 -3.42
N ILE A 33 -4.80 3.02 -2.38
CA ILE A 33 -3.45 3.53 -2.57
C ILE A 33 -2.70 2.60 -3.51
N ALA A 34 -2.83 1.30 -3.24
CA ALA A 34 -2.18 0.29 -4.07
C ALA A 34 -2.73 0.34 -5.50
N ASN A 35 -4.04 0.55 -5.61
CA ASN A 35 -4.69 0.64 -6.92
C ASN A 35 -4.27 1.91 -7.64
N HIS A 36 -4.18 2.99 -6.88
CA HIS A 36 -3.79 4.29 -7.45
C HIS A 36 -2.42 4.20 -8.10
N LEU A 37 -1.53 3.45 -7.48
CA LEU A 37 -0.18 3.28 -8.00
C LEU A 37 -0.22 2.58 -9.36
N GLN A 38 -0.92 1.46 -9.42
CA GLN A 38 -1.06 0.70 -10.67
C GLN A 38 -1.71 1.54 -11.75
N GLU A 39 -2.63 2.39 -11.33
CA GLU A 39 -3.34 3.29 -12.23
C GLU A 39 -2.43 4.39 -12.73
N LEU A 40 -1.75 5.03 -11.80
CA LEU A 40 -0.85 6.11 -12.13
C LEU A 40 0.37 5.60 -12.88
N ASN A 41 0.85 4.41 -12.53
CA ASN A 41 2.02 3.88 -13.24
C ASN A 41 1.67 3.54 -14.69
N LYS A 42 0.47 3.04 -14.91
CA LYS A 42 0.02 2.69 -16.25
C LYS A 42 -0.20 3.94 -17.09
N GLU A 43 -0.86 4.93 -16.50
CA GLU A 43 -1.16 6.18 -17.19
C GLU A 43 0.12 6.96 -17.46
N LEU A 44 1.02 6.97 -16.48
CA LEU A 44 2.29 7.68 -16.62
C LEU A 44 3.15 6.98 -17.66
N SER A 45 3.18 5.66 -17.60
CA SER A 45 3.94 4.86 -18.56
C SER A 45 3.53 5.25 -19.98
N GLY A 46 2.26 5.59 -20.14
CA GLY A 46 1.76 5.99 -21.43
C GLY A 46 2.35 7.31 -21.83
N ILE A 47 2.39 8.22 -20.86
CA ILE A 47 2.98 9.53 -21.04
C ILE A 47 4.48 9.37 -21.21
N GLN A 48 5.03 8.41 -20.47
CA GLN A 48 6.47 8.14 -20.52
C GLN A 48 6.97 8.02 -21.95
N GLN A 49 6.21 7.30 -22.77
CA GLN A 49 6.57 7.11 -24.17
C GLN A 49 6.71 8.45 -24.88
N GLY A 50 5.59 9.17 -25.01
CA GLY A 50 5.59 10.46 -25.65
C GLY A 50 6.27 10.44 -27.01
N PHE A 51 7.02 11.49 -27.31
CA PHE A 51 7.71 11.60 -28.60
C PHE A 51 9.17 12.02 -28.40
N LEU A 52 9.71 11.77 -27.20
CA LEU A 52 11.08 12.13 -26.89
C LEU A 52 12.01 10.94 -27.13
N ALA A 53 13.26 11.08 -26.70
CA ALA A 53 14.25 10.03 -26.86
C ALA A 53 14.28 9.10 -25.66
N LYS A 54 15.13 8.08 -25.73
CA LYS A 54 15.26 7.10 -24.66
C LYS A 54 15.62 7.79 -23.34
N GLU A 55 16.34 8.91 -23.43
CA GLU A 55 16.76 9.65 -22.25
C GLU A 55 15.57 10.02 -21.37
N LEU A 56 14.52 10.55 -21.98
CA LEU A 56 13.32 10.95 -21.25
C LEU A 56 12.59 9.72 -20.70
N GLN A 57 12.57 8.65 -21.48
CA GLN A 57 11.91 7.41 -21.06
C GLN A 57 12.51 6.91 -19.76
N ALA A 58 13.84 6.82 -19.73
CA ALA A 58 14.54 6.37 -18.53
C ALA A 58 14.30 7.38 -17.41
N GLU A 59 14.20 8.65 -17.79
CA GLU A 59 13.97 9.72 -16.84
C GLU A 59 12.59 9.57 -16.21
N ALA A 60 11.58 9.35 -17.05
CA ALA A 60 10.22 9.17 -16.57
C ALA A 60 10.06 7.86 -15.82
N LEU A 61 10.72 6.82 -16.31
CA LEU A 61 10.64 5.50 -15.69
C LEU A 61 11.19 5.50 -14.27
N CYS A 62 12.36 6.10 -14.08
CA CYS A 62 12.96 6.17 -12.76
C CYS A 62 12.09 7.03 -11.84
N LYS A 63 11.52 8.08 -12.40
CA LYS A 63 10.63 8.94 -11.66
C LYS A 63 9.41 8.13 -11.22
N LEU A 64 9.01 7.19 -12.07
CA LEU A 64 7.88 6.34 -11.80
C LEU A 64 8.18 5.48 -10.56
N ASP A 65 9.36 4.89 -10.53
CA ASP A 65 9.76 4.04 -9.42
C ASP A 65 9.83 4.85 -8.13
N ARG A 66 10.48 6.01 -8.20
CA ARG A 66 10.62 6.86 -7.03
C ARG A 66 9.25 7.29 -6.51
N LYS A 67 8.32 7.53 -7.41
CA LYS A 67 6.98 7.93 -7.01
C LYS A 67 6.33 6.78 -6.27
N VAL A 68 6.67 5.58 -6.70
CA VAL A 68 6.17 4.39 -6.05
C VAL A 68 6.64 4.41 -4.60
N LYS A 69 7.86 4.91 -4.41
CA LYS A 69 8.46 5.00 -3.08
C LYS A 69 7.57 5.80 -2.15
N ALA A 70 7.06 6.93 -2.65
CA ALA A 70 6.19 7.78 -1.86
C ALA A 70 4.93 7.01 -1.44
N THR A 71 4.44 6.16 -2.34
CA THR A 71 3.26 5.36 -2.05
C THR A 71 3.58 4.33 -0.98
N ILE A 72 4.77 3.73 -1.08
CA ILE A 72 5.22 2.74 -0.12
C ILE A 72 5.28 3.37 1.28
N GLU A 73 5.77 4.59 1.33
CA GLU A 73 5.90 5.33 2.59
C GLU A 73 4.54 5.44 3.28
N GLN A 74 3.51 5.77 2.51
CA GLN A 74 2.16 5.89 3.08
C GLN A 74 1.78 4.56 3.71
N PHE A 75 2.10 3.49 2.99
CA PHE A 75 1.83 2.14 3.47
C PHE A 75 2.55 1.91 4.79
N MET A 76 3.75 2.48 4.89
CA MET A 76 4.55 2.36 6.11
C MET A 76 3.87 3.07 7.27
N LYS A 77 3.32 4.26 7.00
CA LYS A 77 2.64 5.03 8.02
C LYS A 77 1.47 4.26 8.61
N ILE A 78 0.74 3.56 7.75
CA ILE A 78 -0.40 2.77 8.20
C ILE A 78 0.05 1.64 9.12
N LEU A 79 1.13 0.96 8.74
CA LEU A 79 1.67 -0.13 9.54
C LEU A 79 2.17 0.39 10.88
N GLU A 80 2.88 1.52 10.84
CA GLU A 80 3.42 2.13 12.04
C GLU A 80 2.30 2.57 12.99
N GLU A 81 1.20 3.06 12.41
CA GLU A 81 0.06 3.52 13.20
C GLU A 81 -0.61 2.32 13.85
N ILE A 82 -0.81 1.28 13.05
CA ILE A 82 -1.41 0.05 13.54
C ILE A 82 -0.44 -0.61 14.50
N ASP A 83 0.86 -0.49 14.19
CA ASP A 83 1.89 -1.08 15.01
C ASP A 83 1.80 -0.59 16.45
N THR A 84 1.28 0.62 16.62
CA THR A 84 1.13 1.22 17.95
C THR A 84 -0.34 1.42 18.29
N MET A 85 -1.21 0.58 17.73
CA MET A 85 -2.64 0.67 17.97
C MET A 85 -3.02 -0.04 19.26
N VAL A 86 -4.26 0.14 19.69
CA VAL A 86 -4.74 -0.49 20.92
C VAL A 86 -5.96 -1.36 20.65
N LEU A 87 -6.04 -2.50 21.33
CA LEU A 87 -7.16 -3.42 21.16
C LEU A 87 -7.13 -4.51 22.23
N PRO A 88 -8.28 -4.77 22.88
CA PRO A 88 -8.38 -5.79 23.92
C PRO A 88 -8.38 -7.21 23.36
N GLU A 89 -8.20 -8.19 24.24
CA GLU A 89 -8.19 -9.59 23.83
C GLU A 89 -9.61 -10.10 23.60
N GLN A 90 -9.75 -11.42 23.45
CA GLN A 90 -11.06 -12.03 23.22
C GLN A 90 -11.49 -11.89 21.77
N PHE A 91 -11.60 -10.65 21.30
CA PHE A 91 -12.01 -10.37 19.92
C PHE A 91 -11.16 -11.15 18.92
N LYS A 92 -11.59 -12.37 18.61
CA LYS A 92 -10.87 -13.22 17.67
C LYS A 92 -10.95 -12.67 16.25
N ASP A 93 -12.16 -12.35 15.81
CA ASP A 93 -12.37 -11.82 14.45
C ASP A 93 -11.75 -10.44 14.31
N SER A 94 -11.98 -9.57 15.28
CA SER A 94 -11.44 -8.23 15.23
C SER A 94 -9.91 -8.26 15.32
N ARG A 95 -9.39 -9.07 16.23
CA ARG A 95 -7.95 -9.20 16.39
C ARG A 95 -7.33 -9.85 15.16
N LEU A 96 -7.99 -10.89 14.68
CA LEU A 96 -7.53 -11.59 13.48
C LEU A 96 -7.49 -10.60 12.33
N LYS A 97 -8.44 -9.68 12.32
CA LYS A 97 -8.53 -8.67 11.28
C LYS A 97 -7.34 -7.72 11.36
N ARG A 98 -7.01 -7.28 12.57
CA ARG A 98 -5.89 -6.38 12.78
C ARG A 98 -4.58 -7.00 12.32
N LYS A 99 -4.37 -8.26 12.69
CA LYS A 99 -3.16 -8.96 12.31
C LYS A 99 -3.07 -9.11 10.79
N ASN A 100 -4.16 -9.55 10.18
CA ASN A 100 -4.21 -9.71 8.74
C ASN A 100 -3.98 -8.36 8.06
N LEU A 101 -4.46 -7.31 8.71
CA LEU A 101 -4.31 -5.95 8.21
C LEU A 101 -2.86 -5.53 8.25
N VAL A 102 -2.18 -5.79 9.36
CA VAL A 102 -0.79 -5.42 9.47
C VAL A 102 -0.01 -6.08 8.34
N LYS A 103 -0.18 -7.39 8.20
CA LYS A 103 0.48 -8.13 7.14
C LYS A 103 0.01 -7.69 5.77
N LYS A 104 -1.22 -7.21 5.70
CA LYS A 104 -1.74 -6.71 4.46
C LYS A 104 -0.84 -5.57 4.04
N VAL A 105 -0.42 -4.83 5.05
CA VAL A 105 0.48 -3.70 4.87
C VAL A 105 1.82 -4.19 4.35
N GLN A 106 2.26 -5.33 4.88
CA GLN A 106 3.54 -5.91 4.47
C GLN A 106 3.57 -6.17 2.97
N VAL A 107 2.50 -6.75 2.45
CA VAL A 107 2.39 -7.06 1.04
C VAL A 107 2.24 -5.80 0.19
N PHE A 108 1.36 -4.91 0.62
CA PHE A 108 1.10 -3.67 -0.12
C PHE A 108 2.35 -2.80 -0.22
N LEU A 109 3.11 -2.75 0.85
CA LEU A 109 4.33 -1.95 0.87
C LEU A 109 5.35 -2.56 -0.08
N ALA A 110 5.45 -3.85 0.03
CA ALA A 110 6.36 -4.64 -0.79
C ALA A 110 5.91 -4.70 -2.25
N GLU A 111 4.61 -4.81 -2.48
CA GLU A 111 4.09 -4.87 -3.84
C GLU A 111 4.46 -3.61 -4.58
N CYS A 112 4.41 -2.50 -3.85
CA CYS A 112 4.77 -1.21 -4.41
C CYS A 112 6.26 -1.18 -4.75
N ASP A 113 7.08 -1.67 -3.81
CA ASP A 113 8.53 -1.71 -4.02
C ASP A 113 8.87 -2.61 -5.19
N THR A 114 8.14 -3.71 -5.32
CA THR A 114 8.39 -4.64 -6.41
C THR A 114 8.08 -3.97 -7.75
N VAL A 115 6.98 -3.24 -7.81
CA VAL A 115 6.62 -2.54 -9.03
C VAL A 115 7.70 -1.53 -9.39
N GLU A 116 8.10 -0.74 -8.39
CA GLU A 116 9.15 0.25 -8.58
C GLU A 116 10.47 -0.43 -8.89
N GLN A 117 10.75 -1.53 -8.19
CA GLN A 117 11.99 -2.27 -8.40
C GLN A 117 11.99 -2.97 -9.75
N TYR A 118 10.83 -3.47 -10.15
CA TYR A 118 10.70 -4.16 -11.43
C TYR A 118 10.88 -3.19 -12.58
N ILE A 119 10.21 -2.06 -12.49
CA ILE A 119 10.30 -1.03 -13.50
C ILE A 119 11.70 -0.42 -13.47
N CYS A 120 12.22 -0.24 -12.25
CA CYS A 120 13.56 0.32 -12.08
C CYS A 120 14.64 -0.66 -12.55
N GLN A 121 14.52 -1.90 -12.10
CA GLN A 121 15.49 -2.95 -12.43
C GLN A 121 15.50 -3.28 -13.92
N GLU A 122 14.33 -3.24 -14.56
CA GLU A 122 14.23 -3.54 -15.99
C GLU A 122 15.03 -2.52 -16.77
N THR A 123 14.84 -1.25 -16.41
CA THR A 123 15.57 -0.17 -17.05
C THR A 123 17.02 -0.25 -16.60
N GLU A 124 17.21 -0.59 -15.32
CA GLU A 124 18.54 -0.71 -14.75
C GLU A 124 19.36 -1.76 -15.50
N ARG A 125 18.74 -2.90 -15.77
CA ARG A 125 19.41 -3.97 -16.49
C ARG A 125 19.77 -3.53 -17.90
N LEU A 126 18.89 -2.74 -18.51
CA LEU A 126 19.11 -2.25 -19.86
C LEU A 126 20.37 -1.39 -19.92
N GLN A 127 20.67 -0.71 -18.82
CA GLN A 127 21.84 0.15 -18.74
C GLN A 127 23.00 -0.58 -18.07
N SER A 128 24.22 -0.29 -18.53
CA SER A 128 25.41 -0.92 -17.97
C SER A 128 25.80 -0.27 -16.65
N THR A 129 26.21 0.99 -16.71
CA THR A 129 26.60 1.73 -15.51
C THR A 129 26.31 3.21 -15.67
N ASN A 130 25.94 3.85 -14.55
CA ASN A 130 25.63 5.27 -14.57
C ASN A 130 26.75 6.09 -13.94
N LEU A 131 27.16 5.70 -12.73
CA LEU A 131 28.24 6.38 -12.03
C LEU A 131 28.57 5.68 -10.73
N ALA A 132 29.75 5.98 -10.17
CA ALA A 132 30.18 5.37 -8.93
C ALA A 132 30.82 6.40 -8.01
N LEU A 133 31.86 7.07 -8.50
CA LEU A 133 32.55 8.09 -7.73
C LEU A 133 33.61 8.80 -8.57
N ALA A 134 34.35 8.02 -9.34
CA ALA A 134 35.39 8.57 -10.20
C ALA A 134 35.49 7.80 -11.52
N GLU A 135 36.21 8.37 -12.48
CA GLU A 135 36.38 7.74 -13.78
C GLU A 135 37.80 7.93 -14.29
N GLY A 1 -21.51 -34.57 18.63
CA GLY A 1 -21.54 -33.08 18.56
C GLY A 1 -22.34 -32.46 19.70
N SER A 2 -23.67 -32.52 19.58
CA SER A 2 -24.54 -31.96 20.60
C SER A 2 -24.33 -30.46 20.75
N PRO A 3 -25.36 -29.72 21.20
CA PRO A 3 -25.27 -28.27 21.39
C PRO A 3 -24.07 -27.88 22.26
N GLU A 4 -23.66 -26.62 22.13
CA GLU A 4 -22.53 -26.12 22.89
C GLU A 4 -22.86 -24.77 23.53
N PHE A 5 -23.46 -23.87 22.74
CA PHE A 5 -23.82 -22.56 23.23
C PHE A 5 -25.32 -22.49 23.55
N MET A 6 -25.65 -22.52 24.84
CA MET A 6 -27.04 -22.47 25.27
C MET A 6 -27.19 -21.57 26.49
N LEU A 7 -27.26 -20.26 26.26
CA LEU A 7 -27.42 -19.30 27.35
C LEU A 7 -28.53 -18.31 27.04
N ILE A 8 -28.91 -17.52 28.05
CA ILE A 8 -29.97 -16.53 27.89
C ILE A 8 -29.45 -15.27 27.22
N GLY A 9 -30.11 -14.85 26.14
CA GLY A 9 -29.70 -13.66 25.43
C GLY A 9 -29.19 -13.96 24.04
N GLU A 10 -28.13 -13.27 23.64
CA GLU A 10 -27.54 -13.46 22.32
C GLU A 10 -26.01 -13.52 22.41
N LYS A 11 -25.37 -13.74 21.26
CA LYS A 11 -23.91 -13.83 21.21
C LYS A 11 -23.34 -12.69 20.36
N SER A 12 -22.03 -12.77 20.10
CA SER A 12 -21.36 -11.75 19.30
C SER A 12 -21.36 -10.40 20.03
N ASN A 13 -20.19 -9.77 20.09
CA ASN A 13 -20.06 -8.48 20.75
C ASN A 13 -20.29 -7.34 19.78
N PRO A 14 -20.98 -6.26 20.22
CA PRO A 14 -21.26 -5.10 19.38
C PRO A 14 -19.99 -4.37 18.93
N GLU A 15 -19.27 -3.82 19.90
CA GLU A 15 -18.05 -3.09 19.63
C GLU A 15 -17.04 -3.95 18.88
N GLU A 16 -17.03 -5.24 19.16
CA GLU A 16 -16.12 -6.16 18.51
C GLU A 16 -16.30 -6.08 17.00
N GLU A 17 -17.56 -6.02 16.59
CA GLU A 17 -17.90 -5.92 15.19
C GLU A 17 -17.51 -4.54 14.65
N VAL A 18 -17.72 -3.53 15.48
CA VAL A 18 -17.39 -2.15 15.10
C VAL A 18 -15.90 -1.98 14.88
N GLU A 19 -15.10 -2.44 15.83
CA GLU A 19 -13.65 -2.35 15.74
C GLU A 19 -13.15 -3.18 14.57
N LEU A 20 -13.85 -4.28 14.31
CA LEU A 20 -13.49 -5.18 13.23
C LEU A 20 -13.85 -4.54 11.88
N LYS A 21 -14.97 -3.81 11.86
CA LYS A 21 -15.44 -3.17 10.64
C LYS A 21 -14.55 -2.02 10.20
N LYS A 22 -14.03 -1.29 11.17
CA LYS A 22 -13.16 -0.16 10.88
C LYS A 22 -11.87 -0.64 10.24
N LEU A 23 -11.28 -1.68 10.82
CA LEU A 23 -10.05 -2.24 10.28
C LEU A 23 -10.27 -2.69 8.86
N LYS A 24 -11.44 -3.27 8.60
CA LYS A 24 -11.80 -3.74 7.30
C LYS A 24 -11.76 -2.60 6.29
N ASP A 25 -12.40 -1.51 6.68
CA ASP A 25 -12.45 -0.30 5.85
C ASP A 25 -11.04 0.17 5.51
N LEU A 26 -10.12 0.01 6.45
CA LEU A 26 -8.74 0.43 6.28
C LEU A 26 -8.09 -0.30 5.10
N GLU A 27 -8.29 -1.60 5.04
CA GLU A 27 -7.73 -2.41 3.95
C GLU A 27 -8.27 -1.96 2.61
N VAL A 28 -9.54 -1.61 2.60
CA VAL A 28 -10.22 -1.14 1.39
C VAL A 28 -9.62 0.15 0.89
N SER A 29 -9.42 1.06 1.83
CA SER A 29 -8.81 2.34 1.52
C SER A 29 -7.44 2.06 0.96
N ALA A 30 -6.84 1.03 1.54
CA ALA A 30 -5.51 0.57 1.12
C ALA A 30 -5.60 -0.01 -0.28
N GLU A 31 -6.63 -0.80 -0.52
CA GLU A 31 -6.85 -1.40 -1.80
C GLU A 31 -7.01 -0.31 -2.85
N LYS A 32 -7.64 0.79 -2.47
CA LYS A 32 -7.84 1.92 -3.36
C LYS A 32 -6.51 2.59 -3.68
N ILE A 33 -5.66 2.76 -2.67
CA ILE A 33 -4.35 3.36 -2.88
C ILE A 33 -3.56 2.49 -3.83
N ALA A 34 -3.59 1.18 -3.57
CA ALA A 34 -2.91 0.22 -4.42
C ALA A 34 -3.46 0.28 -5.84
N ASN A 35 -4.78 0.43 -5.94
CA ASN A 35 -5.45 0.51 -7.23
C ASN A 35 -5.06 1.80 -7.95
N HIS A 36 -4.92 2.88 -7.18
CA HIS A 36 -4.55 4.17 -7.74
C HIS A 36 -3.18 4.09 -8.40
N LEU A 37 -2.28 3.33 -7.78
CA LEU A 37 -0.94 3.15 -8.32
C LEU A 37 -0.98 2.52 -9.71
N GLN A 38 -1.73 1.43 -9.82
CA GLN A 38 -1.86 0.72 -11.10
C GLN A 38 -2.42 1.66 -12.17
N GLU A 39 -3.29 2.57 -11.73
CA GLU A 39 -3.89 3.55 -12.62
C GLU A 39 -2.85 4.56 -13.03
N LEU A 40 -2.14 5.06 -12.02
CA LEU A 40 -1.08 6.03 -12.24
C LEU A 40 -0.02 5.43 -13.14
N ASN A 41 0.22 4.13 -12.98
CA ASN A 41 1.22 3.45 -13.79
C ASN A 41 0.83 3.45 -15.27
N LYS A 42 -0.46 3.33 -15.53
CA LYS A 42 -0.96 3.33 -16.90
C LYS A 42 -0.71 4.68 -17.57
N GLU A 43 -1.01 5.75 -16.85
CA GLU A 43 -0.81 7.10 -17.37
C GLU A 43 0.68 7.42 -17.49
N LEU A 44 1.46 6.92 -16.55
CA LEU A 44 2.90 7.14 -16.55
C LEU A 44 3.55 6.40 -17.72
N SER A 45 3.07 5.19 -17.95
CA SER A 45 3.57 4.37 -19.05
C SER A 45 3.24 5.01 -20.38
N GLY A 46 2.08 5.65 -20.44
CA GLY A 46 1.66 6.30 -21.68
C GLY A 46 2.55 7.49 -21.99
N ILE A 47 2.79 8.28 -20.97
CA ILE A 47 3.68 9.42 -21.09
C ILE A 47 5.10 8.92 -21.27
N GLN A 48 5.39 7.81 -20.59
CA GLN A 48 6.73 7.21 -20.65
C GLN A 48 7.13 6.90 -22.09
N GLN A 49 6.15 6.68 -22.95
CA GLN A 49 6.40 6.38 -24.36
C GLN A 49 7.37 7.37 -24.98
N GLY A 50 7.43 8.58 -24.42
CA GLY A 50 8.31 9.61 -24.93
C GLY A 50 9.72 9.11 -25.18
N PHE A 51 10.56 9.95 -25.78
CA PHE A 51 11.93 9.58 -26.07
C PHE A 51 12.89 10.74 -25.82
N LEU A 52 13.95 10.47 -25.06
CA LEU A 52 14.94 11.49 -24.74
C LEU A 52 16.34 10.89 -24.67
N ALA A 53 17.31 11.69 -24.25
CA ALA A 53 18.69 11.23 -24.13
C ALA A 53 18.81 10.18 -23.03
N LYS A 54 19.95 9.51 -22.97
CA LYS A 54 20.20 8.48 -21.97
C LYS A 54 20.02 9.04 -20.56
N GLU A 55 20.32 10.32 -20.40
CA GLU A 55 20.20 10.98 -19.10
C GLU A 55 18.75 11.00 -18.62
N LEU A 56 17.83 11.25 -19.55
CA LEU A 56 16.40 11.30 -19.21
C LEU A 56 15.82 9.91 -18.99
N GLN A 57 16.42 8.91 -19.64
CA GLN A 57 15.93 7.54 -19.50
C GLN A 57 16.06 7.06 -18.06
N ALA A 58 17.25 7.23 -17.50
CA ALA A 58 17.49 6.83 -16.12
C ALA A 58 16.68 7.71 -15.19
N GLU A 59 16.54 8.97 -15.57
CA GLU A 59 15.78 9.95 -14.79
C GLU A 59 14.30 9.65 -14.83
N ALA A 60 13.80 9.25 -16.00
CA ALA A 60 12.38 8.94 -16.17
C ALA A 60 11.99 7.67 -15.43
N LEU A 61 12.78 6.62 -15.59
CA LEU A 61 12.52 5.34 -14.96
C LEU A 61 12.61 5.44 -13.44
N CYS A 62 13.68 6.07 -12.95
CA CYS A 62 13.85 6.23 -11.51
C CYS A 62 12.67 7.00 -10.95
N LYS A 63 12.18 7.95 -11.74
CA LYS A 63 11.04 8.77 -11.35
C LYS A 63 9.82 7.88 -11.13
N LEU A 64 9.62 6.96 -12.04
CA LEU A 64 8.52 6.03 -11.95
C LEU A 64 8.59 5.24 -10.66
N ASP A 65 9.77 4.72 -10.37
CA ASP A 65 10.00 3.97 -9.15
C ASP A 65 9.83 4.84 -7.92
N ARG A 66 10.48 6.00 -7.93
CA ARG A 66 10.41 6.92 -6.80
C ARG A 66 8.98 7.36 -6.54
N LYS A 67 8.21 7.55 -7.60
CA LYS A 67 6.84 7.96 -7.44
C LYS A 67 6.06 6.86 -6.76
N VAL A 68 6.47 5.64 -7.05
CA VAL A 68 5.88 4.49 -6.43
C VAL A 68 6.14 4.57 -4.93
N LYS A 69 7.32 5.06 -4.59
CA LYS A 69 7.73 5.20 -3.19
C LYS A 69 6.73 6.06 -2.43
N ALA A 70 6.26 7.12 -3.08
CA ALA A 70 5.27 8.00 -2.47
C ALA A 70 4.01 7.21 -2.14
N THR A 71 3.60 6.37 -3.07
CA THR A 71 2.42 5.53 -2.88
C THR A 71 2.71 4.50 -1.80
N ILE A 72 3.94 3.98 -1.82
CA ILE A 72 4.38 3.00 -0.84
C ILE A 72 4.35 3.60 0.56
N GLU A 73 4.82 4.83 0.65
CA GLU A 73 4.86 5.56 1.91
C GLU A 73 3.47 5.63 2.53
N GLN A 74 2.45 5.85 1.69
CA GLN A 74 1.08 5.90 2.19
C GLN A 74 0.77 4.59 2.89
N PHE A 75 1.18 3.50 2.24
CA PHE A 75 1.00 2.17 2.80
C PHE A 75 1.75 2.06 4.12
N MET A 76 2.91 2.72 4.18
CA MET A 76 3.71 2.73 5.40
C MET A 76 2.95 3.44 6.51
N LYS A 77 2.31 4.56 6.17
CA LYS A 77 1.54 5.33 7.13
C LYS A 77 0.44 4.47 7.75
N ILE A 78 -0.20 3.66 6.92
CA ILE A 78 -1.27 2.78 7.38
C ILE A 78 -0.73 1.81 8.43
N LEU A 79 0.45 1.27 8.17
CA LEU A 79 1.07 0.34 9.10
C LEU A 79 1.47 1.05 10.39
N GLU A 80 2.12 2.20 10.23
CA GLU A 80 2.55 3.02 11.36
C GLU A 80 1.37 3.41 12.24
N GLU A 81 0.23 3.68 11.61
CA GLU A 81 -0.97 4.07 12.34
C GLU A 81 -1.50 2.88 13.12
N ILE A 82 -1.55 1.74 12.47
CA ILE A 82 -1.99 0.52 13.10
C ILE A 82 -0.97 0.13 14.17
N ASP A 83 0.30 0.38 13.85
CA ASP A 83 1.38 0.07 14.76
C ASP A 83 1.26 0.88 16.06
N THR A 84 0.62 2.03 15.97
CA THR A 84 0.44 2.90 17.13
C THR A 84 -0.94 2.73 17.76
N MET A 85 -1.55 1.56 17.52
CA MET A 85 -2.87 1.28 18.07
C MET A 85 -2.76 0.65 19.46
N VAL A 86 -3.92 0.31 20.04
CA VAL A 86 -3.95 -0.30 21.36
C VAL A 86 -5.12 -1.27 21.48
N LEU A 87 -4.81 -2.53 21.79
CA LEU A 87 -5.84 -3.55 21.94
C LEU A 87 -5.35 -4.70 22.81
N PRO A 88 -6.08 -5.04 23.89
CA PRO A 88 -5.70 -6.13 24.79
C PRO A 88 -5.90 -7.50 24.17
N GLU A 89 -5.80 -8.54 24.98
CA GLU A 89 -5.97 -9.91 24.52
C GLU A 89 -7.40 -10.37 24.72
N GLN A 90 -8.35 -9.53 24.32
CA GLN A 90 -9.77 -9.86 24.46
C GLN A 90 -10.42 -9.99 23.09
N PHE A 91 -10.18 -9.02 22.22
CA PHE A 91 -10.75 -9.03 20.88
C PHE A 91 -10.00 -10.00 19.98
N LYS A 92 -10.56 -11.19 19.82
CA LYS A 92 -9.94 -12.22 18.98
C LYS A 92 -9.97 -11.84 17.51
N ASP A 93 -11.15 -11.45 17.02
CA ASP A 93 -11.31 -11.07 15.62
C ASP A 93 -10.58 -9.77 15.32
N SER A 94 -10.76 -8.79 16.18
CA SER A 94 -10.12 -7.48 16.00
C SER A 94 -8.60 -7.59 16.01
N ARG A 95 -8.06 -8.35 16.97
CA ARG A 95 -6.61 -8.51 17.05
C ARG A 95 -6.09 -9.27 15.84
N LEU A 96 -6.78 -10.34 15.47
CA LEU A 96 -6.40 -11.11 14.31
C LEU A 96 -6.43 -10.20 13.09
N LYS A 97 -7.40 -9.30 13.08
CA LYS A 97 -7.57 -8.34 12.00
C LYS A 97 -6.39 -7.39 11.96
N ARG A 98 -5.94 -6.96 13.13
CA ARG A 98 -4.82 -6.02 13.23
C ARG A 98 -3.54 -6.65 12.68
N LYS A 99 -3.26 -7.89 13.07
CA LYS A 99 -2.06 -8.58 12.59
C LYS A 99 -2.13 -8.74 11.09
N ASN A 100 -3.27 -9.22 10.61
CA ASN A 100 -3.47 -9.39 9.18
C ASN A 100 -3.46 -8.04 8.50
N LEU A 101 -3.93 -7.01 9.23
CA LEU A 101 -3.96 -5.67 8.73
C LEU A 101 -2.56 -5.14 8.52
N VAL A 102 -1.67 -5.46 9.44
CA VAL A 102 -0.30 -5.03 9.31
C VAL A 102 0.32 -5.74 8.12
N LYS A 103 0.11 -7.05 8.07
CA LYS A 103 0.64 -7.85 6.98
C LYS A 103 0.03 -7.48 5.65
N LYS A 104 -1.23 -7.11 5.66
CA LYS A 104 -1.86 -6.68 4.44
C LYS A 104 -1.07 -5.48 3.94
N VAL A 105 -0.65 -4.69 4.91
CA VAL A 105 0.14 -3.49 4.63
C VAL A 105 1.51 -3.88 4.11
N GLN A 106 2.07 -4.93 4.70
CA GLN A 106 3.38 -5.42 4.30
C GLN A 106 3.37 -5.80 2.83
N VAL A 107 2.32 -6.49 2.42
CA VAL A 107 2.18 -6.92 1.03
C VAL A 107 1.91 -5.73 0.11
N PHE A 108 1.12 -4.79 0.58
CA PHE A 108 0.78 -3.61 -0.21
C PHE A 108 2.01 -2.74 -0.46
N LEU A 109 2.84 -2.60 0.56
CA LEU A 109 4.06 -1.81 0.45
C LEU A 109 5.06 -2.53 -0.42
N ALA A 110 5.18 -3.81 -0.13
CA ALA A 110 6.10 -4.70 -0.84
C ALA A 110 5.65 -4.92 -2.28
N GLU A 111 4.37 -5.16 -2.47
CA GLU A 111 3.82 -5.39 -3.81
C GLU A 111 4.09 -4.18 -4.69
N CYS A 112 4.01 -3.00 -4.07
CA CYS A 112 4.26 -1.76 -4.76
C CYS A 112 5.73 -1.68 -5.16
N ASP A 113 6.61 -2.17 -4.28
CA ASP A 113 8.04 -2.17 -4.55
C ASP A 113 8.36 -3.06 -5.74
N THR A 114 7.66 -4.18 -5.83
CA THR A 114 7.87 -5.11 -6.92
C THR A 114 7.41 -4.50 -8.23
N VAL A 115 6.26 -3.83 -8.21
CA VAL A 115 5.74 -3.19 -9.41
C VAL A 115 6.72 -2.14 -9.89
N GLU A 116 7.18 -1.30 -8.97
CA GLU A 116 8.14 -0.27 -9.30
C GLU A 116 9.46 -0.90 -9.71
N GLN A 117 9.88 -1.92 -8.98
CA GLN A 117 11.12 -2.61 -9.30
C GLN A 117 11.02 -3.30 -10.65
N TYR A 118 9.89 -3.94 -10.90
CA TYR A 118 9.65 -4.63 -12.16
C TYR A 118 9.52 -3.63 -13.29
N ILE A 119 8.72 -2.60 -13.06
CA ILE A 119 8.52 -1.55 -14.04
C ILE A 119 9.84 -0.87 -14.34
N CYS A 120 10.64 -0.67 -13.29
CA CYS A 120 11.93 -0.01 -13.46
C CYS A 120 12.89 -0.90 -14.26
N GLN A 121 12.99 -2.17 -13.86
CA GLN A 121 13.87 -3.10 -14.54
C GLN A 121 13.38 -3.46 -15.95
N GLU A 122 12.08 -3.70 -16.08
CA GLU A 122 11.47 -4.07 -17.35
C GLU A 122 11.50 -2.92 -18.34
N THR A 123 11.12 -1.74 -17.85
CA THR A 123 11.13 -0.54 -18.68
C THR A 123 12.57 -0.17 -18.98
N GLU A 124 13.44 -0.36 -17.99
CA GLU A 124 14.85 -0.04 -18.16
C GLU A 124 15.44 -0.84 -19.31
N ARG A 125 15.12 -2.13 -19.36
CA ARG A 125 15.60 -2.99 -20.44
C ARG A 125 15.12 -2.44 -21.78
N LEU A 126 13.90 -1.92 -21.77
CA LEU A 126 13.31 -1.35 -22.97
C LEU A 126 14.00 -0.05 -23.34
N GLN A 127 13.90 0.95 -22.45
CA GLN A 127 14.52 2.25 -22.68
C GLN A 127 14.05 3.27 -21.64
N SER A 128 12.78 3.21 -21.28
CA SER A 128 12.22 4.12 -20.28
C SER A 128 12.33 5.58 -20.74
N THR A 129 11.30 6.37 -20.43
CA THR A 129 11.28 7.78 -20.80
C THR A 129 10.17 8.53 -20.08
N ASN A 130 10.02 9.81 -20.39
CA ASN A 130 8.99 10.64 -19.78
C ASN A 130 9.06 12.07 -20.30
N LEU A 131 8.26 12.35 -21.33
CA LEU A 131 8.23 13.69 -21.92
C LEU A 131 6.99 13.88 -22.78
N ALA A 132 7.02 14.91 -23.62
CA ALA A 132 5.89 15.22 -24.50
C ALA A 132 4.69 15.69 -23.70
N LEU A 133 3.76 16.37 -24.37
CA LEU A 133 2.56 16.89 -23.72
C LEU A 133 1.75 15.76 -23.09
N ALA A 134 1.02 16.09 -22.03
CA ALA A 134 0.20 15.09 -21.34
C ALA A 134 -1.22 15.63 -21.10
N GLU A 135 -2.19 14.72 -21.12
CA GLU A 135 -3.58 15.10 -20.92
C GLU A 135 -3.99 14.90 -19.46
N GLY A 1 0.17 14.18 26.65
CA GLY A 1 -0.36 13.72 25.33
C GLY A 1 -1.82 14.09 25.13
N SER A 2 -2.64 13.79 26.13
CA SER A 2 -4.07 14.09 26.07
C SER A 2 -4.46 15.13 27.12
N PRO A 3 -4.68 16.38 26.72
CA PRO A 3 -5.06 17.47 27.63
C PRO A 3 -6.46 17.26 28.21
N GLU A 4 -6.52 16.75 29.44
CA GLU A 4 -7.79 16.51 30.11
C GLU A 4 -8.62 15.49 29.34
N PHE A 5 -9.41 14.70 30.07
CA PHE A 5 -10.25 13.68 29.47
C PHE A 5 -11.71 13.88 29.85
N MET A 6 -12.61 13.67 28.89
CA MET A 6 -14.03 13.82 29.14
C MET A 6 -14.74 12.46 29.17
N LEU A 7 -14.11 11.46 28.56
CA LEU A 7 -14.68 10.11 28.52
C LEU A 7 -15.94 10.08 27.66
N ILE A 8 -15.78 9.71 26.40
CA ILE A 8 -16.91 9.64 25.47
C ILE A 8 -17.64 8.31 25.60
N GLY A 9 -18.94 8.38 25.87
CA GLY A 9 -19.73 7.17 26.02
C GLY A 9 -20.21 6.63 24.69
N GLU A 10 -20.45 5.33 24.63
CA GLU A 10 -20.91 4.68 23.41
C GLU A 10 -22.14 3.82 23.67
N LYS A 11 -22.92 3.57 22.63
CA LYS A 11 -24.12 2.76 22.75
C LYS A 11 -24.13 1.65 21.70
N SER A 12 -24.45 2.02 20.46
CA SER A 12 -24.49 1.05 19.37
C SER A 12 -23.08 0.60 18.99
N ASN A 13 -22.95 -0.66 18.61
CA ASN A 13 -21.66 -1.22 18.24
C ASN A 13 -20.69 -1.18 19.42
N PRO A 14 -20.21 -2.34 19.88
CA PRO A 14 -19.28 -2.42 21.01
C PRO A 14 -17.87 -2.05 20.65
N GLU A 15 -16.97 -2.13 21.61
CA GLU A 15 -15.56 -1.82 21.39
C GLU A 15 -15.03 -2.70 20.28
N GLU A 16 -15.56 -3.91 20.20
CA GLU A 16 -15.17 -4.85 19.17
C GLU A 16 -15.59 -4.29 17.81
N GLU A 17 -16.76 -3.66 17.78
CA GLU A 17 -17.26 -3.06 16.56
C GLU A 17 -16.43 -1.85 16.18
N VAL A 18 -16.03 -1.08 17.19
CA VAL A 18 -15.24 0.12 16.97
C VAL A 18 -13.86 -0.22 16.40
N GLU A 19 -13.18 -1.18 17.03
CA GLU A 19 -11.87 -1.60 16.56
C GLU A 19 -11.97 -2.21 15.17
N LEU A 20 -13.10 -2.88 14.93
CA LEU A 20 -13.36 -3.51 13.65
C LEU A 20 -13.65 -2.47 12.57
N LYS A 21 -14.36 -1.40 12.96
CA LYS A 21 -14.72 -0.34 12.02
C LYS A 21 -13.50 0.32 11.41
N LYS A 22 -12.50 0.55 12.25
CA LYS A 22 -11.25 1.16 11.81
C LYS A 22 -10.54 0.25 10.84
N LEU A 23 -10.50 -1.04 11.20
CA LEU A 23 -9.86 -2.04 10.37
C LEU A 23 -10.52 -2.06 8.99
N LYS A 24 -11.84 -1.90 8.97
CA LYS A 24 -12.58 -1.88 7.74
C LYS A 24 -12.11 -0.75 6.84
N ASP A 25 -12.01 0.42 7.44
CA ASP A 25 -11.57 1.63 6.75
C ASP A 25 -10.13 1.48 6.26
N LEU A 26 -9.31 0.78 7.05
CA LEU A 26 -7.90 0.58 6.70
C LEU A 26 -7.75 -0.15 5.38
N GLU A 27 -8.58 -1.15 5.15
CA GLU A 27 -8.52 -1.92 3.91
C GLU A 27 -8.94 -1.06 2.73
N VAL A 28 -9.99 -0.28 2.95
CA VAL A 28 -10.52 0.61 1.93
C VAL A 28 -9.55 1.73 1.61
N SER A 29 -9.03 2.34 2.65
CA SER A 29 -8.07 3.41 2.50
C SER A 29 -6.89 2.84 1.76
N ALA A 30 -6.61 1.60 2.09
CA ALA A 30 -5.53 0.85 1.43
C ALA A 30 -5.90 0.58 -0.01
N GLU A 31 -7.16 0.21 -0.20
CA GLU A 31 -7.69 -0.07 -1.52
C GLU A 31 -7.58 1.16 -2.40
N LYS A 32 -7.78 2.33 -1.80
CA LYS A 32 -7.68 3.59 -2.53
C LYS A 32 -6.25 3.83 -2.97
N ILE A 33 -5.30 3.64 -2.06
CA ILE A 33 -3.89 3.82 -2.40
C ILE A 33 -3.52 2.84 -3.51
N ALA A 34 -3.95 1.60 -3.34
CA ALA A 34 -3.69 0.57 -4.32
C ALA A 34 -4.35 0.90 -5.65
N ASN A 35 -5.53 1.53 -5.58
CA ASN A 35 -6.26 1.91 -6.77
C ASN A 35 -5.50 2.99 -7.54
N HIS A 36 -4.95 3.96 -6.82
CA HIS A 36 -4.19 5.04 -7.43
C HIS A 36 -3.01 4.48 -8.22
N LEU A 37 -2.39 3.45 -7.69
CA LEU A 37 -1.25 2.82 -8.34
C LEU A 37 -1.64 2.30 -9.72
N GLN A 38 -2.74 1.56 -9.78
CA GLN A 38 -3.23 1.00 -11.04
C GLN A 38 -3.59 2.12 -12.02
N GLU A 39 -4.09 3.23 -11.48
CA GLU A 39 -4.46 4.38 -12.29
C GLU A 39 -3.21 5.05 -12.83
N LEU A 40 -2.27 5.32 -11.93
CA LEU A 40 -1.01 5.93 -12.31
C LEU A 40 -0.28 4.99 -13.27
N ASN A 41 -0.44 3.68 -13.03
CA ASN A 41 0.20 2.68 -13.87
C ASN A 41 -0.32 2.77 -15.30
N LYS A 42 -1.61 3.07 -15.45
CA LYS A 42 -2.20 3.19 -16.78
C LYS A 42 -1.53 4.32 -17.55
N GLU A 43 -1.33 5.44 -16.87
CA GLU A 43 -0.68 6.59 -17.49
C GLU A 43 0.80 6.28 -17.71
N LEU A 44 1.37 5.53 -16.76
CA LEU A 44 2.77 5.14 -16.82
C LEU A 44 3.00 4.22 -18.02
N SER A 45 2.06 3.31 -18.24
CA SER A 45 2.13 2.38 -19.35
C SER A 45 1.92 3.12 -20.67
N GLY A 46 1.09 4.15 -20.63
CA GLY A 46 0.81 4.93 -21.82
C GLY A 46 2.02 5.72 -22.24
N ILE A 47 2.66 6.34 -21.26
CA ILE A 47 3.87 7.09 -21.48
C ILE A 47 4.98 6.11 -21.84
N GLN A 48 4.93 4.95 -21.20
CA GLN A 48 5.93 3.90 -21.42
C GLN A 48 6.05 3.56 -22.90
N GLN A 49 4.92 3.63 -23.62
CA GLN A 49 4.91 3.32 -25.04
C GLN A 49 5.97 4.13 -25.79
N GLY A 50 6.30 5.30 -25.27
CA GLY A 50 7.30 6.14 -25.90
C GLY A 50 7.03 7.62 -25.71
N PHE A 51 8.07 8.43 -25.86
CA PHE A 51 7.94 9.88 -25.70
C PHE A 51 9.21 10.59 -26.15
N LEU A 52 10.32 10.29 -25.48
CA LEU A 52 11.61 10.90 -25.82
C LEU A 52 12.71 9.85 -25.89
N ALA A 53 13.95 10.31 -25.89
CA ALA A 53 15.10 9.41 -25.95
C ALA A 53 15.26 8.64 -24.65
N LYS A 54 16.28 7.80 -24.58
CA LYS A 54 16.56 7.01 -23.38
C LYS A 54 16.88 7.90 -22.19
N GLU A 55 17.48 9.05 -22.47
CA GLU A 55 17.84 9.99 -21.42
C GLU A 55 16.62 10.41 -20.61
N LEU A 56 15.55 10.77 -21.30
CA LEU A 56 14.33 11.20 -20.65
C LEU A 56 13.56 9.99 -20.10
N GLN A 57 13.49 8.93 -20.90
CA GLN A 57 12.79 7.71 -20.48
C GLN A 57 13.35 7.20 -19.16
N ALA A 58 14.67 7.07 -19.10
CA ALA A 58 15.33 6.62 -17.89
C ALA A 58 15.08 7.59 -16.75
N GLU A 59 15.01 8.87 -17.10
CA GLU A 59 14.77 9.92 -16.12
C GLU A 59 13.33 9.83 -15.59
N ALA A 60 12.38 9.64 -16.50
CA ALA A 60 10.98 9.54 -16.13
C ALA A 60 10.70 8.24 -15.36
N LEU A 61 11.32 7.15 -15.81
CA LEU A 61 11.14 5.86 -15.15
C LEU A 61 11.58 5.93 -13.69
N CYS A 62 12.76 6.50 -13.46
CA CYS A 62 13.26 6.65 -12.10
C CYS A 62 12.28 7.48 -11.29
N LYS A 63 11.81 8.56 -11.90
CA LYS A 63 10.84 9.45 -11.27
C LYS A 63 9.57 8.68 -10.96
N LEU A 64 9.12 7.92 -11.94
CA LEU A 64 7.91 7.12 -11.82
C LEU A 64 8.04 6.14 -10.65
N ASP A 65 9.17 5.45 -10.60
CA ASP A 65 9.42 4.50 -9.53
C ASP A 65 9.47 5.23 -8.19
N ARG A 66 10.08 6.41 -8.22
CA ARG A 66 10.19 7.22 -7.01
C ARG A 66 8.82 7.58 -6.48
N LYS A 67 7.90 7.88 -7.37
CA LYS A 67 6.55 8.21 -6.96
C LYS A 67 5.90 6.98 -6.38
N VAL A 68 6.28 5.83 -6.93
CA VAL A 68 5.78 4.57 -6.44
C VAL A 68 6.20 4.43 -4.98
N LYS A 69 7.40 4.92 -4.68
CA LYS A 69 7.94 4.86 -3.33
C LYS A 69 7.04 5.64 -2.38
N ALA A 70 6.52 6.76 -2.85
CA ALA A 70 5.63 7.57 -2.04
C ALA A 70 4.39 6.76 -1.66
N THR A 71 3.94 5.92 -2.58
CA THR A 71 2.78 5.07 -2.33
C THR A 71 3.12 4.04 -1.27
N ILE A 72 4.33 3.50 -1.37
CA ILE A 72 4.81 2.50 -0.41
C ILE A 72 4.81 3.10 0.99
N GLU A 73 5.26 4.35 1.08
CA GLU A 73 5.33 5.05 2.35
C GLU A 73 3.96 5.09 3.02
N GLN A 74 2.92 5.34 2.24
CA GLN A 74 1.56 5.36 2.77
C GLN A 74 1.22 3.99 3.31
N PHE A 75 1.49 2.97 2.49
CA PHE A 75 1.24 1.59 2.89
C PHE A 75 2.02 1.25 4.15
N MET A 76 3.23 1.79 4.26
CA MET A 76 4.07 1.56 5.42
C MET A 76 3.50 2.26 6.64
N LYS A 77 2.89 3.43 6.42
CA LYS A 77 2.30 4.20 7.49
C LYS A 77 1.11 3.46 8.11
N ILE A 78 0.31 2.83 7.26
CA ILE A 78 -0.85 2.08 7.72
C ILE A 78 -0.43 0.95 8.66
N LEU A 79 0.57 0.18 8.24
CA LEU A 79 1.08 -0.92 9.05
C LEU A 79 1.75 -0.39 10.31
N GLU A 80 2.47 0.71 10.16
CA GLU A 80 3.18 1.33 11.27
C GLU A 80 2.20 1.82 12.33
N GLU A 81 1.04 2.31 11.89
CA GLU A 81 0.02 2.82 12.80
C GLU A 81 -0.58 1.67 13.58
N ILE A 82 -0.91 0.60 12.86
CA ILE A 82 -1.45 -0.60 13.48
C ILE A 82 -0.37 -1.22 14.34
N ASP A 83 0.87 -1.15 13.84
CA ASP A 83 2.01 -1.71 14.54
C ASP A 83 2.12 -1.15 15.94
N THR A 84 1.68 0.10 16.11
CA THR A 84 1.74 0.76 17.41
C THR A 84 0.46 0.49 18.22
N MET A 85 -0.64 0.23 17.52
CA MET A 85 -1.91 -0.03 18.18
C MET A 85 -1.78 -1.18 19.18
N VAL A 86 -2.41 -1.01 20.34
CA VAL A 86 -2.37 -2.03 21.38
C VAL A 86 -3.49 -3.05 21.20
N LEU A 87 -3.31 -4.23 21.78
CA LEU A 87 -4.31 -5.30 21.68
C LEU A 87 -4.55 -5.95 23.05
N PRO A 88 -5.75 -5.74 23.63
CA PRO A 88 -6.10 -6.31 24.94
C PRO A 88 -6.44 -7.79 24.86
N GLU A 89 -6.43 -8.34 23.65
CA GLU A 89 -6.75 -9.75 23.45
C GLU A 89 -8.20 -10.04 23.83
N GLN A 90 -9.12 -9.55 23.00
CA GLN A 90 -10.54 -9.75 23.23
C GLN A 90 -11.29 -9.91 21.92
N PHE A 91 -11.04 -8.99 21.00
CA PHE A 91 -11.68 -9.02 19.68
C PHE A 91 -10.88 -9.90 18.71
N LYS A 92 -11.22 -11.17 18.66
CA LYS A 92 -10.55 -12.12 17.78
C LYS A 92 -10.85 -11.83 16.31
N ASP A 93 -12.12 -11.58 16.01
CA ASP A 93 -12.53 -11.29 14.64
C ASP A 93 -11.95 -9.97 14.15
N SER A 94 -12.06 -8.94 14.99
CA SER A 94 -11.54 -7.63 14.62
C SER A 94 -10.02 -7.67 14.47
N ARG A 95 -9.34 -8.31 15.41
CA ARG A 95 -7.89 -8.42 15.36
C ARG A 95 -7.45 -9.28 14.18
N LEU A 96 -8.14 -10.40 13.99
CA LEU A 96 -7.84 -11.28 12.88
C LEU A 96 -7.97 -10.51 11.58
N LYS A 97 -8.96 -9.62 11.55
CA LYS A 97 -9.21 -8.80 10.38
C LYS A 97 -8.05 -7.84 10.13
N ARG A 98 -7.60 -7.19 11.20
CA ARG A 98 -6.49 -6.25 11.10
C ARG A 98 -5.21 -6.95 10.64
N LYS A 99 -4.92 -8.10 11.23
CA LYS A 99 -3.74 -8.87 10.88
C LYS A 99 -3.76 -9.24 9.41
N ASN A 100 -4.89 -9.76 8.95
CA ASN A 100 -5.04 -10.13 7.55
C ASN A 100 -4.86 -8.90 6.67
N LEU A 101 -5.36 -7.77 7.16
CA LEU A 101 -5.25 -6.51 6.46
C LEU A 101 -3.80 -6.15 6.27
N VAL A 102 -3.01 -6.48 7.27
CA VAL A 102 -1.59 -6.22 7.24
C VAL A 102 -0.94 -7.00 6.11
N LYS A 103 -1.25 -8.29 6.04
CA LYS A 103 -0.68 -9.12 5.01
C LYS A 103 -1.11 -8.67 3.63
N LYS A 104 -2.35 -8.28 3.52
CA LYS A 104 -2.83 -7.76 2.25
C LYS A 104 -2.01 -6.53 1.96
N VAL A 105 -1.72 -5.83 3.04
CA VAL A 105 -0.93 -4.60 2.97
C VAL A 105 0.51 -4.93 2.59
N GLN A 106 1.03 -6.01 3.15
CA GLN A 106 2.39 -6.44 2.87
C GLN A 106 2.59 -6.65 1.38
N VAL A 107 1.62 -7.31 0.74
CA VAL A 107 1.70 -7.58 -0.69
C VAL A 107 1.53 -6.31 -1.50
N PHE A 108 0.51 -5.53 -1.19
CA PHE A 108 0.25 -4.28 -1.90
C PHE A 108 1.36 -3.26 -1.66
N LEU A 109 1.86 -3.24 -0.45
CA LEU A 109 2.93 -2.32 -0.09
C LEU A 109 4.23 -2.74 -0.75
N ALA A 110 4.48 -4.03 -0.66
CA ALA A 110 5.67 -4.64 -1.25
C ALA A 110 5.57 -4.64 -2.77
N GLU A 111 4.37 -4.88 -3.27
CA GLU A 111 4.15 -4.91 -4.71
C GLU A 111 4.51 -3.56 -5.30
N CYS A 112 4.21 -2.52 -4.54
CA CYS A 112 4.54 -1.16 -4.97
C CYS A 112 6.05 -1.02 -5.09
N ASP A 113 6.77 -1.58 -4.11
CA ASP A 113 8.23 -1.52 -4.12
C ASP A 113 8.80 -2.34 -5.28
N THR A 114 8.18 -3.47 -5.56
CA THR A 114 8.63 -4.32 -6.65
C THR A 114 8.46 -3.60 -7.98
N VAL A 115 7.35 -2.91 -8.14
CA VAL A 115 7.08 -2.17 -9.36
C VAL A 115 8.13 -1.08 -9.52
N GLU A 116 8.34 -0.32 -8.44
CA GLU A 116 9.33 0.75 -8.46
C GLU A 116 10.73 0.16 -8.61
N GLN A 117 10.97 -0.96 -7.94
CA GLN A 117 12.27 -1.63 -8.01
C GLN A 117 12.54 -2.16 -9.42
N TYR A 118 11.49 -2.64 -10.07
CA TYR A 118 11.60 -3.18 -11.42
C TYR A 118 11.94 -2.08 -12.41
N ILE A 119 11.21 -0.98 -12.30
CA ILE A 119 11.44 0.17 -13.15
C ILE A 119 12.77 0.80 -12.80
N CYS A 120 13.05 0.85 -11.50
CA CYS A 120 14.30 1.43 -11.02
C CYS A 120 15.50 0.56 -11.39
N GLN A 121 15.39 -0.74 -11.13
CA GLN A 121 16.47 -1.69 -11.42
C GLN A 121 16.73 -1.82 -12.92
N GLU A 122 15.68 -1.77 -13.71
CA GLU A 122 15.82 -1.88 -15.16
C GLU A 122 16.53 -0.66 -15.70
N THR A 123 16.10 0.50 -15.24
CA THR A 123 16.72 1.76 -15.64
C THR A 123 18.11 1.83 -15.03
N GLU A 124 18.22 1.35 -13.80
CA GLU A 124 19.50 1.34 -13.09
C GLU A 124 20.55 0.58 -13.88
N ARG A 125 20.16 -0.59 -14.40
CA ARG A 125 21.07 -1.42 -15.18
C ARG A 125 21.51 -0.68 -16.43
N LEU A 126 20.60 0.09 -17.01
CA LEU A 126 20.88 0.86 -18.21
C LEU A 126 22.02 1.84 -17.96
N GLN A 127 22.13 2.31 -16.72
CA GLN A 127 23.19 3.26 -16.35
C GLN A 127 24.11 2.65 -15.29
N SER A 128 24.92 1.69 -15.71
CA SER A 128 25.85 1.02 -14.80
C SER A 128 27.04 1.92 -14.48
N THR A 129 27.70 2.41 -15.52
CA THR A 129 28.86 3.29 -15.35
C THR A 129 28.41 4.71 -15.02
N ASN A 130 29.38 5.61 -14.90
CA ASN A 130 29.10 7.01 -14.59
C ASN A 130 28.44 7.14 -13.21
N LEU A 131 29.09 7.87 -12.32
CA LEU A 131 28.57 8.08 -10.98
C LEU A 131 28.76 9.52 -10.52
N ALA A 132 28.37 9.81 -9.29
CA ALA A 132 28.51 11.15 -8.74
C ALA A 132 27.75 12.17 -9.58
N LEU A 133 27.72 13.41 -9.12
CA LEU A 133 27.02 14.49 -9.82
C LEU A 133 25.54 14.16 -9.96
N ALA A 134 24.77 15.15 -10.42
CA ALA A 134 23.33 14.98 -10.61
C ALA A 134 22.93 15.19 -12.06
N GLU A 135 23.35 16.31 -12.63
CA GLU A 135 23.04 16.63 -14.01
C GLU A 135 21.53 16.73 -14.22
N GLY A 1 -15.06 21.07 37.24
CA GLY A 1 -15.79 22.00 36.34
C GLY A 1 -16.32 21.30 35.10
N SER A 2 -15.95 21.82 33.93
CA SER A 2 -16.39 21.24 32.67
C SER A 2 -17.91 21.27 32.55
N PRO A 3 -18.48 22.43 32.16
CA PRO A 3 -19.93 22.59 32.00
C PRO A 3 -20.55 21.49 31.14
N GLU A 4 -19.76 20.95 30.22
CA GLU A 4 -20.23 19.91 29.33
C GLU A 4 -19.74 18.54 29.80
N PHE A 5 -20.42 17.49 29.35
CA PHE A 5 -20.05 16.12 29.72
C PHE A 5 -19.99 15.23 28.49
N MET A 6 -19.58 13.98 28.70
CA MET A 6 -19.47 13.02 27.61
C MET A 6 -20.81 12.35 27.33
N LEU A 7 -21.32 12.51 26.11
CA LEU A 7 -22.60 11.93 25.73
C LEU A 7 -22.39 10.72 24.82
N ILE A 8 -22.68 9.53 25.34
CA ILE A 8 -22.51 8.31 24.57
C ILE A 8 -23.79 7.46 24.61
N GLY A 9 -23.99 6.64 23.59
CA GLY A 9 -25.16 5.79 23.53
C GLY A 9 -25.11 4.81 22.37
N GLU A 10 -24.63 3.60 22.66
CA GLU A 10 -24.53 2.56 21.64
C GLU A 10 -24.63 1.18 22.26
N LYS A 11 -25.45 0.32 21.65
CA LYS A 11 -25.63 -1.04 22.14
C LYS A 11 -25.45 -2.06 21.02
N SER A 12 -25.39 -3.33 21.39
CA SER A 12 -25.21 -4.40 20.42
C SER A 12 -23.93 -4.20 19.61
N ASN A 13 -22.86 -4.87 20.03
CA ASN A 13 -21.58 -4.76 19.34
C ASN A 13 -21.12 -3.30 19.29
N PRO A 14 -20.60 -2.77 20.42
CA PRO A 14 -20.14 -1.40 20.50
C PRO A 14 -18.67 -1.23 20.09
N GLU A 15 -17.76 -1.59 20.99
CA GLU A 15 -16.33 -1.47 20.71
C GLU A 15 -15.89 -2.46 19.64
N GLU A 16 -16.53 -3.63 19.62
CA GLU A 16 -16.19 -4.64 18.64
C GLU A 16 -16.35 -4.06 17.24
N GLU A 17 -17.44 -3.34 17.05
CA GLU A 17 -17.74 -2.70 15.78
C GLU A 17 -16.77 -1.55 15.53
N VAL A 18 -16.45 -0.81 16.60
CA VAL A 18 -15.55 0.33 16.49
C VAL A 18 -14.15 -0.11 16.11
N GLU A 19 -13.63 -1.10 16.81
CA GLU A 19 -12.28 -1.61 16.53
C GLU A 19 -12.24 -2.21 15.12
N LEU A 20 -13.36 -2.82 14.74
CA LEU A 20 -13.49 -3.43 13.45
C LEU A 20 -13.61 -2.38 12.34
N LYS A 21 -14.30 -1.28 12.65
CA LYS A 21 -14.49 -0.21 11.69
C LYS A 21 -13.20 0.46 11.29
N LYS A 22 -12.33 0.65 12.25
CA LYS A 22 -11.04 1.29 12.02
C LYS A 22 -10.18 0.43 11.12
N LEU A 23 -10.12 -0.86 11.44
CA LEU A 23 -9.32 -1.79 10.66
C LEU A 23 -9.89 -1.89 9.25
N LYS A 24 -11.21 -1.88 9.13
CA LYS A 24 -11.88 -1.96 7.87
C LYS A 24 -11.48 -0.79 6.98
N ASP A 25 -11.53 0.40 7.55
CA ASP A 25 -11.18 1.62 6.85
C ASP A 25 -9.71 1.57 6.39
N LEU A 26 -8.87 0.94 7.21
CA LEU A 26 -7.45 0.84 6.91
C LEU A 26 -7.22 0.06 5.60
N GLU A 27 -8.02 -0.97 5.38
CA GLU A 27 -7.90 -1.78 4.17
C GLU A 27 -8.30 -0.96 2.95
N VAL A 28 -9.34 -0.14 3.12
CA VAL A 28 -9.85 0.71 2.07
C VAL A 28 -8.85 1.78 1.68
N SER A 29 -8.29 2.43 2.70
CA SER A 29 -7.31 3.46 2.48
C SER A 29 -6.16 2.82 1.76
N ALA A 30 -5.92 1.57 2.13
CA ALA A 30 -4.86 0.77 1.52
C ALA A 30 -5.25 0.45 0.09
N GLU A 31 -6.49 0.01 -0.09
CA GLU A 31 -7.02 -0.33 -1.37
C GLU A 31 -7.04 0.89 -2.29
N LYS A 32 -7.32 2.06 -1.71
CA LYS A 32 -7.37 3.29 -2.48
C LYS A 32 -5.97 3.68 -2.95
N ILE A 33 -4.99 3.62 -2.06
CA ILE A 33 -3.62 3.94 -2.42
C ILE A 33 -3.13 2.95 -3.46
N ALA A 34 -3.46 1.67 -3.24
CA ALA A 34 -3.09 0.62 -4.17
C ALA A 34 -3.79 0.81 -5.51
N ASN A 35 -5.01 1.33 -5.47
CA ASN A 35 -5.78 1.57 -6.68
C ASN A 35 -5.17 2.70 -7.50
N HIS A 36 -4.75 3.75 -6.82
CA HIS A 36 -4.16 4.91 -7.48
C HIS A 36 -2.92 4.50 -8.28
N LEU A 37 -2.15 3.59 -7.72
CA LEU A 37 -0.93 3.11 -8.38
C LEU A 37 -1.27 2.40 -9.69
N GLN A 38 -2.21 1.46 -9.61
CA GLN A 38 -2.62 0.71 -10.79
C GLN A 38 -3.20 1.63 -11.86
N GLU A 39 -3.88 2.68 -11.41
CA GLU A 39 -4.48 3.65 -12.31
C GLU A 39 -3.40 4.47 -12.98
N LEU A 40 -2.49 4.99 -12.16
CA LEU A 40 -1.37 5.77 -12.66
C LEU A 40 -0.49 4.89 -13.51
N ASN A 41 -0.38 3.63 -13.11
CA ASN A 41 0.44 2.66 -13.84
C ASN A 41 -0.06 2.47 -15.26
N LYS A 42 -1.38 2.39 -15.42
CA LYS A 42 -1.99 2.20 -16.73
C LYS A 42 -1.69 3.39 -17.64
N GLU A 43 -1.84 4.60 -17.11
CA GLU A 43 -1.58 5.81 -17.87
C GLU A 43 -0.10 5.97 -18.18
N LEU A 44 0.74 5.58 -17.23
CA LEU A 44 2.19 5.66 -17.40
C LEU A 44 2.65 4.68 -18.46
N SER A 45 2.14 3.46 -18.39
CA SER A 45 2.49 2.42 -19.34
C SER A 45 2.05 2.83 -20.75
N GLY A 46 0.94 3.54 -20.82
CA GLY A 46 0.43 4.00 -22.10
C GLY A 46 1.33 5.06 -22.67
N ILE A 47 1.73 5.97 -21.80
CA ILE A 47 2.65 7.03 -22.16
C ILE A 47 4.02 6.42 -22.43
N GLN A 48 4.34 5.38 -21.63
CA GLN A 48 5.61 4.69 -21.75
C GLN A 48 5.87 4.24 -23.19
N GLN A 49 4.80 3.84 -23.88
CA GLN A 49 4.92 3.39 -25.26
C GLN A 49 5.69 4.40 -26.11
N GLY A 50 5.66 5.66 -25.71
CA GLY A 50 6.37 6.70 -26.43
C GLY A 50 6.52 7.97 -25.62
N PHE A 51 7.74 8.22 -25.14
CA PHE A 51 8.02 9.41 -24.35
C PHE A 51 9.13 10.24 -24.98
N LEU A 52 10.35 9.72 -24.94
CA LEU A 52 11.50 10.41 -25.52
C LEU A 52 12.72 9.49 -25.58
N ALA A 53 13.88 10.08 -25.83
CA ALA A 53 15.12 9.32 -25.92
C ALA A 53 15.40 8.56 -24.62
N LYS A 54 16.50 7.82 -24.60
CA LYS A 54 16.89 7.05 -23.42
C LYS A 54 17.12 7.97 -22.22
N GLU A 55 17.68 9.14 -22.49
CA GLU A 55 17.96 10.11 -21.43
C GLU A 55 16.68 10.50 -20.68
N LEU A 56 15.64 10.83 -21.44
CA LEU A 56 14.37 11.22 -20.84
C LEU A 56 13.60 9.99 -20.36
N GLN A 57 13.71 8.90 -21.11
CA GLN A 57 13.03 7.66 -20.75
C GLN A 57 13.46 7.20 -19.36
N ALA A 58 14.77 7.14 -19.15
CA ALA A 58 15.31 6.74 -17.86
C ALA A 58 14.92 7.75 -16.79
N GLU A 59 14.87 9.02 -17.18
CA GLU A 59 14.50 10.10 -16.27
C GLU A 59 13.03 9.98 -15.89
N ALA A 60 12.21 9.57 -16.86
CA ALA A 60 10.77 9.42 -16.64
C ALA A 60 10.47 8.26 -15.69
N LEU A 61 11.21 7.17 -15.83
CA LEU A 61 11.00 6.00 -15.00
C LEU A 61 11.49 6.23 -13.55
N CYS A 62 12.70 6.77 -13.42
CA CYS A 62 13.29 7.02 -12.11
C CYS A 62 12.41 7.97 -11.28
N LYS A 63 11.89 9.01 -11.91
CA LYS A 63 11.03 9.95 -11.21
C LYS A 63 9.78 9.22 -10.78
N LEU A 64 9.28 8.43 -11.70
CA LEU A 64 8.10 7.62 -11.46
C LEU A 64 8.36 6.68 -10.30
N ASP A 65 9.51 6.04 -10.33
CA ASP A 65 9.91 5.11 -9.29
C ASP A 65 9.88 5.76 -7.93
N ARG A 66 10.48 6.94 -7.81
CA ARG A 66 10.50 7.65 -6.56
C ARG A 66 9.08 7.95 -6.10
N LYS A 67 8.21 8.25 -7.06
CA LYS A 67 6.82 8.51 -6.72
C LYS A 67 6.18 7.27 -6.16
N VAL A 68 6.62 6.13 -6.66
CA VAL A 68 6.15 4.87 -6.16
C VAL A 68 6.50 4.78 -4.68
N LYS A 69 7.68 5.34 -4.35
CA LYS A 69 8.15 5.36 -2.97
C LYS A 69 7.13 6.03 -2.08
N ALA A 70 6.55 7.12 -2.58
CA ALA A 70 5.55 7.85 -1.83
C ALA A 70 4.36 6.95 -1.53
N THR A 71 3.98 6.13 -2.51
CA THR A 71 2.87 5.20 -2.33
C THR A 71 3.26 4.13 -1.31
N ILE A 72 4.47 3.61 -1.46
CA ILE A 72 4.99 2.60 -0.54
C ILE A 72 5.03 3.17 0.87
N GLU A 73 5.47 4.42 0.96
CA GLU A 73 5.57 5.12 2.24
C GLU A 73 4.23 5.11 2.96
N GLN A 74 3.15 5.34 2.21
CA GLN A 74 1.81 5.32 2.80
C GLN A 74 1.56 3.96 3.41
N PHE A 75 1.85 2.92 2.63
CA PHE A 75 1.69 1.55 3.08
C PHE A 75 2.51 1.31 4.35
N MET A 76 3.69 1.94 4.42
CA MET A 76 4.55 1.82 5.58
C MET A 76 3.90 2.49 6.79
N LYS A 77 3.23 3.61 6.53
CA LYS A 77 2.55 4.35 7.59
C LYS A 77 1.41 3.53 8.18
N ILE A 78 0.69 2.82 7.30
CA ILE A 78 -0.42 1.99 7.73
C ILE A 78 0.07 0.89 8.67
N LEU A 79 1.14 0.21 8.27
CA LEU A 79 1.71 -0.86 9.09
C LEU A 79 2.25 -0.30 10.40
N GLU A 80 2.90 0.86 10.31
CA GLU A 80 3.47 1.52 11.47
C GLU A 80 2.38 1.93 12.46
N GLU A 81 1.24 2.34 11.93
CA GLU A 81 0.11 2.75 12.76
C GLU A 81 -0.46 1.55 13.48
N ILE A 82 -0.65 0.48 12.73
CA ILE A 82 -1.15 -0.76 13.30
C ILE A 82 -0.10 -1.33 14.23
N ASP A 83 1.16 -1.17 13.83
CA ASP A 83 2.28 -1.66 14.61
C ASP A 83 2.28 -1.04 16.01
N THR A 84 1.72 0.16 16.12
CA THR A 84 1.66 0.87 17.40
C THR A 84 0.28 0.73 18.04
N MET A 85 -0.46 -0.30 17.66
CA MET A 85 -1.79 -0.54 18.21
C MET A 85 -1.73 -1.57 19.32
N VAL A 86 -2.63 -1.43 20.30
CA VAL A 86 -2.68 -2.36 21.42
C VAL A 86 -3.66 -3.50 21.15
N LEU A 87 -4.95 -3.17 21.09
CA LEU A 87 -5.98 -4.17 20.84
C LEU A 87 -5.98 -5.24 21.94
N PRO A 88 -7.03 -5.28 22.77
CA PRO A 88 -7.13 -6.27 23.85
C PRO A 88 -7.49 -7.65 23.34
N GLU A 89 -7.59 -8.62 24.25
CA GLU A 89 -7.93 -9.98 23.89
C GLU A 89 -9.41 -10.27 24.11
N GLN A 90 -10.18 -10.25 23.03
CA GLN A 90 -11.61 -10.50 23.10
C GLN A 90 -12.23 -10.52 21.71
N PHE A 91 -12.01 -9.44 20.96
CA PHE A 91 -12.54 -9.32 19.61
C PHE A 91 -11.77 -10.21 18.65
N LYS A 92 -12.28 -11.41 18.43
CA LYS A 92 -11.64 -12.37 17.53
C LYS A 92 -11.74 -11.92 16.08
N ASP A 93 -12.94 -11.57 15.64
CA ASP A 93 -13.15 -11.14 14.26
C ASP A 93 -12.36 -9.87 13.95
N SER A 94 -12.42 -8.90 14.85
CA SER A 94 -11.71 -7.64 14.63
C SER A 94 -10.20 -7.86 14.64
N ARG A 95 -9.71 -8.64 15.61
CA ARG A 95 -8.29 -8.91 15.71
C ARG A 95 -7.80 -9.74 14.53
N LEU A 96 -8.56 -10.77 14.18
CA LEU A 96 -8.21 -11.61 13.05
C LEU A 96 -8.14 -10.75 11.80
N LYS A 97 -9.03 -9.77 11.73
CA LYS A 97 -9.08 -8.86 10.59
C LYS A 97 -7.82 -8.00 10.53
N ARG A 98 -7.40 -7.50 11.69
CA ARG A 98 -6.21 -6.65 11.76
C ARG A 98 -4.96 -7.40 11.30
N LYS A 99 -4.80 -8.63 11.78
CA LYS A 99 -3.65 -9.45 11.40
C LYS A 99 -3.66 -9.73 9.90
N ASN A 100 -4.82 -10.15 9.42
CA ASN A 100 -4.97 -10.45 8.00
C ASN A 100 -4.71 -9.18 7.19
N LEU A 101 -5.14 -8.06 7.72
CA LEU A 101 -4.95 -6.76 7.08
C LEU A 101 -3.47 -6.48 6.92
N VAL A 102 -2.71 -6.91 7.90
CA VAL A 102 -1.27 -6.71 7.89
C VAL A 102 -0.65 -7.39 6.68
N LYS A 103 -1.05 -8.62 6.42
CA LYS A 103 -0.51 -9.35 5.29
C LYS A 103 -0.87 -8.70 3.98
N LYS A 104 -2.06 -8.13 3.93
CA LYS A 104 -2.47 -7.39 2.74
C LYS A 104 -1.56 -6.20 2.67
N VAL A 105 -1.26 -5.71 3.85
CA VAL A 105 -0.41 -4.54 4.01
C VAL A 105 1.03 -4.87 3.61
N GLN A 106 1.48 -6.06 3.99
CA GLN A 106 2.84 -6.49 3.68
C GLN A 106 3.04 -6.70 2.19
N VAL A 107 2.09 -7.36 1.55
CA VAL A 107 2.17 -7.65 0.12
C VAL A 107 2.01 -6.40 -0.74
N PHE A 108 0.98 -5.62 -0.46
CA PHE A 108 0.72 -4.40 -1.22
C PHE A 108 1.83 -3.38 -1.09
N LEU A 109 2.42 -3.30 0.10
CA LEU A 109 3.50 -2.36 0.34
C LEU A 109 4.75 -2.79 -0.39
N ALA A 110 5.03 -4.07 -0.26
CA ALA A 110 6.19 -4.70 -0.90
C ALA A 110 5.98 -4.76 -2.41
N GLU A 111 4.75 -5.03 -2.83
CA GLU A 111 4.44 -5.10 -4.25
C GLU A 111 4.74 -3.77 -4.91
N CYS A 112 4.49 -2.71 -4.17
CA CYS A 112 4.76 -1.36 -4.65
C CYS A 112 6.26 -1.19 -4.88
N ASP A 113 7.07 -1.71 -3.95
CA ASP A 113 8.52 -1.63 -4.06
C ASP A 113 9.01 -2.40 -5.28
N THR A 114 8.39 -3.54 -5.55
CA THR A 114 8.78 -4.35 -6.70
C THR A 114 8.55 -3.57 -7.99
N VAL A 115 7.38 -2.94 -8.10
CA VAL A 115 7.07 -2.14 -9.28
C VAL A 115 8.11 -1.05 -9.44
N GLU A 116 8.42 -0.39 -8.33
CA GLU A 116 9.41 0.68 -8.32
C GLU A 116 10.78 0.11 -8.65
N GLN A 117 11.11 -1.01 -8.02
CA GLN A 117 12.40 -1.67 -8.24
C GLN A 117 12.51 -2.17 -9.68
N TYR A 118 11.41 -2.67 -10.22
CA TYR A 118 11.39 -3.20 -11.59
C TYR A 118 11.59 -2.09 -12.60
N ILE A 119 10.85 -1.01 -12.42
CA ILE A 119 10.96 0.14 -13.30
C ILE A 119 12.32 0.79 -13.09
N CYS A 120 12.73 0.86 -11.83
CA CYS A 120 14.02 1.45 -11.48
C CYS A 120 15.19 0.60 -11.97
N GLN A 121 15.12 -0.71 -11.70
CA GLN A 121 16.19 -1.62 -12.10
C GLN A 121 16.33 -1.69 -13.61
N GLU A 122 15.21 -1.65 -14.32
CA GLU A 122 15.22 -1.69 -15.78
C GLU A 122 15.90 -0.44 -16.30
N THR A 123 15.51 0.69 -15.73
CA THR A 123 16.08 1.96 -16.09
C THR A 123 17.53 1.98 -15.67
N GLU A 124 17.80 1.39 -14.50
CA GLU A 124 19.15 1.32 -13.97
C GLU A 124 20.09 0.65 -14.95
N ARG A 125 19.65 -0.46 -15.53
CA ARG A 125 20.45 -1.19 -16.51
C ARG A 125 20.68 -0.33 -17.74
N LEU A 126 19.66 0.43 -18.12
CA LEU A 126 19.74 1.32 -19.27
C LEU A 126 20.87 2.33 -19.12
N GLN A 127 21.08 2.77 -17.88
CA GLN A 127 22.13 3.74 -17.59
C GLN A 127 22.99 3.27 -16.43
N SER A 128 24.22 2.85 -16.74
CA SER A 128 25.15 2.37 -15.72
C SER A 128 25.49 3.49 -14.73
N THR A 129 25.77 3.11 -13.49
CA THR A 129 26.11 4.07 -12.45
C THR A 129 27.62 4.18 -12.29
N ASN A 130 28.17 5.33 -12.69
CA ASN A 130 29.61 5.56 -12.59
C ASN A 130 30.39 4.52 -13.39
N LEU A 131 29.79 4.05 -14.47
CA LEU A 131 30.43 3.05 -15.33
C LEU A 131 30.64 3.60 -16.73
N ALA A 132 29.61 4.26 -17.26
CA ALA A 132 29.68 4.83 -18.60
C ALA A 132 30.47 6.13 -18.61
N LEU A 133 31.47 6.20 -19.48
CA LEU A 133 32.31 7.39 -19.58
C LEU A 133 32.28 7.96 -21.00
N ALA A 134 32.54 9.26 -21.12
CA ALA A 134 32.55 9.92 -22.42
C ALA A 134 33.90 9.79 -23.10
N GLU A 135 34.97 10.04 -22.35
CA GLU A 135 36.32 9.95 -22.88
C GLU A 135 36.54 10.95 -24.01
N GLY A 1 -9.82 -3.49 50.57
CA GLY A 1 -10.03 -2.08 50.15
C GLY A 1 -9.44 -1.79 48.77
N SER A 2 -9.91 -2.53 47.77
CA SER A 2 -9.43 -2.35 46.40
C SER A 2 -10.37 -1.42 45.62
N PRO A 3 -9.79 -0.57 44.75
CA PRO A 3 -10.58 0.38 43.94
C PRO A 3 -11.30 -0.32 42.78
N GLU A 4 -12.17 0.41 42.11
CA GLU A 4 -12.92 -0.13 40.99
C GLU A 4 -12.08 -0.10 39.71
N PHE A 5 -12.32 -1.05 38.82
CA PHE A 5 -11.58 -1.13 37.56
C PHE A 5 -12.46 -0.71 36.39
N MET A 6 -13.39 0.20 36.66
CA MET A 6 -14.30 0.70 35.63
C MET A 6 -15.13 -0.43 35.05
N LEU A 7 -16.44 -0.38 35.30
CA LEU A 7 -17.36 -1.40 34.81
C LEU A 7 -17.49 -1.33 33.29
N ILE A 8 -17.57 -2.48 32.65
CA ILE A 8 -17.69 -2.54 31.20
C ILE A 8 -19.08 -3.04 30.79
N GLY A 9 -19.59 -4.03 31.52
CA GLY A 9 -20.90 -4.57 31.23
C GLY A 9 -20.83 -5.99 30.69
N GLU A 10 -21.81 -6.38 29.90
CA GLU A 10 -21.86 -7.71 29.32
C GLU A 10 -21.59 -7.67 27.81
N LYS A 11 -21.75 -8.81 27.15
CA LYS A 11 -21.51 -8.90 25.71
C LYS A 11 -22.69 -8.33 24.94
N SER A 12 -22.39 -7.49 23.95
CA SER A 12 -23.42 -6.88 23.12
C SER A 12 -22.82 -6.33 21.83
N ASN A 13 -21.74 -6.96 21.36
CA ASN A 13 -21.07 -6.54 20.14
C ASN A 13 -20.88 -5.02 20.10
N PRO A 14 -20.26 -4.44 21.15
CA PRO A 14 -20.03 -3.01 21.23
C PRO A 14 -18.65 -2.60 20.72
N GLU A 15 -17.63 -2.86 21.52
CA GLU A 15 -16.27 -2.51 21.16
C GLU A 15 -15.77 -3.33 19.98
N GLU A 16 -16.24 -4.56 19.89
CA GLU A 16 -15.85 -5.44 18.80
C GLU A 16 -16.17 -4.78 17.47
N GLU A 17 -17.37 -4.22 17.42
CA GLU A 17 -17.84 -3.53 16.23
C GLU A 17 -17.08 -2.22 16.03
N VAL A 18 -16.81 -1.54 17.14
CA VAL A 18 -16.09 -0.26 17.10
C VAL A 18 -14.66 -0.45 16.64
N GLU A 19 -13.96 -1.40 17.25
CA GLU A 19 -12.57 -1.67 16.89
C GLU A 19 -12.49 -2.16 15.46
N LEU A 20 -13.51 -2.91 15.05
CA LEU A 20 -13.58 -3.44 13.72
C LEU A 20 -13.89 -2.34 12.71
N LYS A 21 -14.72 -1.39 13.10
CA LYS A 21 -15.10 -0.28 12.24
C LYS A 21 -13.91 0.55 11.80
N LYS A 22 -12.99 0.73 12.72
CA LYS A 22 -11.78 1.49 12.44
C LYS A 22 -10.93 0.76 11.44
N LEU A 23 -10.77 -0.54 11.67
CA LEU A 23 -9.97 -1.38 10.79
C LEU A 23 -10.55 -1.41 9.38
N LYS A 24 -11.87 -1.54 9.27
CA LYS A 24 -12.50 -1.58 7.96
C LYS A 24 -12.20 -0.32 7.17
N ASP A 25 -12.33 0.81 7.84
CA ASP A 25 -12.05 2.10 7.21
C ASP A 25 -10.60 2.17 6.75
N LEU A 26 -9.71 1.55 7.53
CA LEU A 26 -8.29 1.53 7.19
C LEU A 26 -8.05 0.82 5.87
N GLU A 27 -8.81 -0.23 5.62
CA GLU A 27 -8.68 -0.99 4.37
C GLU A 27 -9.09 -0.14 3.18
N VAL A 28 -10.11 0.66 3.35
CA VAL A 28 -10.61 1.54 2.30
C VAL A 28 -9.60 2.61 1.95
N SER A 29 -9.06 3.23 2.98
CA SER A 29 -8.05 4.25 2.81
C SER A 29 -6.88 3.60 2.13
N ALA A 30 -6.66 2.36 2.52
CA ALA A 30 -5.59 1.55 1.95
C ALA A 30 -5.93 1.22 0.50
N GLU A 31 -7.20 0.91 0.28
CA GLU A 31 -7.71 0.57 -1.04
C GLU A 31 -7.57 1.77 -1.98
N LYS A 32 -7.78 2.97 -1.45
CA LYS A 32 -7.67 4.18 -2.26
C LYS A 32 -6.23 4.42 -2.68
N ILE A 33 -5.30 4.30 -1.74
CA ILE A 33 -3.89 4.48 -2.06
C ILE A 33 -3.46 3.40 -3.01
N ALA A 34 -3.91 2.17 -2.76
CA ALA A 34 -3.60 1.04 -3.61
C ALA A 34 -4.19 1.27 -5.01
N ASN A 35 -5.35 1.92 -5.06
CA ASN A 35 -5.99 2.21 -6.33
C ASN A 35 -5.20 3.24 -7.12
N HIS A 36 -4.63 4.21 -6.40
CA HIS A 36 -3.85 5.26 -7.03
C HIS A 36 -2.64 4.67 -7.74
N LEU A 37 -2.01 3.68 -7.12
CA LEU A 37 -0.84 3.03 -7.70
C LEU A 37 -1.23 2.28 -8.97
N GLN A 38 -2.28 1.46 -8.87
CA GLN A 38 -2.76 0.69 -10.02
C GLN A 38 -3.12 1.64 -11.15
N GLU A 39 -3.64 2.80 -10.78
CA GLU A 39 -4.02 3.83 -11.74
C GLU A 39 -2.76 4.42 -12.34
N LEU A 40 -1.80 4.70 -11.46
CA LEU A 40 -0.53 5.26 -11.88
C LEU A 40 0.14 4.29 -12.84
N ASN A 41 -0.06 2.99 -12.59
CA ASN A 41 0.52 1.97 -13.45
C ASN A 41 -0.12 2.01 -14.83
N LYS A 42 -1.42 2.30 -14.87
CA LYS A 42 -2.13 2.39 -16.13
C LYS A 42 -1.53 3.50 -16.98
N GLU A 43 -1.28 4.64 -16.35
CA GLU A 43 -0.67 5.78 -17.01
C GLU A 43 0.78 5.47 -17.37
N LEU A 44 1.45 4.75 -16.47
CA LEU A 44 2.84 4.37 -16.67
C LEU A 44 2.97 3.53 -17.94
N SER A 45 2.06 2.59 -18.09
CA SER A 45 2.03 1.72 -19.26
C SER A 45 1.62 2.52 -20.49
N GLY A 46 0.73 3.49 -20.28
CA GLY A 46 0.27 4.32 -21.38
C GLY A 46 1.38 5.21 -21.88
N ILE A 47 2.09 5.81 -20.94
CA ILE A 47 3.23 6.64 -21.27
C ILE A 47 4.33 5.75 -21.82
N GLN A 48 4.42 4.55 -21.25
CA GLN A 48 5.43 3.58 -21.67
C GLN A 48 5.36 3.33 -23.16
N GLN A 49 4.15 3.42 -23.73
CA GLN A 49 3.95 3.19 -25.15
C GLN A 49 4.90 4.04 -25.98
N GLY A 50 5.27 5.20 -25.45
CA GLY A 50 6.18 6.08 -26.16
C GLY A 50 7.25 6.67 -25.26
N PHE A 51 8.44 6.90 -25.82
CA PHE A 51 9.55 7.46 -25.05
C PHE A 51 10.29 8.52 -25.84
N LEU A 52 11.15 9.26 -25.16
CA LEU A 52 11.94 10.32 -25.80
C LEU A 52 13.34 9.80 -26.12
N ALA A 53 13.89 9.06 -25.19
CA ALA A 53 15.22 8.48 -25.33
C ALA A 53 15.70 7.92 -23.99
N LYS A 54 16.97 7.56 -23.92
CA LYS A 54 17.53 7.00 -22.70
C LYS A 54 17.58 8.07 -21.60
N GLU A 55 17.87 9.30 -22.00
CA GLU A 55 17.95 10.41 -21.06
C GLU A 55 16.59 10.78 -20.48
N LEU A 56 15.58 10.91 -21.33
CA LEU A 56 14.25 11.28 -20.89
C LEU A 56 13.50 10.09 -20.27
N GLN A 57 13.79 8.88 -20.75
CA GLN A 57 13.13 7.70 -20.24
C GLN A 57 13.52 7.44 -18.80
N ALA A 58 14.83 7.45 -18.53
CA ALA A 58 15.32 7.24 -17.16
C ALA A 58 14.85 8.40 -16.30
N GLU A 59 14.79 9.59 -16.88
CA GLU A 59 14.34 10.76 -16.16
C GLU A 59 12.91 10.53 -15.65
N ALA A 60 12.03 10.11 -16.56
CA ALA A 60 10.65 9.82 -16.20
C ALA A 60 10.62 8.55 -15.36
N LEU A 61 11.46 7.60 -15.75
CA LEU A 61 11.57 6.31 -15.08
C LEU A 61 11.97 6.48 -13.62
N CYS A 62 12.98 7.31 -13.37
CA CYS A 62 13.43 7.56 -12.00
C CYS A 62 12.37 8.33 -11.24
N LYS A 63 11.71 9.25 -11.95
CA LYS A 63 10.64 10.04 -11.36
C LYS A 63 9.50 9.10 -10.97
N LEU A 64 9.32 8.06 -11.77
CA LEU A 64 8.29 7.07 -11.52
C LEU A 64 8.58 6.35 -10.21
N ASP A 65 9.84 5.94 -10.06
CA ASP A 65 10.29 5.24 -8.88
C ASP A 65 10.18 6.11 -7.63
N ARG A 66 10.65 7.34 -7.72
CA ARG A 66 10.59 8.24 -6.57
C ARG A 66 9.17 8.44 -6.11
N LYS A 67 8.25 8.51 -7.07
CA LYS A 67 6.85 8.68 -6.72
C LYS A 67 6.34 7.41 -6.08
N VAL A 68 6.89 6.30 -6.52
CA VAL A 68 6.56 5.01 -5.95
C VAL A 68 6.96 5.01 -4.49
N LYS A 69 8.09 5.68 -4.21
CA LYS A 69 8.61 5.77 -2.85
C LYS A 69 7.58 6.43 -1.94
N ALA A 70 6.95 7.48 -2.44
CA ALA A 70 5.94 8.18 -1.67
C ALA A 70 4.78 7.24 -1.32
N THR A 71 4.47 6.35 -2.25
CA THR A 71 3.39 5.38 -2.03
C THR A 71 3.77 4.44 -0.89
N ILE A 72 5.04 4.09 -0.83
CA ILE A 72 5.56 3.21 0.23
C ILE A 72 5.26 3.79 1.60
N GLU A 73 5.44 5.10 1.70
CA GLU A 73 5.21 5.82 2.96
C GLU A 73 3.74 5.79 3.37
N GLN A 74 2.84 6.02 2.42
CA GLN A 74 1.41 6.02 2.72
C GLN A 74 0.98 4.66 3.24
N PHE A 75 1.36 3.61 2.53
CA PHE A 75 1.01 2.25 2.94
C PHE A 75 1.78 1.88 4.20
N MET A 76 3.02 2.33 4.30
CA MET A 76 3.84 2.06 5.47
C MET A 76 3.31 2.80 6.69
N LYS A 77 2.86 4.03 6.49
CA LYS A 77 2.33 4.85 7.58
C LYS A 77 1.08 4.21 8.18
N ILE A 78 0.22 3.68 7.32
CA ILE A 78 -1.00 3.04 7.79
C ILE A 78 -0.67 1.79 8.60
N LEU A 79 0.36 1.08 8.16
CA LEU A 79 0.81 -0.13 8.84
C LEU A 79 1.39 0.24 10.20
N GLU A 80 2.22 1.27 10.22
CA GLU A 80 2.85 1.73 11.45
C GLU A 80 1.80 2.11 12.49
N GLU A 81 0.69 2.67 12.02
CA GLU A 81 -0.40 3.08 12.91
C GLU A 81 -1.04 1.84 13.50
N ILE A 82 -1.31 0.87 12.64
CA ILE A 82 -1.88 -0.39 13.06
C ILE A 82 -0.88 -1.10 13.95
N ASP A 83 0.40 -0.97 13.59
CA ASP A 83 1.48 -1.58 14.35
C ASP A 83 1.46 -1.11 15.80
N THR A 84 1.16 0.17 16.00
CA THR A 84 1.12 0.73 17.34
C THR A 84 -0.13 0.25 18.09
N MET A 85 -1.20 0.01 17.35
CA MET A 85 -2.45 -0.44 17.95
C MET A 85 -2.24 -1.78 18.67
N VAL A 86 -3.12 -2.08 19.62
CA VAL A 86 -3.03 -3.31 20.39
C VAL A 86 -4.41 -3.93 20.60
N LEU A 87 -4.45 -5.25 20.72
CA LEU A 87 -5.70 -5.96 20.93
C LEU A 87 -5.78 -6.52 22.35
N PRO A 88 -6.95 -6.35 23.01
CA PRO A 88 -7.15 -6.85 24.38
C PRO A 88 -7.27 -8.37 24.46
N GLU A 89 -7.13 -9.04 23.32
CA GLU A 89 -7.23 -10.50 23.27
C GLU A 89 -8.65 -10.97 23.55
N GLN A 90 -9.51 -10.86 22.55
CA GLN A 90 -10.90 -11.28 22.67
C GLN A 90 -11.60 -11.28 21.32
N PHE A 91 -11.32 -10.26 20.51
CA PHE A 91 -11.93 -10.14 19.18
C PHE A 91 -11.07 -10.86 18.14
N LYS A 92 -11.40 -12.12 17.87
CA LYS A 92 -10.67 -12.91 16.90
C LYS A 92 -10.89 -12.39 15.47
N ASP A 93 -12.12 -12.01 15.17
CA ASP A 93 -12.45 -11.50 13.85
C ASP A 93 -11.78 -10.15 13.58
N SER A 94 -11.85 -9.25 14.54
CA SER A 94 -11.25 -7.94 14.40
C SER A 94 -9.74 -8.05 14.34
N ARG A 95 -9.16 -8.84 15.24
CA ARG A 95 -7.71 -9.03 15.26
C ARG A 95 -7.25 -9.76 14.01
N LEU A 96 -8.02 -10.75 13.60
CA LEU A 96 -7.72 -11.51 12.41
C LEU A 96 -7.73 -10.58 11.20
N LYS A 97 -8.65 -9.62 11.25
CA LYS A 97 -8.81 -8.65 10.16
C LYS A 97 -7.58 -7.75 10.03
N ARG A 98 -7.12 -7.21 11.15
CA ARG A 98 -5.97 -6.31 11.16
C ARG A 98 -4.68 -7.02 10.80
N LYS A 99 -4.44 -8.20 11.38
CA LYS A 99 -3.22 -8.94 11.12
C LYS A 99 -3.07 -9.23 9.64
N ASN A 100 -4.13 -9.74 9.03
CA ASN A 100 -4.10 -10.03 7.61
C ASN A 100 -3.99 -8.72 6.83
N LEU A 101 -4.60 -7.68 7.37
CA LEU A 101 -4.58 -6.37 6.76
C LEU A 101 -3.17 -5.80 6.78
N VAL A 102 -2.49 -5.97 7.90
CA VAL A 102 -1.13 -5.48 8.01
C VAL A 102 -0.28 -6.07 6.90
N LYS A 103 -0.38 -7.39 6.77
CA LYS A 103 0.36 -8.10 5.74
C LYS A 103 -0.08 -7.71 4.36
N LYS A 104 -1.36 -7.40 4.22
CA LYS A 104 -1.86 -6.96 2.94
C LYS A 104 -1.11 -5.71 2.57
N VAL A 105 -0.86 -4.91 3.60
CA VAL A 105 -0.15 -3.66 3.46
C VAL A 105 1.30 -3.91 3.08
N GLN A 106 1.89 -4.92 3.70
CA GLN A 106 3.27 -5.26 3.43
C GLN A 106 3.45 -5.78 2.01
N VAL A 107 2.59 -6.71 1.62
CA VAL A 107 2.66 -7.31 0.30
C VAL A 107 2.25 -6.37 -0.83
N PHE A 108 1.11 -5.72 -0.68
CA PHE A 108 0.61 -4.83 -1.71
C PHE A 108 1.52 -3.62 -1.90
N LEU A 109 1.97 -3.07 -0.80
CA LEU A 109 2.84 -1.90 -0.87
C LEU A 109 4.22 -2.26 -1.37
N ALA A 110 4.75 -3.32 -0.82
CA ALA A 110 6.07 -3.83 -1.20
C ALA A 110 6.06 -4.41 -2.60
N GLU A 111 5.00 -5.14 -2.93
CA GLU A 111 4.88 -5.75 -4.26
C GLU A 111 4.92 -4.67 -5.31
N CYS A 112 4.29 -3.55 -5.00
CA CYS A 112 4.26 -2.42 -5.90
C CYS A 112 5.67 -1.89 -6.11
N ASP A 113 6.46 -1.90 -5.04
CA ASP A 113 7.85 -1.43 -5.10
C ASP A 113 8.68 -2.36 -5.98
N THR A 114 8.41 -3.65 -5.91
CA THR A 114 9.13 -4.61 -6.72
C THR A 114 8.93 -4.34 -8.19
N VAL A 115 7.67 -4.11 -8.58
CA VAL A 115 7.36 -3.81 -9.97
C VAL A 115 8.11 -2.55 -10.39
N GLU A 116 8.08 -1.55 -9.52
CA GLU A 116 8.78 -0.30 -9.78
C GLU A 116 10.28 -0.54 -9.82
N GLN A 117 10.76 -1.32 -8.84
CA GLN A 117 12.18 -1.65 -8.77
C GLN A 117 12.64 -2.27 -10.08
N TYR A 118 11.74 -3.05 -10.68
CA TYR A 118 12.02 -3.71 -11.95
C TYR A 118 12.13 -2.66 -13.03
N ILE A 119 11.17 -1.73 -13.03
CA ILE A 119 11.16 -0.64 -13.98
C ILE A 119 12.44 0.17 -13.81
N CYS A 120 12.81 0.42 -12.56
CA CYS A 120 14.01 1.19 -12.27
C CYS A 120 15.28 0.42 -12.65
N GLN A 121 15.37 -0.84 -12.22
CA GLN A 121 16.53 -1.68 -12.48
C GLN A 121 16.68 -2.06 -13.96
N GLU A 122 15.56 -2.27 -14.64
CA GLU A 122 15.60 -2.63 -16.05
C GLU A 122 16.14 -1.47 -16.86
N THR A 123 15.63 -0.29 -16.56
CA THR A 123 16.08 0.92 -17.22
C THR A 123 17.50 1.22 -16.78
N GLU A 124 17.77 0.97 -15.50
CA GLU A 124 19.09 1.21 -14.94
C GLU A 124 20.15 0.44 -15.72
N ARG A 125 19.83 -0.81 -16.05
CA ARG A 125 20.75 -1.65 -16.82
C ARG A 125 20.96 -1.05 -18.20
N LEU A 126 19.90 -0.49 -18.76
CA LEU A 126 19.95 0.12 -20.08
C LEU A 126 21.00 1.23 -20.12
N GLN A 127 21.14 1.94 -19.01
CA GLN A 127 22.11 3.03 -18.92
C GLN A 127 23.53 2.52 -19.12
N SER A 128 24.39 3.36 -19.66
CA SER A 128 25.78 2.99 -19.89
C SER A 128 26.68 3.52 -18.78
N THR A 129 26.31 4.66 -18.21
CA THR A 129 27.08 5.27 -17.13
C THR A 129 26.18 5.69 -15.99
N ASN A 130 26.79 6.10 -14.88
CA ASN A 130 26.04 6.53 -13.70
C ASN A 130 26.08 8.05 -13.56
N LEU A 131 24.95 8.63 -13.17
CA LEU A 131 24.85 10.07 -12.99
C LEU A 131 25.17 10.47 -11.54
N ALA A 132 24.27 10.11 -10.63
CA ALA A 132 24.46 10.43 -9.22
C ALA A 132 23.73 9.43 -8.34
N LEU A 133 24.19 9.30 -7.09
CA LEU A 133 23.57 8.38 -6.15
C LEU A 133 23.64 6.94 -6.66
N ALA A 134 24.53 6.14 -6.07
CA ALA A 134 24.70 4.75 -6.47
C ALA A 134 23.69 3.86 -5.75
N GLU A 135 23.76 3.83 -4.43
CA GLU A 135 22.86 3.02 -3.62
C GLU A 135 23.01 1.54 -3.97
N GLY A 1 -48.43 12.74 24.67
CA GLY A 1 -47.38 11.89 24.04
C GLY A 1 -46.02 12.07 24.68
N SER A 2 -45.99 12.14 26.01
CA SER A 2 -44.75 12.31 26.75
C SER A 2 -44.10 10.96 27.03
N PRO A 3 -44.84 10.01 27.62
CA PRO A 3 -44.33 8.68 27.95
C PRO A 3 -43.67 8.01 26.75
N GLU A 4 -42.51 7.41 26.96
CA GLU A 4 -41.78 6.72 25.89
C GLU A 4 -41.09 5.47 26.42
N PHE A 5 -41.26 4.37 25.69
CA PHE A 5 -40.66 3.10 26.09
C PHE A 5 -39.29 2.92 25.42
N MET A 6 -38.35 2.36 26.17
CA MET A 6 -36.99 2.14 25.66
C MET A 6 -36.69 0.64 25.60
N LEU A 7 -35.49 0.32 25.12
CA LEU A 7 -35.06 -1.08 25.01
C LEU A 7 -34.77 -1.66 26.38
N ILE A 8 -35.33 -2.84 26.65
CA ILE A 8 -35.12 -3.50 27.93
C ILE A 8 -34.07 -4.60 27.81
N GLY A 9 -32.97 -4.44 28.55
CA GLY A 9 -31.90 -5.42 28.52
C GLY A 9 -31.09 -5.34 27.24
N GLU A 10 -29.79 -5.08 27.39
CA GLU A 10 -28.90 -4.97 26.23
C GLU A 10 -27.48 -5.40 26.60
N LYS A 11 -26.68 -5.71 25.58
CA LYS A 11 -25.30 -6.14 25.80
C LYS A 11 -24.36 -4.94 25.79
N SER A 12 -23.08 -5.19 25.56
CA SER A 12 -22.09 -4.12 25.53
C SER A 12 -21.05 -4.35 24.44
N ASN A 13 -21.40 -3.96 23.22
CA ASN A 13 -20.49 -4.12 22.08
C ASN A 13 -20.65 -2.95 21.10
N PRO A 14 -20.37 -1.72 21.56
CA PRO A 14 -20.48 -0.53 20.73
C PRO A 14 -19.17 -0.13 20.08
N GLU A 15 -18.23 0.32 20.91
CA GLU A 15 -16.92 0.76 20.43
C GLU A 15 -16.20 -0.36 19.69
N GLU A 16 -16.43 -1.60 20.10
CA GLU A 16 -15.80 -2.74 19.46
C GLU A 16 -16.13 -2.75 17.97
N GLU A 17 -17.38 -2.44 17.68
CA GLU A 17 -17.85 -2.37 16.31
C GLU A 17 -17.24 -1.15 15.61
N VAL A 18 -17.14 -0.06 16.35
CA VAL A 18 -16.58 1.17 15.82
C VAL A 18 -15.10 1.03 15.50
N GLU A 19 -14.34 0.50 16.45
CA GLU A 19 -12.91 0.29 16.25
C GLU A 19 -12.68 -0.69 15.12
N LEU A 20 -13.58 -1.66 15.02
CA LEU A 20 -13.51 -2.67 13.99
C LEU A 20 -13.90 -2.07 12.63
N LYS A 21 -14.86 -1.16 12.64
CA LYS A 21 -15.35 -0.52 11.41
C LYS A 21 -14.33 0.40 10.79
N LYS A 22 -13.63 1.13 11.62
CA LYS A 22 -12.61 2.07 11.15
C LYS A 22 -11.47 1.31 10.50
N LEU A 23 -11.04 0.25 11.16
CA LEU A 23 -9.95 -0.59 10.66
C LEU A 23 -10.35 -1.13 9.29
N LYS A 24 -11.62 -1.49 9.14
CA LYS A 24 -12.13 -1.98 7.90
C LYS A 24 -11.94 -0.97 6.78
N ASP A 25 -12.33 0.26 7.09
CA ASP A 25 -12.20 1.38 6.17
C ASP A 25 -10.75 1.53 5.73
N LEU A 26 -9.83 1.26 6.65
CA LEU A 26 -8.41 1.37 6.36
C LEU A 26 -8.00 0.41 5.24
N GLU A 27 -8.57 -0.79 5.26
CA GLU A 27 -8.29 -1.78 4.23
C GLU A 27 -8.72 -1.26 2.86
N VAL A 28 -9.85 -0.57 2.87
CA VAL A 28 -10.41 0.00 1.65
C VAL A 28 -9.55 1.12 1.13
N SER A 29 -9.15 2.00 2.05
CA SER A 29 -8.29 3.10 1.72
C SER A 29 -7.02 2.52 1.17
N ALA A 30 -6.64 1.40 1.77
CA ALA A 30 -5.45 0.67 1.35
C ALA A 30 -5.68 0.07 -0.03
N GLU A 31 -6.85 -0.52 -0.21
CA GLU A 31 -7.24 -1.11 -1.45
C GLU A 31 -7.24 -0.04 -2.55
N LYS A 32 -7.64 1.17 -2.18
CA LYS A 32 -7.67 2.28 -3.11
C LYS A 32 -6.25 2.67 -3.52
N ILE A 33 -5.35 2.77 -2.54
CA ILE A 33 -3.97 3.11 -2.84
C ILE A 33 -3.38 2.04 -3.75
N ALA A 34 -3.65 0.79 -3.40
CA ALA A 34 -3.18 -0.34 -4.20
C ALA A 34 -3.80 -0.30 -5.59
N ASN A 35 -5.09 0.02 -5.66
CA ASN A 35 -5.79 0.11 -6.94
C ASN A 35 -5.31 1.31 -7.75
N HIS A 36 -5.02 2.41 -7.04
CA HIS A 36 -4.55 3.63 -7.68
C HIS A 36 -3.26 3.38 -8.45
N LEU A 37 -2.39 2.54 -7.87
CA LEU A 37 -1.12 2.21 -8.49
C LEU A 37 -1.34 1.43 -9.78
N GLN A 38 -2.17 0.38 -9.70
CA GLN A 38 -2.47 -0.43 -10.87
C GLN A 38 -3.12 0.43 -11.94
N GLU A 39 -3.91 1.40 -11.50
CA GLU A 39 -4.58 2.33 -12.39
C GLU A 39 -3.54 3.25 -12.99
N LEU A 40 -2.65 3.74 -12.13
CA LEU A 40 -1.57 4.59 -12.56
C LEU A 40 -0.69 3.83 -13.54
N ASN A 41 -0.55 2.53 -13.29
CA ASN A 41 0.26 1.67 -14.15
C ASN A 41 -0.26 1.72 -15.58
N LYS A 42 -1.58 1.73 -15.73
CA LYS A 42 -2.19 1.80 -17.04
C LYS A 42 -1.77 3.09 -17.73
N GLU A 43 -1.84 4.19 -16.98
CA GLU A 43 -1.44 5.50 -17.49
C GLU A 43 0.07 5.55 -17.71
N LEU A 44 0.80 4.88 -16.82
CA LEU A 44 2.25 4.82 -16.90
C LEU A 44 2.67 4.17 -18.21
N SER A 45 2.01 3.06 -18.54
CA SER A 45 2.29 2.35 -19.77
C SER A 45 1.85 3.18 -20.97
N GLY A 46 0.75 3.93 -20.78
CA GLY A 46 0.26 4.78 -21.84
C GLY A 46 1.20 5.93 -22.08
N ILE A 47 1.64 6.52 -20.99
CA ILE A 47 2.60 7.60 -21.03
C ILE A 47 3.94 7.04 -21.51
N GLN A 48 4.22 5.81 -21.08
CA GLN A 48 5.46 5.14 -21.44
C GLN A 48 5.68 5.17 -22.96
N GLN A 49 4.58 5.04 -23.71
CA GLN A 49 4.66 5.06 -25.16
C GLN A 49 5.42 6.28 -25.67
N GLY A 50 5.21 7.42 -25.00
CA GLY A 50 5.90 8.64 -25.39
C GLY A 50 7.26 8.77 -24.74
N PHE A 51 8.31 8.64 -25.54
CA PHE A 51 9.67 8.74 -25.03
C PHE A 51 10.32 10.04 -25.46
N LEU A 52 11.20 10.57 -24.60
CA LEU A 52 11.90 11.81 -24.88
C LEU A 52 13.35 11.54 -25.22
N ALA A 53 14.07 11.03 -24.25
CA ALA A 53 15.49 10.71 -24.40
C ALA A 53 16.03 10.06 -23.14
N LYS A 54 17.29 9.63 -23.19
CA LYS A 54 17.91 8.99 -22.03
C LYS A 54 17.86 9.90 -20.81
N GLU A 55 17.94 11.21 -21.06
CA GLU A 55 17.91 12.19 -19.98
C GLU A 55 16.53 12.26 -19.32
N LEU A 56 15.48 12.33 -20.14
CA LEU A 56 14.12 12.40 -19.62
C LEU A 56 13.63 11.04 -19.15
N GLN A 57 13.88 10.00 -19.95
CA GLN A 57 13.46 8.65 -19.60
C GLN A 57 14.01 8.26 -18.24
N ALA A 58 15.31 8.44 -18.06
CA ALA A 58 15.96 8.11 -16.80
C ALA A 58 15.39 8.98 -15.69
N GLU A 59 15.05 10.22 -16.04
CA GLU A 59 14.48 11.17 -15.09
C GLU A 59 13.07 10.74 -14.69
N ALA A 60 12.26 10.39 -15.69
CA ALA A 60 10.88 9.98 -15.45
C ALA A 60 10.82 8.62 -14.75
N LEU A 61 11.63 7.69 -15.20
CA LEU A 61 11.66 6.35 -14.61
C LEU A 61 12.02 6.41 -13.14
N CYS A 62 13.07 7.17 -12.81
CA CYS A 62 13.48 7.31 -11.41
C CYS A 62 12.35 7.97 -10.63
N LYS A 63 11.70 8.93 -11.28
CA LYS A 63 10.58 9.63 -10.69
C LYS A 63 9.46 8.66 -10.36
N LEU A 64 9.17 7.79 -11.31
CA LEU A 64 8.13 6.80 -11.15
C LEU A 64 8.41 5.92 -9.93
N ASP A 65 9.64 5.46 -9.84
CA ASP A 65 10.06 4.63 -8.72
C ASP A 65 9.95 5.41 -7.41
N ARG A 66 10.43 6.64 -7.44
CA ARG A 66 10.39 7.50 -6.27
C ARG A 66 8.95 7.75 -5.86
N LYS A 67 8.07 7.89 -6.84
CA LYS A 67 6.67 8.09 -6.56
C LYS A 67 6.10 6.85 -5.90
N VAL A 68 6.66 5.72 -6.30
CA VAL A 68 6.28 4.45 -5.72
C VAL A 68 6.57 4.52 -4.24
N LYS A 69 7.67 5.19 -3.90
CA LYS A 69 8.08 5.34 -2.51
C LYS A 69 6.97 6.03 -1.73
N ALA A 70 6.38 7.05 -2.33
CA ALA A 70 5.29 7.77 -1.70
C ALA A 70 4.13 6.84 -1.42
N THR A 71 3.84 5.95 -2.37
CA THR A 71 2.76 4.99 -2.21
C THR A 71 3.11 3.99 -1.11
N ILE A 72 4.35 3.52 -1.14
CA ILE A 72 4.83 2.58 -0.14
C ILE A 72 4.79 3.23 1.23
N GLU A 73 5.18 4.50 1.28
CA GLU A 73 5.19 5.26 2.52
C GLU A 73 3.81 5.24 3.15
N GLN A 74 2.77 5.33 2.33
CA GLN A 74 1.40 5.28 2.82
C GLN A 74 1.11 3.88 3.32
N PHE A 75 1.46 2.90 2.50
CA PHE A 75 1.26 1.50 2.85
C PHE A 75 2.05 1.15 4.11
N MET A 76 3.24 1.73 4.23
CA MET A 76 4.10 1.51 5.37
C MET A 76 3.51 2.13 6.63
N LYS A 77 3.06 3.38 6.50
CA LYS A 77 2.48 4.11 7.63
C LYS A 77 1.26 3.37 8.16
N ILE A 78 0.43 2.85 7.26
CA ILE A 78 -0.77 2.13 7.67
C ILE A 78 -0.39 0.93 8.52
N LEU A 79 0.60 0.17 8.07
CA LEU A 79 1.07 -1.01 8.79
C LEU A 79 1.73 -0.60 10.11
N GLU A 80 2.54 0.44 10.06
CA GLU A 80 3.25 0.93 11.24
C GLU A 80 2.26 1.42 12.31
N GLU A 81 1.17 2.03 11.87
CA GLU A 81 0.15 2.54 12.78
C GLU A 81 -0.55 1.39 13.45
N ILE A 82 -0.94 0.41 12.65
CA ILE A 82 -1.59 -0.78 13.15
C ILE A 82 -0.59 -1.56 13.98
N ASP A 83 0.66 -1.57 13.52
CA ASP A 83 1.72 -2.27 14.20
C ASP A 83 1.94 -1.72 15.61
N THR A 84 1.72 -0.42 15.78
CA THR A 84 1.90 0.22 17.07
C THR A 84 0.57 0.33 17.82
N MET A 85 -0.36 -0.58 17.53
CA MET A 85 -1.65 -0.58 18.19
C MET A 85 -1.81 -1.76 19.12
N VAL A 86 -2.36 -1.52 20.31
CA VAL A 86 -2.55 -2.58 21.29
C VAL A 86 -3.99 -3.11 21.26
N LEU A 87 -4.13 -4.41 21.37
CA LEU A 87 -5.44 -5.05 21.35
C LEU A 87 -5.56 -6.10 22.46
N PRO A 88 -6.64 -6.06 23.26
CA PRO A 88 -6.86 -7.01 24.34
C PRO A 88 -7.28 -8.39 23.84
N GLU A 89 -7.56 -9.29 24.77
CA GLU A 89 -7.98 -10.64 24.41
C GLU A 89 -9.37 -10.63 23.77
N GLN A 90 -10.19 -9.67 24.18
CA GLN A 90 -11.54 -9.54 23.65
C GLN A 90 -11.53 -9.11 22.19
N PHE A 91 -10.44 -8.44 21.79
CA PHE A 91 -10.30 -7.97 20.42
C PHE A 91 -9.56 -8.99 19.55
N LYS A 92 -9.96 -10.25 19.68
CA LYS A 92 -9.34 -11.33 18.91
C LYS A 92 -9.67 -11.21 17.43
N ASP A 93 -10.96 -11.03 17.12
CA ASP A 93 -11.40 -10.90 15.73
C ASP A 93 -10.86 -9.64 15.09
N SER A 94 -10.84 -8.55 15.85
CA SER A 94 -10.34 -7.28 15.35
C SER A 94 -8.87 -7.40 14.97
N ARG A 95 -8.07 -8.02 15.84
CA ARG A 95 -6.65 -8.18 15.57
C ARG A 95 -6.41 -9.10 14.39
N LEU A 96 -7.13 -10.21 14.34
CA LEU A 96 -7.02 -11.15 13.25
C LEU A 96 -7.34 -10.43 11.95
N LYS A 97 -8.30 -9.52 12.03
CA LYS A 97 -8.71 -8.75 10.87
C LYS A 97 -7.58 -7.83 10.41
N ARG A 98 -7.00 -7.12 11.38
CA ARG A 98 -5.91 -6.18 11.10
C ARG A 98 -4.71 -6.89 10.50
N LYS A 99 -4.33 -8.03 11.09
CA LYS A 99 -3.18 -8.78 10.60
C LYS A 99 -3.41 -9.29 9.19
N ASN A 100 -4.61 -9.77 8.91
CA ASN A 100 -4.92 -10.29 7.59
C ASN A 100 -4.73 -9.18 6.56
N LEU A 101 -5.30 -8.01 6.86
CA LEU A 101 -5.18 -6.85 5.98
C LEU A 101 -3.77 -6.34 5.96
N VAL A 102 -3.27 -6.18 7.14
CA VAL A 102 -1.92 -5.67 7.34
C VAL A 102 -0.93 -6.55 6.59
N LYS A 103 -1.03 -7.85 6.80
CA LYS A 103 -0.13 -8.76 6.11
C LYS A 103 -0.33 -8.72 4.62
N LYS A 104 -1.55 -8.46 4.19
CA LYS A 104 -1.81 -8.32 2.78
C LYS A 104 -1.09 -7.09 2.31
N VAL A 105 -1.07 -6.10 3.21
CA VAL A 105 -0.40 -4.84 2.95
C VAL A 105 1.09 -5.05 2.77
N GLN A 106 1.64 -5.94 3.59
CA GLN A 106 3.08 -6.23 3.51
C GLN A 106 3.46 -6.65 2.10
N VAL A 107 2.67 -7.55 1.53
CA VAL A 107 2.91 -8.03 0.19
C VAL A 107 2.62 -6.97 -0.87
N PHE A 108 1.46 -6.36 -0.75
CA PHE A 108 1.03 -5.33 -1.70
C PHE A 108 1.91 -4.08 -1.63
N LEU A 109 2.36 -3.75 -0.45
CA LEU A 109 3.21 -2.58 -0.26
C LEU A 109 4.54 -2.77 -0.98
N ALA A 110 5.11 -3.93 -0.77
CA ALA A 110 6.37 -4.31 -1.40
C ALA A 110 6.19 -4.54 -2.90
N GLU A 111 5.06 -5.14 -3.26
CA GLU A 111 4.77 -5.41 -4.66
C GLU A 111 4.76 -4.11 -5.44
N CYS A 112 4.27 -3.07 -4.79
CA CYS A 112 4.21 -1.76 -5.39
C CYS A 112 5.63 -1.27 -5.71
N ASP A 113 6.52 -1.38 -4.72
CA ASP A 113 7.92 -0.96 -4.92
C ASP A 113 8.63 -1.88 -5.90
N THR A 114 8.34 -3.16 -5.82
CA THR A 114 8.98 -4.13 -6.71
C THR A 114 8.63 -3.85 -8.16
N VAL A 115 7.37 -3.49 -8.43
CA VAL A 115 6.96 -3.19 -9.78
C VAL A 115 7.75 -2.03 -10.33
N GLU A 116 7.83 -0.94 -9.55
CA GLU A 116 8.60 0.21 -9.94
C GLU A 116 10.08 -0.15 -9.98
N GLN A 117 10.53 -0.87 -8.96
CA GLN A 117 11.92 -1.30 -8.89
C GLN A 117 12.30 -2.05 -10.16
N TYR A 118 11.35 -2.82 -10.68
CA TYR A 118 11.54 -3.59 -11.90
C TYR A 118 11.71 -2.67 -13.09
N ILE A 119 10.82 -1.69 -13.20
CA ILE A 119 10.90 -0.73 -14.28
C ILE A 119 12.23 -0.01 -14.19
N CYS A 120 12.62 0.30 -12.95
CA CYS A 120 13.89 0.98 -12.70
C CYS A 120 15.07 0.05 -13.03
N GLN A 121 14.97 -1.20 -12.56
CA GLN A 121 16.01 -2.20 -12.76
C GLN A 121 16.22 -2.54 -14.24
N GLU A 122 15.14 -2.56 -15.00
CA GLU A 122 15.22 -2.88 -16.42
C GLU A 122 15.97 -1.79 -17.16
N THR A 123 15.59 -0.55 -16.87
CA THR A 123 16.24 0.60 -17.47
C THR A 123 17.64 0.71 -16.93
N GLU A 124 17.79 0.41 -15.64
CA GLU A 124 19.08 0.47 -14.97
C GLU A 124 20.09 -0.43 -15.69
N ARG A 125 19.67 -1.65 -16.02
CA ARG A 125 20.53 -2.60 -16.71
C ARG A 125 20.90 -2.07 -18.08
N LEU A 126 19.95 -1.41 -18.73
CA LEU A 126 20.18 -0.84 -20.06
C LEU A 126 21.32 0.17 -20.03
N GLN A 127 21.46 0.85 -18.89
CA GLN A 127 22.53 1.85 -18.73
C GLN A 127 23.90 1.21 -18.90
N SER A 128 24.60 1.59 -19.97
CA SER A 128 25.93 1.06 -20.25
C SER A 128 26.88 1.37 -19.11
N THR A 129 28.13 0.92 -19.24
CA THR A 129 29.14 1.14 -18.23
C THR A 129 29.86 2.47 -18.45
N ASN A 130 30.42 2.64 -19.64
CA ASN A 130 31.13 3.87 -19.98
C ASN A 130 30.79 4.32 -21.40
N LEU A 131 30.08 5.43 -21.51
CA LEU A 131 29.68 5.96 -22.82
C LEU A 131 29.53 7.47 -22.76
N ALA A 132 29.98 8.15 -23.82
CA ALA A 132 29.89 9.61 -23.89
C ALA A 132 30.69 10.26 -22.77
N LEU A 133 31.90 10.70 -23.09
CA LEU A 133 32.76 11.35 -22.12
C LEU A 133 32.92 12.83 -22.41
N ALA A 134 33.11 13.15 -23.70
CA ALA A 134 33.26 14.54 -24.12
C ALA A 134 31.94 15.14 -24.56
N GLU A 135 31.21 14.41 -25.41
CA GLU A 135 29.92 14.87 -25.89
C GLU A 135 29.14 13.72 -26.53
N GLY A 1 -32.78 -15.25 32.54
CA GLY A 1 -33.80 -14.27 32.07
C GLY A 1 -35.19 -14.62 32.54
N SER A 2 -36.19 -14.37 31.70
CA SER A 2 -37.57 -14.66 32.04
C SER A 2 -38.50 -14.32 30.87
N PRO A 3 -38.54 -13.04 30.46
CA PRO A 3 -39.39 -12.58 29.36
C PRO A 3 -38.90 -13.09 28.01
N GLU A 4 -37.59 -12.97 27.77
CA GLU A 4 -37.00 -13.42 26.52
C GLU A 4 -37.61 -12.68 25.33
N PHE A 5 -38.02 -11.45 25.56
CA PHE A 5 -38.62 -10.63 24.50
C PHE A 5 -38.14 -9.18 24.59
N MET A 6 -36.91 -9.00 25.07
CA MET A 6 -36.34 -7.67 25.21
C MET A 6 -34.88 -7.65 24.74
N LEU A 7 -34.69 -7.79 23.43
CA LEU A 7 -33.35 -7.79 22.85
C LEU A 7 -32.52 -8.94 23.41
N ILE A 8 -33.19 -10.05 23.73
CA ILE A 8 -32.52 -11.23 24.27
C ILE A 8 -32.64 -12.41 23.32
N GLY A 9 -31.59 -13.23 23.27
CA GLY A 9 -31.61 -14.39 22.40
C GLY A 9 -30.59 -14.29 21.28
N GLU A 10 -30.91 -13.48 20.28
CA GLU A 10 -30.00 -13.29 19.14
C GLU A 10 -28.94 -12.25 19.45
N LYS A 11 -27.70 -12.58 19.13
CA LYS A 11 -26.58 -11.67 19.38
C LYS A 11 -25.77 -11.43 18.12
N SER A 12 -24.69 -10.66 18.25
CA SER A 12 -23.83 -10.34 17.11
C SER A 12 -22.64 -9.49 17.56
N ASN A 13 -22.01 -8.81 16.62
CA ASN A 13 -20.86 -7.96 16.93
C ASN A 13 -21.26 -6.48 16.96
N PRO A 14 -21.38 -5.91 18.18
CA PRO A 14 -21.76 -4.51 18.35
C PRO A 14 -20.56 -3.58 18.41
N GLU A 15 -19.87 -3.56 19.54
CA GLU A 15 -18.70 -2.70 19.72
C GLU A 15 -17.54 -3.18 18.87
N GLU A 16 -17.44 -4.48 18.68
CA GLU A 16 -16.38 -5.05 17.86
C GLU A 16 -16.44 -4.44 16.47
N GLU A 17 -17.65 -4.34 15.96
CA GLU A 17 -17.91 -3.75 14.65
C GLU A 17 -17.38 -2.33 14.62
N VAL A 18 -17.53 -1.61 15.73
CA VAL A 18 -17.04 -0.24 15.81
C VAL A 18 -15.55 -0.18 15.58
N GLU A 19 -14.81 -1.02 16.29
CA GLU A 19 -13.37 -1.10 16.13
C GLU A 19 -13.05 -1.72 14.78
N LEU A 20 -13.93 -2.63 14.37
CA LEU A 20 -13.81 -3.33 13.12
C LEU A 20 -14.06 -2.41 11.92
N LYS A 21 -15.00 -1.49 12.09
CA LYS A 21 -15.36 -0.56 11.03
C LYS A 21 -14.23 0.41 10.70
N LYS A 22 -13.56 0.87 11.72
CA LYS A 22 -12.45 1.80 11.53
C LYS A 22 -11.31 1.12 10.79
N LEU A 23 -11.01 -0.10 11.21
CA LEU A 23 -9.95 -0.88 10.58
C LEU A 23 -10.31 -1.11 9.13
N LYS A 24 -11.59 -1.36 8.88
CA LYS A 24 -12.10 -1.60 7.57
C LYS A 24 -11.80 -0.41 6.66
N ASP A 25 -12.13 0.77 7.16
CA ASP A 25 -11.89 2.01 6.43
C ASP A 25 -10.42 2.17 6.12
N LEU A 26 -9.57 1.73 7.05
CA LEU A 26 -8.12 1.83 6.88
C LEU A 26 -7.69 1.01 5.68
N GLU A 27 -8.34 -0.14 5.48
CA GLU A 27 -8.02 -1.02 4.35
C GLU A 27 -8.31 -0.32 3.04
N VAL A 28 -9.39 0.44 3.04
CA VAL A 28 -9.82 1.19 1.85
C VAL A 28 -8.79 2.22 1.46
N SER A 29 -8.33 2.96 2.47
CA SER A 29 -7.32 3.98 2.25
C SER A 29 -6.11 3.27 1.67
N ALA A 30 -5.90 2.07 2.19
CA ALA A 30 -4.81 1.23 1.72
C ALA A 30 -5.10 0.78 0.30
N GLU A 31 -6.36 0.48 0.05
CA GLU A 31 -6.80 0.05 -1.27
C GLU A 31 -6.69 1.20 -2.26
N LYS A 32 -6.96 2.41 -1.79
CA LYS A 32 -6.87 3.59 -2.65
C LYS A 32 -5.43 3.87 -3.03
N ILE A 33 -4.53 3.83 -2.06
CA ILE A 33 -3.13 4.05 -2.33
C ILE A 33 -2.62 2.97 -3.27
N ALA A 34 -3.05 1.74 -3.01
CA ALA A 34 -2.67 0.62 -3.86
C ALA A 34 -3.27 0.77 -5.25
N ASN A 35 -4.50 1.27 -5.30
CA ASN A 35 -5.19 1.49 -6.58
C ASN A 35 -4.53 2.63 -7.34
N HIS A 36 -4.09 3.65 -6.61
CA HIS A 36 -3.45 4.80 -7.22
C HIS A 36 -2.22 4.37 -8.00
N LEU A 37 -1.48 3.40 -7.46
CA LEU A 37 -0.28 2.90 -8.12
C LEU A 37 -0.66 2.22 -9.44
N GLN A 38 -1.64 1.32 -9.37
CA GLN A 38 -2.11 0.62 -10.55
C GLN A 38 -2.72 1.60 -11.55
N GLU A 39 -3.35 2.64 -11.02
CA GLU A 39 -3.97 3.67 -11.85
C GLU A 39 -2.89 4.49 -12.52
N LEU A 40 -1.92 4.92 -11.71
CA LEU A 40 -0.79 5.68 -12.23
C LEU A 40 -0.05 4.83 -13.26
N ASN A 41 -0.02 3.53 -12.99
CA ASN A 41 0.65 2.59 -13.90
C ASN A 41 -0.04 2.61 -15.26
N LYS A 42 -1.37 2.70 -15.24
CA LYS A 42 -2.14 2.74 -16.47
C LYS A 42 -1.88 4.04 -17.23
N GLU A 43 -1.89 5.15 -16.50
CA GLU A 43 -1.64 6.46 -17.09
C GLU A 43 -0.20 6.56 -17.57
N LEU A 44 0.71 5.95 -16.83
CA LEU A 44 2.13 5.96 -17.17
C LEU A 44 2.35 5.14 -18.44
N SER A 45 1.73 3.97 -18.49
CA SER A 45 1.85 3.09 -19.65
C SER A 45 1.30 3.79 -20.88
N GLY A 46 0.26 4.60 -20.68
CA GLY A 46 -0.34 5.34 -21.78
C GLY A 46 0.61 6.39 -22.28
N ILE A 47 1.21 7.09 -21.33
CA ILE A 47 2.19 8.10 -21.64
C ILE A 47 3.44 7.42 -22.20
N GLN A 48 3.72 6.24 -21.66
CA GLN A 48 4.88 5.46 -22.09
C GLN A 48 4.83 5.17 -23.58
N GLN A 49 3.62 5.07 -24.12
CA GLN A 49 3.42 4.81 -25.55
C GLN A 49 4.33 5.69 -26.40
N GLY A 50 4.59 6.89 -25.93
CA GLY A 50 5.45 7.81 -26.66
C GLY A 50 6.86 7.28 -26.81
N PHE A 51 7.84 8.19 -26.88
CA PHE A 51 9.23 7.79 -27.02
C PHE A 51 10.15 9.00 -26.93
N LEU A 52 11.07 8.97 -25.97
CA LEU A 52 12.02 10.05 -25.78
C LEU A 52 13.45 9.54 -25.89
N ALA A 53 14.41 10.43 -25.64
CA ALA A 53 15.82 10.06 -25.71
C ALA A 53 16.24 9.33 -24.44
N LYS A 54 17.46 8.80 -24.44
CA LYS A 54 17.97 8.08 -23.28
C LYS A 54 17.94 8.96 -22.04
N GLU A 55 18.10 10.26 -22.23
CA GLU A 55 18.08 11.21 -21.13
C GLU A 55 16.71 11.32 -20.48
N LEU A 56 15.67 11.43 -21.31
CA LEU A 56 14.30 11.56 -20.80
C LEU A 56 13.75 10.23 -20.33
N GLN A 57 13.99 9.16 -21.10
CA GLN A 57 13.49 7.85 -20.74
C GLN A 57 13.97 7.44 -19.35
N ALA A 58 15.27 7.56 -19.11
CA ALA A 58 15.82 7.22 -17.81
C ALA A 58 15.30 8.17 -16.75
N GLU A 59 15.10 9.42 -17.16
CA GLU A 59 14.59 10.46 -16.27
C GLU A 59 13.12 10.20 -15.90
N ALA A 60 12.33 9.81 -16.89
CA ALA A 60 10.91 9.56 -16.67
C ALA A 60 10.68 8.31 -15.82
N LEU A 61 11.43 7.25 -16.10
CA LEU A 61 11.28 5.99 -15.37
C LEU A 61 11.82 6.10 -13.94
N CYS A 62 13.02 6.64 -13.80
CA CYS A 62 13.63 6.78 -12.48
C CYS A 62 12.71 7.61 -11.59
N LYS A 63 12.10 8.64 -12.18
CA LYS A 63 11.16 9.49 -11.47
C LYS A 63 9.90 8.68 -11.16
N LEU A 64 9.57 7.77 -12.08
CA LEU A 64 8.40 6.92 -11.93
C LEU A 64 8.60 5.97 -10.76
N ASP A 65 9.77 5.34 -10.72
CA ASP A 65 10.10 4.40 -9.65
C ASP A 65 10.11 5.12 -8.30
N ARG A 66 10.73 6.30 -8.26
CA ARG A 66 10.81 7.05 -7.03
C ARG A 66 9.44 7.42 -6.52
N LYS A 67 8.52 7.71 -7.44
CA LYS A 67 7.17 8.05 -7.04
C LYS A 67 6.51 6.82 -6.44
N VAL A 68 6.89 5.68 -6.97
CA VAL A 68 6.41 4.42 -6.45
C VAL A 68 6.84 4.32 -5.00
N LYS A 69 8.05 4.83 -4.74
CA LYS A 69 8.62 4.82 -3.39
C LYS A 69 7.70 5.54 -2.42
N ALA A 70 7.14 6.66 -2.86
CA ALA A 70 6.24 7.43 -2.04
C ALA A 70 5.03 6.59 -1.66
N THR A 71 4.58 5.77 -2.60
CA THR A 71 3.43 4.90 -2.37
C THR A 71 3.77 3.85 -1.31
N ILE A 72 4.99 3.33 -1.37
CA ILE A 72 5.46 2.35 -0.41
C ILE A 72 5.44 2.93 1.00
N GLU A 73 5.88 4.18 1.10
CA GLU A 73 5.94 4.89 2.37
C GLU A 73 4.56 4.99 3.01
N GLN A 74 3.54 5.26 2.20
CA GLN A 74 2.18 5.38 2.72
C GLN A 74 1.79 4.08 3.42
N PHE A 75 2.07 2.98 2.74
CA PHE A 75 1.78 1.66 3.29
C PHE A 75 2.47 1.47 4.63
N MET A 76 3.67 2.00 4.77
CA MET A 76 4.43 1.90 6.01
C MET A 76 3.70 2.62 7.14
N LYS A 77 3.14 3.79 6.82
CA LYS A 77 2.42 4.58 7.81
C LYS A 77 1.17 3.84 8.30
N ILE A 78 0.47 3.18 7.37
CA ILE A 78 -0.73 2.44 7.71
C ILE A 78 -0.41 1.29 8.67
N LEU A 79 0.62 0.52 8.35
CA LEU A 79 1.02 -0.60 9.19
C LEU A 79 1.52 -0.11 10.54
N GLU A 80 2.28 0.98 10.53
CA GLU A 80 2.84 1.56 11.75
C GLU A 80 1.72 2.06 12.67
N GLU A 81 0.66 2.60 12.07
CA GLU A 81 -0.47 3.10 12.83
C GLU A 81 -1.22 1.95 13.48
N ILE A 82 -1.46 0.91 12.68
CA ILE A 82 -2.11 -0.27 13.16
C ILE A 82 -1.20 -0.97 14.15
N ASP A 83 0.09 -0.93 13.86
CA ASP A 83 1.10 -1.56 14.71
C ASP A 83 0.99 -1.05 16.15
N THR A 84 0.43 0.14 16.32
CA THR A 84 0.29 0.74 17.64
C THR A 84 -0.88 0.14 18.41
N MET A 85 -1.72 -0.63 17.72
CA MET A 85 -2.89 -1.26 18.35
C MET A 85 -2.45 -2.21 19.46
N VAL A 86 -3.26 -2.29 20.51
CA VAL A 86 -2.97 -3.16 21.64
C VAL A 86 -4.12 -4.12 21.94
N LEU A 87 -5.22 -3.98 21.20
CA LEU A 87 -6.38 -4.84 21.40
C LEU A 87 -6.99 -4.63 22.78
N PRO A 88 -8.32 -4.41 22.86
CA PRO A 88 -9.01 -4.18 24.12
C PRO A 88 -9.41 -5.47 24.83
N GLU A 89 -9.96 -6.41 24.06
CA GLU A 89 -10.40 -7.69 24.61
C GLU A 89 -9.71 -8.86 23.92
N GLN A 90 -10.25 -10.06 24.10
CA GLN A 90 -9.69 -11.26 23.50
C GLN A 90 -10.40 -11.61 22.19
N PHE A 91 -10.95 -10.59 21.53
CA PHE A 91 -11.66 -10.80 20.27
C PHE A 91 -10.78 -11.54 19.26
N LYS A 92 -11.14 -12.79 18.97
CA LYS A 92 -10.38 -13.60 18.02
C LYS A 92 -10.53 -13.07 16.60
N ASP A 93 -11.75 -12.64 16.25
CA ASP A 93 -12.01 -12.11 14.93
C ASP A 93 -11.30 -10.77 14.73
N SER A 94 -11.34 -9.93 15.75
CA SER A 94 -10.70 -8.62 15.69
C SER A 94 -9.19 -8.78 15.45
N ARG A 95 -8.57 -9.69 16.19
CA ARG A 95 -7.14 -9.93 16.06
C ARG A 95 -6.82 -10.51 14.69
N LEU A 96 -7.60 -11.49 14.27
CA LEU A 96 -7.42 -12.10 12.98
C LEU A 96 -7.53 -11.03 11.89
N LYS A 97 -8.43 -10.08 12.13
CA LYS A 97 -8.64 -8.98 11.19
C LYS A 97 -7.41 -8.08 11.11
N ARG A 98 -6.88 -7.70 12.26
CA ARG A 98 -5.71 -6.83 12.33
C ARG A 98 -4.47 -7.51 11.76
N LYS A 99 -4.26 -8.77 12.14
CA LYS A 99 -3.09 -9.51 11.67
C LYS A 99 -3.11 -9.64 10.15
N ASN A 100 -4.25 -10.02 9.61
CA ASN A 100 -4.39 -10.16 8.16
C ASN A 100 -4.16 -8.81 7.50
N LEU A 101 -4.64 -7.77 8.16
CA LEU A 101 -4.50 -6.41 7.67
C LEU A 101 -3.05 -5.97 7.70
N VAL A 102 -2.37 -6.24 8.81
CA VAL A 102 -0.97 -5.87 8.92
C VAL A 102 -0.18 -6.55 7.82
N LYS A 103 -0.35 -7.86 7.71
CA LYS A 103 0.33 -8.62 6.68
C LYS A 103 -0.10 -8.24 5.29
N LYS A 104 -1.35 -7.81 5.15
CA LYS A 104 -1.83 -7.38 3.85
C LYS A 104 -0.95 -6.22 3.43
N VAL A 105 -0.63 -5.42 4.43
CA VAL A 105 0.22 -4.25 4.24
C VAL A 105 1.63 -4.68 3.89
N GLN A 106 2.10 -5.73 4.56
CA GLN A 106 3.45 -6.25 4.32
C GLN A 106 3.65 -6.57 2.84
N VAL A 107 2.68 -7.25 2.25
CA VAL A 107 2.74 -7.62 0.85
C VAL A 107 2.59 -6.41 -0.07
N PHE A 108 1.59 -5.58 0.23
CA PHE A 108 1.32 -4.38 -0.56
C PHE A 108 2.47 -3.40 -0.53
N LEU A 109 3.11 -3.28 0.62
CA LEU A 109 4.24 -2.36 0.77
C LEU A 109 5.40 -2.83 -0.08
N ALA A 110 5.63 -4.12 0.01
CA ALA A 110 6.69 -4.78 -0.73
C ALA A 110 6.37 -4.84 -2.21
N GLU A 111 5.11 -5.10 -2.55
CA GLU A 111 4.70 -5.17 -3.94
C GLU A 111 4.97 -3.84 -4.62
N CYS A 112 4.79 -2.77 -3.87
CA CYS A 112 5.04 -1.44 -4.37
C CYS A 112 6.53 -1.25 -4.66
N ASP A 113 7.37 -1.80 -3.79
CA ASP A 113 8.83 -1.71 -3.97
C ASP A 113 9.27 -2.53 -5.17
N THR A 114 8.65 -3.68 -5.35
CA THR A 114 9.00 -4.54 -6.48
C THR A 114 8.70 -3.81 -7.78
N VAL A 115 7.53 -3.19 -7.84
CA VAL A 115 7.15 -2.43 -9.02
C VAL A 115 8.16 -1.31 -9.25
N GLU A 116 8.56 -0.66 -8.15
CA GLU A 116 9.54 0.42 -8.20
C GLU A 116 10.88 -0.13 -8.65
N GLN A 117 11.29 -1.24 -8.05
CA GLN A 117 12.56 -1.88 -8.37
C GLN A 117 12.56 -2.45 -9.80
N TYR A 118 11.41 -2.97 -10.22
CA TYR A 118 11.27 -3.55 -11.56
C TYR A 118 11.38 -2.48 -12.61
N ILE A 119 10.66 -1.39 -12.42
CA ILE A 119 10.70 -0.28 -13.35
C ILE A 119 12.09 0.33 -13.34
N CYS A 120 12.67 0.43 -12.15
CA CYS A 120 14.00 0.99 -12.00
C CYS A 120 15.07 0.09 -12.61
N GLN A 121 15.02 -1.20 -12.29
CA GLN A 121 15.98 -2.17 -12.79
C GLN A 121 15.89 -2.34 -14.31
N GLU A 122 14.67 -2.29 -14.83
CA GLU A 122 14.46 -2.42 -16.28
C GLU A 122 15.02 -1.21 -16.97
N THR A 123 14.72 -0.05 -16.43
CA THR A 123 15.21 1.20 -16.95
C THR A 123 16.72 1.20 -16.87
N GLU A 124 17.23 0.64 -15.77
CA GLU A 124 18.66 0.58 -15.55
C GLU A 124 19.35 -0.15 -16.71
N ARG A 125 18.73 -1.24 -17.15
CA ARG A 125 19.27 -2.02 -18.27
C ARG A 125 19.25 -1.18 -19.54
N LEU A 126 18.21 -0.37 -19.68
CA LEU A 126 18.04 0.49 -20.84
C LEU A 126 19.24 1.42 -21.00
N GLN A 127 19.76 1.92 -19.87
CA GLN A 127 20.90 2.81 -19.88
C GLN A 127 21.71 2.68 -18.59
N SER A 128 23.03 2.62 -18.73
CA SER A 128 23.91 2.49 -17.58
C SER A 128 25.11 3.43 -17.69
N THR A 129 25.73 3.45 -18.87
CA THR A 129 26.89 4.30 -19.11
C THR A 129 26.47 5.64 -19.72
N ASN A 130 25.18 5.92 -19.72
CA ASN A 130 24.66 7.18 -20.27
C ASN A 130 25.07 7.33 -21.74
N LEU A 131 24.09 7.19 -22.63
CA LEU A 131 24.35 7.32 -24.06
C LEU A 131 25.35 6.27 -24.53
N ALA A 132 25.65 6.28 -25.83
CA ALA A 132 26.59 5.34 -26.41
C ALA A 132 26.12 3.90 -26.20
N LEU A 133 25.44 3.36 -27.20
CA LEU A 133 24.94 1.99 -27.12
C LEU A 133 25.77 1.06 -28.00
N ALA A 134 25.97 1.45 -29.25
CA ALA A 134 26.75 0.64 -30.18
C ALA A 134 27.15 1.46 -31.40
N GLU A 135 26.20 2.22 -31.94
CA GLU A 135 26.45 3.04 -33.12
C GLU A 135 25.95 4.47 -32.90
N GLY A 1 -28.64 -6.76 32.65
CA GLY A 1 -29.50 -7.98 32.62
C GLY A 1 -30.88 -7.70 32.03
N SER A 2 -31.81 -7.31 32.89
CA SER A 2 -33.17 -7.01 32.45
C SER A 2 -33.20 -5.75 31.59
N PRO A 3 -32.81 -4.59 32.17
CA PRO A 3 -32.80 -3.33 31.43
C PRO A 3 -31.76 -3.30 30.32
N GLU A 4 -32.19 -2.92 29.12
CA GLU A 4 -31.29 -2.85 27.97
C GLU A 4 -31.95 -2.13 26.80
N PHE A 5 -31.32 -1.06 26.35
CA PHE A 5 -31.85 -0.27 25.24
C PHE A 5 -33.21 0.31 25.57
N MET A 6 -33.74 1.12 24.68
CA MET A 6 -35.05 1.74 24.89
C MET A 6 -36.10 1.12 23.98
N LEU A 7 -35.75 0.93 22.71
CA LEU A 7 -36.67 0.33 21.74
C LEU A 7 -36.01 0.19 20.38
N ILE A 8 -35.18 1.17 20.02
CA ILE A 8 -34.48 1.15 18.74
C ILE A 8 -33.09 0.53 18.88
N GLY A 9 -32.91 -0.63 18.25
CA GLY A 9 -31.63 -1.31 18.31
C GLY A 9 -31.76 -2.80 18.11
N GLU A 10 -31.58 -3.56 19.18
CA GLU A 10 -31.69 -5.01 19.11
C GLU A 10 -30.61 -5.59 18.19
N LYS A 11 -29.68 -6.35 18.78
CA LYS A 11 -28.61 -6.96 18.00
C LYS A 11 -27.76 -5.89 17.30
N SER A 12 -26.57 -5.64 17.84
CA SER A 12 -25.67 -4.65 17.26
C SER A 12 -24.38 -4.56 18.07
N ASN A 13 -23.26 -4.92 17.43
CA ASN A 13 -21.96 -4.88 18.10
C ASN A 13 -21.59 -3.44 18.47
N PRO A 14 -21.21 -3.20 19.74
CA PRO A 14 -20.86 -1.87 20.20
C PRO A 14 -19.36 -1.54 20.01
N GLU A 15 -18.54 -1.76 21.03
CA GLU A 15 -17.12 -1.48 20.95
C GLU A 15 -16.45 -2.38 19.93
N GLU A 16 -16.95 -3.60 19.81
CA GLU A 16 -16.41 -4.56 18.85
C GLU A 16 -16.49 -3.99 17.45
N GLU A 17 -17.63 -3.36 17.18
CA GLU A 17 -17.88 -2.75 15.88
C GLU A 17 -17.00 -1.53 15.69
N VAL A 18 -16.82 -0.76 16.77
CA VAL A 18 -16.01 0.44 16.72
C VAL A 18 -14.56 0.15 16.35
N GLU A 19 -13.97 -0.82 17.04
CA GLU A 19 -12.58 -1.19 16.76
C GLU A 19 -12.47 -1.80 15.36
N LEU A 20 -13.52 -2.50 14.97
CA LEU A 20 -13.57 -3.14 13.68
C LEU A 20 -13.75 -2.10 12.57
N LYS A 21 -14.53 -1.06 12.86
CA LYS A 21 -14.79 -0.01 11.88
C LYS A 21 -13.53 0.73 11.48
N LYS A 22 -12.67 0.97 12.44
CA LYS A 22 -11.41 1.67 12.20
C LYS A 22 -10.51 0.83 11.32
N LEU A 23 -10.41 -0.46 11.65
CA LEU A 23 -9.58 -1.36 10.85
C LEU A 23 -10.10 -1.41 9.43
N LYS A 24 -11.42 -1.41 9.28
CA LYS A 24 -12.06 -1.44 8.01
C LYS A 24 -11.63 -0.24 7.18
N ASP A 25 -11.71 0.92 7.80
CA ASP A 25 -11.34 2.19 7.17
C ASP A 25 -9.89 2.15 6.67
N LEU A 26 -9.02 1.47 7.43
CA LEU A 26 -7.62 1.38 7.07
C LEU A 26 -7.45 0.69 5.73
N GLU A 27 -8.20 -0.37 5.55
CA GLU A 27 -8.16 -1.14 4.31
C GLU A 27 -8.55 -0.29 3.12
N VAL A 28 -9.59 0.50 3.30
CA VAL A 28 -10.13 1.38 2.25
C VAL A 28 -9.15 2.50 1.91
N SER A 29 -8.63 3.14 2.95
CA SER A 29 -7.69 4.22 2.76
C SER A 29 -6.50 3.65 2.02
N ALA A 30 -6.18 2.42 2.39
CA ALA A 30 -5.10 1.69 1.76
C ALA A 30 -5.51 1.35 0.33
N GLU A 31 -6.77 0.97 0.20
CA GLU A 31 -7.36 0.61 -1.06
C GLU A 31 -7.27 1.78 -2.03
N LYS A 32 -7.45 2.99 -1.50
CA LYS A 32 -7.37 4.19 -2.33
C LYS A 32 -5.95 4.40 -2.84
N ILE A 33 -4.98 4.26 -1.94
CA ILE A 33 -3.57 4.40 -2.32
C ILE A 33 -3.23 3.32 -3.34
N ALA A 34 -3.67 2.11 -3.04
CA ALA A 34 -3.44 0.99 -3.94
C ALA A 34 -4.11 1.23 -5.29
N ASN A 35 -5.26 1.90 -5.26
CA ASN A 35 -5.98 2.21 -6.48
C ASN A 35 -5.17 3.16 -7.36
N HIS A 36 -4.47 4.10 -6.71
CA HIS A 36 -3.65 5.06 -7.42
C HIS A 36 -2.54 4.36 -8.18
N LEU A 37 -1.98 3.31 -7.58
CA LEU A 37 -0.92 2.54 -8.21
C LEU A 37 -1.39 1.95 -9.53
N GLN A 38 -2.54 1.29 -9.50
CA GLN A 38 -3.11 0.69 -10.70
C GLN A 38 -3.42 1.76 -11.74
N GLU A 39 -3.83 2.92 -11.26
CA GLU A 39 -4.15 4.04 -12.12
C GLU A 39 -2.88 4.58 -12.75
N LEU A 40 -1.89 4.83 -11.89
CA LEU A 40 -0.61 5.31 -12.34
C LEU A 40 0.00 4.29 -13.31
N ASN A 41 -0.25 3.02 -13.03
CA ASN A 41 0.25 1.94 -13.88
C ASN A 41 -0.25 2.10 -15.31
N LYS A 42 -1.53 2.41 -15.45
CA LYS A 42 -2.13 2.61 -16.77
C LYS A 42 -1.44 3.74 -17.49
N GLU A 43 -1.22 4.84 -16.77
CA GLU A 43 -0.55 6.01 -17.34
C GLU A 43 0.93 5.71 -17.60
N LEU A 44 1.52 4.92 -16.71
CA LEU A 44 2.93 4.54 -16.85
C LEU A 44 3.14 3.71 -18.11
N SER A 45 2.25 2.75 -18.32
CA SER A 45 2.32 1.89 -19.49
C SER A 45 1.96 2.67 -20.74
N GLY A 46 1.04 3.62 -20.59
CA GLY A 46 0.62 4.44 -21.72
C GLY A 46 1.74 5.36 -22.15
N ILE A 47 2.36 5.98 -21.16
CA ILE A 47 3.49 6.85 -21.40
C ILE A 47 4.66 6.01 -21.86
N GLN A 48 4.75 4.81 -21.29
CA GLN A 48 5.83 3.88 -21.64
C GLN A 48 5.91 3.69 -23.15
N GLN A 49 4.76 3.67 -23.81
CA GLN A 49 4.70 3.50 -25.26
C GLN A 49 5.07 4.79 -25.99
N GLY A 50 5.29 5.86 -25.23
CA GLY A 50 5.65 7.14 -25.82
C GLY A 50 6.73 7.03 -26.89
N PHE A 51 6.98 8.13 -27.59
CA PHE A 51 8.00 8.15 -28.64
C PHE A 51 9.40 8.36 -28.06
N LEU A 52 9.46 8.93 -26.86
CA LEU A 52 10.74 9.20 -26.20
C LEU A 52 11.62 7.95 -26.20
N ALA A 53 12.94 8.16 -26.21
CA ALA A 53 13.87 7.06 -26.21
C ALA A 53 14.14 6.57 -24.79
N LYS A 54 15.05 5.61 -24.65
CA LYS A 54 15.38 5.07 -23.34
C LYS A 54 15.86 6.16 -22.40
N GLU A 55 16.49 7.19 -22.96
CA GLU A 55 17.01 8.31 -22.17
C GLU A 55 15.89 9.02 -21.40
N LEU A 56 14.80 9.32 -22.10
CA LEU A 56 13.67 10.01 -21.47
C LEU A 56 12.79 9.02 -20.72
N GLN A 57 12.48 7.90 -21.36
CA GLN A 57 11.65 6.87 -20.73
C GLN A 57 12.26 6.44 -19.41
N ALA A 58 13.55 6.11 -19.43
CA ALA A 58 14.25 5.72 -18.22
C ALA A 58 14.27 6.88 -17.24
N GLU A 59 14.37 8.08 -17.79
CA GLU A 59 14.40 9.30 -17.00
C GLU A 59 13.07 9.49 -16.27
N ALA A 60 11.97 9.36 -17.01
CA ALA A 60 10.65 9.51 -16.44
C ALA A 60 10.33 8.37 -15.49
N LEU A 61 10.70 7.16 -15.88
CA LEU A 61 10.47 5.98 -15.05
C LEU A 61 11.15 6.13 -13.69
N CYS A 62 12.34 6.70 -13.69
CA CYS A 62 13.08 6.91 -12.45
C CYS A 62 12.25 7.80 -11.53
N LYS A 63 11.73 8.89 -12.08
CA LYS A 63 10.91 9.82 -11.32
C LYS A 63 9.56 9.16 -10.98
N LEU A 64 8.95 8.52 -11.97
CA LEU A 64 7.66 7.86 -11.77
C LEU A 64 7.78 6.77 -10.74
N ASP A 65 8.80 5.94 -10.88
CA ASP A 65 9.02 4.86 -9.93
C ASP A 65 9.31 5.45 -8.56
N ARG A 66 10.03 6.57 -8.53
CA ARG A 66 10.35 7.23 -7.28
C ARG A 66 9.06 7.67 -6.59
N LYS A 67 8.12 8.18 -7.37
CA LYS A 67 6.85 8.60 -6.81
C LYS A 67 6.16 7.40 -6.22
N VAL A 68 6.37 6.26 -6.85
CA VAL A 68 5.83 5.01 -6.35
C VAL A 68 6.39 4.80 -4.94
N LYS A 69 7.65 5.19 -4.77
CA LYS A 69 8.33 5.05 -3.49
C LYS A 69 7.55 5.78 -2.40
N ALA A 70 7.04 6.97 -2.73
CA ALA A 70 6.27 7.75 -1.80
C ALA A 70 5.04 6.98 -1.35
N THR A 71 4.44 6.27 -2.30
CA THR A 71 3.25 5.47 -2.03
C THR A 71 3.57 4.38 -1.01
N ILE A 72 4.77 3.83 -1.12
CA ILE A 72 5.22 2.79 -0.21
C ILE A 72 5.27 3.31 1.21
N GLU A 73 5.76 4.53 1.35
CA GLU A 73 5.86 5.19 2.64
C GLU A 73 4.50 5.24 3.33
N GLN A 74 3.47 5.57 2.57
CA GLN A 74 2.12 5.62 3.12
C GLN A 74 1.76 4.26 3.69
N PHE A 75 2.05 3.22 2.89
CA PHE A 75 1.79 1.86 3.30
C PHE A 75 2.62 1.51 4.54
N MET A 76 3.84 2.04 4.61
CA MET A 76 4.71 1.80 5.75
C MET A 76 4.19 2.50 6.99
N LYS A 77 3.59 3.66 6.80
CA LYS A 77 3.03 4.44 7.90
C LYS A 77 1.85 3.72 8.54
N ILE A 78 1.00 3.13 7.71
CA ILE A 78 -0.17 2.42 8.21
C ILE A 78 0.24 1.19 9.01
N LEU A 79 1.14 0.39 8.45
CA LEU A 79 1.63 -0.81 9.14
C LEU A 79 2.27 -0.46 10.47
N GLU A 80 3.06 0.61 10.46
CA GLU A 80 3.75 1.07 11.66
C GLU A 80 2.74 1.39 12.76
N GLU A 81 1.60 1.93 12.36
CA GLU A 81 0.54 2.29 13.31
C GLU A 81 -0.03 1.04 13.93
N ILE A 82 -0.31 0.05 13.08
CA ILE A 82 -0.81 -1.23 13.54
C ILE A 82 0.28 -1.91 14.35
N ASP A 83 1.52 -1.74 13.90
CA ASP A 83 2.67 -2.32 14.55
C ASP A 83 2.77 -1.88 16.00
N THR A 84 2.66 -0.58 16.23
CA THR A 84 2.75 -0.02 17.57
C THR A 84 1.39 -0.04 18.27
N MET A 85 0.32 -0.04 17.49
CA MET A 85 -1.03 -0.04 18.03
C MET A 85 -1.27 -1.29 18.88
N VAL A 86 -1.95 -1.12 19.99
CA VAL A 86 -2.25 -2.24 20.89
C VAL A 86 -3.71 -2.68 20.74
N LEU A 87 -3.94 -3.98 20.84
CA LEU A 87 -5.28 -4.53 20.73
C LEU A 87 -5.40 -5.84 21.50
N PRO A 88 -6.53 -6.04 22.22
CA PRO A 88 -6.76 -7.27 23.00
C PRO A 88 -6.96 -8.49 22.11
N GLU A 89 -6.94 -9.66 22.72
CA GLU A 89 -7.12 -10.92 21.99
C GLU A 89 -8.41 -11.61 22.40
N GLN A 90 -9.39 -11.62 21.49
CA GLN A 90 -10.67 -12.24 21.76
C GLN A 90 -11.57 -12.19 20.53
N PHE A 91 -11.82 -10.98 20.03
CA PHE A 91 -12.65 -10.80 18.85
C PHE A 91 -12.04 -11.48 17.64
N LYS A 92 -12.57 -12.65 17.30
CA LYS A 92 -12.06 -13.43 16.18
C LYS A 92 -12.13 -12.62 14.87
N ASP A 93 -13.21 -11.88 14.69
CA ASP A 93 -13.39 -11.07 13.48
C ASP A 93 -12.39 -9.92 13.46
N SER A 94 -12.26 -9.22 14.58
CA SER A 94 -11.35 -8.10 14.67
C SER A 94 -9.90 -8.54 14.48
N ARG A 95 -9.51 -9.63 15.14
CA ARG A 95 -8.15 -10.13 15.02
C ARG A 95 -7.88 -10.64 13.62
N LEU A 96 -8.82 -11.38 13.07
CA LEU A 96 -8.68 -11.89 11.72
C LEU A 96 -8.53 -10.71 10.77
N LYS A 97 -9.25 -9.63 11.09
CA LYS A 97 -9.20 -8.42 10.29
C LYS A 97 -7.82 -7.77 10.37
N ARG A 98 -7.30 -7.64 11.60
CA ARG A 98 -6.00 -7.03 11.82
C ARG A 98 -4.90 -7.82 11.12
N LYS A 99 -4.94 -9.14 11.25
CA LYS A 99 -3.93 -9.99 10.61
C LYS A 99 -3.96 -9.82 9.10
N ASN A 100 -5.16 -9.88 8.55
CA ASN A 100 -5.34 -9.71 7.12
C ASN A 100 -4.92 -8.30 6.71
N LEU A 101 -5.14 -7.36 7.63
CA LEU A 101 -4.78 -5.97 7.42
C LEU A 101 -3.29 -5.80 7.34
N VAL A 102 -2.56 -6.48 8.22
CA VAL A 102 -1.12 -6.38 8.20
C VAL A 102 -0.58 -6.94 6.90
N LYS A 103 -1.02 -8.14 6.57
CA LYS A 103 -0.60 -8.78 5.33
C LYS A 103 -1.06 -8.05 4.10
N LYS A 104 -2.22 -7.42 4.18
CA LYS A 104 -2.71 -6.66 3.06
C LYS A 104 -1.69 -5.59 2.77
N VAL A 105 -1.16 -5.06 3.87
CA VAL A 105 -0.14 -4.02 3.80
C VAL A 105 1.15 -4.58 3.22
N GLN A 106 1.49 -5.80 3.64
CA GLN A 106 2.70 -6.43 3.18
C GLN A 106 2.74 -6.55 1.65
N VAL A 107 1.64 -7.02 1.08
CA VAL A 107 1.55 -7.19 -0.37
C VAL A 107 1.47 -5.85 -1.12
N PHE A 108 0.57 -4.99 -0.68
CA PHE A 108 0.40 -3.68 -1.32
C PHE A 108 1.60 -2.78 -1.14
N LEU A 109 2.21 -2.85 0.04
CA LEU A 109 3.38 -2.03 0.33
C LEU A 109 4.58 -2.52 -0.46
N ALA A 110 4.74 -3.82 -0.43
CA ALA A 110 5.84 -4.50 -1.14
C ALA A 110 5.66 -4.44 -2.65
N GLU A 111 4.43 -4.58 -3.12
CA GLU A 111 4.15 -4.53 -4.55
C GLU A 111 4.61 -3.20 -5.11
N CYS A 112 4.32 -2.15 -4.37
CA CYS A 112 4.71 -0.81 -4.77
C CYS A 112 6.23 -0.70 -4.83
N ASP A 113 6.91 -1.34 -3.88
CA ASP A 113 8.36 -1.31 -3.82
C ASP A 113 8.99 -2.08 -4.97
N THR A 114 8.41 -3.23 -5.30
CA THR A 114 8.93 -4.05 -6.40
C THR A 114 8.81 -3.31 -7.72
N VAL A 115 7.63 -2.79 -8.01
CA VAL A 115 7.42 -2.05 -9.24
C VAL A 115 8.36 -0.85 -9.28
N GLU A 116 8.46 -0.17 -8.14
CA GLU A 116 9.35 0.98 -8.02
C GLU A 116 10.80 0.56 -8.17
N GLN A 117 11.17 -0.55 -7.51
CA GLN A 117 12.53 -1.06 -7.57
C GLN A 117 12.87 -1.60 -8.96
N TYR A 118 11.91 -2.24 -9.60
CA TYR A 118 12.10 -2.81 -10.93
C TYR A 118 12.30 -1.70 -11.95
N ILE A 119 11.43 -0.71 -11.89
CA ILE A 119 11.51 0.43 -12.78
C ILE A 119 12.75 1.24 -12.44
N CYS A 120 13.01 1.38 -11.15
CA CYS A 120 14.17 2.14 -10.68
C CYS A 120 15.48 1.41 -11.01
N GLN A 121 15.53 0.12 -10.70
CA GLN A 121 16.73 -0.69 -10.94
C GLN A 121 17.04 -0.82 -12.42
N GLU A 122 16.00 -0.92 -13.25
CA GLU A 122 16.19 -1.04 -14.68
C GLU A 122 16.78 0.24 -15.23
N THR A 123 16.23 1.37 -14.75
CA THR A 123 16.70 2.67 -15.15
C THR A 123 18.09 2.90 -14.53
N GLU A 124 18.24 2.42 -13.29
CA GLU A 124 19.49 2.56 -12.58
C GLU A 124 20.64 1.93 -13.36
N ARG A 125 20.40 0.74 -13.89
CA ARG A 125 21.41 0.04 -14.69
C ARG A 125 21.70 0.81 -15.96
N LEU A 126 20.64 1.40 -16.53
CA LEU A 126 20.77 2.18 -17.76
C LEU A 126 21.71 3.37 -17.55
N GLN A 127 21.72 3.91 -16.34
CA GLN A 127 22.56 5.05 -16.03
C GLN A 127 24.01 4.61 -15.82
N SER A 128 24.93 5.23 -16.55
CA SER A 128 26.34 4.90 -16.45
C SER A 128 27.21 6.15 -16.57
N THR A 129 28.52 5.97 -16.41
CA THR A 129 29.45 7.09 -16.50
C THR A 129 29.59 7.57 -17.94
N ASN A 130 28.83 8.61 -18.29
CA ASN A 130 28.87 9.18 -19.63
C ASN A 130 29.69 10.45 -19.66
N LEU A 131 29.49 11.32 -18.67
CA LEU A 131 30.22 12.58 -18.59
C LEU A 131 31.65 12.34 -18.11
N ALA A 132 32.57 12.23 -19.07
CA ALA A 132 33.97 12.00 -18.75
C ALA A 132 34.86 12.23 -19.98
N LEU A 133 34.51 11.58 -21.08
CA LEU A 133 35.27 11.71 -22.32
C LEU A 133 34.38 12.23 -23.45
N ALA A 134 34.94 13.09 -24.29
CA ALA A 134 34.20 13.67 -25.41
C ALA A 134 33.07 14.56 -24.92
N GLU A 135 31.98 13.92 -24.48
CA GLU A 135 30.82 14.65 -24.00
C GLU A 135 30.52 14.30 -22.54
N GLY A 1 -32.72 -6.07 16.74
CA GLY A 1 -33.17 -7.05 17.78
C GLY A 1 -33.09 -6.48 19.18
N SER A 2 -31.96 -6.69 19.83
CA SER A 2 -31.75 -6.19 21.19
C SER A 2 -30.33 -5.65 21.37
N PRO A 3 -30.14 -4.34 21.15
CA PRO A 3 -28.82 -3.72 21.30
C PRO A 3 -28.35 -3.69 22.75
N GLU A 4 -29.25 -3.33 23.65
CA GLU A 4 -28.92 -3.27 25.07
C GLU A 4 -28.83 -4.67 25.68
N PHE A 5 -28.25 -4.76 26.86
CA PHE A 5 -28.10 -6.04 27.55
C PHE A 5 -29.29 -6.32 28.46
N MET A 6 -29.79 -7.55 28.43
CA MET A 6 -30.93 -7.94 29.24
C MET A 6 -30.72 -9.32 29.85
N LEU A 7 -30.29 -10.27 29.02
CA LEU A 7 -30.04 -11.63 29.48
C LEU A 7 -29.19 -12.39 28.46
N ILE A 8 -29.53 -12.26 27.19
CA ILE A 8 -28.79 -12.93 26.14
C ILE A 8 -27.71 -12.03 25.55
N GLY A 9 -26.81 -12.61 24.76
CA GLY A 9 -25.74 -11.85 24.16
C GLY A 9 -26.16 -11.17 22.87
N GLU A 10 -26.37 -11.97 21.83
CA GLU A 10 -26.77 -11.45 20.53
C GLU A 10 -25.73 -10.49 19.97
N LYS A 11 -25.82 -10.20 18.68
CA LYS A 11 -24.88 -9.30 18.03
C LYS A 11 -25.61 -8.32 17.12
N SER A 12 -24.91 -7.27 16.71
CA SER A 12 -25.49 -6.25 15.83
C SER A 12 -24.42 -5.29 15.33
N ASN A 13 -23.97 -4.40 16.21
CA ASN A 13 -22.96 -3.42 15.85
C ASN A 13 -22.45 -2.69 17.09
N PRO A 14 -21.84 -3.41 18.04
CA PRO A 14 -21.31 -2.83 19.27
C PRO A 14 -19.93 -2.23 19.11
N GLU A 15 -19.26 -1.98 20.24
CA GLU A 15 -17.92 -1.42 20.20
C GLU A 15 -17.03 -2.35 19.39
N GLU A 16 -17.32 -3.63 19.48
CA GLU A 16 -16.61 -4.64 18.72
C GLU A 16 -16.70 -4.31 17.25
N GLU A 17 -17.92 -3.95 16.85
CA GLU A 17 -18.21 -3.59 15.47
C GLU A 17 -17.53 -2.27 15.11
N VAL A 18 -17.54 -1.34 16.06
CA VAL A 18 -16.93 -0.02 15.84
C VAL A 18 -15.44 -0.15 15.59
N GLU A 19 -14.75 -0.87 16.46
CA GLU A 19 -13.31 -1.06 16.32
C GLU A 19 -13.01 -1.81 15.02
N LEU A 20 -13.90 -2.72 14.68
CA LEU A 20 -13.77 -3.53 13.48
C LEU A 20 -14.02 -2.67 12.23
N LYS A 21 -14.96 -1.74 12.34
CA LYS A 21 -15.31 -0.87 11.22
C LYS A 21 -14.13 -0.02 10.77
N LYS A 22 -13.38 0.47 11.73
CA LYS A 22 -12.22 1.31 11.43
C LYS A 22 -11.17 0.49 10.72
N LEU A 23 -10.91 -0.70 11.25
CA LEU A 23 -9.93 -1.58 10.63
C LEU A 23 -10.33 -1.87 9.20
N LYS A 24 -11.62 -2.11 9.00
CA LYS A 24 -12.15 -2.37 7.70
C LYS A 24 -11.88 -1.21 6.76
N ASP A 25 -12.19 -0.02 7.25
CA ASP A 25 -11.98 1.21 6.50
C ASP A 25 -10.51 1.37 6.13
N LEU A 26 -9.62 0.95 7.02
CA LEU A 26 -8.19 1.05 6.78
C LEU A 26 -7.78 0.26 5.55
N GLU A 27 -8.40 -0.90 5.37
CA GLU A 27 -8.11 -1.74 4.22
C GLU A 27 -8.53 -1.06 2.93
N VAL A 28 -9.65 -0.37 3.00
CA VAL A 28 -10.20 0.37 1.86
C VAL A 28 -9.31 1.52 1.46
N SER A 29 -8.91 2.29 2.46
CA SER A 29 -8.02 3.41 2.24
C SER A 29 -6.77 2.87 1.62
N ALA A 30 -6.40 1.69 2.10
CA ALA A 30 -5.23 0.98 1.60
C ALA A 30 -5.49 0.53 0.17
N GLU A 31 -6.68 -0.01 -0.05
CA GLU A 31 -7.08 -0.47 -1.34
C GLU A 31 -7.11 0.68 -2.34
N LYS A 32 -7.52 1.86 -1.87
CA LYS A 32 -7.58 3.04 -2.73
C LYS A 32 -6.19 3.49 -3.13
N ILE A 33 -5.26 3.56 -2.17
CA ILE A 33 -3.90 3.95 -2.49
C ILE A 33 -3.28 2.93 -3.43
N ALA A 34 -3.56 1.65 -3.15
CA ALA A 34 -3.05 0.57 -3.97
C ALA A 34 -3.70 0.59 -5.35
N ASN A 35 -5.00 0.89 -5.40
CA ASN A 35 -5.71 0.94 -6.67
C ASN A 35 -5.27 2.15 -7.49
N HIS A 36 -5.15 3.29 -6.83
CA HIS A 36 -4.74 4.52 -7.50
C HIS A 36 -3.36 4.35 -8.14
N LEU A 37 -2.48 3.63 -7.45
CA LEU A 37 -1.13 3.39 -7.96
C LEU A 37 -1.17 2.65 -9.28
N GLN A 38 -1.92 1.54 -9.32
CA GLN A 38 -2.03 0.74 -10.54
C GLN A 38 -2.60 1.56 -11.68
N GLU A 39 -3.50 2.47 -11.33
CA GLU A 39 -4.13 3.35 -12.32
C GLU A 39 -3.11 4.36 -12.81
N LEU A 40 -2.42 4.98 -11.87
CA LEU A 40 -1.40 5.96 -12.18
C LEU A 40 -0.31 5.32 -13.02
N ASN A 41 -0.02 4.04 -12.74
CA ASN A 41 1.01 3.33 -13.48
C ASN A 41 0.61 3.12 -14.94
N LYS A 42 -0.64 2.69 -15.14
CA LYS A 42 -1.15 2.44 -16.49
C LYS A 42 -1.25 3.74 -17.29
N GLU A 43 -1.75 4.79 -16.65
CA GLU A 43 -1.92 6.08 -17.31
C GLU A 43 -0.57 6.70 -17.66
N LEU A 44 0.36 6.68 -16.72
CA LEU A 44 1.70 7.23 -16.94
C LEU A 44 2.46 6.38 -17.94
N SER A 45 2.39 5.08 -17.77
CA SER A 45 3.06 4.14 -18.65
C SER A 45 2.48 4.23 -20.05
N GLY A 46 1.18 4.48 -20.14
CA GLY A 46 0.53 4.58 -21.43
C GLY A 46 0.99 5.81 -22.17
N ILE A 47 1.03 6.92 -21.46
CA ILE A 47 1.51 8.17 -22.01
C ILE A 47 3.01 8.04 -22.25
N GLN A 48 3.66 7.33 -21.34
CA GLN A 48 5.11 7.12 -21.42
C GLN A 48 5.51 6.48 -22.74
N GLN A 49 4.59 5.73 -23.34
CA GLN A 49 4.85 5.06 -24.61
C GLN A 49 5.51 6.01 -25.63
N GLY A 50 5.23 7.31 -25.48
CA GLY A 50 5.80 8.29 -26.39
C GLY A 50 7.31 8.18 -26.50
N PHE A 51 7.91 9.08 -27.27
CA PHE A 51 9.35 9.08 -27.47
C PHE A 51 10.01 10.22 -26.70
N LEU A 52 11.08 9.89 -25.98
CA LEU A 52 11.81 10.88 -25.20
C LEU A 52 13.28 10.52 -25.06
N ALA A 53 13.77 9.69 -25.98
CA ALA A 53 15.17 9.26 -25.94
C ALA A 53 15.46 8.52 -24.63
N LYS A 54 16.64 7.94 -24.54
CA LYS A 54 17.04 7.19 -23.36
C LYS A 54 17.20 8.09 -22.13
N GLU A 55 17.59 9.35 -22.36
CA GLU A 55 17.80 10.29 -21.27
C GLU A 55 16.54 10.54 -20.44
N LEU A 56 15.42 10.83 -21.10
CA LEU A 56 14.18 11.10 -20.38
C LEU A 56 13.49 9.81 -19.98
N GLN A 57 13.53 8.81 -20.85
CA GLN A 57 12.91 7.52 -20.56
C GLN A 57 13.45 6.94 -19.27
N ALA A 58 14.77 6.90 -19.15
CA ALA A 58 15.41 6.40 -17.94
C ALA A 58 15.11 7.31 -16.76
N GLU A 59 15.05 8.61 -17.05
CA GLU A 59 14.76 9.60 -16.02
C GLU A 59 13.30 9.49 -15.56
N ALA A 60 12.41 9.18 -16.50
CA ALA A 60 10.99 9.06 -16.20
C ALA A 60 10.70 7.89 -15.27
N LEU A 61 11.28 6.72 -15.58
CA LEU A 61 11.06 5.54 -14.77
C LEU A 61 11.52 5.76 -13.34
N CYS A 62 12.71 6.33 -13.18
CA CYS A 62 13.24 6.61 -11.85
C CYS A 62 12.27 7.52 -11.08
N LYS A 63 11.78 8.55 -11.76
CA LYS A 63 10.84 9.48 -11.17
C LYS A 63 9.50 8.80 -10.93
N LEU A 64 9.03 8.06 -11.94
CA LEU A 64 7.78 7.32 -11.84
C LEU A 64 7.85 6.35 -10.70
N ASP A 65 8.95 5.63 -10.67
CA ASP A 65 9.21 4.65 -9.62
C ASP A 65 9.27 5.36 -8.27
N ARG A 66 9.86 6.55 -8.28
CA ARG A 66 9.98 7.34 -7.06
C ARG A 66 8.62 7.82 -6.59
N LYS A 67 7.76 8.16 -7.53
CA LYS A 67 6.43 8.61 -7.17
C LYS A 67 5.69 7.47 -6.49
N VAL A 68 6.00 6.28 -6.94
CA VAL A 68 5.43 5.09 -6.35
C VAL A 68 5.90 5.03 -4.91
N LYS A 69 7.15 5.45 -4.69
CA LYS A 69 7.74 5.43 -3.35
C LYS A 69 6.87 6.23 -2.40
N ALA A 70 6.28 7.30 -2.90
CA ALA A 70 5.40 8.11 -2.10
C ALA A 70 4.15 7.31 -1.74
N THR A 71 3.69 6.52 -2.70
CA THR A 71 2.51 5.68 -2.49
C THR A 71 2.80 4.61 -1.45
N ILE A 72 3.92 3.91 -1.62
CA ILE A 72 4.33 2.88 -0.67
C ILE A 72 4.48 3.50 0.72
N GLU A 73 5.06 4.70 0.75
CA GLU A 73 5.26 5.40 2.01
C GLU A 73 3.95 5.53 2.77
N GLN A 74 2.85 5.75 2.04
CA GLN A 74 1.54 5.85 2.69
C GLN A 74 1.22 4.49 3.29
N PHE A 75 1.59 3.44 2.57
CA PHE A 75 1.38 2.07 3.03
C PHE A 75 2.23 1.78 4.26
N MET A 76 3.44 2.34 4.28
CA MET A 76 4.36 2.15 5.40
C MET A 76 3.83 2.79 6.67
N LYS A 77 3.37 4.04 6.56
CA LYS A 77 2.85 4.77 7.72
C LYS A 77 1.63 4.07 8.30
N ILE A 78 0.75 3.59 7.42
CA ILE A 78 -0.46 2.90 7.86
C ILE A 78 -0.12 1.62 8.63
N LEU A 79 0.81 0.85 8.08
CA LEU A 79 1.24 -0.39 8.72
C LEU A 79 1.97 -0.11 10.03
N GLU A 80 2.76 0.95 10.03
CA GLU A 80 3.52 1.34 11.22
C GLU A 80 2.59 1.74 12.36
N GLU A 81 1.48 2.38 12.00
CA GLU A 81 0.50 2.83 12.99
C GLU A 81 -0.20 1.62 13.58
N ILE A 82 -0.61 0.72 12.70
CA ILE A 82 -1.25 -0.52 13.11
C ILE A 82 -0.25 -1.37 13.85
N ASP A 83 1.00 -1.33 13.38
CA ASP A 83 2.08 -2.09 13.98
C ASP A 83 2.22 -1.77 15.46
N THR A 84 2.09 -0.50 15.80
CA THR A 84 2.21 -0.06 17.18
C THR A 84 0.84 0.18 17.80
N MET A 85 -0.15 -0.60 17.36
CA MET A 85 -1.50 -0.48 17.87
C MET A 85 -1.75 -1.48 19.00
N VAL A 86 -2.15 -0.97 20.15
CA VAL A 86 -2.42 -1.81 21.31
C VAL A 86 -3.83 -2.38 21.27
N LEU A 87 -3.95 -3.67 21.55
CA LEU A 87 -5.25 -4.34 21.55
C LEU A 87 -5.34 -5.37 22.67
N PRO A 88 -6.52 -5.50 23.31
CA PRO A 88 -6.71 -6.46 24.40
C PRO A 88 -6.74 -7.90 23.91
N GLU A 89 -7.17 -8.81 24.77
CA GLU A 89 -7.25 -10.23 24.42
C GLU A 89 -8.68 -10.72 24.47
N GLN A 90 -9.40 -10.55 23.37
CA GLN A 90 -10.79 -10.99 23.28
C GLN A 90 -11.31 -10.88 21.85
N PHE A 91 -10.98 -9.78 21.19
CA PHE A 91 -11.41 -9.54 19.82
C PHE A 91 -10.71 -10.49 18.86
N LYS A 92 -11.26 -11.70 18.72
CA LYS A 92 -10.68 -12.70 17.83
C LYS A 92 -10.83 -12.28 16.37
N ASP A 93 -12.04 -11.91 15.97
CA ASP A 93 -12.30 -11.49 14.59
C ASP A 93 -11.62 -10.16 14.28
N SER A 94 -11.76 -9.20 15.20
CA SER A 94 -11.16 -7.89 15.01
C SER A 94 -9.64 -7.98 14.97
N ARG A 95 -9.07 -8.75 15.89
CA ARG A 95 -7.62 -8.91 15.94
C ARG A 95 -7.12 -9.65 14.71
N LEU A 96 -7.80 -10.73 14.35
CA LEU A 96 -7.44 -11.49 13.17
C LEU A 96 -7.51 -10.58 11.96
N LYS A 97 -8.48 -9.67 11.99
CA LYS A 97 -8.66 -8.71 10.90
C LYS A 97 -7.49 -7.75 10.81
N ARG A 98 -7.09 -7.18 11.95
CA ARG A 98 -5.99 -6.23 12.00
C ARG A 98 -4.70 -6.86 11.51
N LYS A 99 -4.41 -8.08 11.98
CA LYS A 99 -3.19 -8.77 11.59
C LYS A 99 -3.18 -9.06 10.09
N ASN A 100 -4.29 -9.59 9.60
CA ASN A 100 -4.41 -9.88 8.18
C ASN A 100 -4.27 -8.61 7.37
N LEU A 101 -4.83 -7.53 7.91
CA LEU A 101 -4.78 -6.22 7.28
C LEU A 101 -3.35 -5.77 7.13
N VAL A 102 -2.54 -6.13 8.11
CA VAL A 102 -1.13 -5.79 8.10
C VAL A 102 -0.43 -6.54 6.99
N LYS A 103 -0.66 -7.84 6.92
CA LYS A 103 -0.04 -8.65 5.91
C LYS A 103 -0.49 -8.28 4.52
N LYS A 104 -1.76 -7.95 4.38
CA LYS A 104 -2.24 -7.51 3.08
C LYS A 104 -1.46 -6.28 2.73
N VAL A 105 -1.22 -5.50 3.78
CA VAL A 105 -0.46 -4.26 3.65
C VAL A 105 0.99 -4.57 3.32
N GLN A 106 1.53 -5.60 3.95
CA GLN A 106 2.92 -5.99 3.72
C GLN A 106 3.15 -6.36 2.26
N VAL A 107 2.25 -7.17 1.72
CA VAL A 107 2.37 -7.61 0.33
C VAL A 107 2.11 -6.47 -0.66
N PHE A 108 1.03 -5.73 -0.43
CA PHE A 108 0.66 -4.63 -1.32
C PHE A 108 1.68 -3.50 -1.26
N LEU A 109 2.22 -3.26 -0.08
CA LEU A 109 3.21 -2.19 0.08
C LEU A 109 4.51 -2.58 -0.58
N ALA A 110 4.92 -3.80 -0.32
CA ALA A 110 6.15 -4.36 -0.88
C ALA A 110 6.00 -4.62 -2.38
N GLU A 111 4.82 -5.10 -2.77
CA GLU A 111 4.56 -5.39 -4.18
C GLU A 111 4.73 -4.13 -5.00
N CYS A 112 4.36 -3.02 -4.42
CA CYS A 112 4.48 -1.73 -5.08
C CYS A 112 5.96 -1.39 -5.29
N ASP A 113 6.78 -1.60 -4.25
CA ASP A 113 8.20 -1.32 -4.34
C ASP A 113 8.91 -2.26 -5.31
N THR A 114 8.52 -3.52 -5.32
CA THR A 114 9.14 -4.49 -6.22
C THR A 114 8.96 -4.05 -7.66
N VAL A 115 7.78 -3.52 -7.97
CA VAL A 115 7.50 -3.05 -9.32
C VAL A 115 8.46 -1.92 -9.67
N GLU A 116 8.61 -0.98 -8.74
CA GLU A 116 9.52 0.14 -8.93
C GLU A 116 10.94 -0.37 -9.00
N GLN A 117 11.29 -1.26 -8.06
CA GLN A 117 12.64 -1.82 -8.04
C GLN A 117 12.95 -2.52 -9.36
N TYR A 118 11.95 -3.20 -9.90
CA TYR A 118 12.10 -3.90 -11.17
C TYR A 118 12.29 -2.91 -12.29
N ILE A 119 11.44 -1.90 -12.31
CA ILE A 119 11.51 -0.84 -13.32
C ILE A 119 12.85 -0.14 -13.18
N CYS A 120 13.28 0.06 -11.94
CA CYS A 120 14.56 0.70 -11.68
C CYS A 120 15.71 -0.20 -12.10
N GLN A 121 15.63 -1.47 -11.72
CA GLN A 121 16.66 -2.46 -12.03
C GLN A 121 16.79 -2.69 -13.53
N GLU A 122 15.67 -2.69 -14.25
CA GLU A 122 15.69 -2.92 -15.68
C GLU A 122 16.36 -1.75 -16.38
N THR A 123 15.96 -0.55 -15.98
CA THR A 123 16.53 0.66 -16.53
C THR A 123 17.98 0.78 -16.09
N GLU A 124 18.23 0.39 -14.84
CA GLU A 124 19.58 0.44 -14.30
C GLU A 124 20.52 -0.41 -15.12
N ARG A 125 20.07 -1.60 -15.49
CA ARG A 125 20.87 -2.51 -16.30
C ARG A 125 21.07 -1.96 -17.71
N LEU A 126 19.98 -1.49 -18.31
CA LEU A 126 20.02 -0.93 -19.65
C LEU A 126 20.86 0.35 -19.69
N GLN A 127 20.89 1.07 -18.58
CA GLN A 127 21.66 2.31 -18.51
C GLN A 127 21.57 2.95 -17.13
N SER A 128 22.19 4.12 -16.98
CA SER A 128 22.17 4.83 -15.71
C SER A 128 22.16 6.34 -15.94
N THR A 129 22.22 7.10 -14.86
CA THR A 129 22.23 8.56 -14.94
C THR A 129 23.65 9.12 -14.93
N ASN A 130 23.85 10.22 -15.63
CA ASN A 130 25.17 10.85 -15.70
C ASN A 130 25.25 12.03 -14.74
N LEU A 131 26.48 12.45 -14.43
CA LEU A 131 26.70 13.57 -13.52
C LEU A 131 26.09 13.27 -12.15
N ALA A 132 26.07 12.00 -11.77
CA ALA A 132 25.52 11.59 -10.49
C ALA A 132 26.60 10.98 -9.60
N LEU A 133 26.23 10.64 -8.38
CA LEU A 133 27.17 10.05 -7.44
C LEU A 133 27.59 8.65 -7.88
N ALA A 134 28.89 8.43 -7.98
CA ALA A 134 29.41 7.14 -8.39
C ALA A 134 29.50 6.17 -7.21
N GLU A 135 29.67 4.89 -7.52
CA GLU A 135 29.76 3.86 -6.49
C GLU A 135 30.79 2.79 -6.87
N GLY A 1 -35.31 -19.33 33.48
CA GLY A 1 -35.40 -18.65 34.80
C GLY A 1 -36.39 -17.50 34.80
N SER A 2 -37.03 -17.27 35.93
CA SER A 2 -38.01 -16.19 36.05
C SER A 2 -37.32 -14.84 36.09
N PRO A 3 -38.08 -13.75 35.85
CA PRO A 3 -37.53 -12.38 35.85
C PRO A 3 -37.08 -11.95 37.24
N GLU A 4 -35.78 -12.01 37.48
CA GLU A 4 -35.23 -11.63 38.78
C GLU A 4 -33.73 -11.32 38.66
N PHE A 5 -33.01 -12.19 37.97
CA PHE A 5 -31.58 -12.02 37.77
C PHE A 5 -31.25 -11.82 36.30
N MET A 6 -31.76 -12.69 35.44
CA MET A 6 -31.52 -12.60 34.02
C MET A 6 -32.43 -11.57 33.37
N LEU A 7 -31.86 -10.73 32.51
CA LEU A 7 -32.63 -9.70 31.82
C LEU A 7 -32.06 -9.44 30.43
N ILE A 8 -32.77 -8.64 29.64
CA ILE A 8 -32.35 -8.31 28.30
C ILE A 8 -31.92 -6.85 28.19
N GLY A 9 -31.01 -6.56 27.28
CA GLY A 9 -30.53 -5.21 27.10
C GLY A 9 -29.79 -5.02 25.78
N GLU A 10 -28.88 -5.94 25.49
CA GLU A 10 -28.10 -5.87 24.26
C GLU A 10 -28.65 -6.82 23.21
N LYS A 11 -28.15 -6.71 21.98
CA LYS A 11 -28.60 -7.56 20.89
C LYS A 11 -27.54 -7.65 19.79
N SER A 12 -27.12 -6.48 19.29
CA SER A 12 -26.12 -6.43 18.23
C SER A 12 -24.74 -6.12 18.81
N ASN A 13 -23.75 -6.02 17.94
CA ASN A 13 -22.38 -5.73 18.36
C ASN A 13 -22.06 -4.26 18.18
N PRO A 14 -21.95 -3.49 19.28
CA PRO A 14 -21.65 -2.07 19.22
C PRO A 14 -20.15 -1.79 19.16
N GLU A 15 -19.47 -1.89 20.31
CA GLU A 15 -18.03 -1.65 20.38
C GLU A 15 -17.27 -2.59 19.46
N GLU A 16 -17.79 -3.79 19.29
CA GLU A 16 -17.16 -4.78 18.43
C GLU A 16 -17.06 -4.23 17.01
N GLU A 17 -18.15 -3.58 16.60
CA GLU A 17 -18.23 -2.97 15.29
C GLU A 17 -17.30 -1.77 15.19
N VAL A 18 -17.23 -1.00 16.28
CA VAL A 18 -16.41 0.21 16.30
C VAL A 18 -14.93 -0.09 16.06
N GLU A 19 -14.39 -1.06 16.76
CA GLU A 19 -12.98 -1.43 16.59
C GLU A 19 -12.78 -2.06 15.22
N LEU A 20 -13.80 -2.78 14.77
CA LEU A 20 -13.76 -3.46 13.51
C LEU A 20 -13.88 -2.46 12.34
N LYS A 21 -14.69 -1.42 12.52
CA LYS A 21 -14.89 -0.42 11.47
C LYS A 21 -13.63 0.36 11.18
N LYS A 22 -12.86 0.64 12.21
CA LYS A 22 -11.63 1.38 12.05
C LYS A 22 -10.65 0.55 11.25
N LEU A 23 -10.54 -0.72 11.61
CA LEU A 23 -9.65 -1.62 10.90
C LEU A 23 -10.10 -1.74 9.45
N LYS A 24 -11.41 -1.86 9.25
CA LYS A 24 -11.98 -1.95 7.94
C LYS A 24 -11.62 -0.72 7.12
N ASP A 25 -11.81 0.43 7.73
CA ASP A 25 -11.50 1.71 7.09
C ASP A 25 -10.04 1.76 6.67
N LEU A 26 -9.17 1.15 7.47
CA LEU A 26 -7.75 1.14 7.18
C LEU A 26 -7.48 0.43 5.86
N GLU A 27 -8.18 -0.67 5.62
CA GLU A 27 -8.03 -1.44 4.38
C GLU A 27 -8.40 -0.59 3.18
N VAL A 28 -9.44 0.22 3.36
CA VAL A 28 -9.93 1.10 2.30
C VAL A 28 -8.90 2.15 1.94
N SER A 29 -8.33 2.77 2.97
CA SER A 29 -7.32 3.78 2.76
C SER A 29 -6.18 3.12 2.03
N ALA A 30 -5.96 1.87 2.41
CA ALA A 30 -4.93 1.04 1.78
C ALA A 30 -5.35 0.73 0.36
N GLU A 31 -6.62 0.38 0.21
CA GLU A 31 -7.20 0.07 -1.07
C GLU A 31 -7.07 1.27 -2.00
N LYS A 32 -7.22 2.47 -1.43
CA LYS A 32 -7.10 3.70 -2.20
C LYS A 32 -5.67 3.88 -2.69
N ILE A 33 -4.71 3.68 -1.79
CA ILE A 33 -3.30 3.80 -2.17
C ILE A 33 -2.98 2.78 -3.24
N ALA A 34 -3.45 1.55 -3.02
CA ALA A 34 -3.25 0.48 -3.98
C ALA A 34 -3.93 0.80 -5.30
N ASN A 35 -5.07 1.49 -5.23
CA ASN A 35 -5.81 1.87 -6.43
C ASN A 35 -5.02 2.90 -7.22
N HIS A 36 -4.33 3.79 -6.51
CA HIS A 36 -3.53 4.83 -7.15
C HIS A 36 -2.42 4.19 -8.00
N LEU A 37 -1.85 3.10 -7.49
CA LEU A 37 -0.80 2.40 -8.21
C LEU A 37 -1.30 1.89 -9.55
N GLN A 38 -2.45 1.21 -9.52
CA GLN A 38 -3.05 0.68 -10.74
C GLN A 38 -3.43 1.81 -11.68
N GLU A 39 -3.86 2.93 -11.10
CA GLU A 39 -4.25 4.10 -11.86
C GLU A 39 -3.02 4.73 -12.50
N LEU A 40 -2.01 4.94 -11.68
CA LEU A 40 -0.76 5.50 -12.16
C LEU A 40 -0.17 4.58 -13.22
N ASN A 41 -0.37 3.28 -13.02
CA ASN A 41 0.12 2.28 -13.96
C ASN A 41 -0.51 2.49 -15.34
N LYS A 42 -1.78 2.87 -15.35
CA LYS A 42 -2.48 3.13 -16.60
C LYS A 42 -1.79 4.26 -17.36
N GLU A 43 -1.46 5.32 -16.64
CA GLU A 43 -0.77 6.46 -17.23
C GLU A 43 0.66 6.06 -17.61
N LEU A 44 1.25 5.20 -16.78
CA LEU A 44 2.60 4.72 -17.01
C LEU A 44 2.67 3.95 -18.32
N SER A 45 1.68 3.08 -18.51
CA SER A 45 1.60 2.27 -19.72
C SER A 45 1.24 3.16 -20.91
N GLY A 46 0.43 4.17 -20.66
CA GLY A 46 0.01 5.08 -21.71
C GLY A 46 1.18 5.92 -22.18
N ILE A 47 1.93 6.42 -21.22
CA ILE A 47 3.12 7.19 -21.50
C ILE A 47 4.16 6.27 -22.11
N GLN A 48 4.17 5.03 -21.60
CA GLN A 48 5.11 4.02 -22.07
C GLN A 48 5.05 3.89 -23.59
N GLN A 49 3.85 4.04 -24.15
CA GLN A 49 3.66 3.94 -25.59
C GLN A 49 4.53 4.95 -26.33
N GLY A 50 4.84 6.06 -25.67
CA GLY A 50 5.67 7.08 -26.28
C GLY A 50 7.03 6.54 -26.70
N PHE A 51 7.91 7.44 -27.15
CA PHE A 51 9.24 7.04 -27.57
C PHE A 51 10.24 8.17 -27.36
N LEU A 52 10.76 8.29 -26.14
CA LEU A 52 11.73 9.32 -25.82
C LEU A 52 13.14 8.75 -25.83
N ALA A 53 14.13 9.62 -25.60
CA ALA A 53 15.52 9.20 -25.57
C ALA A 53 15.88 8.60 -24.22
N LYS A 54 17.10 8.07 -24.12
CA LYS A 54 17.56 7.47 -22.87
C LYS A 54 17.49 8.48 -21.73
N GLU A 55 17.67 9.75 -22.06
CA GLU A 55 17.62 10.82 -21.07
C GLU A 55 16.23 10.97 -20.45
N LEU A 56 15.20 10.97 -21.30
CA LEU A 56 13.83 11.13 -20.82
C LEU A 56 13.31 9.83 -20.20
N GLN A 57 13.56 8.71 -20.85
CA GLN A 57 13.10 7.42 -20.35
C GLN A 57 13.61 7.18 -18.94
N ALA A 58 14.91 7.36 -18.75
CA ALA A 58 15.52 7.18 -17.44
C ALA A 58 14.96 8.20 -16.47
N GLU A 59 14.68 9.39 -16.98
CA GLU A 59 14.12 10.47 -16.17
C GLU A 59 12.69 10.16 -15.76
N ALA A 60 11.89 9.68 -16.70
CA ALA A 60 10.49 9.36 -16.44
C ALA A 60 10.35 8.16 -15.52
N LEU A 61 11.09 7.09 -15.82
CA LEU A 61 11.04 5.87 -15.03
C LEU A 61 11.51 6.11 -13.61
N CYS A 62 12.65 6.78 -13.46
CA CYS A 62 13.21 7.06 -12.15
C CYS A 62 12.22 7.91 -11.34
N LYS A 63 11.68 8.94 -11.97
CA LYS A 63 10.70 9.80 -11.31
C LYS A 63 9.47 8.99 -10.96
N LEU A 64 9.13 8.04 -11.84
CA LEU A 64 7.99 7.18 -11.63
C LEU A 64 8.24 6.34 -10.38
N ASP A 65 9.44 5.78 -10.32
CA ASP A 65 9.84 4.96 -9.18
C ASP A 65 9.79 5.78 -7.90
N ARG A 66 10.32 7.00 -7.97
CA ARG A 66 10.34 7.88 -6.82
C ARG A 66 8.92 8.16 -6.35
N LYS A 67 8.00 8.29 -7.29
CA LYS A 67 6.62 8.53 -6.94
C LYS A 67 6.05 7.31 -6.26
N VAL A 68 6.53 6.16 -6.69
CA VAL A 68 6.15 4.91 -6.10
C VAL A 68 6.56 4.93 -4.64
N LYS A 69 7.73 5.54 -4.40
CA LYS A 69 8.27 5.64 -3.06
C LYS A 69 7.28 6.31 -2.14
N ALA A 70 6.66 7.38 -2.64
CA ALA A 70 5.66 8.11 -1.87
C ALA A 70 4.51 7.19 -1.53
N THR A 71 4.17 6.30 -2.46
CA THR A 71 3.10 5.35 -2.25
C THR A 71 3.50 4.35 -1.16
N ILE A 72 4.72 3.83 -1.29
CA ILE A 72 5.25 2.88 -0.32
C ILE A 72 5.26 3.52 1.07
N GLU A 73 5.65 4.80 1.11
CA GLU A 73 5.70 5.54 2.35
C GLU A 73 4.35 5.53 3.05
N GLN A 74 3.28 5.74 2.27
CA GLN A 74 1.93 5.72 2.82
C GLN A 74 1.65 4.35 3.39
N PHE A 75 1.94 3.33 2.59
CA PHE A 75 1.74 1.95 3.00
C PHE A 75 2.56 1.66 4.26
N MET A 76 3.75 2.25 4.33
CA MET A 76 4.61 2.08 5.50
C MET A 76 3.98 2.73 6.73
N LYS A 77 3.33 3.88 6.50
CA LYS A 77 2.67 4.60 7.58
C LYS A 77 1.51 3.79 8.16
N ILE A 78 0.78 3.12 7.27
CA ILE A 78 -0.35 2.30 7.69
C ILE A 78 0.10 1.21 8.66
N LEU A 79 1.17 0.50 8.29
CA LEU A 79 1.71 -0.56 9.13
C LEU A 79 2.29 0.03 10.41
N GLU A 80 3.02 1.13 10.27
CA GLU A 80 3.64 1.81 11.41
C GLU A 80 2.58 2.22 12.43
N GLU A 81 1.42 2.63 11.93
CA GLU A 81 0.32 3.05 12.79
C GLU A 81 -0.22 1.87 13.55
N ILE A 82 -0.43 0.78 12.82
CA ILE A 82 -0.91 -0.45 13.40
C ILE A 82 0.15 -0.99 14.34
N ASP A 83 1.41 -0.80 13.94
CA ASP A 83 2.54 -1.26 14.74
C ASP A 83 2.52 -0.59 16.11
N THR A 84 2.14 0.68 16.15
CA THR A 84 2.10 1.43 17.40
C THR A 84 0.91 0.99 18.25
N MET A 85 -0.27 0.91 17.62
CA MET A 85 -1.47 0.50 18.33
C MET A 85 -1.48 -1.01 18.57
N VAL A 86 -2.32 -1.45 19.50
CA VAL A 86 -2.43 -2.87 19.82
C VAL A 86 -3.85 -3.23 20.23
N LEU A 87 -4.19 -4.52 20.11
CA LEU A 87 -5.51 -4.99 20.48
C LEU A 87 -5.42 -6.18 21.44
N PRO A 88 -6.30 -6.24 22.44
CA PRO A 88 -6.31 -7.33 23.43
C PRO A 88 -6.87 -8.62 22.85
N GLU A 89 -6.80 -9.69 23.62
CA GLU A 89 -7.30 -11.00 23.18
C GLU A 89 -8.74 -11.19 23.61
N GLN A 90 -9.68 -10.75 22.77
CA GLN A 90 -11.09 -10.87 23.07
C GLN A 90 -11.91 -10.97 21.78
N PHE A 91 -11.61 -10.08 20.83
CA PHE A 91 -12.32 -10.05 19.56
C PHE A 91 -11.61 -10.93 18.53
N LYS A 92 -12.21 -12.07 18.22
CA LYS A 92 -11.64 -13.01 17.26
C LYS A 92 -11.68 -12.45 15.84
N ASP A 93 -12.83 -11.90 15.45
CA ASP A 93 -12.99 -11.33 14.11
C ASP A 93 -12.08 -10.13 13.91
N SER A 94 -12.04 -9.23 14.89
CA SER A 94 -11.22 -8.04 14.82
C SER A 94 -9.74 -8.42 14.68
N ARG A 95 -9.30 -9.39 15.48
CA ARG A 95 -7.91 -9.82 15.46
C ARG A 95 -7.57 -10.48 14.13
N LEU A 96 -8.43 -11.38 13.69
CA LEU A 96 -8.21 -12.04 12.41
C LEU A 96 -8.16 -11.00 11.31
N LYS A 97 -8.97 -9.96 11.48
CA LYS A 97 -9.02 -8.87 10.52
C LYS A 97 -7.70 -8.10 10.51
N ARG A 98 -7.22 -7.75 11.70
CA ARG A 98 -5.99 -7.00 11.84
C ARG A 98 -4.78 -7.77 11.32
N LYS A 99 -4.69 -9.05 11.66
CA LYS A 99 -3.57 -9.87 11.21
C LYS A 99 -3.52 -9.92 9.69
N ASN A 100 -4.66 -10.20 9.08
CA ASN A 100 -4.75 -10.25 7.64
C ASN A 100 -4.49 -8.86 7.07
N LEU A 101 -4.91 -7.85 7.82
CA LEU A 101 -4.73 -6.47 7.44
C LEU A 101 -3.26 -6.09 7.43
N VAL A 102 -2.54 -6.51 8.46
CA VAL A 102 -1.13 -6.21 8.53
C VAL A 102 -0.45 -6.75 7.28
N LYS A 103 -0.73 -8.00 6.97
CA LYS A 103 -0.17 -8.64 5.80
C LYS A 103 -0.67 -7.99 4.53
N LYS A 104 -1.88 -7.46 4.55
CA LYS A 104 -2.39 -6.78 3.38
C LYS A 104 -1.46 -5.64 3.10
N VAL A 105 -0.99 -5.04 4.19
CA VAL A 105 -0.05 -3.93 4.12
C VAL A 105 1.29 -4.39 3.60
N GLN A 106 1.71 -5.57 4.05
CA GLN A 106 2.99 -6.13 3.65
C GLN A 106 3.06 -6.36 2.13
N VAL A 107 2.02 -6.97 1.58
CA VAL A 107 1.97 -7.26 0.16
C VAL A 107 1.80 -6.01 -0.70
N PHE A 108 0.83 -5.18 -0.33
CA PHE A 108 0.53 -3.96 -1.08
C PHE A 108 1.67 -2.95 -0.99
N LEU A 109 2.31 -2.90 0.16
CA LEU A 109 3.42 -1.96 0.35
C LEU A 109 4.61 -2.42 -0.46
N ALA A 110 4.87 -3.72 -0.35
CA ALA A 110 5.98 -4.35 -1.06
C ALA A 110 5.71 -4.42 -2.55
N GLU A 111 4.45 -4.63 -2.95
CA GLU A 111 4.11 -4.70 -4.36
C GLU A 111 4.48 -3.40 -5.04
N CYS A 112 4.22 -2.31 -4.33
CA CYS A 112 4.55 -0.98 -4.84
C CYS A 112 6.06 -0.85 -5.05
N ASP A 113 6.83 -1.36 -4.09
CA ASP A 113 8.29 -1.30 -4.19
C ASP A 113 8.81 -2.21 -5.30
N THR A 114 8.19 -3.37 -5.45
CA THR A 114 8.61 -4.30 -6.49
C THR A 114 8.42 -3.69 -7.87
N VAL A 115 7.25 -3.11 -8.10
CA VAL A 115 6.97 -2.48 -9.37
C VAL A 115 7.99 -1.38 -9.63
N GLU A 116 8.26 -0.60 -8.58
CA GLU A 116 9.23 0.48 -8.66
C GLU A 116 10.63 -0.10 -8.90
N GLN A 117 10.96 -1.13 -8.12
CA GLN A 117 12.26 -1.78 -8.24
C GLN A 117 12.48 -2.33 -9.65
N TYR A 118 11.40 -2.84 -10.24
CA TYR A 118 11.45 -3.41 -11.58
C TYR A 118 11.73 -2.33 -12.60
N ILE A 119 10.98 -1.24 -12.49
CA ILE A 119 11.14 -0.11 -13.39
C ILE A 119 12.48 0.55 -13.13
N CYS A 120 12.84 0.65 -11.86
CA CYS A 120 14.11 1.26 -11.48
C CYS A 120 15.30 0.39 -11.91
N GLN A 121 15.22 -0.90 -11.60
CA GLN A 121 16.29 -1.84 -11.92
C GLN A 121 16.46 -2.03 -13.42
N GLU A 122 15.36 -2.01 -14.17
CA GLU A 122 15.42 -2.17 -15.62
C GLU A 122 16.14 -0.98 -16.23
N THR A 123 15.81 0.19 -15.71
CA THR A 123 16.45 1.43 -16.15
C THR A 123 17.90 1.39 -15.72
N GLU A 124 18.15 0.85 -14.53
CA GLU A 124 19.48 0.77 -13.98
C GLU A 124 20.41 0.02 -14.93
N ARG A 125 19.94 -1.10 -15.46
CA ARG A 125 20.73 -1.88 -16.40
C ARG A 125 20.88 -1.14 -17.73
N LEU A 126 19.82 -0.44 -18.10
CA LEU A 126 19.76 0.34 -19.33
C LEU A 126 20.63 1.60 -19.34
N GLN A 127 20.75 2.26 -18.18
CA GLN A 127 21.51 3.52 -18.04
C GLN A 127 22.49 3.78 -19.19
N SER A 128 23.29 2.78 -19.57
CA SER A 128 24.24 2.93 -20.66
C SER A 128 24.47 1.61 -21.39
N THR A 129 25.26 0.73 -20.79
CA THR A 129 25.55 -0.57 -21.39
C THR A 129 25.70 -1.64 -20.32
N ASN A 130 26.01 -2.85 -20.74
CA ASN A 130 26.18 -3.97 -19.82
C ASN A 130 27.59 -3.99 -19.24
N LEU A 131 27.68 -3.89 -17.92
CA LEU A 131 28.97 -3.89 -17.24
C LEU A 131 29.54 -5.29 -17.17
N ALA A 132 28.71 -6.24 -16.74
CA ALA A 132 29.14 -7.64 -16.63
C ALA A 132 30.25 -7.79 -15.60
N LEU A 133 30.03 -8.68 -14.64
CA LEU A 133 31.01 -8.92 -13.58
C LEU A 133 31.15 -7.70 -12.67
N ALA A 134 31.75 -6.64 -13.20
CA ALA A 134 31.95 -5.42 -12.43
C ALA A 134 32.75 -5.69 -11.16
N GLU A 135 34.02 -5.30 -11.18
CA GLU A 135 34.90 -5.51 -10.04
C GLU A 135 35.29 -4.17 -9.41
N GLY A 1 -5.78 8.20 39.02
CA GLY A 1 -5.84 6.90 38.30
C GLY A 1 -4.63 6.68 37.41
N SER A 2 -3.48 6.43 38.02
CA SER A 2 -2.25 6.19 37.28
C SER A 2 -2.31 4.86 36.53
N PRO A 3 -2.45 3.74 37.26
CA PRO A 3 -2.52 2.41 36.66
C PRO A 3 -3.82 2.17 35.91
N GLU A 4 -3.76 2.29 34.58
CA GLU A 4 -4.94 2.09 33.74
C GLU A 4 -5.07 0.62 33.35
N PHE A 5 -6.03 -0.07 33.96
CA PHE A 5 -6.26 -1.48 33.67
C PHE A 5 -7.74 -1.84 33.85
N MET A 6 -8.18 -1.87 35.10
CA MET A 6 -9.58 -2.20 35.40
C MET A 6 -10.54 -1.29 34.64
N LEU A 7 -10.50 0.01 34.93
CA LEU A 7 -11.37 0.98 34.27
C LEU A 7 -12.83 0.59 34.45
N ILE A 8 -13.72 1.42 33.89
CA ILE A 8 -15.16 1.16 33.98
C ILE A 8 -15.60 0.10 32.97
N GLY A 9 -16.62 -0.67 33.34
CA GLY A 9 -17.12 -1.70 32.45
C GLY A 9 -17.67 -1.14 31.16
N GLU A 10 -18.54 -1.90 30.50
CA GLU A 10 -19.15 -1.48 29.24
C GLU A 10 -20.14 -2.52 28.74
N LYS A 11 -19.83 -3.79 28.94
CA LYS A 11 -20.69 -4.89 28.51
C LYS A 11 -20.74 -4.97 26.98
N SER A 12 -21.02 -6.16 26.48
CA SER A 12 -21.09 -6.38 25.03
C SER A 12 -19.75 -6.09 24.37
N ASN A 13 -19.76 -5.85 23.06
CA ASN A 13 -18.53 -5.57 22.33
C ASN A 13 -18.51 -4.12 21.85
N PRO A 14 -17.88 -3.21 22.61
CA PRO A 14 -17.78 -1.80 22.27
C PRO A 14 -16.53 -1.49 21.46
N GLU A 15 -15.38 -1.50 22.13
CA GLU A 15 -14.11 -1.21 21.48
C GLU A 15 -13.86 -2.16 20.32
N GLU A 16 -14.33 -3.39 20.45
CA GLU A 16 -14.16 -4.37 19.39
C GLU A 16 -14.76 -3.84 18.11
N GLU A 17 -15.95 -3.28 18.24
CA GLU A 17 -16.66 -2.70 17.11
C GLU A 17 -15.97 -1.44 16.63
N VAL A 18 -15.47 -0.65 17.57
CA VAL A 18 -14.80 0.60 17.24
C VAL A 18 -13.49 0.35 16.51
N GLU A 19 -12.67 -0.54 17.06
CA GLU A 19 -11.39 -0.88 16.45
C GLU A 19 -11.59 -1.55 15.10
N LEU A 20 -12.70 -2.28 14.97
CA LEU A 20 -13.03 -2.99 13.76
C LEU A 20 -13.46 -2.01 12.65
N LYS A 21 -14.16 -0.95 13.04
CA LYS A 21 -14.66 0.03 12.08
C LYS A 21 -13.53 0.83 11.44
N LYS A 22 -12.54 1.16 12.24
CA LYS A 22 -11.40 1.94 11.75
C LYS A 22 -10.60 1.13 10.74
N LEU A 23 -10.35 -0.13 11.07
CA LEU A 23 -9.61 -1.00 10.18
C LEU A 23 -10.33 -1.11 8.85
N LYS A 24 -11.65 -1.16 8.91
CA LYS A 24 -12.47 -1.25 7.74
C LYS A 24 -12.25 -0.04 6.83
N ASP A 25 -12.29 1.13 7.42
CA ASP A 25 -12.07 2.38 6.71
C ASP A 25 -10.64 2.44 6.19
N LEU A 26 -9.72 1.90 6.97
CA LEU A 26 -8.31 1.89 6.61
C LEU A 26 -8.09 1.09 5.33
N GLU A 27 -8.78 -0.03 5.22
CA GLU A 27 -8.68 -0.88 4.04
C GLU A 27 -9.14 -0.13 2.80
N VAL A 28 -10.18 0.67 2.97
CA VAL A 28 -10.73 1.47 1.88
C VAL A 28 -9.76 2.54 1.45
N SER A 29 -9.21 3.24 2.44
CA SER A 29 -8.25 4.28 2.20
C SER A 29 -7.04 3.62 1.56
N ALA A 30 -6.76 2.43 2.06
CA ALA A 30 -5.66 1.62 1.53
C ALA A 30 -5.99 1.16 0.13
N GLU A 31 -7.27 0.89 -0.08
CA GLU A 31 -7.77 0.46 -1.35
C GLU A 31 -7.50 1.53 -2.40
N LYS A 32 -7.62 2.79 -1.98
CA LYS A 32 -7.35 3.92 -2.86
C LYS A 32 -5.88 3.99 -3.19
N ILE A 33 -5.04 3.77 -2.18
CA ILE A 33 -3.60 3.78 -2.39
C ILE A 33 -3.23 2.70 -3.38
N ALA A 34 -3.77 1.51 -3.14
CA ALA A 34 -3.53 0.38 -4.03
C ALA A 34 -4.04 0.70 -5.43
N ASN A 35 -5.20 1.36 -5.49
CA ASN A 35 -5.78 1.75 -6.76
C ASN A 35 -4.89 2.78 -7.45
N HIS A 36 -4.29 3.66 -6.64
CA HIS A 36 -3.41 4.68 -7.16
C HIS A 36 -2.22 4.05 -7.87
N LEU A 37 -1.73 2.95 -7.31
CA LEU A 37 -0.60 2.23 -7.89
C LEU A 37 -0.95 1.81 -9.31
N GLN A 38 -2.13 1.22 -9.46
CA GLN A 38 -2.61 0.79 -10.77
C GLN A 38 -2.70 2.00 -11.71
N GLU A 39 -3.03 3.15 -11.13
CA GLU A 39 -3.14 4.39 -11.89
C GLU A 39 -1.78 4.80 -12.38
N LEU A 40 -0.81 4.82 -11.49
CA LEU A 40 0.55 5.16 -11.84
C LEU A 40 1.04 4.16 -12.88
N ASN A 41 0.59 2.92 -12.73
CA ASN A 41 0.98 1.85 -13.66
C ASN A 41 0.44 2.16 -15.06
N LYS A 42 -0.78 2.68 -15.14
CA LYS A 42 -1.38 3.02 -16.42
C LYS A 42 -0.52 4.08 -17.12
N GLU A 43 -0.13 5.09 -16.35
CA GLU A 43 0.72 6.16 -16.86
C GLU A 43 2.11 5.61 -17.16
N LEU A 44 2.54 4.69 -16.30
CA LEU A 44 3.86 4.06 -16.44
C LEU A 44 3.94 3.33 -17.76
N SER A 45 2.88 2.59 -18.07
CA SER A 45 2.80 1.84 -19.32
C SER A 45 2.66 2.79 -20.50
N GLY A 46 1.95 3.90 -20.27
CA GLY A 46 1.75 4.88 -21.32
C GLY A 46 3.04 5.58 -21.66
N ILE A 47 3.77 5.96 -20.62
CA ILE A 47 5.06 6.58 -20.79
C ILE A 47 6.03 5.55 -21.33
N GLN A 48 5.85 4.31 -20.87
CA GLN A 48 6.71 3.20 -21.27
C GLN A 48 6.68 3.00 -22.79
N GLN A 49 5.57 3.37 -23.43
CA GLN A 49 5.42 3.20 -24.87
C GLN A 49 6.67 3.70 -25.61
N GLY A 50 6.97 4.99 -25.46
CA GLY A 50 8.13 5.56 -26.12
C GLY A 50 7.97 7.04 -26.42
N PHE A 51 8.29 7.43 -27.65
CA PHE A 51 8.18 8.82 -28.07
C PHE A 51 9.20 9.70 -27.33
N LEU A 52 10.17 9.06 -26.68
CA LEU A 52 11.20 9.79 -25.96
C LEU A 52 12.50 9.00 -25.94
N ALA A 53 13.62 9.73 -26.01
CA ALA A 53 14.94 9.10 -25.99
C ALA A 53 15.21 8.47 -24.63
N LYS A 54 16.35 7.81 -24.50
CA LYS A 54 16.73 7.17 -23.25
C LYS A 54 16.75 8.19 -22.11
N GLU A 55 17.06 9.43 -22.44
CA GLU A 55 17.14 10.49 -21.44
C GLU A 55 15.78 10.74 -20.78
N LEU A 56 14.72 10.87 -21.58
CA LEU A 56 13.39 11.12 -21.05
C LEU A 56 12.75 9.82 -20.57
N GLN A 57 12.88 8.76 -21.35
CA GLN A 57 12.31 7.46 -20.99
C GLN A 57 12.83 7.03 -19.62
N ALA A 58 14.15 7.08 -19.45
CA ALA A 58 14.77 6.71 -18.19
C ALA A 58 14.35 7.68 -17.09
N GLU A 59 14.18 8.94 -17.48
CA GLU A 59 13.77 9.98 -16.54
C GLU A 59 12.32 9.75 -16.10
N ALA A 60 11.48 9.34 -17.04
CA ALA A 60 10.07 9.10 -16.74
C ALA A 60 9.90 7.91 -15.80
N LEU A 61 10.60 6.82 -16.07
CA LEU A 61 10.52 5.63 -15.25
C LEU A 61 10.95 5.93 -13.82
N CYS A 62 12.09 6.63 -13.68
CA CYS A 62 12.59 7.00 -12.36
C CYS A 62 11.56 7.89 -11.67
N LYS A 63 10.99 8.81 -12.43
CA LYS A 63 9.97 9.72 -11.92
C LYS A 63 8.78 8.91 -11.44
N LEU A 64 8.37 7.98 -12.28
CA LEU A 64 7.26 7.10 -11.98
C LEU A 64 7.53 6.32 -10.71
N ASP A 65 8.74 5.75 -10.63
CA ASP A 65 9.14 4.98 -9.48
C ASP A 65 9.09 5.81 -8.20
N ARG A 66 9.60 7.03 -8.27
CA ARG A 66 9.60 7.90 -7.10
C ARG A 66 8.18 8.18 -6.63
N LYS A 67 7.26 8.30 -7.57
CA LYS A 67 5.87 8.55 -7.21
C LYS A 67 5.31 7.31 -6.54
N VAL A 68 5.80 6.17 -6.99
CA VAL A 68 5.42 4.91 -6.40
C VAL A 68 5.85 4.92 -4.95
N LYS A 69 7.01 5.54 -4.71
CA LYS A 69 7.55 5.64 -3.36
C LYS A 69 6.57 6.35 -2.44
N ALA A 70 5.94 7.40 -2.94
CA ALA A 70 4.97 8.15 -2.16
C ALA A 70 3.81 7.24 -1.77
N THR A 71 3.45 6.34 -2.67
CA THR A 71 2.36 5.40 -2.40
C THR A 71 2.78 4.42 -1.32
N ILE A 72 4.05 4.03 -1.36
CA ILE A 72 4.59 3.11 -0.37
C ILE A 72 4.52 3.73 1.02
N GLU A 73 4.86 5.01 1.09
CA GLU A 73 4.84 5.76 2.35
C GLU A 73 3.46 5.70 2.99
N GLN A 74 2.43 5.87 2.17
CA GLN A 74 1.05 5.80 2.67
C GLN A 74 0.80 4.43 3.28
N PHE A 75 1.20 3.41 2.55
CA PHE A 75 1.05 2.04 3.01
C PHE A 75 1.87 1.81 4.27
N MET A 76 3.04 2.44 4.34
CA MET A 76 3.91 2.32 5.50
C MET A 76 3.23 2.93 6.73
N LYS A 77 2.47 4.00 6.51
CA LYS A 77 1.75 4.67 7.58
C LYS A 77 0.72 3.74 8.19
N ILE A 78 0.08 2.95 7.34
CA ILE A 78 -0.94 2.00 7.80
C ILE A 78 -0.30 0.90 8.63
N LEU A 79 0.88 0.45 8.22
CA LEU A 79 1.59 -0.60 8.94
C LEU A 79 2.05 -0.12 10.31
N GLU A 80 2.65 1.07 10.33
CA GLU A 80 3.14 1.65 11.57
C GLU A 80 2.01 1.88 12.58
N GLU A 81 0.84 2.26 12.07
CA GLU A 81 -0.32 2.51 12.93
C GLU A 81 -0.81 1.20 13.52
N ILE A 82 -0.93 0.20 12.65
CA ILE A 82 -1.34 -1.12 13.06
C ILE A 82 -0.26 -1.73 13.93
N ASP A 83 0.99 -1.44 13.58
CA ASP A 83 2.14 -1.95 14.32
C ASP A 83 2.05 -1.59 15.79
N THR A 84 1.40 -0.47 16.09
CA THR A 84 1.23 -0.01 17.47
C THR A 84 -0.12 -0.44 18.03
N MET A 85 -0.69 -1.50 17.48
CA MET A 85 -1.98 -2.01 17.92
C MET A 85 -1.86 -3.43 18.46
N VAL A 86 -2.64 -3.72 19.50
CA VAL A 86 -2.62 -5.05 20.12
C VAL A 86 -3.85 -5.24 21.01
N LEU A 87 -4.69 -6.20 20.64
CA LEU A 87 -5.90 -6.48 21.41
C LEU A 87 -6.43 -7.88 21.10
N PRO A 88 -6.12 -8.87 21.95
CA PRO A 88 -6.54 -10.27 21.75
C PRO A 88 -7.85 -10.63 22.47
N GLU A 89 -7.98 -10.22 23.73
CA GLU A 89 -9.17 -10.53 24.54
C GLU A 89 -10.46 -10.44 23.72
N GLN A 90 -11.11 -11.57 23.52
CA GLN A 90 -12.35 -11.64 22.74
C GLN A 90 -12.28 -10.78 21.49
N PHE A 91 -11.07 -10.66 20.94
CA PHE A 91 -10.85 -9.85 19.74
C PHE A 91 -10.53 -10.74 18.54
N LYS A 92 -11.37 -11.74 18.32
CA LYS A 92 -11.18 -12.67 17.22
C LYS A 92 -11.40 -12.00 15.87
N ASP A 93 -12.52 -11.30 15.72
CA ASP A 93 -12.84 -10.62 14.48
C ASP A 93 -11.91 -9.45 14.22
N SER A 94 -11.69 -8.64 15.25
CA SER A 94 -10.80 -7.48 15.13
C SER A 94 -9.37 -7.90 14.86
N ARG A 95 -8.88 -8.90 15.59
CA ARG A 95 -7.52 -9.36 15.42
C ARG A 95 -7.34 -10.01 14.06
N LEU A 96 -8.26 -10.89 13.69
CA LEU A 96 -8.21 -11.53 12.39
C LEU A 96 -8.22 -10.47 11.32
N LYS A 97 -8.97 -9.40 11.57
CA LYS A 97 -9.09 -8.29 10.64
C LYS A 97 -7.75 -7.57 10.51
N ARG A 98 -7.15 -7.26 11.65
CA ARG A 98 -5.87 -6.55 11.68
C ARG A 98 -4.76 -7.38 11.04
N LYS A 99 -4.70 -8.66 11.39
CA LYS A 99 -3.67 -9.54 10.84
C LYS A 99 -3.74 -9.57 9.33
N ASN A 100 -4.94 -9.76 8.80
CA ASN A 100 -5.14 -9.77 7.36
C ASN A 100 -4.82 -8.40 6.79
N LEU A 101 -5.15 -7.37 7.56
CA LEU A 101 -4.90 -6.00 7.17
C LEU A 101 -3.41 -5.70 7.13
N VAL A 102 -2.69 -6.24 8.09
CA VAL A 102 -1.26 -6.01 8.13
C VAL A 102 -0.59 -6.67 6.94
N LYS A 103 -0.90 -7.94 6.73
CA LYS A 103 -0.33 -8.68 5.62
C LYS A 103 -0.77 -8.14 4.29
N LYS A 104 -2.00 -7.67 4.21
CA LYS A 104 -2.47 -7.09 2.98
C LYS A 104 -1.57 -5.92 2.66
N VAL A 105 -1.19 -5.24 3.73
CA VAL A 105 -0.31 -4.09 3.63
C VAL A 105 1.08 -4.52 3.21
N GLN A 106 1.53 -5.64 3.75
CA GLN A 106 2.86 -6.15 3.43
C GLN A 106 2.99 -6.39 1.93
N VAL A 107 2.01 -7.05 1.34
CA VAL A 107 2.03 -7.32 -0.09
C VAL A 107 1.82 -6.08 -0.94
N PHE A 108 0.79 -5.31 -0.60
CA PHE A 108 0.46 -4.11 -1.34
C PHE A 108 1.53 -3.04 -1.19
N LEU A 109 2.06 -2.92 0.01
CA LEU A 109 3.10 -1.92 0.28
C LEU A 109 4.41 -2.32 -0.37
N ALA A 110 4.74 -3.57 -0.18
CA ALA A 110 5.97 -4.16 -0.74
C ALA A 110 5.88 -4.28 -2.26
N GLU A 111 4.73 -4.71 -2.75
CA GLU A 111 4.54 -4.85 -4.19
C GLU A 111 4.75 -3.50 -4.85
N CYS A 112 4.33 -2.46 -4.15
CA CYS A 112 4.48 -1.10 -4.63
C CYS A 112 5.96 -0.77 -4.80
N ASP A 113 6.76 -1.17 -3.82
CA ASP A 113 8.21 -0.92 -3.86
C ASP A 113 8.87 -1.76 -4.94
N THR A 114 8.41 -3.00 -5.10
CA THR A 114 8.98 -3.87 -6.10
C THR A 114 8.71 -3.34 -7.50
N VAL A 115 7.50 -2.85 -7.71
CA VAL A 115 7.14 -2.30 -9.01
C VAL A 115 8.05 -1.12 -9.34
N GLU A 116 8.19 -0.22 -8.38
CA GLU A 116 9.06 0.93 -8.56
C GLU A 116 10.51 0.48 -8.67
N GLN A 117 10.90 -0.46 -7.80
CA GLN A 117 12.26 -0.98 -7.82
C GLN A 117 12.55 -1.65 -9.16
N TYR A 118 11.56 -2.32 -9.72
CA TYR A 118 11.70 -2.99 -11.00
C TYR A 118 11.88 -1.97 -12.11
N ILE A 119 11.02 -0.96 -12.10
CA ILE A 119 11.12 0.10 -13.08
C ILE A 119 12.45 0.79 -12.94
N CYS A 120 12.86 0.97 -11.68
CA CYS A 120 14.14 1.60 -11.39
C CYS A 120 15.29 0.68 -11.80
N GLN A 121 15.14 -0.61 -11.51
CA GLN A 121 16.14 -1.61 -11.83
C GLN A 121 16.36 -1.74 -13.34
N GLU A 122 15.26 -1.68 -14.09
CA GLU A 122 15.34 -1.79 -15.55
C GLU A 122 16.04 -0.57 -16.11
N THR A 123 15.63 0.60 -15.62
CA THR A 123 16.22 1.85 -16.04
C THR A 123 17.67 1.88 -15.57
N GLU A 124 17.89 1.34 -14.37
CA GLU A 124 19.21 1.30 -13.79
C GLU A 124 20.13 0.41 -14.64
N ARG A 125 19.61 -0.74 -15.04
CA ARG A 125 20.37 -1.67 -15.86
C ARG A 125 20.77 -1.00 -17.17
N LEU A 126 19.88 -0.16 -17.68
CA LEU A 126 20.11 0.56 -18.92
C LEU A 126 21.40 1.37 -18.86
N GLN A 127 21.75 1.84 -17.67
CA GLN A 127 22.97 2.63 -17.49
C GLN A 127 23.65 2.34 -16.15
N SER A 128 22.97 2.70 -15.06
CA SER A 128 23.52 2.48 -13.72
C SER A 128 24.70 3.40 -13.45
N THR A 129 24.66 4.58 -14.07
CA THR A 129 25.73 5.57 -13.91
C THR A 129 25.60 6.30 -12.58
N ASN A 130 26.50 7.24 -12.33
CA ASN A 130 26.47 8.01 -11.09
C ASN A 130 25.50 9.18 -11.20
N LEU A 131 25.19 9.79 -10.06
CA LEU A 131 24.27 10.92 -10.02
C LEU A 131 24.62 11.88 -8.88
N ALA A 132 25.57 12.77 -9.15
CA ALA A 132 26.01 13.73 -8.15
C ALA A 132 25.44 15.11 -8.45
N LEU A 133 25.32 15.94 -7.40
CA LEU A 133 24.80 17.28 -7.55
C LEU A 133 25.49 18.25 -6.59
N ALA A 134 25.48 19.53 -6.93
CA ALA A 134 26.11 20.54 -6.10
C ALA A 134 25.16 21.01 -5.00
N GLU A 135 25.64 20.99 -3.77
CA GLU A 135 24.83 21.41 -2.62
C GLU A 135 24.88 22.92 -2.46
N GLY A 1 -49.22 -11.19 15.17
CA GLY A 1 -48.58 -12.39 15.80
C GLY A 1 -47.14 -12.58 15.36
N SER A 2 -46.43 -13.44 16.07
CA SER A 2 -45.02 -13.71 15.74
C SER A 2 -44.18 -12.45 15.92
N PRO A 3 -42.92 -12.62 16.37
CA PRO A 3 -42.01 -11.49 16.58
C PRO A 3 -41.45 -10.94 15.27
N GLU A 4 -41.51 -9.62 15.12
CA GLU A 4 -41.01 -8.97 13.91
C GLU A 4 -39.75 -8.16 14.20
N PHE A 5 -39.77 -7.43 15.31
CA PHE A 5 -38.62 -6.62 15.71
C PHE A 5 -38.29 -5.59 14.64
N MET A 6 -37.31 -4.74 14.92
CA MET A 6 -36.89 -3.71 13.99
C MET A 6 -35.69 -4.18 13.15
N LEU A 7 -35.18 -3.29 12.30
CA LEU A 7 -34.04 -3.62 11.46
C LEU A 7 -32.74 -3.10 12.07
N ILE A 8 -32.70 -1.80 12.34
CA ILE A 8 -31.52 -1.18 12.93
C ILE A 8 -31.39 -1.53 14.41
N GLY A 9 -30.15 -1.69 14.88
CA GLY A 9 -29.93 -2.02 16.27
C GLY A 9 -28.55 -2.62 16.50
N GLU A 10 -28.49 -3.65 17.33
CA GLU A 10 -27.23 -4.31 17.64
C GLU A 10 -27.14 -5.68 16.97
N LYS A 11 -26.00 -5.96 16.35
CA LYS A 11 -25.80 -7.23 15.67
C LYS A 11 -25.44 -8.33 16.66
N SER A 12 -24.42 -8.06 17.48
CA SER A 12 -23.97 -9.03 18.47
C SER A 12 -22.85 -8.45 19.31
N ASN A 13 -21.95 -7.72 18.67
CA ASN A 13 -20.80 -7.11 19.36
C ASN A 13 -20.88 -5.59 19.29
N PRO A 14 -20.71 -4.90 20.43
CA PRO A 14 -20.76 -3.44 20.48
C PRO A 14 -19.41 -2.78 20.15
N GLU A 15 -18.53 -2.70 21.15
CA GLU A 15 -17.22 -2.09 20.96
C GLU A 15 -16.43 -2.83 19.89
N GLU A 16 -16.63 -4.14 19.80
CA GLU A 16 -15.94 -4.96 18.82
C GLU A 16 -16.23 -4.45 17.43
N GLU A 17 -17.48 -4.07 17.22
CA GLU A 17 -17.93 -3.53 15.94
C GLU A 17 -17.30 -2.17 15.71
N VAL A 18 -17.21 -1.38 16.78
CA VAL A 18 -16.62 -0.05 16.70
C VAL A 18 -15.15 -0.13 16.31
N GLU A 19 -14.40 -0.98 17.00
CA GLU A 19 -12.98 -1.15 16.72
C GLU A 19 -12.79 -1.73 15.32
N LEU A 20 -13.75 -2.56 14.90
CA LEU A 20 -13.69 -3.19 13.59
C LEU A 20 -13.97 -2.16 12.50
N LYS A 21 -14.87 -1.22 12.78
CA LYS A 21 -15.26 -0.19 11.83
C LYS A 21 -14.08 0.69 11.43
N LYS A 22 -13.30 1.08 12.41
CA LYS A 22 -12.15 1.94 12.16
C LYS A 22 -11.11 1.21 11.33
N LEU A 23 -10.83 -0.03 11.70
CA LEU A 23 -9.87 -0.84 10.96
C LEU A 23 -10.33 -1.01 9.52
N LYS A 24 -11.64 -1.18 9.36
CA LYS A 24 -12.22 -1.34 8.07
C LYS A 24 -11.93 -0.15 7.18
N ASP A 25 -12.16 1.03 7.73
CA ASP A 25 -11.91 2.28 7.02
C ASP A 25 -10.45 2.38 6.60
N LEU A 26 -9.56 1.87 7.45
CA LEU A 26 -8.13 1.90 7.17
C LEU A 26 -7.81 1.11 5.90
N GLU A 27 -8.52 0.01 5.71
CA GLU A 27 -8.33 -0.85 4.55
C GLU A 27 -8.77 -0.14 3.26
N VAL A 28 -9.86 0.60 3.39
CA VAL A 28 -10.42 1.33 2.25
C VAL A 28 -9.52 2.44 1.78
N SER A 29 -9.02 3.22 2.74
CA SER A 29 -8.12 4.31 2.43
C SER A 29 -6.91 3.70 1.76
N ALA A 30 -6.56 2.53 2.27
CA ALA A 30 -5.43 1.77 1.73
C ALA A 30 -5.79 1.25 0.36
N GLU A 31 -7.03 0.81 0.23
CA GLU A 31 -7.54 0.28 -1.03
C GLU A 31 -7.48 1.34 -2.12
N LYS A 32 -7.72 2.59 -1.75
CA LYS A 32 -7.68 3.68 -2.71
C LYS A 32 -6.26 3.88 -3.21
N ILE A 33 -5.29 3.89 -2.30
CA ILE A 33 -3.89 4.04 -2.68
C ILE A 33 -3.49 2.83 -3.50
N ALA A 34 -3.95 1.67 -3.04
CA ALA A 34 -3.66 0.41 -3.73
C ALA A 34 -4.31 0.39 -5.11
N ASN A 35 -5.51 0.97 -5.21
CA ASN A 35 -6.22 1.01 -6.50
C ASN A 35 -5.51 1.96 -7.46
N HIS A 36 -5.13 3.12 -6.96
CA HIS A 36 -4.44 4.12 -7.77
C HIS A 36 -3.11 3.54 -8.29
N LEU A 37 -2.45 2.77 -7.46
CA LEU A 37 -1.17 2.15 -7.83
C LEU A 37 -1.33 1.29 -9.07
N GLN A 38 -2.33 0.42 -9.05
CA GLN A 38 -2.61 -0.47 -10.18
C GLN A 38 -3.15 0.31 -11.37
N GLU A 39 -3.91 1.35 -11.09
CA GLU A 39 -4.51 2.18 -12.12
C GLU A 39 -3.43 3.00 -12.83
N LEU A 40 -2.61 3.67 -12.05
CA LEU A 40 -1.53 4.47 -12.58
C LEU A 40 -0.53 3.53 -13.26
N ASN A 41 -0.35 2.36 -12.68
CA ASN A 41 0.57 1.37 -13.23
C ASN A 41 0.08 0.83 -14.58
N LYS A 42 -1.20 0.49 -14.64
CA LYS A 42 -1.78 -0.04 -15.87
C LYS A 42 -1.88 1.03 -16.95
N GLU A 43 -2.34 2.22 -16.58
CA GLU A 43 -2.49 3.32 -17.52
C GLU A 43 -1.14 3.84 -17.99
N LEU A 44 -0.18 3.91 -17.07
CA LEU A 44 1.16 4.39 -17.38
C LEU A 44 1.88 3.41 -18.30
N SER A 45 1.79 2.13 -17.96
CA SER A 45 2.41 1.09 -18.75
C SER A 45 1.70 0.92 -20.09
N GLY A 46 0.39 1.12 -20.11
CA GLY A 46 -0.33 0.99 -21.36
C GLY A 46 0.20 2.02 -22.33
N ILE A 47 0.34 3.24 -21.83
CA ILE A 47 0.92 4.31 -22.59
C ILE A 47 2.40 4.04 -22.79
N GLN A 48 3.02 3.45 -21.77
CA GLN A 48 4.44 3.14 -21.80
C GLN A 48 5.23 4.41 -22.05
N GLN A 49 4.69 5.50 -21.52
CA GLN A 49 5.28 6.83 -21.62
C GLN A 49 5.78 7.13 -23.04
N GLY A 50 6.93 6.57 -23.38
CA GLY A 50 7.49 6.78 -24.70
C GLY A 50 8.96 6.42 -24.78
N PHE A 51 9.79 7.37 -25.22
CA PHE A 51 11.21 7.13 -25.34
C PHE A 51 12.01 8.35 -24.88
N LEU A 52 11.85 9.46 -25.59
CA LEU A 52 12.56 10.69 -25.26
C LEU A 52 14.06 10.51 -25.43
N ALA A 53 14.68 9.92 -24.42
CA ALA A 53 16.12 9.66 -24.42
C ALA A 53 16.56 9.15 -23.06
N LYS A 54 17.82 8.72 -22.97
CA LYS A 54 18.35 8.21 -21.72
C LYS A 54 18.24 9.25 -20.61
N GLU A 55 18.38 10.52 -21.00
CA GLU A 55 18.30 11.62 -20.05
C GLU A 55 16.89 11.79 -19.48
N LEU A 56 15.89 11.81 -20.36
CA LEU A 56 14.50 11.97 -19.92
C LEU A 56 13.92 10.66 -19.43
N GLN A 57 14.17 9.59 -20.16
CA GLN A 57 13.68 8.27 -19.79
C GLN A 57 14.17 7.90 -18.41
N ALA A 58 15.48 8.04 -18.19
CA ALA A 58 16.07 7.74 -16.90
C ALA A 58 15.51 8.68 -15.84
N GLU A 59 15.25 9.92 -16.25
CA GLU A 59 14.70 10.93 -15.35
C GLU A 59 13.27 10.57 -14.97
N ALA A 60 12.48 10.16 -15.96
CA ALA A 60 11.09 9.78 -15.73
C ALA A 60 11.00 8.48 -14.92
N LEU A 61 11.89 7.54 -15.21
CA LEU A 61 11.89 6.26 -14.51
C LEU A 61 12.20 6.45 -13.03
N CYS A 62 13.23 7.24 -12.74
CA CYS A 62 13.61 7.50 -11.36
C CYS A 62 12.51 8.30 -10.67
N LYS A 63 11.93 9.24 -11.41
CA LYS A 63 10.85 10.06 -10.88
C LYS A 63 9.65 9.16 -10.59
N LEU A 64 9.47 8.15 -11.44
CA LEU A 64 8.40 7.20 -11.28
C LEU A 64 8.59 6.44 -9.98
N ASP A 65 9.82 5.96 -9.79
CA ASP A 65 10.17 5.24 -8.59
C ASP A 65 10.03 6.12 -7.36
N ARG A 66 10.39 7.39 -7.52
CA ARG A 66 10.30 8.35 -6.43
C ARG A 66 8.85 8.52 -6.00
N LYS A 67 7.95 8.52 -6.97
CA LYS A 67 6.54 8.66 -6.67
C LYS A 67 6.07 7.40 -5.97
N VAL A 68 6.67 6.30 -6.35
CA VAL A 68 6.39 5.03 -5.73
C VAL A 68 6.75 5.13 -4.25
N LYS A 69 7.83 5.87 -3.99
CA LYS A 69 8.31 6.05 -2.62
C LYS A 69 7.23 6.69 -1.77
N ALA A 70 6.59 7.73 -2.28
CA ALA A 70 5.53 8.39 -1.55
C ALA A 70 4.39 7.43 -1.32
N THR A 71 4.13 6.57 -2.31
CA THR A 71 3.07 5.58 -2.21
C THR A 71 3.38 4.56 -1.13
N ILE A 72 4.62 4.05 -1.12
CA ILE A 72 5.00 3.08 -0.11
C ILE A 72 4.92 3.71 1.27
N GLU A 73 5.37 4.96 1.36
CA GLU A 73 5.34 5.69 2.62
C GLU A 73 3.94 5.72 3.21
N GLN A 74 2.92 5.90 2.36
CA GLN A 74 1.55 5.90 2.83
C GLN A 74 1.23 4.55 3.46
N PHE A 75 1.68 3.51 2.76
CA PHE A 75 1.49 2.15 3.22
C PHE A 75 2.35 1.89 4.46
N MET A 76 3.54 2.47 4.48
CA MET A 76 4.45 2.34 5.61
C MET A 76 3.88 3.00 6.85
N LYS A 77 3.32 4.19 6.67
CA LYS A 77 2.73 4.94 7.78
C LYS A 77 1.61 4.14 8.43
N ILE A 78 0.80 3.47 7.61
CA ILE A 78 -0.30 2.67 8.12
C ILE A 78 0.23 1.46 8.89
N LEU A 79 1.19 0.76 8.29
CA LEU A 79 1.80 -0.40 8.93
C LEU A 79 2.34 -0.03 10.30
N GLU A 80 3.02 1.10 10.37
CA GLU A 80 3.60 1.58 11.61
C GLU A 80 2.51 1.76 12.68
N GLU A 81 1.34 2.19 12.24
CA GLU A 81 0.21 2.41 13.14
C GLU A 81 -0.29 1.08 13.66
N ILE A 82 -0.44 0.12 12.75
CA ILE A 82 -0.86 -1.21 13.11
C ILE A 82 0.23 -1.86 13.94
N ASP A 83 1.47 -1.56 13.57
CA ASP A 83 2.62 -2.11 14.26
C ASP A 83 2.59 -1.77 15.75
N THR A 84 1.92 -0.67 16.09
CA THR A 84 1.82 -0.23 17.48
C THR A 84 0.39 -0.39 18.01
N MET A 85 -0.39 -1.24 17.35
CA MET A 85 -1.77 -1.47 17.77
C MET A 85 -1.86 -2.60 18.79
N VAL A 86 -2.71 -2.43 19.80
CA VAL A 86 -2.88 -3.43 20.83
C VAL A 86 -4.34 -3.82 20.99
N LEU A 87 -4.58 -5.11 21.28
CA LEU A 87 -5.94 -5.61 21.46
C LEU A 87 -6.03 -6.50 22.69
N PRO A 88 -7.09 -6.34 23.51
CA PRO A 88 -7.28 -7.13 24.72
C PRO A 88 -7.51 -8.61 24.42
N GLU A 89 -8.73 -8.96 24.03
CA GLU A 89 -9.08 -10.35 23.72
C GLU A 89 -10.53 -10.46 23.26
N GLN A 90 -10.86 -11.59 22.64
CA GLN A 90 -12.22 -11.85 22.15
C GLN A 90 -12.45 -11.23 20.77
N PHE A 91 -11.66 -10.21 20.45
CA PHE A 91 -11.78 -9.52 19.16
C PHE A 91 -11.20 -10.39 18.04
N LYS A 92 -11.81 -11.54 17.81
CA LYS A 92 -11.35 -12.47 16.78
C LYS A 92 -11.40 -11.81 15.40
N ASP A 93 -12.53 -11.20 15.07
CA ASP A 93 -12.70 -10.54 13.78
C ASP A 93 -11.75 -9.36 13.65
N SER A 94 -11.66 -8.55 14.70
CA SER A 94 -10.79 -7.39 14.69
C SER A 94 -9.33 -7.79 14.48
N ARG A 95 -8.89 -8.82 15.19
CA ARG A 95 -7.51 -9.28 15.07
C ARG A 95 -7.25 -9.87 13.69
N LEU A 96 -8.16 -10.70 13.22
CA LEU A 96 -8.02 -11.28 11.90
C LEU A 96 -7.96 -10.17 10.87
N LYS A 97 -8.71 -9.11 11.13
CA LYS A 97 -8.75 -7.96 10.25
C LYS A 97 -7.40 -7.23 10.22
N ARG A 98 -6.85 -6.97 11.40
CA ARG A 98 -5.57 -6.27 11.51
C ARG A 98 -4.44 -7.08 10.90
N LYS A 99 -4.39 -8.38 11.19
CA LYS A 99 -3.33 -9.24 10.66
C LYS A 99 -3.34 -9.23 9.15
N ASN A 100 -4.52 -9.42 8.56
CA ASN A 100 -4.65 -9.42 7.12
C ASN A 100 -4.31 -8.04 6.58
N LEU A 101 -4.63 -7.02 7.37
CA LEU A 101 -4.37 -5.64 7.00
C LEU A 101 -2.88 -5.37 7.01
N VAL A 102 -2.18 -5.85 8.01
CA VAL A 102 -0.75 -5.64 8.10
C VAL A 102 -0.08 -6.22 6.87
N LYS A 103 -0.40 -7.47 6.58
CA LYS A 103 0.17 -8.14 5.42
C LYS A 103 -0.26 -7.49 4.13
N LYS A 104 -1.46 -6.96 4.10
CA LYS A 104 -1.91 -6.28 2.90
C LYS A 104 -0.94 -5.14 2.66
N VAL A 105 -0.54 -4.54 3.77
CA VAL A 105 0.40 -3.43 3.75
C VAL A 105 1.78 -3.89 3.31
N GLN A 106 2.16 -5.07 3.80
CA GLN A 106 3.47 -5.63 3.46
C GLN A 106 3.63 -5.85 1.97
N VAL A 107 2.61 -6.45 1.35
CA VAL A 107 2.65 -6.74 -0.08
C VAL A 107 2.55 -5.47 -0.92
N PHE A 108 1.65 -4.58 -0.54
CA PHE A 108 1.44 -3.34 -1.26
C PHE A 108 2.65 -2.43 -1.20
N LEU A 109 3.29 -2.38 -0.05
CA LEU A 109 4.47 -1.56 0.13
C LEU A 109 5.58 -2.09 -0.75
N ALA A 110 5.72 -3.39 -0.69
CA ALA A 110 6.71 -4.13 -1.45
C ALA A 110 6.39 -4.12 -2.95
N GLU A 111 5.10 -4.22 -3.28
CA GLU A 111 4.68 -4.23 -4.67
C GLU A 111 5.13 -2.94 -5.34
N CYS A 112 5.04 -1.87 -4.60
CA CYS A 112 5.44 -0.57 -5.11
C CYS A 112 6.95 -0.55 -5.38
N ASP A 113 7.72 -1.12 -4.45
CA ASP A 113 9.17 -1.17 -4.60
C ASP A 113 9.56 -2.04 -5.79
N THR A 114 8.88 -3.16 -5.94
CA THR A 114 9.17 -4.07 -7.05
C THR A 114 8.78 -3.44 -8.37
N VAL A 115 7.59 -2.85 -8.43
CA VAL A 115 7.14 -2.20 -9.65
C VAL A 115 8.12 -1.10 -10.05
N GLU A 116 8.48 -0.27 -9.07
CA GLU A 116 9.41 0.81 -9.31
C GLU A 116 10.78 0.25 -9.65
N GLN A 117 11.21 -0.77 -8.92
CA GLN A 117 12.52 -1.39 -9.19
C GLN A 117 12.52 -2.10 -10.52
N TYR A 118 11.40 -2.71 -10.87
CA TYR A 118 11.25 -3.44 -12.12
C TYR A 118 11.27 -2.48 -13.30
N ILE A 119 10.49 -1.42 -13.18
CA ILE A 119 10.44 -0.42 -14.22
C ILE A 119 11.79 0.27 -14.34
N CYS A 120 12.40 0.53 -13.19
CA CYS A 120 13.71 1.19 -13.16
C CYS A 120 14.81 0.27 -13.72
N GLN A 121 14.84 -0.97 -13.25
CA GLN A 121 15.85 -1.93 -13.67
C GLN A 121 15.72 -2.32 -15.15
N GLU A 122 14.49 -2.40 -15.64
CA GLU A 122 14.25 -2.76 -17.04
C GLU A 122 14.77 -1.66 -17.94
N THR A 123 14.43 -0.43 -17.58
CA THR A 123 14.88 0.73 -18.32
C THR A 123 16.37 0.92 -18.10
N GLU A 124 16.81 0.65 -16.86
CA GLU A 124 18.22 0.81 -16.50
C GLU A 124 19.11 -0.08 -17.35
N ARG A 125 18.72 -1.34 -17.51
CA ARG A 125 19.51 -2.27 -18.31
C ARG A 125 19.46 -1.87 -19.78
N LEU A 126 18.30 -1.37 -20.21
CA LEU A 126 18.10 -0.94 -21.57
C LEU A 126 19.09 0.18 -21.92
N GLN A 127 19.40 1.01 -20.93
CA GLN A 127 20.34 2.11 -21.14
C GLN A 127 21.37 2.17 -20.02
N SER A 128 22.44 1.39 -20.18
CA SER A 128 23.49 1.34 -19.18
C SER A 128 24.12 2.72 -18.98
N THR A 129 24.84 3.20 -19.99
CA THR A 129 25.49 4.50 -19.93
C THR A 129 24.44 5.61 -19.83
N ASN A 130 24.53 6.40 -18.76
CA ASN A 130 23.61 7.51 -18.55
C ASN A 130 23.83 8.61 -19.57
N LEU A 131 25.08 9.03 -19.71
CA LEU A 131 25.44 10.08 -20.65
C LEU A 131 26.88 9.93 -21.12
N ALA A 132 27.05 9.47 -22.36
CA ALA A 132 28.37 9.28 -22.93
C ALA A 132 28.39 9.67 -24.41
N LEU A 133 29.35 10.51 -24.78
CA LEU A 133 29.48 10.95 -26.16
C LEU A 133 30.91 10.78 -26.66
N ALA A 134 31.10 9.86 -27.62
CA ALA A 134 32.41 9.61 -28.18
C ALA A 134 32.31 9.29 -29.67
N GLU A 135 32.96 10.10 -30.49
CA GLU A 135 32.96 9.90 -31.94
C GLU A 135 34.11 10.65 -32.60
N GLY A 1 -18.75 -11.66 31.62
CA GLY A 1 -19.72 -12.42 30.81
C GLY A 1 -20.08 -11.72 29.52
N SER A 2 -21.00 -10.77 29.59
CA SER A 2 -21.43 -10.02 28.42
C SER A 2 -21.93 -8.64 28.81
N PRO A 3 -21.65 -7.61 27.98
CA PRO A 3 -22.08 -6.23 28.24
C PRO A 3 -23.57 -6.03 28.00
N GLU A 4 -24.17 -5.11 28.74
CA GLU A 4 -25.59 -4.82 28.60
C GLU A 4 -26.44 -6.06 28.87
N PHE A 5 -27.75 -5.90 28.78
CA PHE A 5 -28.68 -7.00 29.02
C PHE A 5 -30.09 -6.64 28.59
N MET A 6 -30.39 -6.86 27.31
CA MET A 6 -31.71 -6.55 26.77
C MET A 6 -32.28 -7.74 26.01
N LEU A 7 -33.43 -7.52 25.37
CA LEU A 7 -34.08 -8.58 24.61
C LEU A 7 -33.59 -8.60 23.16
N ILE A 8 -33.33 -7.41 22.61
CA ILE A 8 -32.86 -7.29 21.25
C ILE A 8 -31.34 -7.27 21.19
N GLY A 9 -30.75 -8.35 20.68
CA GLY A 9 -29.31 -8.45 20.58
C GLY A 9 -28.82 -8.24 19.16
N GLU A 10 -29.06 -7.05 18.62
CA GLU A 10 -28.63 -6.73 17.26
C GLU A 10 -28.12 -5.30 17.18
N LYS A 11 -27.35 -5.01 16.14
CA LYS A 11 -26.80 -3.67 15.94
C LYS A 11 -25.90 -3.27 17.11
N SER A 12 -25.48 -2.01 17.12
CA SER A 12 -24.62 -1.50 18.17
C SER A 12 -23.22 -2.12 18.11
N ASN A 13 -22.36 -1.51 17.31
CA ASN A 13 -20.98 -2.00 17.15
C ASN A 13 -20.17 -1.72 18.42
N PRO A 14 -19.77 -2.78 19.16
CA PRO A 14 -19.01 -2.63 20.40
C PRO A 14 -17.56 -2.22 20.15
N GLU A 15 -16.80 -2.13 21.23
CA GLU A 15 -15.40 -1.77 21.15
C GLU A 15 -14.67 -2.76 20.26
N GLU A 16 -15.16 -3.99 20.28
CA GLU A 16 -14.60 -5.04 19.45
C GLU A 16 -14.84 -4.71 18.00
N GLU A 17 -16.03 -4.21 17.75
CA GLU A 17 -16.44 -3.85 16.40
C GLU A 17 -15.66 -2.65 15.89
N VAL A 18 -15.40 -1.69 16.77
CA VAL A 18 -14.69 -0.47 16.37
C VAL A 18 -13.31 -0.77 15.80
N GLU A 19 -12.52 -1.57 16.49
CA GLU A 19 -11.18 -1.90 16.01
C GLU A 19 -11.27 -2.82 14.80
N LEU A 20 -12.30 -3.65 14.78
CA LEU A 20 -12.51 -4.59 13.71
C LEU A 20 -12.96 -3.91 12.44
N LYS A 21 -13.89 -2.96 12.57
CA LYS A 21 -14.44 -2.24 11.43
C LYS A 21 -13.43 -1.31 10.77
N LYS A 22 -12.66 -0.63 11.60
CA LYS A 22 -11.67 0.32 11.10
C LYS A 22 -10.56 -0.38 10.33
N LEU A 23 -10.05 -1.46 10.89
CA LEU A 23 -9.00 -2.22 10.22
C LEU A 23 -9.50 -2.72 8.89
N LYS A 24 -10.76 -3.13 8.85
CA LYS A 24 -11.39 -3.61 7.66
C LYS A 24 -11.39 -2.54 6.59
N ASP A 25 -11.82 -1.36 6.99
CA ASP A 25 -11.89 -0.19 6.10
C ASP A 25 -10.50 0.16 5.59
N LEU A 26 -9.50 -0.03 6.45
CA LEU A 26 -8.12 0.28 6.09
C LEU A 26 -7.67 -0.57 4.93
N GLU A 27 -8.08 -1.82 4.95
CA GLU A 27 -7.74 -2.75 3.88
C GLU A 27 -8.33 -2.25 2.56
N VAL A 28 -9.54 -1.72 2.66
CA VAL A 28 -10.24 -1.17 1.51
C VAL A 28 -9.54 0.07 1.01
N SER A 29 -9.19 0.92 1.96
CA SER A 29 -8.47 2.14 1.67
C SER A 29 -7.17 1.72 1.03
N ALA A 30 -6.66 0.61 1.55
CA ALA A 30 -5.42 0.03 1.04
C ALA A 30 -5.63 -0.38 -0.41
N GLU A 31 -6.78 -0.98 -0.67
CA GLU A 31 -7.14 -1.40 -1.99
C GLU A 31 -7.17 -0.18 -2.92
N LYS A 32 -7.62 0.95 -2.35
CA LYS A 32 -7.69 2.20 -3.11
C LYS A 32 -6.28 2.69 -3.43
N ILE A 33 -5.38 2.62 -2.45
CA ILE A 33 -4.00 3.05 -2.67
C ILE A 33 -3.40 2.18 -3.75
N ALA A 34 -3.61 0.87 -3.63
CA ALA A 34 -3.12 -0.07 -4.62
C ALA A 34 -3.65 0.32 -6.00
N ASN A 35 -4.90 0.79 -6.01
CA ASN A 35 -5.53 1.22 -7.26
C ASN A 35 -4.76 2.39 -7.84
N HIS A 36 -4.25 3.25 -6.96
CA HIS A 36 -3.47 4.41 -7.38
C HIS A 36 -2.26 3.96 -8.17
N LEU A 37 -1.66 2.85 -7.74
CA LEU A 37 -0.49 2.30 -8.42
C LEU A 37 -0.85 1.98 -9.86
N GLN A 38 -1.98 1.31 -10.04
CA GLN A 38 -2.46 0.96 -11.38
C GLN A 38 -2.75 2.22 -12.18
N GLU A 39 -3.22 3.25 -11.48
CA GLU A 39 -3.53 4.53 -12.09
C GLU A 39 -2.24 5.21 -12.50
N LEU A 40 -1.27 5.15 -11.60
CA LEU A 40 0.05 5.70 -11.86
C LEU A 40 0.62 5.01 -13.08
N ASN A 41 0.33 3.72 -13.20
CA ASN A 41 0.79 2.93 -14.32
C ASN A 41 0.19 3.47 -15.61
N LYS A 42 -1.06 3.89 -15.54
CA LYS A 42 -1.74 4.45 -16.70
C LYS A 42 -1.03 5.73 -17.14
N GLU A 43 -0.61 6.53 -16.15
CA GLU A 43 0.10 7.76 -16.43
C GLU A 43 1.49 7.46 -16.98
N LEU A 44 2.14 6.46 -16.39
CA LEU A 44 3.47 6.05 -16.83
C LEU A 44 3.43 5.62 -18.28
N SER A 45 2.41 4.82 -18.60
CA SER A 45 2.20 4.34 -19.96
C SER A 45 1.79 5.50 -20.87
N GLY A 46 1.03 6.43 -20.30
CA GLY A 46 0.57 7.58 -21.06
C GLY A 46 1.72 8.49 -21.40
N ILE A 47 2.56 8.74 -20.42
CA ILE A 47 3.75 9.54 -20.61
C ILE A 47 4.70 8.77 -21.50
N GLN A 48 4.71 7.44 -21.32
CA GLN A 48 5.57 6.57 -22.11
C GLN A 48 5.32 6.77 -23.60
N GLN A 49 4.09 7.11 -23.95
CA GLN A 49 3.72 7.34 -25.33
C GLN A 49 4.59 8.44 -25.97
N GLY A 50 4.86 9.48 -25.18
CA GLY A 50 5.66 10.58 -25.67
C GLY A 50 7.11 10.17 -25.94
N PHE A 51 7.78 9.69 -24.90
CA PHE A 51 9.17 9.26 -25.02
C PHE A 51 10.08 10.42 -25.43
N LEU A 52 11.36 10.31 -25.10
CA LEU A 52 12.33 11.34 -25.42
C LEU A 52 13.67 10.72 -25.77
N ALA A 53 14.32 10.16 -24.77
CA ALA A 53 15.61 9.53 -24.94
C ALA A 53 16.06 8.86 -23.65
N LYS A 54 17.19 8.16 -23.70
CA LYS A 54 17.72 7.48 -22.53
C LYS A 54 17.92 8.45 -21.38
N GLU A 55 18.24 9.69 -21.70
CA GLU A 55 18.45 10.72 -20.68
C GLU A 55 17.15 11.07 -19.97
N LEU A 56 16.10 11.31 -20.75
CA LEU A 56 14.80 11.66 -20.16
C LEU A 56 14.09 10.43 -19.62
N GLN A 57 14.08 9.35 -20.40
CA GLN A 57 13.43 8.13 -19.97
C GLN A 57 14.01 7.66 -18.64
N ALA A 58 15.33 7.59 -18.58
CA ALA A 58 16.00 7.17 -17.36
C ALA A 58 15.67 8.14 -16.23
N GLU A 59 15.51 9.41 -16.58
CA GLU A 59 15.17 10.44 -15.62
C GLU A 59 13.74 10.27 -15.12
N ALA A 60 12.80 10.15 -16.06
CA ALA A 60 11.40 9.99 -15.71
C ALA A 60 11.12 8.63 -15.08
N LEU A 61 11.79 7.60 -15.59
CA LEU A 61 11.60 6.25 -15.09
C LEU A 61 12.07 6.11 -13.64
N CYS A 62 13.27 6.62 -13.35
CA CYS A 62 13.81 6.55 -12.00
C CYS A 62 12.90 7.33 -11.05
N LYS A 63 12.37 8.44 -11.53
CA LYS A 63 11.48 9.26 -10.73
C LYS A 63 10.16 8.50 -10.54
N LEU A 64 9.78 7.73 -11.55
CA LEU A 64 8.58 6.94 -11.50
C LEU A 64 8.71 5.92 -10.37
N ASP A 65 9.86 5.26 -10.34
CA ASP A 65 10.14 4.27 -9.32
C ASP A 65 10.18 4.92 -7.94
N ARG A 66 10.88 6.04 -7.85
CA ARG A 66 10.98 6.76 -6.59
C ARG A 66 9.61 7.23 -6.12
N LYS A 67 8.77 7.62 -7.06
CA LYS A 67 7.43 8.05 -6.71
C LYS A 67 6.65 6.90 -6.15
N VAL A 68 6.95 5.72 -6.66
CA VAL A 68 6.34 4.51 -6.17
C VAL A 68 6.71 4.35 -4.71
N LYS A 69 7.95 4.74 -4.39
CA LYS A 69 8.45 4.64 -3.03
C LYS A 69 7.53 5.41 -2.08
N ALA A 70 7.11 6.59 -2.51
CA ALA A 70 6.21 7.40 -1.71
C ALA A 70 4.90 6.65 -1.48
N THR A 71 4.47 5.91 -2.49
CA THR A 71 3.24 5.13 -2.40
C THR A 71 3.40 4.01 -1.39
N ILE A 72 4.56 3.36 -1.44
CA ILE A 72 4.88 2.27 -0.53
C ILE A 72 4.83 2.78 0.92
N GLU A 73 5.38 3.97 1.12
CA GLU A 73 5.41 4.59 2.44
C GLU A 73 4.01 4.77 3.00
N GLN A 74 3.06 5.15 2.15
CA GLN A 74 1.68 5.33 2.60
C GLN A 74 1.18 4.04 3.20
N PHE A 75 1.49 2.94 2.51
CA PHE A 75 1.11 1.61 2.99
C PHE A 75 1.69 1.37 4.38
N MET A 76 2.90 1.89 4.60
CA MET A 76 3.55 1.77 5.90
C MET A 76 2.74 2.52 6.95
N LYS A 77 2.23 3.69 6.56
CA LYS A 77 1.43 4.52 7.45
C LYS A 77 0.20 3.75 7.92
N ILE A 78 -0.37 2.94 7.03
CA ILE A 78 -1.54 2.14 7.37
C ILE A 78 -1.21 1.20 8.52
N LEU A 79 -0.08 0.50 8.40
CA LEU A 79 0.35 -0.42 9.44
C LEU A 79 0.74 0.34 10.69
N GLU A 80 1.46 1.43 10.51
CA GLU A 80 1.92 2.27 11.62
C GLU A 80 0.73 2.91 12.35
N GLU A 81 -0.30 3.27 11.59
CA GLU A 81 -1.49 3.89 12.17
C GLU A 81 -2.24 2.87 13.01
N ILE A 82 -2.40 1.69 12.44
CA ILE A 82 -3.04 0.60 13.15
C ILE A 82 -2.17 0.18 14.31
N ASP A 83 -0.86 0.21 14.07
CA ASP A 83 0.11 -0.17 15.07
C ASP A 83 0.04 0.75 16.29
N THR A 84 -0.58 1.92 16.13
CA THR A 84 -0.69 2.88 17.23
C THR A 84 -2.12 2.98 17.75
N MET A 85 -2.94 1.97 17.46
CA MET A 85 -4.33 1.97 17.91
C MET A 85 -5.01 0.62 17.66
N VAL A 86 -5.12 -0.19 18.71
CA VAL A 86 -5.75 -1.50 18.60
C VAL A 86 -6.27 -2.00 19.95
N LEU A 87 -7.47 -1.55 20.33
CA LEU A 87 -8.05 -1.98 21.59
C LEU A 87 -9.54 -2.24 21.46
N PRO A 88 -9.89 -3.45 21.02
CA PRO A 88 -11.27 -3.88 20.82
C PRO A 88 -11.90 -4.45 22.10
N GLU A 89 -12.57 -5.61 22.00
CA GLU A 89 -13.20 -6.21 23.17
C GLU A 89 -12.71 -7.64 23.36
N GLN A 90 -13.22 -8.56 22.55
CA GLN A 90 -12.81 -9.96 22.64
C GLN A 90 -11.30 -10.05 22.43
N PHE A 91 -10.78 -9.16 21.58
CA PHE A 91 -9.34 -9.09 21.29
C PHE A 91 -8.85 -10.26 20.42
N LYS A 92 -9.47 -11.42 20.53
CA LYS A 92 -9.05 -12.58 19.74
C LYS A 92 -9.34 -12.41 18.25
N ASP A 93 -10.57 -12.05 17.90
CA ASP A 93 -10.95 -11.86 16.50
C ASP A 93 -10.26 -10.65 15.88
N SER A 94 -10.29 -9.53 16.60
CA SER A 94 -9.68 -8.30 16.12
C SER A 94 -8.18 -8.46 15.93
N ARG A 95 -7.52 -9.13 16.87
CA ARG A 95 -6.07 -9.31 16.78
C ARG A 95 -5.71 -10.20 15.60
N LEU A 96 -6.40 -11.32 15.47
CA LEU A 96 -6.17 -12.21 14.34
C LEU A 96 -6.43 -11.43 13.07
N LYS A 97 -7.43 -10.57 13.13
CA LYS A 97 -7.80 -9.73 12.01
C LYS A 97 -6.69 -8.74 11.69
N ARG A 98 -6.15 -8.13 12.75
CA ARG A 98 -5.08 -7.15 12.61
C ARG A 98 -3.78 -7.79 12.15
N LYS A 99 -3.43 -8.93 12.75
CA LYS A 99 -2.21 -9.64 12.39
C LYS A 99 -2.17 -9.93 10.90
N ASN A 100 -3.27 -10.47 10.38
CA ASN A 100 -3.36 -10.78 8.96
C ASN A 100 -3.30 -9.49 8.15
N LEU A 101 -3.91 -8.45 8.70
CA LEU A 101 -3.93 -7.15 8.07
C LEU A 101 -2.54 -6.55 8.05
N VAL A 102 -1.80 -6.70 9.14
CA VAL A 102 -0.46 -6.16 9.19
C VAL A 102 0.36 -6.70 8.03
N LYS A 103 0.35 -8.02 7.88
CA LYS A 103 1.07 -8.66 6.79
C LYS A 103 0.49 -8.29 5.45
N LYS A 104 -0.80 -7.99 5.43
CA LYS A 104 -1.43 -7.56 4.21
C LYS A 104 -0.72 -6.31 3.75
N VAL A 105 -0.37 -5.52 4.75
CA VAL A 105 0.36 -4.27 4.53
C VAL A 105 1.73 -4.56 3.93
N GLN A 106 2.35 -5.62 4.43
CA GLN A 106 3.68 -6.01 3.95
C GLN A 106 3.68 -6.25 2.44
N VAL A 107 2.63 -6.91 1.95
CA VAL A 107 2.52 -7.21 0.53
C VAL A 107 2.27 -5.95 -0.30
N PHE A 108 1.46 -5.04 0.22
CA PHE A 108 1.13 -3.80 -0.48
C PHE A 108 2.35 -2.90 -0.64
N LEU A 109 3.17 -2.83 0.38
CA LEU A 109 4.38 -2.01 0.33
C LEU A 109 5.36 -2.62 -0.64
N ALA A 110 5.50 -3.93 -0.52
CA ALA A 110 6.39 -4.70 -1.38
C ALA A 110 5.88 -4.78 -2.81
N GLU A 111 4.57 -4.89 -2.96
CA GLU A 111 3.96 -4.97 -4.29
C GLU A 111 4.29 -3.71 -5.08
N CYS A 112 4.23 -2.58 -4.39
CA CYS A 112 4.55 -1.30 -5.01
C CYS A 112 6.02 -1.26 -5.39
N ASP A 113 6.88 -1.84 -4.54
CA ASP A 113 8.30 -1.88 -4.79
C ASP A 113 8.61 -2.70 -6.04
N THR A 114 7.86 -3.79 -6.22
CA THR A 114 8.07 -4.65 -7.37
C THR A 114 7.69 -3.93 -8.66
N VAL A 115 6.61 -3.16 -8.62
CA VAL A 115 6.18 -2.43 -9.81
C VAL A 115 7.27 -1.44 -10.21
N GLU A 116 7.76 -0.68 -9.23
CA GLU A 116 8.84 0.28 -9.48
C GLU A 116 10.11 -0.47 -9.85
N GLN A 117 10.40 -1.53 -9.10
CA GLN A 117 11.58 -2.35 -9.36
C GLN A 117 11.52 -2.93 -10.77
N TYR A 118 10.30 -3.28 -11.18
CA TYR A 118 10.07 -3.83 -12.50
C TYR A 118 10.34 -2.80 -13.56
N ILE A 119 9.81 -1.60 -13.35
CA ILE A 119 10.00 -0.50 -14.27
C ILE A 119 11.46 -0.08 -14.25
N CYS A 120 12.05 -0.06 -13.05
CA CYS A 120 13.45 0.30 -12.89
C CYS A 120 14.38 -0.76 -13.48
N GLN A 121 14.12 -2.02 -13.12
CA GLN A 121 14.94 -3.14 -13.58
C GLN A 121 14.87 -3.34 -15.09
N GLU A 122 13.70 -3.10 -15.68
CA GLU A 122 13.54 -3.28 -17.12
C GLU A 122 14.43 -2.28 -17.84
N THR A 123 14.39 -1.05 -17.36
CA THR A 123 15.22 0.01 -17.92
C THR A 123 16.67 -0.27 -17.54
N GLU A 124 16.86 -0.75 -16.32
CA GLU A 124 18.18 -1.07 -15.81
C GLU A 124 18.86 -2.12 -16.68
N ARG A 125 18.11 -3.16 -17.03
CA ARG A 125 18.64 -4.22 -17.87
C ARG A 125 18.91 -3.72 -19.29
N LEU A 126 18.02 -2.86 -19.78
CA LEU A 126 18.16 -2.30 -21.11
C LEU A 126 19.35 -1.34 -21.17
N GLN A 127 19.64 -0.69 -20.05
CA GLN A 127 20.75 0.25 -19.97
C GLN A 127 21.99 -0.41 -19.36
N SER A 128 22.97 0.40 -18.99
CA SER A 128 24.20 -0.11 -18.40
C SER A 128 25.04 -0.85 -19.44
N THR A 129 26.28 -1.14 -19.08
CA THR A 129 27.20 -1.84 -19.97
C THR A 129 27.25 -3.34 -19.64
N ASN A 130 26.12 -3.88 -19.20
CA ASN A 130 26.03 -5.29 -18.85
C ASN A 130 25.22 -6.06 -19.88
N LEU A 131 25.87 -7.01 -20.56
CA LEU A 131 25.23 -7.83 -21.58
C LEU A 131 24.34 -6.99 -22.50
N ALA A 132 23.52 -7.65 -23.31
CA ALA A 132 22.64 -6.97 -24.24
C ALA A 132 21.76 -7.96 -24.98
N LEU A 133 20.48 -7.61 -25.15
CA LEU A 133 19.53 -8.45 -25.85
C LEU A 133 18.16 -7.79 -25.93
N ALA A 134 18.10 -6.63 -26.59
CA ALA A 134 16.85 -5.90 -26.74
C ALA A 134 15.77 -6.76 -27.37
N GLU A 135 14.60 -6.17 -27.61
CA GLU A 135 13.49 -6.87 -28.23
C GLU A 135 13.87 -7.42 -29.59
N GLY A 1 -34.28 1.48 32.66
CA GLY A 1 -35.69 1.60 32.18
C GLY A 1 -36.55 0.44 32.62
N SER A 2 -37.37 -0.07 31.71
CA SER A 2 -38.25 -1.19 32.02
C SER A 2 -37.53 -2.53 31.79
N PRO A 3 -36.94 -2.73 30.60
CA PRO A 3 -36.22 -3.96 30.27
C PRO A 3 -35.15 -4.29 31.29
N GLU A 4 -34.28 -3.32 31.56
CA GLU A 4 -33.20 -3.52 32.52
C GLU A 4 -32.27 -4.64 32.08
N PHE A 5 -31.13 -4.27 31.52
CA PHE A 5 -30.15 -5.26 31.06
C PHE A 5 -28.73 -4.76 31.29
N MET A 6 -28.54 -3.98 32.34
CA MET A 6 -27.23 -3.44 32.67
C MET A 6 -26.70 -2.56 31.54
N LEU A 7 -27.61 -1.86 30.86
CA LEU A 7 -27.24 -0.99 29.76
C LEU A 7 -28.40 -0.09 29.37
N ILE A 8 -28.07 1.11 28.89
CA ILE A 8 -29.09 2.07 28.47
C ILE A 8 -29.32 2.01 26.97
N GLY A 9 -28.28 1.64 26.23
CA GLY A 9 -28.37 1.55 24.79
C GLY A 9 -28.42 0.12 24.30
N GLU A 10 -29.33 -0.16 23.36
CA GLU A 10 -29.46 -1.51 22.81
C GLU A 10 -28.37 -1.78 21.78
N LYS A 11 -27.51 -2.74 22.07
CA LYS A 11 -26.43 -3.10 21.17
C LYS A 11 -25.69 -4.36 21.66
N SER A 12 -25.28 -5.20 20.71
CA SER A 12 -24.58 -6.43 21.05
C SER A 12 -23.07 -6.25 20.90
N ASN A 13 -22.65 -5.75 19.75
CA ASN A 13 -21.23 -5.52 19.48
C ASN A 13 -20.95 -4.02 19.34
N PRO A 14 -20.63 -3.34 20.45
CA PRO A 14 -20.36 -1.91 20.44
C PRO A 14 -18.90 -1.58 20.09
N GLU A 15 -18.01 -1.73 21.05
CA GLU A 15 -16.59 -1.43 20.84
C GLU A 15 -15.98 -2.36 19.80
N GLU A 16 -16.46 -3.59 19.75
CA GLU A 16 -15.96 -4.55 18.79
C GLU A 16 -16.19 -4.03 17.38
N GLU A 17 -17.37 -3.46 17.18
CA GLU A 17 -17.75 -2.89 15.89
C GLU A 17 -16.93 -1.64 15.61
N VAL A 18 -16.71 -0.85 16.65
CA VAL A 18 -15.95 0.40 16.53
C VAL A 18 -14.51 0.13 16.13
N GLU A 19 -13.86 -0.79 16.85
CA GLU A 19 -12.47 -1.14 16.57
C GLU A 19 -12.37 -1.76 15.18
N LEU A 20 -13.41 -2.49 14.80
CA LEU A 20 -13.46 -3.15 13.51
C LEU A 20 -13.66 -2.14 12.39
N LYS A 21 -14.46 -1.11 12.66
CA LYS A 21 -14.75 -0.08 11.66
C LYS A 21 -13.51 0.69 11.24
N LYS A 22 -12.66 0.94 12.19
CA LYS A 22 -11.42 1.66 11.94
C LYS A 22 -10.50 0.84 11.06
N LEU A 23 -10.38 -0.43 11.41
CA LEU A 23 -9.53 -1.35 10.66
C LEU A 23 -9.99 -1.45 9.22
N LYS A 24 -11.29 -1.57 9.00
CA LYS A 24 -11.80 -1.68 7.64
C LYS A 24 -11.45 -0.45 6.83
N ASP A 25 -11.59 0.70 7.45
CA ASP A 25 -11.28 1.98 6.82
C ASP A 25 -9.81 2.03 6.38
N LEU A 26 -8.94 1.42 7.18
CA LEU A 26 -7.51 1.41 6.87
C LEU A 26 -7.25 0.71 5.55
N GLU A 27 -7.91 -0.44 5.37
CA GLU A 27 -7.76 -1.22 4.15
C GLU A 27 -8.29 -0.45 2.95
N VAL A 28 -9.40 0.25 3.16
CA VAL A 28 -10.03 1.05 2.11
C VAL A 28 -9.16 2.24 1.73
N SER A 29 -8.68 2.92 2.76
CA SER A 29 -7.81 4.06 2.55
C SER A 29 -6.61 3.55 1.80
N ALA A 30 -6.22 2.35 2.18
CA ALA A 30 -5.10 1.66 1.55
C ALA A 30 -5.47 1.30 0.12
N GLU A 31 -6.72 0.89 -0.05
CA GLU A 31 -7.24 0.51 -1.35
C GLU A 31 -7.16 1.69 -2.30
N LYS A 32 -7.39 2.90 -1.78
CA LYS A 32 -7.33 4.11 -2.60
C LYS A 32 -5.90 4.37 -3.04
N ILE A 33 -4.96 4.28 -2.09
CA ILE A 33 -3.55 4.49 -2.42
C ILE A 33 -3.10 3.45 -3.44
N ALA A 34 -3.54 2.21 -3.20
CA ALA A 34 -3.22 1.11 -4.09
C ALA A 34 -3.84 1.33 -5.47
N ASN A 35 -5.03 1.93 -5.49
CA ASN A 35 -5.72 2.19 -6.75
C ASN A 35 -5.01 3.29 -7.54
N HIS A 36 -4.49 4.28 -6.83
CA HIS A 36 -3.79 5.39 -7.46
C HIS A 36 -2.60 4.89 -8.26
N LEU A 37 -1.75 4.10 -7.61
CA LEU A 37 -0.57 3.55 -8.26
C LEU A 37 -0.96 2.66 -9.44
N GLN A 38 -1.87 1.72 -9.19
CA GLN A 38 -2.33 0.81 -10.23
C GLN A 38 -2.91 1.57 -11.42
N GLU A 39 -3.55 2.69 -11.12
CA GLU A 39 -4.16 3.53 -12.15
C GLU A 39 -3.09 4.22 -12.97
N LEU A 40 -2.16 4.86 -12.28
CA LEU A 40 -1.06 5.55 -12.93
C LEU A 40 -0.13 4.53 -13.59
N ASN A 41 0.05 3.38 -12.95
CA ASN A 41 0.94 2.36 -13.51
C ASN A 41 0.46 1.91 -14.89
N LYS A 42 -0.85 1.75 -15.05
CA LYS A 42 -1.42 1.34 -16.32
C LYS A 42 -1.28 2.43 -17.37
N GLU A 43 -1.60 3.66 -16.97
CA GLU A 43 -1.52 4.81 -17.87
C GLU A 43 -0.06 5.15 -18.22
N LEU A 44 0.81 5.06 -17.21
CA LEU A 44 2.23 5.35 -17.40
C LEU A 44 2.88 4.29 -18.27
N SER A 45 2.51 3.04 -18.03
CA SER A 45 3.04 1.92 -18.80
C SER A 45 2.53 1.97 -20.23
N GLY A 46 1.29 2.45 -20.39
CA GLY A 46 0.71 2.55 -21.72
C GLY A 46 1.40 3.62 -22.53
N ILE A 47 1.63 4.75 -21.89
CA ILE A 47 2.34 5.85 -22.51
C ILE A 47 3.79 5.44 -22.68
N GLN A 48 4.29 4.69 -21.70
CA GLN A 48 5.67 4.22 -21.71
C GLN A 48 6.01 3.53 -23.04
N GLN A 49 5.04 2.84 -23.60
CA GLN A 49 5.24 2.13 -24.86
C GLN A 49 5.80 3.07 -25.93
N GLY A 50 5.53 4.36 -25.78
CA GLY A 50 6.02 5.34 -26.74
C GLY A 50 7.53 5.40 -26.78
N PHE A 51 8.08 6.62 -26.82
CA PHE A 51 9.52 6.81 -26.86
C PHE A 51 9.89 8.27 -26.62
N LEU A 52 10.79 8.49 -25.66
CA LEU A 52 11.23 9.84 -25.32
C LEU A 52 12.74 9.87 -25.09
N ALA A 53 13.46 8.98 -25.76
CA ALA A 53 14.91 8.91 -25.59
C ALA A 53 15.24 8.52 -24.15
N LYS A 54 16.52 8.24 -23.91
CA LYS A 54 16.98 7.84 -22.59
C LYS A 54 16.86 8.97 -21.57
N GLU A 55 17.00 10.22 -22.04
CA GLU A 55 16.94 11.37 -21.14
C GLU A 55 15.58 11.54 -20.47
N LEU A 56 14.50 11.50 -21.25
CA LEU A 56 13.16 11.66 -20.68
C LEU A 56 12.66 10.34 -20.08
N GLN A 57 12.87 9.26 -20.81
CA GLN A 57 12.43 7.94 -20.35
C GLN A 57 13.06 7.62 -19.00
N ALA A 58 14.37 7.78 -18.91
CA ALA A 58 15.08 7.55 -17.66
C ALA A 58 14.60 8.54 -16.60
N GLU A 59 14.30 9.75 -17.06
CA GLU A 59 13.80 10.81 -16.19
C GLU A 59 12.45 10.43 -15.61
N ALA A 60 11.56 9.97 -16.50
CA ALA A 60 10.21 9.58 -16.09
C ALA A 60 10.22 8.31 -15.23
N LEU A 61 11.03 7.33 -15.63
CA LEU A 61 11.10 6.06 -14.89
C LEU A 61 11.55 6.30 -13.45
N CYS A 62 12.60 7.08 -13.27
CA CYS A 62 13.11 7.38 -11.94
C CYS A 62 12.11 8.26 -11.20
N LYS A 63 11.50 9.20 -11.93
CA LYS A 63 10.51 10.08 -11.34
C LYS A 63 9.30 9.24 -10.93
N LEU A 64 9.03 8.19 -11.71
CA LEU A 64 7.94 7.28 -11.42
C LEU A 64 8.19 6.57 -10.10
N ASP A 65 9.41 6.07 -9.97
CA ASP A 65 9.82 5.35 -8.77
C ASP A 65 9.76 6.23 -7.53
N ARG A 66 10.29 7.44 -7.63
CA ARG A 66 10.29 8.33 -6.48
C ARG A 66 8.87 8.62 -6.02
N LYS A 67 7.95 8.74 -6.97
CA LYS A 67 6.57 8.97 -6.63
C LYS A 67 6.00 7.73 -5.98
N VAL A 68 6.50 6.60 -6.41
CA VAL A 68 6.10 5.33 -5.84
C VAL A 68 6.52 5.33 -4.39
N LYS A 69 7.67 5.94 -4.13
CA LYS A 69 8.23 5.99 -2.78
C LYS A 69 7.22 6.64 -1.83
N ALA A 70 6.62 7.73 -2.28
CA ALA A 70 5.63 8.42 -1.46
C ALA A 70 4.45 7.48 -1.18
N THR A 71 4.12 6.66 -2.17
CA THR A 71 3.02 5.71 -2.02
C THR A 71 3.39 4.65 -1.01
N ILE A 72 4.61 4.12 -1.12
CA ILE A 72 5.09 3.11 -0.19
C ILE A 72 5.07 3.66 1.23
N GLU A 73 5.49 4.92 1.36
CA GLU A 73 5.52 5.59 2.65
C GLU A 73 4.15 5.56 3.32
N GLN A 74 3.11 5.85 2.54
CA GLN A 74 1.75 5.84 3.06
C GLN A 74 1.41 4.42 3.50
N PHE A 75 1.76 3.47 2.64
CA PHE A 75 1.53 2.06 2.92
C PHE A 75 2.31 1.62 4.15
N MET A 76 3.52 2.15 4.30
CA MET A 76 4.37 1.83 5.44
C MET A 76 3.77 2.36 6.74
N LYS A 77 3.11 3.51 6.64
CA LYS A 77 2.50 4.14 7.81
C LYS A 77 1.36 3.28 8.34
N ILE A 78 0.57 2.72 7.44
CA ILE A 78 -0.57 1.88 7.83
C ILE A 78 -0.09 0.63 8.55
N LEU A 79 0.97 0.02 8.02
CA LEU A 79 1.53 -1.19 8.61
C LEU A 79 2.11 -0.88 10.00
N GLU A 80 2.88 0.20 10.07
CA GLU A 80 3.51 0.61 11.32
C GLU A 80 2.49 0.86 12.42
N GLU A 81 1.34 1.40 12.04
CA GLU A 81 0.27 1.70 13.00
C GLU A 81 -0.31 0.40 13.52
N ILE A 82 -0.59 -0.52 12.60
CA ILE A 82 -1.11 -1.82 12.97
C ILE A 82 -0.03 -2.58 13.72
N ASP A 83 1.21 -2.39 13.29
CA ASP A 83 2.35 -3.05 13.89
C ASP A 83 2.41 -2.74 15.40
N THR A 84 2.00 -1.54 15.77
CA THR A 84 2.01 -1.13 17.16
C THR A 84 0.62 -1.22 17.78
N MET A 85 -0.20 -2.12 17.24
CA MET A 85 -1.55 -2.33 17.73
C MET A 85 -1.59 -3.50 18.72
N VAL A 86 -1.46 -3.18 20.01
CA VAL A 86 -1.47 -4.20 21.05
C VAL A 86 -2.81 -4.93 21.13
N LEU A 87 -3.80 -4.27 21.74
CA LEU A 87 -5.13 -4.86 21.88
C LEU A 87 -5.06 -6.15 22.71
N PRO A 88 -6.11 -6.44 23.50
CA PRO A 88 -6.15 -7.62 24.35
C PRO A 88 -6.90 -8.78 23.70
N GLU A 89 -7.16 -9.82 24.48
CA GLU A 89 -7.87 -10.99 23.99
C GLU A 89 -9.39 -10.81 24.13
N GLN A 90 -10.00 -10.26 23.09
CA GLN A 90 -11.44 -10.02 23.09
C GLN A 90 -11.95 -9.73 21.68
N PHE A 91 -11.21 -8.89 20.96
CA PHE A 91 -11.57 -8.54 19.60
C PHE A 91 -11.05 -9.58 18.62
N LYS A 92 -11.58 -10.79 18.73
CA LYS A 92 -11.16 -11.90 17.88
C LYS A 92 -11.33 -11.56 16.40
N ASP A 93 -12.51 -11.08 16.03
CA ASP A 93 -12.78 -10.72 14.64
C ASP A 93 -11.97 -9.51 14.20
N SER A 94 -11.94 -8.49 15.04
CA SER A 94 -11.19 -7.28 14.74
C SER A 94 -9.70 -7.58 14.58
N ARG A 95 -9.16 -8.38 15.50
CA ARG A 95 -7.74 -8.73 15.44
C ARG A 95 -7.45 -9.57 14.22
N LEU A 96 -8.34 -10.48 13.91
CA LEU A 96 -8.20 -11.31 12.72
C LEU A 96 -8.25 -10.42 11.49
N LYS A 97 -9.10 -9.40 11.58
CA LYS A 97 -9.28 -8.44 10.49
C LYS A 97 -8.02 -7.62 10.26
N ARG A 98 -7.45 -7.08 11.33
CA ARG A 98 -6.25 -6.26 11.24
C ARG A 98 -5.05 -7.06 10.74
N LYS A 99 -4.88 -8.26 11.29
CA LYS A 99 -3.76 -9.12 10.89
C LYS A 99 -3.83 -9.42 9.40
N ASN A 100 -5.01 -9.81 8.94
CA ASN A 100 -5.21 -10.10 7.53
C ASN A 100 -4.97 -8.83 6.72
N LEU A 101 -5.45 -7.72 7.25
CA LEU A 101 -5.30 -6.43 6.61
C LEU A 101 -3.84 -6.09 6.46
N VAL A 102 -3.05 -6.49 7.44
CA VAL A 102 -1.62 -6.24 7.42
C VAL A 102 -0.98 -6.88 6.20
N LYS A 103 -1.32 -8.13 5.94
CA LYS A 103 -0.77 -8.82 4.79
C LYS A 103 -1.18 -8.18 3.49
N LYS A 104 -2.40 -7.69 3.45
CA LYS A 104 -2.85 -6.97 2.26
C LYS A 104 -1.97 -5.76 2.14
N VAL A 105 -1.69 -5.24 3.31
CA VAL A 105 -0.84 -4.04 3.43
C VAL A 105 0.59 -4.37 3.03
N GLN A 106 1.08 -5.53 3.45
CA GLN A 106 2.43 -5.95 3.14
C GLN A 106 2.60 -6.23 1.65
N VAL A 107 1.61 -6.89 1.07
CA VAL A 107 1.65 -7.23 -0.35
C VAL A 107 1.50 -6.01 -1.25
N PHE A 108 0.50 -5.19 -0.96
CA PHE A 108 0.25 -4.00 -1.76
C PHE A 108 1.37 -2.98 -1.62
N LEU A 109 1.92 -2.88 -0.42
CA LEU A 109 3.01 -1.95 -0.18
C LEU A 109 4.27 -2.42 -0.86
N ALA A 110 4.54 -3.70 -0.67
CA ALA A 110 5.70 -4.36 -1.26
C ALA A 110 5.57 -4.53 -2.77
N GLU A 111 4.37 -4.85 -3.23
CA GLU A 111 4.13 -5.05 -4.66
C GLU A 111 4.46 -3.77 -5.41
N CYS A 112 4.14 -2.65 -4.80
CA CYS A 112 4.43 -1.36 -5.39
C CYS A 112 5.92 -1.15 -5.47
N ASP A 113 6.64 -1.50 -4.40
CA ASP A 113 8.09 -1.35 -4.35
C ASP A 113 8.79 -2.32 -5.29
N THR A 114 8.40 -3.60 -5.23
CA THR A 114 9.02 -4.61 -6.08
C THR A 114 8.80 -4.30 -7.55
N VAL A 115 7.56 -4.03 -7.94
CA VAL A 115 7.27 -3.70 -9.33
C VAL A 115 8.06 -2.46 -9.73
N GLU A 116 8.04 -1.47 -8.86
CA GLU A 116 8.76 -0.23 -9.11
C GLU A 116 10.26 -0.49 -9.13
N GLN A 117 10.72 -1.36 -8.23
CA GLN A 117 12.14 -1.71 -8.16
C GLN A 117 12.61 -2.21 -9.52
N TYR A 118 11.73 -2.93 -10.19
CA TYR A 118 12.03 -3.46 -11.51
C TYR A 118 12.14 -2.32 -12.50
N ILE A 119 11.18 -1.42 -12.44
CA ILE A 119 11.18 -0.25 -13.30
C ILE A 119 12.42 0.58 -13.02
N CYS A 120 12.74 0.73 -11.74
CA CYS A 120 13.91 1.50 -11.33
C CYS A 120 15.23 0.81 -11.70
N GLN A 121 15.34 -0.48 -11.40
CA GLN A 121 16.54 -1.25 -11.68
C GLN A 121 16.81 -1.33 -13.18
N GLU A 122 15.75 -1.41 -13.97
CA GLU A 122 15.89 -1.48 -15.42
C GLU A 122 16.49 -0.19 -15.91
N THR A 123 15.96 0.90 -15.39
CA THR A 123 16.45 2.23 -15.72
C THR A 123 17.90 2.32 -15.28
N GLU A 124 18.19 1.72 -14.12
CA GLU A 124 19.53 1.73 -13.57
C GLU A 124 20.47 0.91 -14.44
N ARG A 125 20.03 -0.28 -14.84
CA ARG A 125 20.83 -1.15 -15.68
C ARG A 125 21.08 -0.51 -17.04
N LEU A 126 20.08 0.20 -17.54
CA LEU A 126 20.18 0.85 -18.83
C LEU A 126 21.29 1.91 -18.81
N GLN A 127 21.49 2.52 -17.65
CA GLN A 127 22.52 3.54 -17.50
C GLN A 127 23.92 2.93 -17.56
N SER A 128 24.34 2.32 -16.46
CA SER A 128 25.65 1.68 -16.39
C SER A 128 26.76 2.68 -16.72
N THR A 129 27.98 2.18 -16.89
CA THR A 129 29.12 3.04 -17.20
C THR A 129 29.39 3.05 -18.70
N ASN A 130 29.47 4.25 -19.27
CA ASN A 130 29.73 4.41 -20.70
C ASN A 130 28.63 3.77 -21.52
N LEU A 131 28.46 4.24 -22.75
CA LEU A 131 27.43 3.70 -23.64
C LEU A 131 27.99 2.59 -24.51
N ALA A 132 27.35 1.42 -24.45
CA ALA A 132 27.79 0.27 -25.23
C ALA A 132 26.65 -0.72 -25.43
N LEU A 133 26.16 -0.83 -26.67
CA LEU A 133 25.08 -1.75 -26.98
C LEU A 133 25.33 -2.45 -28.32
N ALA A 134 25.58 -3.75 -28.25
CA ALA A 134 25.83 -4.54 -29.45
C ALA A 134 25.03 -5.83 -29.43
N GLU A 135 25.12 -6.56 -28.33
CA GLU A 135 24.41 -7.83 -28.19
C GLU A 135 23.12 -7.64 -27.40
N GLY A 1 -22.16 -16.49 34.15
CA GLY A 1 -21.90 -15.08 34.56
C GLY A 1 -22.92 -14.12 33.98
N SER A 2 -23.40 -14.40 32.78
CA SER A 2 -24.39 -13.55 32.12
C SER A 2 -25.77 -14.18 32.17
N PRO A 3 -26.55 -13.88 33.23
CA PRO A 3 -27.90 -14.42 33.39
C PRO A 3 -28.88 -13.86 32.36
N GLU A 4 -29.68 -14.74 31.77
CA GLU A 4 -30.66 -14.33 30.77
C GLU A 4 -29.97 -13.68 29.57
N PHE A 5 -30.67 -13.66 28.44
CA PHE A 5 -30.13 -13.07 27.22
C PHE A 5 -30.87 -11.79 26.85
N MET A 6 -32.07 -11.62 27.39
CA MET A 6 -32.88 -10.45 27.12
C MET A 6 -33.23 -10.35 25.64
N LEU A 7 -34.27 -9.59 25.32
CA LEU A 7 -34.71 -9.43 23.94
C LEU A 7 -34.19 -8.12 23.36
N ILE A 8 -32.98 -7.74 23.76
CA ILE A 8 -32.37 -6.50 23.28
C ILE A 8 -31.50 -6.77 22.05
N GLY A 9 -30.96 -7.98 21.97
CA GLY A 9 -30.11 -8.33 20.84
C GLY A 9 -29.19 -9.49 21.15
N GLU A 10 -28.54 -10.03 20.13
CA GLU A 10 -27.62 -11.15 20.29
C GLU A 10 -26.63 -11.23 19.14
N LYS A 11 -25.36 -11.35 19.46
CA LYS A 11 -24.32 -11.43 18.45
C LYS A 11 -24.25 -10.15 17.61
N SER A 12 -23.70 -10.26 16.41
CA SER A 12 -23.58 -9.10 15.50
C SER A 12 -22.31 -8.30 15.78
N ASN A 13 -21.65 -8.59 16.90
CA ASN A 13 -20.42 -7.89 17.27
C ASN A 13 -20.63 -6.38 17.27
N PRO A 14 -21.06 -5.80 18.40
CA PRO A 14 -21.31 -4.36 18.53
C PRO A 14 -20.02 -3.53 18.42
N GLU A 15 -19.28 -3.46 19.52
CA GLU A 15 -18.03 -2.69 19.55
C GLU A 15 -16.97 -3.30 18.64
N GLU A 16 -16.99 -4.62 18.52
CA GLU A 16 -16.03 -5.31 17.67
C GLU A 16 -16.14 -4.76 16.25
N GLU A 17 -17.37 -4.59 15.81
CA GLU A 17 -17.66 -4.04 14.49
C GLU A 17 -17.01 -2.69 14.35
N VAL A 18 -17.03 -1.90 15.42
CA VAL A 18 -16.42 -0.58 15.38
C VAL A 18 -14.94 -0.69 15.03
N GLU A 19 -14.24 -1.56 15.72
CA GLU A 19 -12.83 -1.80 15.45
C GLU A 19 -12.70 -2.51 14.11
N LEU A 20 -13.70 -3.34 13.82
CA LEU A 20 -13.76 -4.12 12.61
C LEU A 20 -13.99 -3.24 11.39
N LYS A 21 -14.80 -2.21 11.56
CA LYS A 21 -15.13 -1.29 10.46
C LYS A 21 -13.93 -0.47 10.02
N LYS A 22 -13.16 -0.02 10.98
CA LYS A 22 -11.98 0.79 10.69
C LYS A 22 -10.95 -0.06 9.97
N LEU A 23 -10.74 -1.27 10.46
CA LEU A 23 -9.79 -2.19 9.86
C LEU A 23 -10.21 -2.48 8.42
N LYS A 24 -11.51 -2.65 8.24
CA LYS A 24 -12.07 -2.90 6.94
C LYS A 24 -11.73 -1.78 5.98
N ASP A 25 -11.96 -0.57 6.43
CA ASP A 25 -11.69 0.63 5.65
C ASP A 25 -10.21 0.72 5.31
N LEU A 26 -9.36 0.29 6.25
CA LEU A 26 -7.92 0.35 6.05
C LEU A 26 -7.49 -0.50 4.85
N GLU A 27 -8.05 -1.70 4.75
CA GLU A 27 -7.73 -2.59 3.64
C GLU A 27 -8.19 -1.98 2.32
N VAL A 28 -9.38 -1.40 2.36
CA VAL A 28 -9.98 -0.76 1.19
C VAL A 28 -9.20 0.47 0.78
N SER A 29 -8.89 1.28 1.79
CA SER A 29 -8.13 2.49 1.57
C SER A 29 -6.80 2.06 1.02
N ALA A 30 -6.33 0.94 1.54
CA ALA A 30 -5.06 0.35 1.11
C ALA A 30 -5.20 -0.16 -0.31
N GLU A 31 -6.30 -0.83 -0.58
CA GLU A 31 -6.58 -1.36 -1.89
C GLU A 31 -6.64 -0.21 -2.90
N LYS A 32 -7.17 0.93 -2.45
CA LYS A 32 -7.26 2.11 -3.30
C LYS A 32 -5.88 2.65 -3.61
N ILE A 33 -5.02 2.74 -2.61
CA ILE A 33 -3.66 3.22 -2.81
C ILE A 33 -2.96 2.29 -3.79
N ALA A 34 -3.12 1.00 -3.56
CA ALA A 34 -2.52 -0.01 -4.43
C ALA A 34 -3.11 0.07 -5.83
N ASN A 35 -4.42 0.28 -5.91
CA ASN A 35 -5.10 0.37 -7.20
C ASN A 35 -4.72 1.67 -7.91
N HIS A 36 -4.60 2.74 -7.14
CA HIS A 36 -4.23 4.04 -7.69
C HIS A 36 -2.88 3.98 -8.37
N LEU A 37 -1.95 3.23 -7.78
CA LEU A 37 -0.62 3.08 -8.34
C LEU A 37 -0.68 2.41 -9.71
N GLN A 38 -1.38 1.29 -9.79
CA GLN A 38 -1.54 0.56 -11.04
C GLN A 38 -2.25 1.42 -12.08
N GLU A 39 -3.19 2.22 -11.61
CA GLU A 39 -3.96 3.12 -12.48
C GLU A 39 -3.06 4.22 -13.00
N LEU A 40 -2.36 4.86 -12.08
CA LEU A 40 -1.43 5.92 -12.43
C LEU A 40 -0.37 5.37 -13.37
N ASN A 41 0.01 4.11 -13.14
CA ASN A 41 1.01 3.46 -13.97
C ASN A 41 0.58 3.43 -15.43
N LYS A 42 -0.68 3.06 -15.67
CA LYS A 42 -1.22 3.00 -17.01
C LYS A 42 -1.36 4.39 -17.61
N GLU A 43 -1.79 5.35 -16.78
CA GLU A 43 -1.97 6.72 -17.23
C GLU A 43 -0.62 7.39 -17.50
N LEU A 44 0.36 7.12 -16.64
CA LEU A 44 1.69 7.70 -16.80
C LEU A 44 2.38 7.13 -18.03
N SER A 45 2.29 5.81 -18.17
CA SER A 45 2.90 5.12 -19.31
C SER A 45 2.15 5.46 -20.59
N GLY A 46 0.84 5.63 -20.48
CA GLY A 46 0.02 5.95 -21.63
C GLY A 46 0.32 7.34 -22.13
N ILE A 47 0.41 8.27 -21.19
CA ILE A 47 0.75 9.64 -21.50
C ILE A 47 2.20 9.69 -21.95
N GLN A 48 3.01 8.84 -21.34
CA GLN A 48 4.43 8.77 -21.66
C GLN A 48 4.67 8.64 -23.17
N GLN A 49 3.92 7.72 -23.79
CA GLN A 49 4.00 7.44 -25.23
C GLN A 49 5.34 7.86 -25.84
N GLY A 50 5.47 9.15 -26.13
CA GLY A 50 6.70 9.66 -26.73
C GLY A 50 7.94 9.29 -25.94
N PHE A 51 9.10 9.37 -26.60
CA PHE A 51 10.37 9.05 -25.96
C PHE A 51 11.37 10.19 -26.12
N LEU A 52 11.68 10.86 -25.01
CA LEU A 52 12.62 11.97 -25.04
C LEU A 52 14.04 11.49 -24.75
N ALA A 53 14.61 10.78 -25.72
CA ALA A 53 15.97 10.26 -25.56
C ALA A 53 16.10 9.45 -24.28
N LYS A 54 17.28 8.85 -24.09
CA LYS A 54 17.54 8.04 -22.91
C LYS A 54 17.56 8.88 -21.64
N GLU A 55 17.96 10.15 -21.77
CA GLU A 55 18.05 11.04 -20.62
C GLU A 55 16.71 11.20 -19.91
N LEU A 56 15.65 11.48 -20.68
CA LEU A 56 14.33 11.64 -20.10
C LEU A 56 13.65 10.30 -19.84
N GLN A 57 13.93 9.33 -20.70
CA GLN A 57 13.34 8.01 -20.56
C GLN A 57 13.79 7.36 -19.25
N ALA A 58 15.10 7.37 -19.01
CA ALA A 58 15.64 6.82 -17.78
C ALA A 58 15.18 7.66 -16.59
N GLU A 59 15.07 8.97 -16.83
CA GLU A 59 14.65 9.90 -15.80
C GLU A 59 13.16 9.71 -15.47
N ALA A 60 12.36 9.48 -16.51
CA ALA A 60 10.92 9.29 -16.33
C ALA A 60 10.61 7.99 -15.61
N LEU A 61 11.25 6.91 -16.05
CA LEU A 61 11.02 5.60 -15.46
C LEU A 61 11.51 5.56 -14.02
N CYS A 62 12.71 6.08 -13.78
CA CYS A 62 13.27 6.13 -12.43
C CYS A 62 12.39 6.97 -11.52
N LYS A 63 11.87 8.08 -12.07
CA LYS A 63 10.99 8.96 -11.31
C LYS A 63 9.67 8.25 -11.07
N LEU A 64 9.25 7.43 -12.04
CA LEU A 64 8.03 6.68 -11.93
C LEU A 64 8.14 5.67 -10.80
N ASP A 65 9.26 4.96 -10.77
CA ASP A 65 9.51 3.98 -9.73
C ASP A 65 9.60 4.69 -8.39
N ARG A 66 10.25 5.86 -8.39
CA ARG A 66 10.40 6.64 -7.17
C ARG A 66 9.03 7.07 -6.66
N LYS A 67 8.14 7.40 -7.57
CA LYS A 67 6.80 7.79 -7.18
C LYS A 67 6.11 6.61 -6.53
N VAL A 68 6.44 5.43 -7.03
CA VAL A 68 5.91 4.21 -6.46
C VAL A 68 6.33 4.14 -5.01
N LYS A 69 7.56 4.62 -4.75
CA LYS A 69 8.12 4.63 -3.40
C LYS A 69 7.23 5.44 -2.47
N ALA A 70 6.72 6.55 -2.97
CA ALA A 70 5.85 7.41 -2.19
C ALA A 70 4.60 6.64 -1.76
N THR A 71 4.07 5.83 -2.68
CA THR A 71 2.89 5.03 -2.40
C THR A 71 3.24 3.95 -1.39
N ILE A 72 4.41 3.35 -1.56
CA ILE A 72 4.89 2.32 -0.66
C ILE A 72 5.08 2.90 0.73
N GLU A 73 5.62 4.11 0.78
CA GLU A 73 5.86 4.79 2.04
C GLU A 73 4.55 4.91 2.84
N GLN A 74 3.45 5.18 2.14
CA GLN A 74 2.15 5.28 2.80
C GLN A 74 1.84 3.96 3.48
N PHE A 75 2.10 2.88 2.76
CA PHE A 75 1.89 1.53 3.28
C PHE A 75 2.72 1.31 4.54
N MET A 76 3.92 1.89 4.56
CA MET A 76 4.81 1.75 5.70
C MET A 76 4.26 2.46 6.94
N LYS A 77 3.80 3.69 6.77
CA LYS A 77 3.26 4.47 7.89
C LYS A 77 2.02 3.81 8.47
N ILE A 78 1.17 3.28 7.60
CA ILE A 78 -0.06 2.63 8.05
C ILE A 78 0.26 1.42 8.92
N LEU A 79 1.19 0.58 8.46
CA LEU A 79 1.60 -0.60 9.21
C LEU A 79 2.27 -0.18 10.52
N GLU A 80 3.11 0.83 10.43
CA GLU A 80 3.83 1.34 11.61
C GLU A 80 2.85 1.91 12.64
N GLU A 81 1.79 2.53 12.15
CA GLU A 81 0.77 3.12 13.02
C GLU A 81 -0.01 2.01 13.71
N ILE A 82 -0.39 1.02 12.93
CA ILE A 82 -1.10 -0.14 13.46
C ILE A 82 -0.16 -0.91 14.37
N ASP A 83 1.11 -0.95 13.97
CA ASP A 83 2.14 -1.65 14.73
C ASP A 83 2.18 -1.15 16.18
N THR A 84 1.80 0.10 16.37
CA THR A 84 1.79 0.70 17.70
C THR A 84 0.38 1.12 18.11
N MET A 85 -0.61 0.38 17.62
CA MET A 85 -2.00 0.67 17.94
C MET A 85 -2.39 0.11 19.30
N VAL A 86 -3.17 0.87 20.05
CA VAL A 86 -3.60 0.46 21.38
C VAL A 86 -4.94 -0.29 21.31
N LEU A 87 -4.90 -1.59 21.56
CA LEU A 87 -6.10 -2.42 21.52
C LEU A 87 -6.39 -3.01 22.90
N PRO A 88 -7.69 -3.11 23.27
CA PRO A 88 -8.10 -3.65 24.56
C PRO A 88 -8.26 -5.17 24.55
N GLU A 89 -7.61 -5.83 23.59
CA GLU A 89 -7.69 -7.29 23.46
C GLU A 89 -9.14 -7.76 23.55
N GLN A 90 -9.33 -9.05 23.86
CA GLN A 90 -10.66 -9.64 23.98
C GLN A 90 -11.27 -9.87 22.59
N PHE A 91 -11.47 -8.79 21.85
CA PHE A 91 -12.06 -8.88 20.52
C PHE A 91 -11.27 -9.86 19.64
N LYS A 92 -11.77 -11.09 19.55
CA LYS A 92 -11.12 -12.12 18.75
C LYS A 92 -11.14 -11.78 17.27
N ASP A 93 -12.32 -11.42 16.77
CA ASP A 93 -12.46 -11.07 15.35
C ASP A 93 -11.66 -9.81 15.02
N SER A 94 -11.66 -8.85 15.93
CA SER A 94 -10.95 -7.60 15.73
C SER A 94 -9.43 -7.83 15.73
N ARG A 95 -8.96 -8.60 16.69
CA ARG A 95 -7.53 -8.89 16.80
C ARG A 95 -7.05 -9.70 15.61
N LEU A 96 -7.79 -10.75 15.30
CA LEU A 96 -7.46 -11.59 14.16
C LEU A 96 -7.43 -10.75 12.90
N LYS A 97 -8.35 -9.78 12.85
CA LYS A 97 -8.45 -8.88 11.71
C LYS A 97 -7.22 -7.99 11.60
N ARG A 98 -6.82 -7.38 12.72
CA ARG A 98 -5.67 -6.50 12.74
C ARG A 98 -4.39 -7.22 12.33
N LYS A 99 -4.18 -8.42 12.87
CA LYS A 99 -2.99 -9.20 12.55
C LYS A 99 -2.95 -9.55 11.08
N ASN A 100 -4.06 -10.06 10.57
CA ASN A 100 -4.17 -10.43 9.16
C ASN A 100 -3.99 -9.18 8.30
N LEU A 101 -4.45 -8.05 8.81
CA LEU A 101 -4.35 -6.79 8.11
C LEU A 101 -2.92 -6.35 8.00
N VAL A 102 -2.15 -6.57 9.05
CA VAL A 102 -0.75 -6.20 9.03
C VAL A 102 -0.08 -6.88 7.85
N LYS A 103 -0.29 -8.18 7.74
CA LYS A 103 0.28 -8.94 6.64
C LYS A 103 -0.27 -8.51 5.30
N LYS A 104 -1.52 -8.07 5.30
CA LYS A 104 -2.10 -7.58 4.07
C LYS A 104 -1.25 -6.42 3.61
N VAL A 105 -0.80 -5.66 4.62
CA VAL A 105 0.04 -4.50 4.39
C VAL A 105 1.40 -4.92 3.89
N GLN A 106 1.91 -6.01 4.46
CA GLN A 106 3.22 -6.52 4.08
C GLN A 106 3.26 -6.84 2.59
N VAL A 107 2.24 -7.55 2.11
CA VAL A 107 2.17 -7.93 0.71
C VAL A 107 1.91 -6.73 -0.21
N PHE A 108 0.90 -5.94 0.14
CA PHE A 108 0.54 -4.76 -0.65
C PHE A 108 1.63 -3.70 -0.64
N LEU A 109 2.29 -3.57 0.49
CA LEU A 109 3.36 -2.59 0.61
C LEU A 109 4.57 -3.04 -0.20
N ALA A 110 4.88 -4.31 -0.04
CA ALA A 110 5.97 -4.95 -0.76
C ALA A 110 5.66 -5.09 -2.24
N GLU A 111 4.39 -5.32 -2.56
CA GLU A 111 3.98 -5.45 -3.96
C GLU A 111 4.33 -4.19 -4.72
N CYS A 112 4.02 -3.07 -4.10
CA CYS A 112 4.33 -1.77 -4.70
C CYS A 112 5.84 -1.65 -4.91
N ASP A 113 6.61 -2.15 -3.95
CA ASP A 113 8.07 -2.11 -4.05
C ASP A 113 8.53 -2.89 -5.27
N THR A 114 7.87 -4.01 -5.53
CA THR A 114 8.23 -4.83 -6.69
C THR A 114 8.00 -4.03 -7.97
N VAL A 115 6.91 -3.29 -8.01
CA VAL A 115 6.61 -2.46 -9.17
C VAL A 115 7.71 -1.41 -9.33
N GLU A 116 8.09 -0.81 -8.21
CA GLU A 116 9.14 0.19 -8.20
C GLU A 116 10.47 -0.45 -8.58
N GLN A 117 10.75 -1.60 -7.97
CA GLN A 117 11.98 -2.33 -8.25
C GLN A 117 12.02 -2.84 -9.69
N TYR A 118 10.86 -3.25 -10.18
CA TYR A 118 10.75 -3.78 -11.54
C TYR A 118 11.00 -2.69 -12.57
N ILE A 119 10.36 -1.54 -12.35
CA ILE A 119 10.54 -0.41 -13.24
C ILE A 119 11.95 0.13 -13.09
N CYS A 120 12.43 0.16 -11.86
CA CYS A 120 13.78 0.64 -11.59
C CYS A 120 14.84 -0.32 -12.14
N GLN A 121 14.67 -1.60 -11.85
CA GLN A 121 15.61 -2.63 -12.30
C GLN A 121 15.59 -2.80 -13.82
N GLU A 122 14.42 -2.67 -14.43
CA GLU A 122 14.30 -2.82 -15.88
C GLU A 122 15.01 -1.67 -16.56
N THR A 123 14.76 -0.47 -16.06
CA THR A 123 15.41 0.72 -16.58
C THR A 123 16.90 0.59 -16.38
N GLU A 124 17.28 0.01 -15.24
CA GLU A 124 18.67 -0.19 -14.91
C GLU A 124 19.35 -1.05 -15.97
N ARG A 125 18.68 -2.12 -16.38
CA ARG A 125 19.21 -3.01 -17.40
C ARG A 125 19.35 -2.27 -18.72
N LEU A 126 18.39 -1.39 -18.99
CA LEU A 126 18.38 -0.61 -20.22
C LEU A 126 19.64 0.25 -20.32
N GLN A 127 20.14 0.69 -19.17
CA GLN A 127 21.33 1.52 -19.13
C GLN A 127 22.56 0.73 -19.58
N SER A 128 23.02 1.02 -20.78
CA SER A 128 24.19 0.33 -21.34
C SER A 128 25.20 1.33 -21.89
N THR A 129 26.47 0.93 -21.91
CA THR A 129 27.52 1.80 -22.41
C THR A 129 28.56 1.00 -23.21
N ASN A 130 28.96 1.54 -24.35
CA ASN A 130 29.94 0.87 -25.21
C ASN A 130 30.69 1.89 -26.06
N LEU A 131 30.87 3.09 -25.52
CA LEU A 131 31.57 4.15 -26.23
C LEU A 131 32.21 5.13 -25.26
N ALA A 132 32.92 6.12 -25.80
CA ALA A 132 33.58 7.13 -24.97
C ALA A 132 33.23 8.54 -25.45
N LEU A 133 33.30 8.74 -26.76
CA LEU A 133 32.99 10.05 -27.34
C LEU A 133 32.82 9.93 -28.85
N ALA A 134 33.78 9.29 -29.51
CA ALA A 134 33.74 9.13 -30.95
C ALA A 134 33.78 10.47 -31.67
N GLU A 135 34.21 11.52 -30.96
CA GLU A 135 34.29 12.85 -31.54
C GLU A 135 33.01 13.23 -32.26
N GLY A 1 -44.14 -10.00 -4.18
CA GLY A 1 -44.43 -10.32 -2.77
C GLY A 1 -43.66 -9.42 -1.80
N SER A 2 -43.92 -8.13 -1.89
CA SER A 2 -43.24 -7.16 -1.03
C SER A 2 -41.73 -7.21 -1.22
N PRO A 3 -41.14 -6.17 -1.86
CA PRO A 3 -39.70 -6.11 -2.10
C PRO A 3 -38.90 -5.95 -0.81
N GLU A 4 -38.11 -6.97 -0.48
CA GLU A 4 -37.30 -6.94 0.73
C GLU A 4 -36.15 -7.95 0.64
N PHE A 5 -34.93 -7.46 0.74
CA PHE A 5 -33.75 -8.32 0.66
C PHE A 5 -33.15 -8.54 2.04
N MET A 6 -33.99 -8.44 3.07
CA MET A 6 -33.55 -8.64 4.45
C MET A 6 -32.38 -7.72 4.78
N LEU A 7 -32.68 -6.63 5.50
CA LEU A 7 -31.64 -5.67 5.89
C LEU A 7 -31.31 -5.79 7.37
N ILE A 8 -32.31 -6.19 8.16
CA ILE A 8 -32.12 -6.35 9.59
C ILE A 8 -32.06 -7.81 9.98
N GLY A 9 -30.98 -8.48 9.60
CA GLY A 9 -30.81 -9.89 9.91
C GLY A 9 -29.38 -10.23 10.30
N GLU A 10 -28.43 -9.77 9.49
CA GLU A 10 -27.03 -10.03 9.74
C GLU A 10 -26.26 -8.72 9.95
N LYS A 11 -26.91 -7.75 10.60
CA LYS A 11 -26.30 -6.46 10.86
C LYS A 11 -26.11 -6.22 12.35
N SER A 12 -24.86 -6.00 12.74
CA SER A 12 -24.53 -5.75 14.14
C SER A 12 -23.45 -4.67 14.24
N ASN A 13 -23.34 -4.06 15.42
CA ASN A 13 -22.34 -3.01 15.63
C ASN A 13 -21.82 -3.01 17.07
N PRO A 14 -21.32 -4.16 17.55
CA PRO A 14 -20.80 -4.28 18.91
C PRO A 14 -19.35 -3.82 19.04
N GLU A 15 -18.73 -4.19 20.16
CA GLU A 15 -17.34 -3.82 20.41
C GLU A 15 -16.47 -4.31 19.27
N GLU A 16 -16.86 -5.45 18.70
CA GLU A 16 -16.15 -6.00 17.57
C GLU A 16 -16.23 -5.02 16.42
N GLU A 17 -17.42 -4.42 16.26
CA GLU A 17 -17.64 -3.44 15.23
C GLU A 17 -16.73 -2.25 15.42
N VAL A 18 -16.50 -1.86 16.67
CA VAL A 18 -15.63 -0.72 16.93
C VAL A 18 -14.24 -0.97 16.38
N GLU A 19 -13.68 -2.14 16.70
CA GLU A 19 -12.37 -2.51 16.19
C GLU A 19 -12.47 -2.75 14.68
N LEU A 20 -13.63 -3.26 14.29
CA LEU A 20 -13.93 -3.56 12.91
C LEU A 20 -14.10 -2.28 12.09
N LYS A 21 -14.68 -1.27 12.71
CA LYS A 21 -14.93 0.00 12.04
C LYS A 21 -13.63 0.67 11.61
N LYS A 22 -12.65 0.59 12.47
CA LYS A 22 -11.34 1.16 12.18
C LYS A 22 -10.70 0.39 11.05
N LEU A 23 -10.79 -0.93 11.13
CA LEU A 23 -10.24 -1.81 10.10
C LEU A 23 -10.87 -1.49 8.76
N LYS A 24 -12.17 -1.23 8.77
CA LYS A 24 -12.89 -0.91 7.58
C LYS A 24 -12.32 0.33 6.90
N ASP A 25 -12.12 1.36 7.69
CA ASP A 25 -11.56 2.61 7.21
C ASP A 25 -10.11 2.44 6.79
N LEU A 26 -9.39 1.60 7.52
CA LEU A 26 -7.97 1.35 7.23
C LEU A 26 -7.80 0.74 5.85
N GLU A 27 -8.63 -0.25 5.52
CA GLU A 27 -8.56 -0.92 4.22
C GLU A 27 -8.84 0.06 3.09
N VAL A 28 -9.78 0.96 3.34
CA VAL A 28 -10.17 1.98 2.36
C VAL A 28 -9.05 2.96 2.10
N SER A 29 -8.46 3.44 3.18
CA SER A 29 -7.36 4.37 3.08
C SER A 29 -6.26 3.68 2.31
N ALA A 30 -6.15 2.40 2.58
CA ALA A 30 -5.20 1.54 1.90
C ALA A 30 -5.62 1.39 0.44
N GLU A 31 -6.92 1.23 0.28
CA GLU A 31 -7.54 1.09 -1.02
C GLU A 31 -7.25 2.31 -1.88
N LYS A 32 -7.23 3.48 -1.25
CA LYS A 32 -6.94 4.71 -1.97
C LYS A 32 -5.49 4.71 -2.45
N ILE A 33 -4.58 4.33 -1.57
CA ILE A 33 -3.16 4.27 -1.93
C ILE A 33 -3.00 3.27 -3.06
N ALA A 34 -3.62 2.10 -2.88
CA ALA A 34 -3.57 1.06 -3.90
C ALA A 34 -4.15 1.60 -5.21
N ASN A 35 -5.20 2.41 -5.08
CA ASN A 35 -5.83 3.02 -6.24
C ASN A 35 -4.82 3.88 -6.98
N HIS A 36 -3.97 4.55 -6.21
CA HIS A 36 -2.94 5.42 -6.77
C HIS A 36 -2.03 4.62 -7.70
N LEU A 37 -1.71 3.39 -7.29
CA LEU A 37 -0.86 2.53 -8.10
C LEU A 37 -1.50 2.34 -9.47
N GLN A 38 -2.80 2.08 -9.46
CA GLN A 38 -3.56 1.91 -10.69
C GLN A 38 -3.45 3.17 -11.56
N GLU A 39 -3.37 4.30 -10.90
CA GLU A 39 -3.26 5.60 -11.57
C GLU A 39 -1.90 5.76 -12.20
N LEU A 40 -0.86 5.50 -11.41
CA LEU A 40 0.50 5.61 -11.87
C LEU A 40 0.79 4.55 -12.92
N ASN A 41 0.28 3.34 -12.70
CA ASN A 41 0.53 2.28 -13.68
C ASN A 41 -0.20 2.56 -15.00
N LYS A 42 -1.39 3.14 -14.91
CA LYS A 42 -2.16 3.46 -16.10
C LYS A 42 -1.43 4.53 -16.89
N GLU A 43 -0.94 5.55 -16.19
CA GLU A 43 -0.20 6.64 -16.82
C GLU A 43 1.12 6.14 -17.38
N LEU A 44 1.76 5.23 -16.65
CA LEU A 44 3.04 4.67 -17.09
C LEU A 44 2.85 3.91 -18.39
N SER A 45 1.80 3.11 -18.44
CA SER A 45 1.48 2.34 -19.64
C SER A 45 0.99 3.27 -20.75
N GLY A 46 0.29 4.32 -20.37
CA GLY A 46 -0.21 5.28 -21.34
C GLY A 46 0.92 6.06 -21.95
N ILE A 47 1.83 6.50 -21.09
CA ILE A 47 3.01 7.21 -21.54
C ILE A 47 3.90 6.25 -22.29
N GLN A 48 3.92 5.01 -21.81
CA GLN A 48 4.73 3.95 -22.41
C GLN A 48 4.48 3.89 -23.92
N GLN A 49 3.23 4.10 -24.31
CA GLN A 49 2.85 4.07 -25.72
C GLN A 49 3.66 5.09 -26.52
N GLY A 50 3.91 6.25 -25.90
CA GLY A 50 4.68 7.29 -26.56
C GLY A 50 6.14 7.25 -26.18
N PHE A 51 6.90 6.39 -26.85
CA PHE A 51 8.33 6.24 -26.57
C PHE A 51 9.06 7.56 -26.77
N LEU A 52 9.82 7.97 -25.76
CA LEU A 52 10.58 9.21 -25.82
C LEU A 52 12.07 8.92 -25.93
N ALA A 53 12.88 9.97 -25.95
CA ALA A 53 14.32 9.82 -26.04
C ALA A 53 14.87 9.14 -24.79
N LYS A 54 16.14 8.74 -24.84
CA LYS A 54 16.76 8.08 -23.71
C LYS A 54 16.70 8.97 -22.46
N GLU A 55 16.72 10.28 -22.69
CA GLU A 55 16.67 11.24 -21.59
C GLU A 55 15.34 11.19 -20.84
N LEU A 56 14.23 11.20 -21.58
CA LEU A 56 12.92 11.17 -20.96
C LEU A 56 12.53 9.76 -20.52
N GLN A 57 12.83 8.77 -21.37
CA GLN A 57 12.50 7.39 -21.06
C GLN A 57 13.12 6.98 -19.72
N ALA A 58 14.41 7.24 -19.57
CA ALA A 58 15.10 6.92 -18.34
C ALA A 58 14.57 7.77 -17.20
N GLU A 59 14.20 9.00 -17.51
CA GLU A 59 13.67 9.93 -16.54
C GLU A 59 12.27 9.51 -16.09
N ALA A 60 11.48 8.97 -17.01
CA ALA A 60 10.12 8.55 -16.71
C ALA A 60 10.09 7.34 -15.78
N LEU A 61 10.91 6.33 -16.08
CA LEU A 61 10.95 5.12 -15.26
C LEU A 61 11.39 5.41 -13.83
N CYS A 62 12.48 6.18 -13.69
CA CYS A 62 12.98 6.52 -12.37
C CYS A 62 11.91 7.31 -11.61
N LYS A 63 11.25 8.22 -12.33
CA LYS A 63 10.19 9.03 -11.74
C LYS A 63 9.06 8.14 -11.27
N LEU A 64 8.69 7.20 -12.14
CA LEU A 64 7.62 6.26 -11.84
C LEU A 64 7.96 5.47 -10.58
N ASP A 65 9.18 4.97 -10.54
CA ASP A 65 9.66 4.21 -9.39
C ASP A 65 9.68 5.10 -8.15
N ARG A 66 10.09 6.34 -8.35
CA ARG A 66 10.15 7.30 -7.25
C ARG A 66 8.75 7.56 -6.70
N LYS A 67 7.78 7.61 -7.60
CA LYS A 67 6.41 7.83 -7.18
C LYS A 67 5.94 6.64 -6.38
N VAL A 68 6.44 5.48 -6.76
CA VAL A 68 6.14 4.26 -6.05
C VAL A 68 6.60 4.40 -4.61
N LYS A 69 7.73 5.09 -4.45
CA LYS A 69 8.30 5.32 -3.13
C LYS A 69 7.33 6.09 -2.25
N ALA A 70 6.66 7.06 -2.84
CA ALA A 70 5.68 7.84 -2.11
C ALA A 70 4.49 6.97 -1.76
N THR A 71 4.15 6.06 -2.66
CA THR A 71 3.02 5.16 -2.44
C THR A 71 3.34 4.19 -1.31
N ILE A 72 4.55 3.63 -1.32
CA ILE A 72 4.94 2.71 -0.26
C ILE A 72 4.94 3.44 1.08
N GLU A 73 5.44 4.66 1.08
CA GLU A 73 5.51 5.48 2.28
C GLU A 73 4.12 5.61 2.91
N GLN A 74 3.11 5.85 2.08
CA GLN A 74 1.74 5.97 2.59
C GLN A 74 1.36 4.66 3.25
N PHE A 75 1.66 3.57 2.55
CA PHE A 75 1.41 2.24 3.06
C PHE A 75 2.19 2.02 4.35
N MET A 76 3.41 2.57 4.40
CA MET A 76 4.26 2.46 5.58
C MET A 76 3.58 3.14 6.77
N LYS A 77 2.97 4.29 6.51
CA LYS A 77 2.28 5.04 7.56
C LYS A 77 1.19 4.19 8.18
N ILE A 78 0.54 3.37 7.37
CA ILE A 78 -0.51 2.49 7.85
C ILE A 78 0.06 1.44 8.80
N LEU A 79 1.20 0.85 8.41
CA LEU A 79 1.86 -0.15 9.23
C LEU A 79 2.32 0.46 10.55
N GLU A 80 2.95 1.63 10.45
CA GLU A 80 3.44 2.33 11.63
C GLU A 80 2.30 2.66 12.59
N GLU A 81 1.15 2.99 12.03
CA GLU A 81 -0.03 3.33 12.83
C GLU A 81 -0.54 2.08 13.53
N ILE A 82 -0.62 1.00 12.77
CA ILE A 82 -1.05 -0.28 13.29
C ILE A 82 0.00 -0.78 14.28
N ASP A 83 1.26 -0.51 13.95
CA ASP A 83 2.37 -0.92 14.78
C ASP A 83 2.21 -0.41 16.21
N THR A 84 1.54 0.74 16.35
CA THR A 84 1.31 1.33 17.66
C THR A 84 -0.08 1.00 18.18
N MET A 85 -0.68 -0.06 17.63
CA MET A 85 -2.01 -0.49 18.04
C MET A 85 -1.98 -1.93 18.54
N VAL A 86 -2.81 -2.21 19.53
CA VAL A 86 -2.88 -3.55 20.11
C VAL A 86 -4.32 -3.98 20.34
N LEU A 87 -4.59 -5.27 20.22
CA LEU A 87 -5.93 -5.81 20.43
C LEU A 87 -5.92 -6.93 21.47
N PRO A 88 -6.86 -6.88 22.43
CA PRO A 88 -6.95 -7.90 23.49
C PRO A 88 -7.51 -9.22 22.97
N GLU A 89 -7.73 -10.16 23.89
CA GLU A 89 -8.26 -11.47 23.53
C GLU A 89 -9.78 -11.50 23.70
N GLN A 90 -10.50 -11.33 22.61
CA GLN A 90 -11.96 -11.33 22.63
C GLN A 90 -12.53 -11.23 21.22
N PHE A 91 -12.10 -10.19 20.50
CA PHE A 91 -12.57 -9.98 19.13
C PHE A 91 -11.73 -10.78 18.14
N LYS A 92 -12.18 -12.00 17.84
CA LYS A 92 -11.47 -12.87 16.92
C LYS A 92 -11.56 -12.35 15.48
N ASP A 93 -12.76 -12.03 15.04
CA ASP A 93 -12.97 -11.52 13.69
C ASP A 93 -12.24 -10.21 13.47
N SER A 94 -12.29 -9.34 14.47
CA SER A 94 -11.63 -8.04 14.39
C SER A 94 -10.12 -8.18 14.36
N ARG A 95 -9.59 -9.02 15.24
CA ARG A 95 -8.14 -9.23 15.30
C ARG A 95 -7.63 -9.90 14.04
N LEU A 96 -8.31 -10.96 13.62
CA LEU A 96 -7.93 -11.66 12.40
C LEU A 96 -7.96 -10.69 11.24
N LYS A 97 -8.92 -9.78 11.28
CA LYS A 97 -9.07 -8.77 10.23
C LYS A 97 -7.88 -7.82 10.24
N ARG A 98 -7.46 -7.42 11.44
CA ARG A 98 -6.35 -6.48 11.60
C ARG A 98 -5.02 -7.14 11.20
N LYS A 99 -4.81 -8.37 11.66
CA LYS A 99 -3.58 -9.10 11.34
C LYS A 99 -3.39 -9.20 9.84
N ASN A 100 -4.44 -9.60 9.15
CA ASN A 100 -4.39 -9.70 7.69
C ASN A 100 -4.07 -8.34 7.09
N LEU A 101 -4.54 -7.29 7.75
CA LEU A 101 -4.31 -5.93 7.32
C LEU A 101 -2.84 -5.60 7.33
N VAL A 102 -2.16 -6.04 8.37
CA VAL A 102 -0.73 -5.79 8.48
C VAL A 102 -0.03 -6.33 7.25
N LYS A 103 -0.33 -7.58 6.94
CA LYS A 103 0.26 -8.22 5.78
C LYS A 103 -0.16 -7.54 4.50
N LYS A 104 -1.38 -7.04 4.47
CA LYS A 104 -1.84 -6.32 3.29
C LYS A 104 -0.90 -5.15 3.11
N VAL A 105 -0.52 -4.58 4.24
CA VAL A 105 0.39 -3.45 4.27
C VAL A 105 1.77 -3.87 3.80
N GLN A 106 2.17 -5.06 4.24
CA GLN A 106 3.48 -5.60 3.86
C GLN A 106 3.52 -5.89 2.36
N VAL A 107 2.44 -6.47 1.86
CA VAL A 107 2.36 -6.81 0.43
C VAL A 107 2.24 -5.55 -0.43
N PHE A 108 1.45 -4.59 0.03
CA PHE A 108 1.26 -3.36 -0.71
C PHE A 108 2.53 -2.54 -0.79
N LEU A 109 3.25 -2.49 0.33
CA LEU A 109 4.50 -1.74 0.40
C LEU A 109 5.57 -2.45 -0.40
N ALA A 110 5.61 -3.75 -0.20
CA ALA A 110 6.59 -4.63 -0.87
C ALA A 110 6.31 -4.75 -2.36
N GLU A 111 5.04 -4.90 -2.73
CA GLU A 111 4.67 -5.04 -4.13
C GLU A 111 5.11 -3.80 -4.89
N CYS A 112 4.91 -2.66 -4.26
CA CYS A 112 5.30 -1.38 -4.84
C CYS A 112 6.82 -1.30 -4.95
N ASP A 113 7.52 -1.79 -3.92
CA ASP A 113 8.98 -1.78 -3.92
C ASP A 113 9.54 -2.63 -5.04
N THR A 114 8.89 -3.76 -5.30
CA THR A 114 9.32 -4.66 -6.35
C THR A 114 9.16 -3.99 -7.71
N VAL A 115 7.98 -3.44 -7.97
CA VAL A 115 7.74 -2.75 -9.23
C VAL A 115 8.72 -1.59 -9.37
N GLU A 116 8.92 -0.89 -8.25
CA GLU A 116 9.85 0.23 -8.22
C GLU A 116 11.27 -0.25 -8.45
N GLN A 117 11.64 -1.33 -7.76
CA GLN A 117 12.98 -1.90 -7.88
C GLN A 117 13.20 -2.53 -9.26
N TYR A 118 12.15 -3.16 -9.79
CA TYR A 118 12.22 -3.82 -11.09
C TYR A 118 12.40 -2.81 -12.20
N ILE A 119 11.58 -1.76 -12.16
CA ILE A 119 11.66 -0.71 -13.14
C ILE A 119 12.96 0.06 -12.96
N CYS A 120 13.32 0.28 -11.70
CA CYS A 120 14.55 0.99 -11.39
C CYS A 120 15.79 0.16 -11.76
N GLN A 121 15.79 -1.10 -11.35
CA GLN A 121 16.91 -2.00 -11.60
C GLN A 121 17.08 -2.30 -13.08
N GLU A 122 15.98 -2.40 -13.81
CA GLU A 122 16.05 -2.69 -15.24
C GLU A 122 16.72 -1.53 -15.96
N THR A 123 16.29 -0.33 -15.61
CA THR A 123 16.86 0.87 -16.18
C THR A 123 18.28 1.03 -15.66
N GLU A 124 18.46 0.70 -14.39
CA GLU A 124 19.76 0.80 -13.75
C GLU A 124 20.78 -0.09 -14.46
N ARG A 125 20.36 -1.32 -14.76
CA ARG A 125 21.23 -2.27 -15.45
C ARG A 125 21.56 -1.76 -16.84
N LEU A 126 20.57 -1.13 -17.47
CA LEU A 126 20.74 -0.58 -18.82
C LEU A 126 21.86 0.45 -18.84
N GLN A 127 22.05 1.14 -17.72
CA GLN A 127 23.09 2.16 -17.62
C GLN A 127 24.39 1.55 -17.12
N SER A 128 25.22 1.09 -18.06
CA SER A 128 26.49 0.47 -17.72
C SER A 128 27.51 0.68 -18.84
N THR A 129 27.10 0.38 -20.07
CA THR A 129 27.98 0.53 -21.22
C THR A 129 27.36 1.46 -22.26
N ASN A 130 26.14 1.14 -22.67
CA ASN A 130 25.43 1.94 -23.66
C ASN A 130 26.20 2.00 -24.97
N LEU A 131 26.94 0.93 -25.26
CA LEU A 131 27.73 0.85 -26.49
C LEU A 131 28.80 1.94 -26.51
N ALA A 132 30.00 1.57 -26.94
CA ALA A 132 31.11 2.50 -27.01
C ALA A 132 31.61 2.65 -28.45
N LEU A 133 32.22 3.80 -28.74
CA LEU A 133 32.75 4.08 -30.07
C LEU A 133 31.62 4.05 -31.10
N ALA A 134 31.17 5.25 -31.50
CA ALA A 134 30.09 5.36 -32.48
C ALA A 134 30.21 6.67 -33.26
N GLU A 135 30.98 6.66 -34.34
CA GLU A 135 31.17 7.84 -35.16
C GLU A 135 31.38 7.46 -36.62
N GLY A 1 -38.15 -12.79 21.37
CA GLY A 1 -39.52 -12.20 21.41
C GLY A 1 -40.55 -13.03 20.65
N SER A 2 -41.61 -12.39 20.20
CA SER A 2 -42.66 -13.08 19.45
C SER A 2 -43.08 -12.27 18.23
N PRO A 3 -42.43 -12.51 17.08
CA PRO A 3 -42.74 -11.79 15.83
C PRO A 3 -44.10 -12.17 15.28
N GLU A 4 -44.82 -11.19 14.74
CA GLU A 4 -46.15 -11.42 14.18
C GLU A 4 -46.53 -10.30 13.21
N PHE A 5 -46.30 -9.06 13.62
CA PHE A 5 -46.61 -7.91 12.79
C PHE A 5 -45.38 -7.04 12.58
N MET A 6 -44.64 -6.80 13.66
CA MET A 6 -43.43 -5.99 13.59
C MET A 6 -42.31 -6.72 12.87
N LEU A 7 -41.55 -6.00 12.05
CA LEU A 7 -40.44 -6.59 11.31
C LEU A 7 -39.22 -6.74 12.20
N ILE A 8 -38.25 -7.52 11.74
CA ILE A 8 -37.02 -7.74 12.49
C ILE A 8 -35.79 -7.63 11.60
N GLY A 9 -34.74 -7.02 12.12
CA GLY A 9 -33.52 -6.84 11.36
C GLY A 9 -32.68 -8.10 11.31
N GLU A 10 -31.41 -7.96 10.94
CA GLU A 10 -30.50 -9.09 10.85
C GLU A 10 -29.07 -8.67 11.18
N LYS A 11 -28.64 -7.58 10.57
CA LYS A 11 -27.29 -7.06 10.78
C LYS A 11 -27.09 -6.64 12.23
N SER A 12 -25.83 -6.67 12.68
CA SER A 12 -25.49 -6.29 14.04
C SER A 12 -24.54 -5.11 14.06
N ASN A 13 -24.11 -4.70 15.24
CA ASN A 13 -23.19 -3.57 15.38
C ASN A 13 -22.72 -3.41 16.83
N PRO A 14 -22.05 -4.44 17.39
CA PRO A 14 -21.57 -4.41 18.75
C PRO A 14 -20.20 -3.76 18.88
N GLU A 15 -19.58 -3.91 20.04
CA GLU A 15 -18.26 -3.33 20.29
C GLU A 15 -17.28 -3.87 19.25
N GLU A 16 -17.51 -5.10 18.84
CA GLU A 16 -16.69 -5.73 17.84
C GLU A 16 -16.84 -5.00 16.52
N GLU A 17 -18.07 -4.57 16.24
CA GLU A 17 -18.34 -3.84 15.01
C GLU A 17 -17.72 -2.45 15.06
N VAL A 18 -17.78 -1.82 16.24
CA VAL A 18 -17.23 -0.48 16.41
C VAL A 18 -15.74 -0.45 16.17
N GLU A 19 -15.01 -1.37 16.80
CA GLU A 19 -13.57 -1.44 16.63
C GLU A 19 -13.23 -1.88 15.21
N LEU A 20 -14.11 -2.71 14.65
CA LEU A 20 -13.95 -3.21 13.32
C LEU A 20 -14.21 -2.10 12.29
N LYS A 21 -15.18 -1.23 12.60
CA LYS A 21 -15.56 -0.14 11.71
C LYS A 21 -14.42 0.83 11.46
N LYS A 22 -13.72 1.18 12.51
CA LYS A 22 -12.60 2.11 12.40
C LYS A 22 -11.49 1.47 11.60
N LEU A 23 -11.26 0.19 11.87
CA LEU A 23 -10.25 -0.58 11.17
C LEU A 23 -10.55 -0.57 9.68
N LYS A 24 -11.83 -0.66 9.35
CA LYS A 24 -12.25 -0.66 7.98
C LYS A 24 -11.79 0.60 7.27
N ASP A 25 -12.02 1.73 7.92
CA ASP A 25 -11.61 3.02 7.37
C ASP A 25 -10.11 3.03 7.07
N LEU A 26 -9.34 2.33 7.91
CA LEU A 26 -7.89 2.25 7.72
C LEU A 26 -7.55 1.59 6.39
N GLU A 27 -8.28 0.52 6.06
CA GLU A 27 -8.07 -0.20 4.82
C GLU A 27 -8.31 0.70 3.61
N VAL A 28 -9.31 1.56 3.75
CA VAL A 28 -9.69 2.51 2.69
C VAL A 28 -8.57 3.45 2.35
N SER A 29 -7.95 4.01 3.38
CA SER A 29 -6.85 4.92 3.19
C SER A 29 -5.78 4.17 2.45
N ALA A 30 -5.67 2.90 2.81
CA ALA A 30 -4.73 1.99 2.17
C ALA A 30 -5.19 1.73 0.73
N GLU A 31 -6.49 1.48 0.60
CA GLU A 31 -7.11 1.23 -0.67
C GLU A 31 -6.96 2.42 -1.61
N LYS A 32 -7.03 3.62 -1.05
CA LYS A 32 -6.89 4.85 -1.84
C LYS A 32 -5.48 4.98 -2.36
N ILE A 33 -4.50 4.76 -1.49
CA ILE A 33 -3.10 4.84 -1.91
C ILE A 33 -2.81 3.72 -2.89
N ALA A 34 -3.35 2.54 -2.58
CA ALA A 34 -3.19 1.39 -3.47
C ALA A 34 -3.86 1.67 -4.81
N ASN A 35 -4.95 2.44 -4.77
CA ASN A 35 -5.66 2.79 -6.00
C ASN A 35 -4.75 3.56 -6.93
N HIS A 36 -3.92 4.44 -6.35
CA HIS A 36 -2.99 5.23 -7.13
C HIS A 36 -1.98 4.33 -7.82
N LEU A 37 -1.55 3.29 -7.12
CA LEU A 37 -0.60 2.34 -7.68
C LEU A 37 -1.16 1.72 -8.96
N GLN A 38 -2.47 1.52 -8.95
CA GLN A 38 -3.16 0.97 -10.10
C GLN A 38 -3.16 1.97 -11.25
N GLU A 39 -3.23 3.25 -10.89
CA GLU A 39 -3.22 4.34 -11.84
C GLU A 39 -1.84 4.47 -12.45
N LEU A 40 -0.83 4.38 -11.60
CA LEU A 40 0.55 4.47 -12.06
C LEU A 40 0.82 3.38 -13.08
N ASN A 41 0.23 2.20 -12.88
CA ASN A 41 0.45 1.12 -13.84
C ASN A 41 -0.18 1.44 -15.19
N LYS A 42 -1.34 2.11 -15.15
CA LYS A 42 -2.05 2.48 -16.36
C LYS A 42 -1.25 3.52 -17.14
N GLU A 43 -0.73 4.52 -16.43
CA GLU A 43 0.05 5.58 -17.05
C GLU A 43 1.38 5.03 -17.56
N LEU A 44 1.94 4.08 -16.81
CA LEU A 44 3.21 3.46 -17.18
C LEU A 44 3.04 2.62 -18.43
N SER A 45 1.96 1.86 -18.48
CA SER A 45 1.66 1.00 -19.62
C SER A 45 1.27 1.85 -20.83
N GLY A 46 0.59 2.97 -20.55
CA GLY A 46 0.17 3.85 -21.62
C GLY A 46 1.36 4.53 -22.25
N ILE A 47 2.25 5.01 -21.39
CA ILE A 47 3.48 5.63 -21.84
C ILE A 47 4.35 4.56 -22.47
N GLN A 48 4.30 3.36 -21.88
CA GLN A 48 5.08 2.23 -22.35
C GLN A 48 4.89 2.04 -23.85
N GLN A 49 3.67 2.27 -24.33
CA GLN A 49 3.36 2.13 -25.74
C GLN A 49 4.28 2.98 -26.60
N GLY A 50 4.48 4.23 -26.18
CA GLY A 50 5.34 5.13 -26.91
C GLY A 50 6.81 4.94 -26.54
N PHE A 51 7.63 5.95 -26.84
CA PHE A 51 9.05 5.87 -26.53
C PHE A 51 9.76 7.18 -26.86
N LEU A 52 10.02 7.99 -25.84
CA LEU A 52 10.70 9.26 -26.02
C LEU A 52 12.18 9.04 -26.29
N ALA A 53 12.89 8.70 -25.24
CA ALA A 53 14.33 8.44 -25.31
C ALA A 53 14.88 8.14 -23.93
N LYS A 54 16.13 7.68 -23.87
CA LYS A 54 16.76 7.36 -22.60
C LYS A 54 16.75 8.57 -21.67
N GLU A 55 16.83 9.75 -22.27
CA GLU A 55 16.84 11.00 -21.49
C GLU A 55 15.49 11.26 -20.82
N LEU A 56 14.40 11.14 -21.58
CA LEU A 56 13.07 11.37 -21.02
C LEU A 56 12.56 10.15 -20.28
N GLN A 57 12.79 8.97 -20.83
CA GLN A 57 12.34 7.73 -20.19
C GLN A 57 12.98 7.58 -18.82
N ALA A 58 14.31 7.73 -18.77
CA ALA A 58 15.03 7.63 -17.52
C ALA A 58 14.58 8.74 -16.58
N GLU A 59 14.29 9.90 -17.18
CA GLU A 59 13.83 11.06 -16.43
C GLU A 59 12.44 10.83 -15.85
N ALA A 60 11.50 10.41 -16.70
CA ALA A 60 10.14 10.14 -16.26
C ALA A 60 10.06 8.92 -15.36
N LEU A 61 10.70 7.83 -15.79
CA LEU A 61 10.69 6.58 -15.04
C LEU A 61 11.30 6.78 -13.66
N CYS A 62 12.41 7.51 -13.58
CA CYS A 62 13.04 7.76 -12.30
C CYS A 62 12.06 8.44 -11.36
N LYS A 63 11.38 9.45 -11.88
CA LYS A 63 10.38 10.18 -11.10
C LYS A 63 9.16 9.30 -10.83
N LEU A 64 8.73 8.55 -11.84
CA LEU A 64 7.57 7.66 -11.69
C LEU A 64 7.85 6.61 -10.66
N ASP A 65 9.00 5.97 -10.79
CA ASP A 65 9.38 4.93 -9.83
C ASP A 65 9.55 5.55 -8.45
N ARG A 66 10.09 6.75 -8.41
CA ARG A 66 10.30 7.45 -7.15
C ARG A 66 8.98 7.78 -6.50
N LYS A 67 7.98 8.13 -7.31
CA LYS A 67 6.66 8.44 -6.77
C LYS A 67 6.09 7.20 -6.13
N VAL A 68 6.43 6.07 -6.71
CA VAL A 68 6.01 4.79 -6.17
C VAL A 68 6.58 4.66 -4.76
N LYS A 69 7.78 5.20 -4.60
CA LYS A 69 8.48 5.16 -3.32
C LYS A 69 7.67 5.88 -2.24
N ALA A 70 7.10 7.02 -2.60
CA ALA A 70 6.31 7.80 -1.68
C ALA A 70 5.12 6.98 -1.19
N THR A 71 4.57 6.18 -2.09
CA THR A 71 3.42 5.34 -1.76
C THR A 71 3.82 4.31 -0.70
N ILE A 72 5.05 3.79 -0.81
CA ILE A 72 5.56 2.81 0.15
C ILE A 72 5.60 3.42 1.55
N GLU A 73 6.04 4.67 1.61
CA GLU A 73 6.13 5.40 2.87
C GLU A 73 4.78 5.42 3.58
N GLN A 74 3.73 5.68 2.81
CA GLN A 74 2.38 5.72 3.37
C GLN A 74 2.01 4.35 3.89
N PHE A 75 2.21 3.34 3.05
CA PHE A 75 1.91 1.96 3.41
C PHE A 75 2.72 1.54 4.64
N MET A 76 3.95 2.03 4.72
CA MET A 76 4.83 1.72 5.85
C MET A 76 4.26 2.32 7.13
N LYS A 77 3.68 3.51 7.02
CA LYS A 77 3.10 4.19 8.17
C LYS A 77 1.85 3.45 8.68
N ILE A 78 1.03 3.00 7.73
CA ILE A 78 -0.20 2.28 8.08
C ILE A 78 0.12 1.01 8.85
N LEU A 79 1.07 0.23 8.35
CA LEU A 79 1.45 -1.02 8.99
C LEU A 79 2.09 -0.75 10.36
N GLU A 80 2.98 0.23 10.41
CA GLU A 80 3.66 0.59 11.64
C GLU A 80 2.66 1.01 12.73
N GLU A 81 1.60 1.69 12.32
CA GLU A 81 0.58 2.14 13.25
C GLU A 81 -0.19 0.96 13.79
N ILE A 82 -0.56 0.07 12.88
CA ILE A 82 -1.27 -1.15 13.24
C ILE A 82 -0.33 -2.04 14.04
N ASP A 83 0.94 -2.03 13.65
CA ASP A 83 1.96 -2.83 14.31
C ASP A 83 1.99 -2.54 15.81
N THR A 84 1.91 -1.25 16.16
CA THR A 84 1.92 -0.84 17.55
C THR A 84 0.57 -0.29 17.98
N MET A 85 -0.50 -0.92 17.49
CA MET A 85 -1.84 -0.50 17.81
C MET A 85 -2.27 -0.99 19.19
N VAL A 86 -1.47 -1.90 19.76
CA VAL A 86 -1.75 -2.45 21.08
C VAL A 86 -3.18 -2.98 21.19
N LEU A 87 -3.32 -4.31 21.13
CA LEU A 87 -4.63 -4.94 21.23
C LEU A 87 -4.69 -5.88 22.43
N PRO A 88 -5.81 -5.85 23.19
CA PRO A 88 -5.97 -6.70 24.38
C PRO A 88 -6.10 -8.18 24.02
N GLU A 89 -6.28 -8.47 22.73
CA GLU A 89 -6.42 -9.85 22.27
C GLU A 89 -7.70 -10.48 22.81
N GLN A 90 -8.69 -10.62 21.94
CA GLN A 90 -9.97 -11.21 22.32
C GLN A 90 -10.90 -11.32 21.11
N PHE A 91 -11.15 -10.20 20.45
CA PHE A 91 -12.01 -10.17 19.28
C PHE A 91 -11.44 -11.04 18.16
N LYS A 92 -12.16 -12.09 17.80
CA LYS A 92 -11.72 -13.00 16.75
C LYS A 92 -11.76 -12.33 15.38
N ASP A 93 -12.89 -11.71 15.06
CA ASP A 93 -13.05 -11.03 13.78
C ASP A 93 -12.05 -9.88 13.64
N SER A 94 -11.89 -9.12 14.73
CA SER A 94 -10.97 -7.99 14.74
C SER A 94 -9.55 -8.45 14.43
N ARG A 95 -9.12 -9.55 15.03
CA ARG A 95 -7.77 -10.05 14.80
C ARG A 95 -7.59 -10.51 13.36
N LEU A 96 -8.54 -11.31 12.89
CA LEU A 96 -8.48 -11.79 11.53
C LEU A 96 -8.48 -10.64 10.55
N LYS A 97 -9.21 -9.58 10.89
CA LYS A 97 -9.29 -8.41 10.03
C LYS A 97 -7.95 -7.68 9.95
N ARG A 98 -7.35 -7.45 11.11
CA ARG A 98 -6.08 -6.75 11.19
C ARG A 98 -4.98 -7.52 10.45
N LYS A 99 -4.92 -8.82 10.68
CA LYS A 99 -3.92 -9.66 10.03
C LYS A 99 -4.05 -9.59 8.52
N ASN A 100 -5.28 -9.75 8.04
CA ASN A 100 -5.54 -9.69 6.61
C ASN A 100 -5.16 -8.31 6.08
N LEU A 101 -5.53 -7.29 6.84
CA LEU A 101 -5.24 -5.90 6.48
C LEU A 101 -3.75 -5.69 6.40
N VAL A 102 -3.03 -6.37 7.29
CA VAL A 102 -1.58 -6.26 7.33
C VAL A 102 -1.00 -6.88 6.07
N LYS A 103 -1.44 -8.08 5.75
CA LYS A 103 -0.95 -8.77 4.56
C LYS A 103 -1.29 -8.03 3.30
N LYS A 104 -2.48 -7.47 3.24
CA LYS A 104 -2.84 -6.68 2.08
C LYS A 104 -1.85 -5.54 2.01
N VAL A 105 -1.51 -5.07 3.21
CA VAL A 105 -0.57 -3.97 3.36
C VAL A 105 0.83 -4.41 2.97
N GLN A 106 1.18 -5.64 3.36
CA GLN A 106 2.50 -6.19 3.06
C GLN A 106 2.73 -6.31 1.56
N VAL A 107 1.73 -6.85 0.86
CA VAL A 107 1.82 -7.05 -0.58
C VAL A 107 1.78 -5.73 -1.35
N PHE A 108 0.81 -4.89 -1.01
CA PHE A 108 0.67 -3.60 -1.69
C PHE A 108 1.85 -2.68 -1.40
N LEU A 109 2.34 -2.72 -0.17
CA LEU A 109 3.46 -1.88 0.22
C LEU A 109 4.75 -2.38 -0.42
N ALA A 110 4.93 -3.69 -0.34
CA ALA A 110 6.10 -4.36 -0.91
C ALA A 110 6.06 -4.35 -2.43
N GLU A 111 4.88 -4.59 -3.00
CA GLU A 111 4.74 -4.61 -4.44
C GLU A 111 5.13 -3.26 -5.00
N CYS A 112 4.81 -2.22 -4.25
CA CYS A 112 5.14 -0.86 -4.63
C CYS A 112 6.66 -0.69 -4.70
N ASP A 113 7.36 -1.23 -3.70
CA ASP A 113 8.81 -1.15 -3.67
C ASP A 113 9.43 -1.99 -4.78
N THR A 114 8.88 -3.18 -4.99
CA THR A 114 9.38 -4.06 -6.04
C THR A 114 9.14 -3.44 -7.40
N VAL A 115 7.90 -2.99 -7.64
CA VAL A 115 7.58 -2.35 -8.91
C VAL A 115 8.47 -1.13 -9.09
N GLU A 116 8.66 -0.39 -8.00
CA GLU A 116 9.49 0.80 -8.02
C GLU A 116 10.95 0.43 -8.30
N GLN A 117 11.43 -0.60 -7.60
CA GLN A 117 12.80 -1.06 -7.78
C GLN A 117 13.01 -1.72 -9.14
N TYR A 118 12.00 -2.46 -9.60
CA TYR A 118 12.07 -3.16 -10.87
C TYR A 118 12.11 -2.18 -12.02
N ILE A 119 11.21 -1.21 -11.98
CA ILE A 119 11.15 -0.20 -13.01
C ILE A 119 12.40 0.67 -12.96
N CYS A 120 12.83 0.98 -11.74
CA CYS A 120 14.03 1.79 -11.56
C CYS A 120 15.29 1.02 -11.96
N GLN A 121 15.40 -0.22 -11.47
CA GLN A 121 16.56 -1.06 -11.73
C GLN A 121 16.69 -1.44 -13.22
N GLU A 122 15.56 -1.66 -13.87
CA GLU A 122 15.57 -2.03 -15.29
C GLU A 122 16.12 -0.89 -16.12
N THR A 123 15.64 0.31 -15.83
CA THR A 123 16.11 1.50 -16.51
C THR A 123 17.54 1.78 -16.07
N GLU A 124 17.79 1.55 -14.78
CA GLU A 124 19.11 1.77 -14.21
C GLU A 124 20.17 0.96 -14.95
N ARG A 125 19.86 -0.30 -15.20
CA ARG A 125 20.77 -1.19 -15.91
C ARG A 125 21.00 -0.69 -17.34
N LEU A 126 19.93 -0.16 -17.94
CA LEU A 126 19.99 0.36 -19.30
C LEU A 126 21.00 1.50 -19.40
N GLN A 127 21.10 2.28 -18.32
CA GLN A 127 22.04 3.40 -18.29
C GLN A 127 23.23 3.09 -17.39
N SER A 128 24.14 2.27 -17.90
CA SER A 128 25.33 1.89 -17.14
C SER A 128 26.42 2.95 -17.27
N THR A 129 26.78 3.57 -16.15
CA THR A 129 27.80 4.61 -16.12
C THR A 129 27.62 5.61 -17.26
N ASN A 130 28.64 6.43 -17.50
CA ASN A 130 28.59 7.43 -18.55
C ASN A 130 29.95 7.56 -19.24
N LEU A 131 30.03 7.10 -20.49
CA LEU A 131 31.26 7.16 -21.25
C LEU A 131 31.34 8.46 -22.04
N ALA A 132 32.58 8.88 -22.35
CA ALA A 132 32.79 10.11 -23.10
C ALA A 132 32.92 9.82 -24.60
N LEU A 133 32.61 10.81 -25.42
CA LEU A 133 32.70 10.66 -26.87
C LEU A 133 34.15 10.80 -27.34
N ALA A 134 34.58 9.87 -28.19
CA ALA A 134 35.94 9.88 -28.71
C ALA A 134 36.01 9.21 -30.07
N GLU A 135 35.54 7.96 -30.13
CA GLU A 135 35.55 7.21 -31.39
C GLU A 135 34.15 7.14 -31.99
N GLY A 1 -30.07 -26.73 22.47
CA GLY A 1 -28.75 -27.40 22.61
C GLY A 1 -27.75 -26.55 23.39
N SER A 2 -27.14 -25.59 22.71
CA SER A 2 -26.15 -24.72 23.34
C SER A 2 -26.77 -23.36 23.69
N PRO A 3 -26.29 -22.71 24.77
CA PRO A 3 -26.80 -21.42 25.21
C PRO A 3 -26.43 -20.30 24.24
N GLU A 4 -27.44 -19.54 23.81
CA GLU A 4 -27.21 -18.43 22.89
C GLU A 4 -27.95 -17.17 23.36
N PHE A 5 -29.21 -17.34 23.72
CA PHE A 5 -30.03 -16.22 24.19
C PHE A 5 -30.15 -15.15 23.11
N MET A 6 -30.74 -14.02 23.47
CA MET A 6 -30.91 -12.91 22.54
C MET A 6 -30.81 -11.56 23.27
N LEU A 7 -29.61 -10.99 23.26
CA LEU A 7 -29.39 -9.70 23.91
C LEU A 7 -29.70 -8.54 22.96
N ILE A 8 -29.93 -7.36 23.53
CA ILE A 8 -30.24 -6.18 22.73
C ILE A 8 -29.02 -5.72 21.93
N GLY A 9 -29.26 -5.18 20.75
CA GLY A 9 -28.17 -4.72 19.91
C GLY A 9 -27.86 -5.67 18.78
N GLU A 10 -28.89 -6.35 18.28
CA GLU A 10 -28.73 -7.30 17.19
C GLU A 10 -27.88 -8.50 17.62
N LYS A 11 -26.58 -8.28 17.77
CA LYS A 11 -25.66 -9.35 18.17
C LYS A 11 -24.72 -8.85 19.27
N SER A 12 -23.88 -9.75 19.76
CA SER A 12 -22.92 -9.41 20.81
C SER A 12 -21.60 -8.92 20.21
N ASN A 13 -21.69 -7.93 19.32
CA ASN A 13 -20.51 -7.38 18.67
C ASN A 13 -20.56 -5.86 18.64
N PRO A 14 -20.62 -5.21 19.82
CA PRO A 14 -20.67 -3.75 19.91
C PRO A 14 -19.29 -3.11 19.71
N GLU A 15 -18.49 -3.10 20.77
CA GLU A 15 -17.15 -2.51 20.71
C GLU A 15 -16.27 -3.28 19.73
N GLU A 16 -16.51 -4.59 19.64
CA GLU A 16 -15.74 -5.45 18.74
C GLU A 16 -15.86 -4.94 17.32
N GLU A 17 -17.06 -4.52 16.97
CA GLU A 17 -17.34 -3.98 15.65
C GLU A 17 -16.66 -2.62 15.48
N VAL A 18 -16.67 -1.83 16.55
CA VAL A 18 -16.06 -0.51 16.52
C VAL A 18 -14.59 -0.59 16.16
N GLU A 19 -13.85 -1.46 16.84
CA GLU A 19 -12.43 -1.64 16.57
C GLU A 19 -12.23 -2.31 15.21
N LEU A 20 -13.18 -3.15 14.85
CA LEU A 20 -13.14 -3.86 13.59
C LEU A 20 -13.41 -2.92 12.41
N LYS A 21 -14.30 -1.97 12.62
CA LYS A 21 -14.67 -1.03 11.57
C LYS A 21 -13.55 -0.07 11.21
N LYS A 22 -12.84 0.39 12.21
CA LYS A 22 -11.74 1.34 11.99
C LYS A 22 -10.60 0.67 11.23
N LEU A 23 -10.24 -0.54 11.65
CA LEU A 23 -9.18 -1.27 10.98
C LEU A 23 -9.56 -1.56 9.54
N LYS A 24 -10.84 -1.86 9.33
CA LYS A 24 -11.36 -2.14 8.03
C LYS A 24 -11.12 -0.96 7.10
N ASP A 25 -11.48 0.21 7.58
CA ASP A 25 -11.32 1.45 6.82
C ASP A 25 -9.87 1.61 6.36
N LEU A 26 -8.94 1.18 7.21
CA LEU A 26 -7.52 1.29 6.89
C LEU A 26 -7.19 0.48 5.65
N GLU A 27 -7.72 -0.74 5.62
CA GLU A 27 -7.50 -1.65 4.49
C GLU A 27 -8.07 -1.04 3.22
N VAL A 28 -9.23 -0.43 3.35
CA VAL A 28 -9.91 0.21 2.22
C VAL A 28 -9.14 1.41 1.73
N SER A 29 -8.72 2.23 2.69
CA SER A 29 -7.93 3.40 2.38
C SER A 29 -6.68 2.92 1.70
N ALA A 30 -6.22 1.78 2.19
CA ALA A 30 -5.03 1.13 1.64
C ALA A 30 -5.33 0.61 0.25
N GLU A 31 -6.51 0.01 0.11
CA GLU A 31 -6.96 -0.51 -1.15
C GLU A 31 -7.05 0.61 -2.17
N LYS A 32 -7.45 1.79 -1.70
CA LYS A 32 -7.57 2.97 -2.56
C LYS A 32 -6.18 3.39 -3.03
N ILE A 33 -5.22 3.45 -2.11
CA ILE A 33 -3.86 3.83 -2.47
C ILE A 33 -3.32 2.84 -3.48
N ALA A 34 -3.53 1.55 -3.18
CA ALA A 34 -3.09 0.49 -4.07
C ALA A 34 -3.80 0.61 -5.41
N ASN A 35 -5.09 0.95 -5.37
CA ASN A 35 -5.88 1.11 -6.58
C ASN A 35 -5.40 2.33 -7.36
N HIS A 36 -5.02 3.38 -6.61
CA HIS A 36 -4.54 4.61 -7.22
C HIS A 36 -3.28 4.33 -8.03
N LEU A 37 -2.43 3.45 -7.50
CA LEU A 37 -1.18 3.09 -8.17
C LEU A 37 -1.48 2.49 -9.54
N GLN A 38 -2.39 1.51 -9.56
CA GLN A 38 -2.78 0.85 -10.81
C GLN A 38 -3.36 1.85 -11.79
N GLU A 39 -4.07 2.83 -11.25
CA GLU A 39 -4.70 3.87 -12.05
C GLU A 39 -3.65 4.80 -12.61
N LEU A 40 -2.78 5.25 -11.71
CA LEU A 40 -1.72 6.17 -12.07
C LEU A 40 -0.68 5.48 -12.95
N ASN A 41 -0.35 4.22 -12.66
CA ASN A 41 0.64 3.52 -13.47
C ASN A 41 0.10 3.25 -14.88
N LYS A 42 -1.20 2.95 -14.98
CA LYS A 42 -1.81 2.69 -16.27
C LYS A 42 -1.69 3.93 -17.16
N GLU A 43 -1.99 5.08 -16.58
CA GLU A 43 -1.91 6.34 -17.31
C GLU A 43 -0.46 6.66 -17.65
N LEU A 44 0.44 6.30 -16.74
CA LEU A 44 1.87 6.53 -16.95
C LEU A 44 2.35 5.69 -18.11
N SER A 45 1.92 4.43 -18.13
CA SER A 45 2.27 3.52 -19.21
C SER A 45 1.89 4.13 -20.54
N GLY A 46 0.79 4.87 -20.53
CA GLY A 46 0.33 5.53 -21.74
C GLY A 46 1.29 6.62 -22.14
N ILE A 47 1.71 7.38 -21.14
CA ILE A 47 2.69 8.42 -21.34
C ILE A 47 4.02 7.78 -21.72
N GLN A 48 4.27 6.62 -21.12
CA GLN A 48 5.50 5.87 -21.37
C GLN A 48 5.61 5.51 -22.84
N GLN A 49 4.47 5.38 -23.51
CA GLN A 49 4.43 5.04 -24.93
C GLN A 49 5.36 5.95 -25.73
N GLY A 50 5.41 7.22 -25.36
CA GLY A 50 6.27 8.17 -26.05
C GLY A 50 7.74 7.91 -25.78
N PHE A 51 8.32 6.98 -26.54
CA PHE A 51 9.74 6.65 -26.38
C PHE A 51 10.63 7.73 -26.96
N LEU A 52 11.32 8.46 -26.07
CA LEU A 52 12.22 9.52 -26.48
C LEU A 52 13.59 8.95 -26.78
N ALA A 53 14.19 8.37 -25.75
CA ALA A 53 15.51 7.77 -25.86
C ALA A 53 15.95 7.23 -24.51
N LYS A 54 17.07 6.51 -24.49
CA LYS A 54 17.60 5.94 -23.25
C LYS A 54 17.81 7.04 -22.20
N GLU A 55 18.16 8.23 -22.67
CA GLU A 55 18.39 9.36 -21.78
C GLU A 55 17.09 9.83 -21.11
N LEU A 56 16.04 10.01 -21.91
CA LEU A 56 14.76 10.46 -21.38
C LEU A 56 14.00 9.34 -20.68
N GLN A 57 14.12 8.12 -21.20
CA GLN A 57 13.43 6.98 -20.61
C GLN A 57 13.90 6.75 -19.18
N ALA A 58 15.22 6.68 -19.00
CA ALA A 58 15.80 6.50 -17.68
C ALA A 58 15.46 7.69 -16.80
N GLU A 59 15.42 8.86 -17.41
CA GLU A 59 15.11 10.09 -16.71
C GLU A 59 13.64 10.10 -16.28
N ALA A 60 12.75 9.75 -17.20
CA ALA A 60 11.32 9.74 -16.92
C ALA A 60 10.97 8.62 -15.95
N LEU A 61 11.47 7.42 -16.22
CA LEU A 61 11.20 6.26 -15.38
C LEU A 61 11.67 6.50 -13.95
N CYS A 62 12.85 7.10 -13.81
CA CYS A 62 13.41 7.38 -12.49
C CYS A 62 12.45 8.26 -11.69
N LYS A 63 11.92 9.30 -12.31
CA LYS A 63 10.97 10.19 -11.65
C LYS A 63 9.69 9.44 -11.33
N LEU A 64 9.32 8.54 -12.22
CA LEU A 64 8.13 7.71 -12.02
C LEU A 64 8.38 6.78 -10.86
N ASP A 65 9.61 6.30 -10.83
CA ASP A 65 10.06 5.40 -9.78
C ASP A 65 10.00 6.08 -8.42
N ARG A 66 10.58 7.26 -8.33
CA ARG A 66 10.60 8.01 -7.08
C ARG A 66 9.18 8.31 -6.62
N LYS A 67 8.30 8.59 -7.57
CA LYS A 67 6.91 8.89 -7.21
C LYS A 67 6.29 7.67 -6.58
N VAL A 68 6.71 6.52 -7.04
CA VAL A 68 6.25 5.27 -6.48
C VAL A 68 6.63 5.23 -5.01
N LYS A 69 7.80 5.79 -4.72
CA LYS A 69 8.31 5.83 -3.35
C LYS A 69 7.36 6.60 -2.45
N ALA A 70 6.78 7.67 -2.98
CA ALA A 70 5.84 8.47 -2.23
C ALA A 70 4.63 7.63 -1.83
N THR A 71 4.18 6.79 -2.75
CA THR A 71 3.05 5.91 -2.48
C THR A 71 3.39 4.94 -1.35
N ILE A 72 4.64 4.50 -1.30
CA ILE A 72 5.09 3.59 -0.26
C ILE A 72 4.96 4.24 1.11
N GLU A 73 5.33 5.51 1.16
CA GLU A 73 5.26 6.30 2.39
C GLU A 73 3.84 6.27 2.96
N GLN A 74 2.85 6.41 2.09
CA GLN A 74 1.46 6.38 2.53
C GLN A 74 1.20 5.05 3.21
N PHE A 75 1.74 3.99 2.62
CA PHE A 75 1.61 2.65 3.16
C PHE A 75 2.39 2.54 4.46
N MET A 76 3.54 3.20 4.51
CA MET A 76 4.38 3.20 5.70
C MET A 76 3.72 3.95 6.85
N LYS A 77 3.06 5.06 6.52
CA LYS A 77 2.39 5.86 7.54
C LYS A 77 1.25 5.07 8.18
N ILE A 78 0.50 4.33 7.35
CA ILE A 78 -0.60 3.52 7.84
C ILE A 78 -0.08 2.35 8.66
N LEU A 79 1.02 1.76 8.20
CA LEU A 79 1.63 0.62 8.88
C LEU A 79 2.02 1.01 10.31
N GLU A 80 2.69 2.14 10.44
CA GLU A 80 3.13 2.63 11.75
C GLU A 80 1.95 2.91 12.67
N GLU A 81 0.86 3.41 12.09
CA GLU A 81 -0.34 3.72 12.85
C GLU A 81 -0.99 2.43 13.33
N ILE A 82 -1.11 1.49 12.41
CA ILE A 82 -1.66 0.18 12.74
C ILE A 82 -0.72 -0.53 13.68
N ASP A 83 0.57 -0.33 13.45
CA ASP A 83 1.60 -0.96 14.28
C ASP A 83 1.40 -0.64 15.77
N THR A 84 0.70 0.46 16.04
CA THR A 84 0.45 0.87 17.42
C THR A 84 -0.88 0.34 17.94
N MET A 85 -1.76 -0.07 17.04
CA MET A 85 -3.07 -0.59 17.43
C MET A 85 -2.94 -1.70 18.47
N VAL A 86 -3.87 -1.74 19.42
CA VAL A 86 -3.86 -2.73 20.48
C VAL A 86 -5.00 -3.75 20.28
N LEU A 87 -5.05 -4.74 21.15
CA LEU A 87 -6.09 -5.77 21.08
C LEU A 87 -6.31 -6.44 22.43
N PRO A 88 -7.58 -6.57 22.86
CA PRO A 88 -7.93 -7.19 24.14
C PRO A 88 -7.53 -8.66 24.20
N GLU A 89 -8.39 -9.55 23.67
CA GLU A 89 -8.10 -10.98 23.70
C GLU A 89 -9.05 -11.78 22.81
N GLN A 90 -10.26 -12.03 23.32
CA GLN A 90 -11.25 -12.81 22.58
C GLN A 90 -11.79 -12.07 21.36
N PHE A 91 -10.90 -11.80 20.41
CA PHE A 91 -11.26 -11.09 19.19
C PHE A 91 -10.75 -11.87 17.97
N LYS A 92 -11.28 -13.06 17.76
CA LYS A 92 -10.86 -13.90 16.63
C LYS A 92 -11.10 -13.20 15.30
N ASP A 93 -12.31 -12.69 15.10
CA ASP A 93 -12.65 -12.02 13.85
C ASP A 93 -11.91 -10.70 13.71
N SER A 94 -11.89 -9.92 14.78
CA SER A 94 -11.23 -8.63 14.77
C SER A 94 -9.71 -8.79 14.65
N ARG A 95 -9.15 -9.72 15.41
CA ARG A 95 -7.71 -9.96 15.38
C ARG A 95 -7.28 -10.50 14.04
N LEU A 96 -7.98 -11.51 13.56
CA LEU A 96 -7.66 -12.08 12.25
C LEU A 96 -7.77 -10.99 11.20
N LYS A 97 -8.72 -10.10 11.39
CA LYS A 97 -8.94 -8.99 10.48
C LYS A 97 -7.77 -8.01 10.52
N ARG A 98 -7.35 -7.64 11.73
CA ARG A 98 -6.25 -6.71 11.90
C ARG A 98 -4.92 -7.31 11.46
N LYS A 99 -4.67 -8.56 11.86
CA LYS A 99 -3.43 -9.23 11.49
C LYS A 99 -3.33 -9.38 9.98
N ASN A 100 -4.40 -9.85 9.36
CA ASN A 100 -4.43 -10.02 7.92
C ASN A 100 -4.23 -8.67 7.25
N LEU A 101 -4.82 -7.64 7.85
CA LEU A 101 -4.73 -6.28 7.34
C LEU A 101 -3.29 -5.83 7.32
N VAL A 102 -2.54 -6.27 8.32
CA VAL A 102 -1.14 -5.92 8.42
C VAL A 102 -0.36 -6.50 7.25
N LYS A 103 -0.54 -7.80 7.03
CA LYS A 103 0.15 -8.45 5.94
C LYS A 103 -0.24 -7.90 4.60
N LYS A 104 -1.50 -7.57 4.44
CA LYS A 104 -1.93 -6.96 3.19
C LYS A 104 -1.16 -5.67 3.07
N VAL A 105 -0.98 -5.05 4.23
CA VAL A 105 -0.25 -3.79 4.32
C VAL A 105 1.22 -4.00 4.01
N GLN A 106 1.76 -5.12 4.51
CA GLN A 106 3.16 -5.44 4.29
C GLN A 106 3.43 -5.69 2.81
N VAL A 107 2.57 -6.49 2.19
CA VAL A 107 2.70 -6.83 0.78
C VAL A 107 2.44 -5.64 -0.13
N PHE A 108 1.37 -4.91 0.13
CA PHE A 108 1.01 -3.76 -0.69
C PHE A 108 2.05 -2.66 -0.61
N LEU A 109 2.59 -2.46 0.59
CA LEU A 109 3.60 -1.42 0.80
C LEU A 109 4.91 -1.82 0.15
N ALA A 110 5.28 -3.07 0.38
CA ALA A 110 6.50 -3.64 -0.18
C ALA A 110 6.36 -3.84 -1.69
N GLU A 111 5.18 -4.27 -2.12
CA GLU A 111 4.94 -4.48 -3.54
C GLU A 111 5.14 -3.18 -4.29
N CYS A 112 4.74 -2.09 -3.62
CA CYS A 112 4.90 -0.76 -4.20
C CYS A 112 6.39 -0.50 -4.44
N ASP A 113 7.22 -0.83 -3.46
CA ASP A 113 8.67 -0.65 -3.58
C ASP A 113 9.22 -1.62 -4.61
N THR A 114 8.69 -2.84 -4.62
CA THR A 114 9.14 -3.83 -5.58
C THR A 114 8.83 -3.36 -7.00
N VAL A 115 7.63 -2.80 -7.17
CA VAL A 115 7.24 -2.26 -8.46
C VAL A 115 8.18 -1.14 -8.86
N GLU A 116 8.49 -0.29 -7.89
CA GLU A 116 9.41 0.82 -8.12
C GLU A 116 10.80 0.28 -8.43
N GLN A 117 11.23 -0.68 -7.63
CA GLN A 117 12.55 -1.30 -7.82
C GLN A 117 12.60 -2.08 -9.14
N TYR A 118 11.48 -2.70 -9.49
CA TYR A 118 11.38 -3.49 -10.72
C TYR A 118 11.46 -2.59 -11.92
N ILE A 119 10.69 -1.52 -11.89
CA ILE A 119 10.67 -0.56 -12.96
C ILE A 119 12.03 0.12 -13.07
N CYS A 120 12.61 0.44 -11.91
CA CYS A 120 13.92 1.08 -11.89
C CYS A 120 15.02 0.11 -12.36
N GLN A 121 15.03 -1.09 -11.78
CA GLN A 121 16.03 -2.10 -12.11
C GLN A 121 15.85 -2.67 -13.51
N GLU A 122 14.61 -2.81 -13.95
CA GLU A 122 14.33 -3.35 -15.29
C GLU A 122 14.88 -2.42 -16.34
N THR A 123 14.69 -1.12 -16.10
CA THR A 123 15.21 -0.11 -17.00
C THR A 123 16.71 -0.12 -16.90
N GLU A 124 17.21 -0.32 -15.67
CA GLU A 124 18.62 -0.38 -15.41
C GLU A 124 19.26 -1.53 -16.18
N ARG A 125 18.62 -2.69 -16.12
CA ARG A 125 19.11 -3.86 -16.82
C ARG A 125 19.19 -3.58 -18.32
N LEU A 126 18.23 -2.83 -18.82
CA LEU A 126 18.18 -2.46 -20.23
C LEU A 126 19.43 -1.69 -20.63
N GLN A 127 20.11 -1.11 -19.65
CA GLN A 127 21.33 -0.34 -19.91
C GLN A 127 22.55 -1.24 -20.01
N SER A 128 22.42 -2.36 -20.72
CA SER A 128 23.52 -3.31 -20.88
C SER A 128 24.19 -3.64 -19.55
N THR A 129 25.28 -4.40 -19.61
CA THR A 129 26.02 -4.78 -18.42
C THR A 129 27.52 -4.56 -18.62
N ASN A 130 28.00 -3.38 -18.24
CA ASN A 130 29.41 -3.05 -18.37
C ASN A 130 30.29 -4.05 -17.62
N LEU A 131 29.77 -4.55 -16.50
CA LEU A 131 30.51 -5.51 -15.69
C LEU A 131 30.87 -6.75 -16.50
N ALA A 132 32.16 -6.93 -16.75
CA ALA A 132 32.64 -8.07 -17.51
C ALA A 132 34.05 -8.46 -17.09
N LEU A 133 34.28 -9.76 -16.91
CA LEU A 133 35.59 -10.26 -16.51
C LEU A 133 35.91 -11.58 -17.22
N ALA A 134 35.04 -12.57 -17.04
CA ALA A 134 35.23 -13.87 -17.65
C ALA A 134 33.94 -14.67 -17.66
N GLU A 135 32.81 -13.97 -17.80
CA GLU A 135 31.51 -14.61 -17.83
C GLU A 135 31.22 -15.33 -16.50
N GLY A 1 -28.51 -16.41 45.75
CA GLY A 1 -28.14 -16.27 44.32
C GLY A 1 -29.31 -16.51 43.39
N SER A 2 -30.37 -15.72 43.56
CA SER A 2 -31.56 -15.84 42.73
C SER A 2 -31.30 -15.33 41.31
N PRO A 3 -30.88 -14.06 41.18
CA PRO A 3 -30.59 -13.46 39.87
C PRO A 3 -29.29 -13.96 39.27
N GLU A 4 -29.06 -13.63 38.01
CA GLU A 4 -27.85 -14.05 37.32
C GLU A 4 -26.64 -13.26 37.81
N PHE A 5 -25.45 -13.82 37.63
CA PHE A 5 -24.22 -13.18 38.06
C PHE A 5 -23.51 -12.51 36.88
N MET A 6 -22.65 -11.55 37.18
CA MET A 6 -21.92 -10.84 36.14
C MET A 6 -20.78 -11.71 35.59
N LEU A 7 -19.85 -11.08 34.88
CA LEU A 7 -18.71 -11.79 34.30
C LEU A 7 -19.16 -12.67 33.14
N ILE A 8 -19.98 -13.67 33.43
CA ILE A 8 -20.48 -14.59 32.42
C ILE A 8 -21.16 -13.83 31.28
N GLY A 9 -20.88 -14.24 30.05
CA GLY A 9 -21.47 -13.60 28.89
C GLY A 9 -22.43 -14.52 28.14
N GLU A 10 -22.72 -14.16 26.90
CA GLU A 10 -23.63 -14.96 26.08
C GLU A 10 -23.52 -14.59 24.61
N LYS A 11 -23.70 -13.30 24.31
CA LYS A 11 -23.62 -12.81 22.94
C LYS A 11 -23.83 -11.29 22.88
N SER A 12 -23.21 -10.65 21.90
CA SER A 12 -23.33 -9.21 21.73
C SER A 12 -22.51 -8.73 20.54
N ASN A 13 -21.20 -8.95 20.61
CA ASN A 13 -20.29 -8.53 19.54
C ASN A 13 -20.42 -7.03 19.26
N PRO A 14 -20.15 -6.19 20.28
CA PRO A 14 -20.23 -4.74 20.16
C PRO A 14 -18.89 -4.12 19.80
N GLU A 15 -17.97 -4.13 20.76
CA GLU A 15 -16.64 -3.55 20.57
C GLU A 15 -15.92 -4.19 19.40
N GLU A 16 -16.18 -5.46 19.17
CA GLU A 16 -15.55 -6.18 18.06
C GLU A 16 -15.83 -5.45 16.76
N GLU A 17 -17.08 -5.04 16.61
CA GLU A 17 -17.52 -4.30 15.43
C GLU A 17 -16.87 -2.93 15.40
N VAL A 18 -16.74 -2.31 16.57
CA VAL A 18 -16.13 -1.00 16.66
C VAL A 18 -14.72 -1.04 16.11
N GLU A 19 -13.93 -2.00 16.56
CA GLU A 19 -12.57 -2.18 16.07
C GLU A 19 -12.62 -2.66 14.64
N LEU A 20 -13.65 -3.44 14.34
CA LEU A 20 -13.86 -4.00 13.03
C LEU A 20 -14.20 -2.93 12.00
N LYS A 21 -14.96 -1.93 12.42
CA LYS A 21 -15.37 -0.84 11.53
C LYS A 21 -14.21 0.06 11.14
N LYS A 22 -13.38 0.36 12.11
CA LYS A 22 -12.22 1.25 11.89
C LYS A 22 -11.20 0.59 10.96
N LEU A 23 -10.91 -0.67 11.22
CA LEU A 23 -9.96 -1.41 10.41
C LEU A 23 -10.45 -1.49 8.98
N LYS A 24 -11.76 -1.67 8.82
CA LYS A 24 -12.38 -1.78 7.53
C LYS A 24 -12.12 -0.52 6.72
N ASP A 25 -12.37 0.62 7.34
CA ASP A 25 -12.17 1.92 6.70
C ASP A 25 -10.71 2.10 6.32
N LEU A 26 -9.82 1.58 7.15
CA LEU A 26 -8.38 1.69 6.90
C LEU A 26 -8.01 0.99 5.60
N GLU A 27 -8.60 -0.18 5.37
CA GLU A 27 -8.33 -0.95 4.16
C GLU A 27 -8.75 -0.15 2.93
N VAL A 28 -9.85 0.56 3.05
CA VAL A 28 -10.37 1.38 1.96
C VAL A 28 -9.39 2.47 1.57
N SER A 29 -8.87 3.13 2.59
CA SER A 29 -7.89 4.17 2.39
C SER A 29 -6.70 3.54 1.72
N ALA A 30 -6.46 2.31 2.12
CA ALA A 30 -5.38 1.51 1.56
C ALA A 30 -5.69 1.16 0.11
N GLU A 31 -6.94 0.80 -0.13
CA GLU A 31 -7.40 0.45 -1.44
C GLU A 31 -7.32 1.65 -2.38
N LYS A 32 -7.61 2.84 -1.83
CA LYS A 32 -7.56 4.06 -2.62
C LYS A 32 -6.13 4.41 -3.01
N ILE A 33 -5.22 4.32 -2.05
CA ILE A 33 -3.82 4.61 -2.33
C ILE A 33 -3.30 3.58 -3.32
N ALA A 34 -3.68 2.33 -3.12
CA ALA A 34 -3.28 1.25 -4.01
C ALA A 34 -3.86 1.47 -5.41
N ASN A 35 -5.05 2.06 -5.47
CA ASN A 35 -5.71 2.33 -6.73
C ASN A 35 -4.98 3.43 -7.50
N HIS A 36 -4.54 4.46 -6.77
CA HIS A 36 -3.83 5.58 -7.39
C HIS A 36 -2.54 5.11 -8.04
N LEU A 37 -1.85 4.19 -7.38
CA LEU A 37 -0.60 3.66 -7.91
C LEU A 37 -0.83 2.95 -9.25
N GLN A 38 -1.82 2.06 -9.27
CA GLN A 38 -2.16 1.33 -10.49
C GLN A 38 -2.64 2.29 -11.58
N GLU A 39 -3.33 3.33 -11.16
CA GLU A 39 -3.85 4.34 -12.07
C GLU A 39 -2.69 5.15 -12.63
N LEU A 40 -1.81 5.55 -11.72
CA LEU A 40 -0.62 6.30 -12.10
C LEU A 40 0.20 5.45 -13.07
N ASN A 41 0.19 4.13 -12.84
CA ASN A 41 0.92 3.21 -13.69
C ASN A 41 0.36 3.21 -15.10
N LYS A 42 -0.97 3.21 -15.20
CA LYS A 42 -1.66 3.20 -16.48
C LYS A 42 -1.30 4.45 -17.28
N GLU A 43 -1.33 5.60 -16.62
CA GLU A 43 -1.01 6.87 -17.27
C GLU A 43 0.46 6.92 -17.66
N LEU A 44 1.32 6.42 -16.77
CA LEU A 44 2.75 6.40 -17.03
C LEU A 44 3.07 5.40 -18.13
N SER A 45 2.39 4.27 -18.09
CA SER A 45 2.58 3.23 -19.09
C SER A 45 2.01 3.68 -20.44
N GLY A 46 0.93 4.44 -20.38
CA GLY A 46 0.31 4.94 -21.59
C GLY A 46 1.20 5.95 -22.28
N ILE A 47 1.74 6.85 -21.48
CA ILE A 47 2.68 7.84 -21.98
C ILE A 47 3.95 7.13 -22.38
N GLN A 48 4.30 6.10 -21.61
CA GLN A 48 5.50 5.31 -21.86
C GLN A 48 5.53 4.79 -23.30
N GLN A 49 4.36 4.52 -23.85
CA GLN A 49 4.25 4.01 -25.20
C GLN A 49 4.96 4.93 -26.20
N GLY A 50 5.12 6.19 -25.82
CA GLY A 50 5.79 7.15 -26.69
C GLY A 50 7.22 6.74 -26.99
N PHE A 51 8.07 7.72 -27.28
CA PHE A 51 9.47 7.45 -27.59
C PHE A 51 10.30 8.73 -27.58
N LEU A 52 11.30 8.78 -26.71
CA LEU A 52 12.17 9.94 -26.60
C LEU A 52 13.63 9.53 -26.78
N ALA A 53 14.16 8.90 -25.76
CA ALA A 53 15.55 8.44 -25.77
C ALA A 53 15.91 7.80 -24.43
N LYS A 54 17.12 7.24 -24.35
CA LYS A 54 17.58 6.61 -23.13
C LYS A 54 17.62 7.63 -21.99
N GLU A 55 17.87 8.88 -22.33
CA GLU A 55 17.94 9.95 -21.35
C GLU A 55 16.60 10.21 -20.69
N LEU A 56 15.54 10.33 -21.50
CA LEU A 56 14.20 10.60 -20.96
C LEU A 56 13.58 9.34 -20.36
N GLN A 57 13.73 8.21 -21.06
CA GLN A 57 13.18 6.95 -20.60
C GLN A 57 13.70 6.63 -19.21
N ALA A 58 15.01 6.70 -19.03
CA ALA A 58 15.63 6.44 -17.75
C ALA A 58 15.17 7.47 -16.72
N GLU A 59 14.97 8.70 -17.20
CA GLU A 59 14.52 9.79 -16.34
C GLU A 59 13.08 9.59 -15.90
N ALA A 60 12.23 9.15 -16.83
CA ALA A 60 10.82 8.93 -16.55
C ALA A 60 10.62 7.74 -15.61
N LEU A 61 11.30 6.64 -15.90
CA LEU A 61 11.17 5.44 -15.09
C LEU A 61 11.67 5.66 -13.66
N CYS A 62 12.83 6.27 -13.53
CA CYS A 62 13.39 6.55 -12.20
C CYS A 62 12.43 7.43 -11.41
N LYS A 63 11.88 8.43 -12.08
CA LYS A 63 10.92 9.32 -11.45
C LYS A 63 9.65 8.55 -11.11
N LEU A 64 9.32 7.58 -11.97
CA LEU A 64 8.15 6.74 -11.79
C LEU A 64 8.33 5.88 -10.54
N ASP A 65 9.50 5.26 -10.43
CA ASP A 65 9.81 4.41 -9.29
C ASP A 65 9.78 5.19 -8.00
N ARG A 66 10.43 6.34 -7.98
CA ARG A 66 10.47 7.17 -6.79
C ARG A 66 9.08 7.58 -6.36
N LYS A 67 8.22 7.85 -7.34
CA LYS A 67 6.85 8.23 -7.03
C LYS A 67 6.14 7.06 -6.39
N VAL A 68 6.51 5.88 -6.82
CA VAL A 68 5.98 4.66 -6.26
C VAL A 68 6.33 4.62 -4.78
N LYS A 69 7.53 5.12 -4.49
CA LYS A 69 8.04 5.15 -3.13
C LYS A 69 7.09 5.91 -2.22
N ALA A 70 6.62 7.06 -2.69
CA ALA A 70 5.70 7.88 -1.92
C ALA A 70 4.43 7.09 -1.63
N THR A 71 3.99 6.31 -2.61
CA THR A 71 2.79 5.50 -2.44
C THR A 71 3.04 4.40 -1.41
N ILE A 72 4.20 3.78 -1.50
CA ILE A 72 4.59 2.73 -0.57
C ILE A 72 4.62 3.27 0.85
N GLU A 73 5.15 4.48 0.99
CA GLU A 73 5.25 5.14 2.29
C GLU A 73 3.87 5.28 2.95
N GLN A 74 2.87 5.62 2.15
CA GLN A 74 1.51 5.75 2.69
C GLN A 74 1.11 4.43 3.33
N PHE A 75 1.42 3.35 2.62
CA PHE A 75 1.14 2.02 3.11
C PHE A 75 1.90 1.77 4.41
N MET A 76 3.11 2.31 4.49
CA MET A 76 3.94 2.18 5.69
C MET A 76 3.24 2.80 6.89
N LYS A 77 2.69 3.99 6.70
CA LYS A 77 1.99 4.69 7.77
C LYS A 77 0.83 3.86 8.30
N ILE A 78 0.18 3.11 7.41
CA ILE A 78 -0.94 2.27 7.80
C ILE A 78 -0.51 1.19 8.78
N LEU A 79 0.58 0.51 8.45
CA LEU A 79 1.10 -0.55 9.30
C LEU A 79 1.63 0.02 10.61
N GLU A 80 2.44 1.07 10.51
CA GLU A 80 3.02 1.72 11.68
C GLU A 80 1.95 2.26 12.62
N GLU A 81 0.86 2.76 12.04
CA GLU A 81 -0.24 3.31 12.83
C GLU A 81 -0.95 2.19 13.57
N ILE A 82 -1.23 1.12 12.83
CA ILE A 82 -1.88 -0.04 13.40
C ILE A 82 -0.92 -0.70 14.37
N ASP A 83 0.36 -0.69 14.01
CA ASP A 83 1.39 -1.29 14.84
C ASP A 83 1.46 -0.62 16.21
N THR A 84 1.09 0.64 16.27
CA THR A 84 1.12 1.39 17.53
C THR A 84 -0.26 1.45 18.17
N MET A 85 -1.12 0.48 17.85
CA MET A 85 -2.46 0.43 18.42
C MET A 85 -2.62 -0.73 19.39
N VAL A 86 -1.73 -1.70 19.27
CA VAL A 86 -1.73 -2.90 20.12
C VAL A 86 -3.15 -3.33 20.52
N LEU A 87 -3.69 -4.28 19.78
CA LEU A 87 -5.04 -4.79 20.05
C LEU A 87 -5.04 -5.70 21.28
N PRO A 88 -6.14 -5.70 22.05
CA PRO A 88 -6.25 -6.53 23.26
C PRO A 88 -6.37 -8.01 22.93
N GLU A 89 -6.50 -8.83 23.97
CA GLU A 89 -6.62 -10.27 23.79
C GLU A 89 -8.01 -10.75 24.20
N GLN A 90 -8.93 -10.76 23.23
CA GLN A 90 -10.30 -11.20 23.50
C GLN A 90 -11.09 -11.31 22.19
N PHE A 91 -10.92 -10.32 21.32
CA PHE A 91 -11.60 -10.30 20.03
C PHE A 91 -10.89 -11.20 19.03
N LYS A 92 -11.44 -12.39 18.79
CA LYS A 92 -10.85 -13.33 17.86
C LYS A 92 -10.97 -12.83 16.42
N ASP A 93 -12.18 -12.43 16.04
CA ASP A 93 -12.44 -11.93 14.69
C ASP A 93 -11.72 -10.61 14.45
N SER A 94 -11.74 -9.75 15.46
CA SER A 94 -11.09 -8.44 15.35
C SER A 94 -9.58 -8.59 15.12
N ARG A 95 -8.96 -9.49 15.89
CA ARG A 95 -7.52 -9.72 15.76
C ARG A 95 -7.19 -10.32 14.41
N LEU A 96 -7.95 -11.33 14.01
CA LEU A 96 -7.73 -11.97 12.73
C LEU A 96 -7.87 -10.93 11.62
N LYS A 97 -8.80 -9.99 11.84
CA LYS A 97 -9.04 -8.92 10.89
C LYS A 97 -7.84 -7.99 10.79
N ARG A 98 -7.32 -7.58 11.94
CA ARG A 98 -6.18 -6.68 11.99
C ARG A 98 -4.90 -7.37 11.49
N LYS A 99 -4.68 -8.60 11.96
CA LYS A 99 -3.50 -9.36 11.57
C LYS A 99 -3.43 -9.52 10.06
N ASN A 100 -4.54 -9.94 9.47
CA ASN A 100 -4.60 -10.12 8.02
C ASN A 100 -4.37 -8.79 7.32
N LEU A 101 -4.91 -7.74 7.91
CA LEU A 101 -4.77 -6.39 7.38
C LEU A 101 -3.33 -5.93 7.45
N VAL A 102 -2.66 -6.30 8.52
CA VAL A 102 -1.28 -5.92 8.68
C VAL A 102 -0.48 -6.40 7.48
N LYS A 103 -0.64 -7.67 7.15
CA LYS A 103 0.02 -8.25 6.01
C LYS A 103 -0.43 -7.64 4.70
N LYS A 104 -1.68 -7.20 4.66
CA LYS A 104 -2.16 -6.55 3.46
C LYS A 104 -1.29 -5.33 3.25
N VAL A 105 -0.94 -4.72 4.38
CA VAL A 105 -0.08 -3.55 4.37
C VAL A 105 1.31 -3.94 3.93
N GLN A 106 1.77 -5.10 4.40
CA GLN A 106 3.10 -5.59 4.04
C GLN A 106 3.16 -5.89 2.55
N VAL A 107 2.11 -6.52 2.04
CA VAL A 107 2.05 -6.87 0.62
C VAL A 107 1.88 -5.62 -0.25
N PHE A 108 1.08 -4.68 0.23
CA PHE A 108 0.82 -3.45 -0.51
C PHE A 108 2.08 -2.62 -0.65
N LEU A 109 2.85 -2.55 0.42
CA LEU A 109 4.10 -1.79 0.41
C LEU A 109 5.09 -2.46 -0.50
N ALA A 110 5.16 -3.77 -0.37
CA ALA A 110 6.06 -4.60 -1.16
C ALA A 110 5.67 -4.66 -2.63
N GLU A 111 4.37 -4.80 -2.91
CA GLU A 111 3.92 -4.88 -4.30
C GLU A 111 4.31 -3.61 -5.04
N CYS A 112 4.14 -2.49 -4.35
CA CYS A 112 4.50 -1.19 -4.91
C CYS A 112 6.02 -1.10 -5.09
N ASP A 113 6.76 -1.66 -4.15
CA ASP A 113 8.22 -1.64 -4.21
C ASP A 113 8.74 -2.50 -5.36
N THR A 114 8.08 -3.64 -5.57
CA THR A 114 8.50 -4.55 -6.63
C THR A 114 8.27 -3.90 -8.00
N VAL A 115 7.12 -3.29 -8.18
CA VAL A 115 6.81 -2.62 -9.44
C VAL A 115 7.84 -1.53 -9.71
N GLU A 116 8.08 -0.70 -8.69
CA GLU A 116 9.06 0.36 -8.82
C GLU A 116 10.46 -0.24 -8.98
N GLN A 117 10.76 -1.27 -8.21
CA GLN A 117 12.06 -1.93 -8.29
C GLN A 117 12.27 -2.52 -9.67
N TYR A 118 11.19 -3.04 -10.25
CA TYR A 118 11.23 -3.65 -11.58
C TYR A 118 11.50 -2.58 -12.61
N ILE A 119 10.76 -1.48 -12.50
CA ILE A 119 10.93 -0.37 -13.41
C ILE A 119 12.29 0.28 -13.18
N CYS A 120 12.66 0.39 -11.90
CA CYS A 120 13.94 0.98 -11.52
C CYS A 120 15.12 0.10 -11.94
N GLN A 121 15.03 -1.19 -11.62
CA GLN A 121 16.10 -2.13 -11.94
C GLN A 121 16.26 -2.30 -13.44
N GLU A 122 15.16 -2.26 -14.18
CA GLU A 122 15.20 -2.40 -15.64
C GLU A 122 15.87 -1.18 -16.22
N THR A 123 15.48 -0.02 -15.71
CA THR A 123 16.07 1.24 -16.14
C THR A 123 17.52 1.26 -15.73
N GLU A 124 17.80 0.73 -14.54
CA GLU A 124 19.14 0.68 -14.02
C GLU A 124 20.07 -0.05 -14.99
N ARG A 125 19.60 -1.18 -15.50
CA ARG A 125 20.37 -1.96 -16.45
C ARG A 125 20.67 -1.13 -17.70
N LEU A 126 19.70 -0.31 -18.09
CA LEU A 126 19.85 0.54 -19.25
C LEU A 126 21.09 1.42 -19.13
N GLN A 127 21.39 1.84 -17.91
CA GLN A 127 22.55 2.69 -17.66
C GLN A 127 23.84 1.87 -17.66
N SER A 128 24.80 2.31 -18.46
CA SER A 128 26.08 1.61 -18.56
C SER A 128 26.95 1.88 -17.33
N THR A 129 27.59 0.83 -16.83
CA THR A 129 28.45 0.95 -15.66
C THR A 129 27.66 1.47 -14.46
N ASN A 130 28.22 1.27 -13.26
CA ASN A 130 27.57 1.71 -12.04
C ASN A 130 27.94 3.16 -11.72
N LEU A 131 27.44 3.67 -10.60
CA LEU A 131 27.72 5.03 -10.18
C LEU A 131 29.04 5.12 -9.43
N ALA A 132 29.50 6.34 -9.16
CA ALA A 132 30.74 6.56 -8.45
C ALA A 132 31.92 5.94 -9.21
N LEU A 133 32.75 6.81 -9.78
CA LEU A 133 33.92 6.35 -10.54
C LEU A 133 35.11 7.26 -10.28
N ALA A 134 36.25 6.65 -9.94
CA ALA A 134 37.47 7.41 -9.67
C ALA A 134 38.70 6.52 -9.80
N GLU A 135 39.80 7.09 -10.28
CA GLU A 135 41.04 6.36 -10.45
C GLU A 135 42.24 7.18 -9.98
N GLY A 1 -44.25 -17.10 33.12
CA GLY A 1 -44.99 -15.87 33.51
C GLY A 1 -44.24 -15.06 34.55
N SER A 2 -43.06 -14.57 34.20
CA SER A 2 -42.25 -13.77 35.11
C SER A 2 -42.38 -12.28 34.80
N PRO A 3 -42.34 -11.42 35.83
CA PRO A 3 -42.46 -9.98 35.65
C PRO A 3 -41.21 -9.36 35.03
N GLU A 4 -40.91 -9.78 33.81
CA GLU A 4 -39.73 -9.27 33.10
C GLU A 4 -39.92 -9.39 31.59
N PHE A 5 -39.94 -8.24 30.92
CA PHE A 5 -40.11 -8.21 29.47
C PHE A 5 -38.84 -7.74 28.77
N MET A 6 -37.93 -7.14 29.53
CA MET A 6 -36.67 -6.64 28.98
C MET A 6 -36.91 -5.48 28.02
N LEU A 7 -36.23 -4.36 28.28
CA LEU A 7 -36.37 -3.18 27.43
C LEU A 7 -35.26 -3.12 26.38
N ILE A 8 -34.02 -3.30 26.84
CA ILE A 8 -32.87 -3.26 25.94
C ILE A 8 -32.63 -4.63 25.31
N GLY A 9 -32.92 -5.69 26.06
CA GLY A 9 -32.73 -7.04 25.56
C GLY A 9 -31.29 -7.49 25.67
N GLU A 10 -30.73 -7.98 24.56
CA GLU A 10 -29.36 -8.45 24.54
C GLU A 10 -28.47 -7.52 23.72
N LYS A 11 -27.19 -7.49 24.03
CA LYS A 11 -26.24 -6.64 23.33
C LYS A 11 -26.06 -7.11 21.89
N SER A 12 -25.11 -6.49 21.18
CA SER A 12 -24.84 -6.84 19.79
C SER A 12 -23.48 -6.32 19.35
N ASN A 13 -22.52 -6.35 20.27
CA ASN A 13 -21.17 -5.87 19.98
C ASN A 13 -21.19 -4.42 19.53
N PRO A 14 -21.07 -3.48 20.49
CA PRO A 14 -21.07 -2.05 20.19
C PRO A 14 -19.70 -1.53 19.76
N GLU A 15 -18.82 -1.30 20.74
CA GLU A 15 -17.49 -0.79 20.46
C GLU A 15 -16.69 -1.78 19.61
N GLU A 16 -16.94 -3.06 19.82
CA GLU A 16 -16.26 -4.10 19.07
C GLU A 16 -16.46 -3.89 17.57
N GLU A 17 -17.70 -3.56 17.23
CA GLU A 17 -18.07 -3.29 15.86
C GLU A 17 -17.44 -2.00 15.37
N VAL A 18 -17.40 -1.01 16.26
CA VAL A 18 -16.82 0.29 15.93
C VAL A 18 -15.33 0.17 15.61
N GLU A 19 -14.60 -0.50 16.49
CA GLU A 19 -13.16 -0.67 16.28
C GLU A 19 -12.91 -1.51 15.04
N LEU A 20 -13.82 -2.46 14.79
CA LEU A 20 -13.73 -3.33 13.65
C LEU A 20 -14.05 -2.57 12.36
N LYS A 21 -15.00 -1.64 12.44
CA LYS A 21 -15.41 -0.85 11.28
C LYS A 21 -14.26 -0.04 10.72
N LYS A 22 -13.47 0.52 11.61
CA LYS A 22 -12.31 1.33 11.21
C LYS A 22 -11.30 0.45 10.52
N LEU A 23 -11.04 -0.71 11.10
CA LEU A 23 -10.09 -1.66 10.53
C LEU A 23 -10.55 -2.03 9.11
N LYS A 24 -11.85 -2.22 8.95
CA LYS A 24 -12.42 -2.55 7.68
C LYS A 24 -12.11 -1.47 6.66
N ASP A 25 -12.35 -0.24 7.07
CA ASP A 25 -12.09 0.93 6.25
C ASP A 25 -10.63 1.00 5.83
N LEU A 26 -9.74 0.56 6.70
CA LEU A 26 -8.31 0.58 6.42
C LEU A 26 -7.96 -0.28 5.22
N GLU A 27 -8.53 -1.48 5.15
CA GLU A 27 -8.28 -2.38 4.03
C GLU A 27 -8.76 -1.75 2.72
N VAL A 28 -9.89 -1.06 2.82
CA VAL A 28 -10.49 -0.38 1.67
C VAL A 28 -9.63 0.77 1.19
N SER A 29 -9.19 1.57 2.15
CA SER A 29 -8.34 2.70 1.86
C SER A 29 -7.09 2.16 1.21
N ALA A 30 -6.69 1.00 1.71
CA ALA A 30 -5.53 0.30 1.17
C ALA A 30 -5.84 -0.20 -0.23
N GLU A 31 -7.02 -0.79 -0.35
CA GLU A 31 -7.50 -1.29 -1.61
C GLU A 31 -7.58 -0.15 -2.62
N LYS A 32 -7.96 1.03 -2.13
CA LYS A 32 -8.06 2.21 -2.98
C LYS A 32 -6.68 2.63 -3.47
N ILE A 33 -5.70 2.66 -2.56
CA ILE A 33 -4.34 3.04 -2.95
C ILE A 33 -3.84 2.03 -3.97
N ALA A 34 -4.09 0.76 -3.69
CA ALA A 34 -3.69 -0.32 -4.59
C ALA A 34 -4.37 -0.15 -5.94
N ASN A 35 -5.65 0.21 -5.91
CA ASN A 35 -6.42 0.41 -7.14
C ASN A 35 -5.92 1.65 -7.87
N HIS A 36 -5.71 2.73 -7.12
CA HIS A 36 -5.22 3.98 -7.69
C HIS A 36 -3.87 3.76 -8.36
N LEU A 37 -3.04 2.92 -7.73
CA LEU A 37 -1.71 2.62 -8.24
C LEU A 37 -1.79 2.07 -9.66
N GLN A 38 -2.63 1.06 -9.86
CA GLN A 38 -2.81 0.44 -11.17
C GLN A 38 -3.36 1.45 -12.17
N GLU A 39 -4.20 2.35 -11.68
CA GLU A 39 -4.81 3.38 -12.51
C GLU A 39 -3.74 4.39 -12.90
N LEU A 40 -2.99 4.82 -11.91
CA LEU A 40 -1.91 5.76 -12.13
C LEU A 40 -0.91 5.14 -13.12
N ASN A 41 -0.73 3.84 -13.02
CA ASN A 41 0.20 3.13 -13.90
C ASN A 41 -0.24 3.27 -15.36
N LYS A 42 -1.55 3.24 -15.59
CA LYS A 42 -2.10 3.35 -16.93
C LYS A 42 -1.88 4.77 -17.48
N GLU A 43 -2.17 5.77 -16.65
CA GLU A 43 -2.01 7.16 -17.06
C GLU A 43 -0.53 7.53 -17.22
N LEU A 44 0.29 7.07 -16.29
CA LEU A 44 1.72 7.35 -16.33
C LEU A 44 2.37 6.61 -17.50
N SER A 45 1.98 5.35 -17.65
CA SER A 45 2.50 4.52 -18.74
C SER A 45 2.14 5.14 -20.08
N GLY A 46 0.98 5.77 -20.14
CA GLY A 46 0.55 6.42 -21.36
C GLY A 46 1.42 7.61 -21.65
N ILE A 47 1.67 8.38 -20.62
CA ILE A 47 2.54 9.53 -20.70
C ILE A 47 3.97 9.05 -20.94
N GLN A 48 4.29 7.93 -20.31
CA GLN A 48 5.62 7.34 -20.41
C GLN A 48 5.96 7.00 -21.85
N GLN A 49 4.94 6.80 -22.68
CA GLN A 49 5.14 6.47 -24.10
C GLN A 49 6.22 7.34 -24.72
N GLY A 50 6.35 8.56 -24.23
CA GLY A 50 7.36 9.48 -24.75
C GLY A 50 8.76 8.91 -24.68
N PHE A 51 9.48 9.00 -25.78
CA PHE A 51 10.85 8.48 -25.83
C PHE A 51 11.88 9.59 -25.59
N LEU A 52 11.95 10.53 -26.53
CA LEU A 52 12.89 11.64 -26.43
C LEU A 52 14.32 11.15 -26.57
N ALA A 53 14.80 10.48 -25.54
CA ALA A 53 16.16 9.94 -25.52
C ALA A 53 16.43 9.19 -24.23
N LYS A 54 17.62 8.61 -24.12
CA LYS A 54 18.01 7.86 -22.94
C LYS A 54 17.94 8.74 -21.69
N GLU A 55 18.19 10.03 -21.87
CA GLU A 55 18.15 10.97 -20.76
C GLU A 55 16.76 11.08 -20.15
N LEU A 56 15.75 11.26 -21.00
CA LEU A 56 14.38 11.37 -20.52
C LEU A 56 13.78 10.00 -20.23
N GLN A 57 14.14 9.01 -21.05
CA GLN A 57 13.65 7.65 -20.86
C GLN A 57 14.03 7.14 -19.47
N ALA A 58 15.30 7.27 -19.14
CA ALA A 58 15.79 6.83 -17.83
C ALA A 58 15.18 7.69 -16.73
N GLU A 59 14.98 8.96 -17.04
CA GLU A 59 14.40 9.91 -16.10
C GLU A 59 12.92 9.60 -15.87
N ALA A 60 12.23 9.18 -16.94
CA ALA A 60 10.81 8.87 -16.85
C ALA A 60 10.56 7.66 -15.97
N LEU A 61 11.33 6.59 -16.18
CA LEU A 61 11.18 5.36 -15.41
C LEU A 61 11.57 5.60 -13.95
N CYS A 62 12.71 6.24 -13.73
CA CYS A 62 13.16 6.52 -12.37
C CYS A 62 12.13 7.38 -11.64
N LYS A 63 11.53 8.31 -12.38
CA LYS A 63 10.51 9.19 -11.81
C LYS A 63 9.26 8.36 -11.54
N LEU A 64 9.02 7.37 -12.39
CA LEU A 64 7.88 6.49 -12.23
C LEU A 64 8.04 5.70 -10.95
N ASP A 65 9.24 5.15 -10.77
CA ASP A 65 9.57 4.38 -9.58
C ASP A 65 9.49 5.24 -8.34
N ARG A 66 10.00 6.46 -8.44
CA ARG A 66 10.00 7.36 -7.32
C ARG A 66 8.57 7.65 -6.86
N LYS A 67 7.67 7.78 -7.82
CA LYS A 67 6.28 8.02 -7.49
C LYS A 67 5.70 6.79 -6.85
N VAL A 68 6.19 5.65 -7.31
CA VAL A 68 5.78 4.39 -6.75
C VAL A 68 6.19 4.36 -5.29
N LYS A 69 7.34 4.96 -5.02
CA LYS A 69 7.89 5.03 -3.66
C LYS A 69 6.91 5.71 -2.72
N ALA A 70 6.32 6.81 -3.19
CA ALA A 70 5.36 7.54 -2.38
C ALA A 70 4.17 6.66 -2.04
N THR A 71 3.78 5.81 -2.99
CA THR A 71 2.66 4.90 -2.78
C THR A 71 3.02 3.88 -1.72
N ILE A 72 4.25 3.37 -1.76
CA ILE A 72 4.72 2.40 -0.79
C ILE A 72 4.66 3.00 0.62
N GLU A 73 5.07 4.26 0.70
CA GLU A 73 5.07 4.98 1.98
C GLU A 73 3.69 4.96 2.61
N GLN A 74 2.65 5.19 1.80
CA GLN A 74 1.28 5.16 2.32
C GLN A 74 1.01 3.81 2.95
N PHE A 75 1.48 2.77 2.27
CA PHE A 75 1.34 1.40 2.74
C PHE A 75 2.18 1.19 4.00
N MET A 76 3.35 1.81 4.03
CA MET A 76 4.24 1.69 5.17
C MET A 76 3.65 2.39 6.40
N LYS A 77 2.98 3.52 6.15
CA LYS A 77 2.35 4.28 7.23
C LYS A 77 1.20 3.52 7.86
N ILE A 78 0.41 2.86 7.02
CA ILE A 78 -0.74 2.10 7.50
C ILE A 78 -0.29 0.98 8.44
N LEU A 79 0.72 0.22 8.00
CA LEU A 79 1.24 -0.88 8.79
C LEU A 79 1.93 -0.35 10.05
N GLU A 80 2.65 0.75 9.90
CA GLU A 80 3.37 1.38 11.01
C GLU A 80 2.40 1.85 12.09
N GLU A 81 1.24 2.34 11.66
CA GLU A 81 0.23 2.82 12.59
C GLU A 81 -0.36 1.65 13.35
N ILE A 82 -0.68 0.60 12.61
CA ILE A 82 -1.21 -0.62 13.20
C ILE A 82 -0.14 -1.27 14.05
N ASP A 83 1.10 -1.18 13.55
CA ASP A 83 2.25 -1.76 14.25
C ASP A 83 2.36 -1.22 15.67
N THR A 84 2.19 0.10 15.82
CA THR A 84 2.28 0.75 17.12
C THR A 84 0.89 0.92 17.74
N MET A 85 -0.07 0.13 17.27
CA MET A 85 -1.43 0.19 17.79
C MET A 85 -1.56 -0.66 19.05
N VAL A 86 -1.34 -0.04 20.20
CA VAL A 86 -1.43 -0.75 21.48
C VAL A 86 -2.81 -1.39 21.65
N LEU A 87 -2.83 -2.72 21.73
CA LEU A 87 -4.07 -3.46 21.89
C LEU A 87 -4.13 -4.14 23.25
N PRO A 88 -5.31 -4.13 23.90
CA PRO A 88 -5.49 -4.76 25.21
C PRO A 88 -5.58 -6.28 25.13
N GLU A 89 -5.57 -6.82 23.92
CA GLU A 89 -5.66 -8.25 23.72
C GLU A 89 -6.99 -8.79 24.22
N GLN A 90 -7.95 -8.94 23.32
CA GLN A 90 -9.27 -9.44 23.67
C GLN A 90 -10.10 -9.72 22.42
N PHE A 91 -10.20 -8.71 21.55
CA PHE A 91 -10.96 -8.86 20.31
C PHE A 91 -10.32 -9.89 19.39
N LYS A 92 -10.86 -11.10 19.42
CA LYS A 92 -10.33 -12.18 18.59
C LYS A 92 -10.61 -11.94 17.11
N ASP A 93 -11.87 -11.64 16.79
CA ASP A 93 -12.25 -11.40 15.40
C ASP A 93 -11.63 -10.11 14.87
N SER A 94 -11.71 -9.05 15.67
CA SER A 94 -11.15 -7.77 15.29
C SER A 94 -9.64 -7.87 15.10
N ARG A 95 -8.98 -8.53 16.04
CA ARG A 95 -7.52 -8.70 15.98
C ARG A 95 -7.14 -9.57 14.80
N LEU A 96 -7.85 -10.67 14.63
CA LEU A 96 -7.60 -11.58 13.52
C LEU A 96 -7.77 -10.81 12.21
N LYS A 97 -8.72 -9.88 12.21
CA LYS A 97 -8.99 -9.06 11.05
C LYS A 97 -7.82 -8.12 10.76
N ARG A 98 -7.25 -7.57 11.83
CA ARG A 98 -6.13 -6.65 11.71
C ARG A 98 -4.86 -7.38 11.24
N LYS A 99 -4.60 -8.54 11.83
CA LYS A 99 -3.42 -9.33 11.46
C LYS A 99 -3.45 -9.68 9.99
N ASN A 100 -4.59 -10.18 9.52
CA ASN A 100 -4.74 -10.53 8.12
C ASN A 100 -4.54 -9.30 7.26
N LEU A 101 -5.05 -8.17 7.73
CA LEU A 101 -4.93 -6.89 7.03
C LEU A 101 -3.47 -6.52 6.87
N VAL A 102 -2.70 -6.86 7.89
CA VAL A 102 -1.28 -6.57 7.88
C VAL A 102 -0.60 -7.30 6.75
N LYS A 103 -0.85 -8.59 6.63
CA LYS A 103 -0.25 -9.39 5.58
C LYS A 103 -0.68 -8.93 4.22
N LYS A 104 -1.93 -8.53 4.09
CA LYS A 104 -2.40 -8.00 2.83
C LYS A 104 -1.62 -6.75 2.56
N VAL A 105 -1.36 -6.04 3.66
CA VAL A 105 -0.61 -4.79 3.61
C VAL A 105 0.84 -5.08 3.25
N GLN A 106 1.38 -6.15 3.80
CA GLN A 106 2.77 -6.54 3.53
C GLN A 106 2.97 -6.83 2.05
N VAL A 107 2.05 -7.60 1.48
CA VAL A 107 2.13 -7.97 0.07
C VAL A 107 1.87 -6.78 -0.84
N PHE A 108 0.79 -6.04 -0.58
CA PHE A 108 0.43 -4.89 -1.39
C PHE A 108 1.48 -3.80 -1.31
N LEU A 109 2.05 -3.62 -0.12
CA LEU A 109 3.07 -2.61 0.08
C LEU A 109 4.33 -3.01 -0.65
N ALA A 110 4.67 -4.27 -0.50
CA ALA A 110 5.85 -4.85 -1.15
C ALA A 110 5.64 -4.95 -2.66
N GLU A 111 4.42 -5.26 -3.08
CA GLU A 111 4.12 -5.38 -4.50
C GLU A 111 4.41 -4.05 -5.18
N CYS A 112 4.05 -2.98 -4.49
CA CYS A 112 4.29 -1.64 -5.00
C CYS A 112 5.79 -1.41 -5.17
N ASP A 113 6.56 -1.92 -4.21
CA ASP A 113 8.02 -1.79 -4.25
C ASP A 113 8.60 -2.63 -5.36
N THR A 114 8.04 -3.80 -5.58
CA THR A 114 8.50 -4.68 -6.65
C THR A 114 8.38 -3.98 -7.99
N VAL A 115 7.22 -3.37 -8.23
CA VAL A 115 7.00 -2.64 -9.47
C VAL A 115 8.01 -1.51 -9.57
N GLU A 116 8.25 -0.86 -8.44
CA GLU A 116 9.21 0.23 -8.35
C GLU A 116 10.62 -0.29 -8.62
N GLN A 117 10.94 -1.40 -7.97
CA GLN A 117 12.26 -2.03 -8.11
C GLN A 117 12.47 -2.64 -9.49
N TYR A 118 11.41 -3.20 -10.07
CA TYR A 118 11.51 -3.84 -11.38
C TYR A 118 11.78 -2.82 -12.48
N ILE A 119 11.01 -1.75 -12.46
CA ILE A 119 11.19 -0.68 -13.43
C ILE A 119 12.51 0.02 -13.17
N CYS A 120 12.81 0.21 -11.89
CA CYS A 120 14.05 0.86 -11.48
C CYS A 120 15.28 -0.01 -11.79
N GLN A 121 15.20 -1.28 -11.40
CA GLN A 121 16.30 -2.22 -11.61
C GLN A 121 16.56 -2.48 -13.08
N GLU A 122 15.51 -2.52 -13.88
CA GLU A 122 15.65 -2.76 -15.31
C GLU A 122 16.34 -1.58 -15.96
N THR A 123 15.91 -0.39 -15.57
CA THR A 123 16.50 0.84 -16.06
C THR A 123 17.89 0.98 -15.48
N GLU A 124 18.02 0.60 -14.20
CA GLU A 124 19.29 0.68 -13.50
C GLU A 124 20.36 -0.12 -14.22
N ARG A 125 20.00 -1.34 -14.64
CA ARG A 125 20.93 -2.21 -15.33
C ARG A 125 21.29 -1.63 -16.70
N LEU A 126 20.30 -1.01 -17.35
CA LEU A 126 20.49 -0.42 -18.66
C LEU A 126 21.46 0.76 -18.58
N GLN A 127 21.50 1.43 -17.43
CA GLN A 127 22.38 2.58 -17.24
C GLN A 127 23.32 2.35 -16.05
N SER A 128 23.96 3.42 -15.60
CA SER A 128 24.89 3.33 -14.48
C SER A 128 26.05 2.40 -14.77
N THR A 129 27.10 2.95 -15.38
CA THR A 129 28.28 2.16 -15.72
C THR A 129 27.91 0.97 -16.59
N ASN A 130 28.91 0.15 -16.92
CA ASN A 130 28.69 -1.04 -17.73
C ASN A 130 28.44 -2.26 -16.87
N LEU A 131 29.41 -2.60 -16.04
CA LEU A 131 29.29 -3.75 -15.15
C LEU A 131 29.06 -5.03 -15.95
N ALA A 132 29.83 -5.22 -17.02
CA ALA A 132 29.71 -6.39 -17.86
C ALA A 132 28.32 -6.48 -18.48
N LEU A 133 28.14 -7.42 -19.41
CA LEU A 133 26.86 -7.60 -20.08
C LEU A 133 26.46 -6.34 -20.84
N ALA A 134 27.45 -5.65 -21.40
CA ALA A 134 27.20 -4.44 -22.15
C ALA A 134 28.41 -4.04 -22.98
N GLU A 135 29.59 -4.12 -22.37
CA GLU A 135 30.83 -3.77 -23.05
C GLU A 135 31.42 -4.99 -23.75
N GLY A 1 -39.12 -4.41 35.30
CA GLY A 1 -38.53 -5.66 34.74
C GLY A 1 -37.63 -5.38 33.54
N SER A 2 -36.98 -6.41 33.05
CA SER A 2 -36.09 -6.28 31.89
C SER A 2 -34.95 -5.31 32.21
N PRO A 3 -33.84 -5.82 32.77
CA PRO A 3 -32.68 -4.99 33.12
C PRO A 3 -31.95 -4.47 31.88
N GLU A 4 -31.40 -3.26 32.00
CA GLU A 4 -30.67 -2.63 30.90
C GLU A 4 -31.59 -2.33 29.72
N PHE A 5 -32.91 -2.39 29.97
CA PHE A 5 -33.90 -2.12 28.92
C PHE A 5 -33.65 -2.99 27.69
N MET A 6 -32.79 -2.52 26.78
CA MET A 6 -32.49 -3.27 25.56
C MET A 6 -31.00 -3.64 25.52
N LEU A 7 -30.72 -4.93 25.53
CA LEU A 7 -29.34 -5.42 25.49
C LEU A 7 -29.29 -6.88 25.06
N ILE A 8 -29.08 -7.11 23.77
CA ILE A 8 -29.02 -8.46 23.23
C ILE A 8 -27.75 -8.66 22.42
N GLY A 9 -27.56 -9.89 21.92
CA GLY A 9 -26.37 -10.19 21.13
C GLY A 9 -26.52 -11.48 20.35
N GLU A 10 -27.05 -11.39 19.13
CA GLU A 10 -27.24 -12.56 18.29
C GLU A 10 -27.01 -12.22 16.83
N LYS A 11 -26.92 -13.24 15.99
CA LYS A 11 -26.70 -13.05 14.55
C LYS A 11 -25.30 -12.50 14.28
N SER A 12 -25.07 -11.26 14.68
CA SER A 12 -23.78 -10.61 14.48
C SER A 12 -23.33 -9.90 15.76
N ASN A 13 -22.01 -9.92 16.00
CA ASN A 13 -21.45 -9.27 17.18
C ASN A 13 -21.71 -7.77 17.16
N PRO A 14 -21.68 -7.12 18.34
CA PRO A 14 -21.91 -5.69 18.46
C PRO A 14 -20.63 -4.87 18.38
N GLU A 15 -19.92 -4.75 19.50
CA GLU A 15 -18.67 -3.98 19.53
C GLU A 15 -17.58 -4.70 18.75
N GLU A 16 -17.63 -6.02 18.78
CA GLU A 16 -16.66 -6.85 18.08
C GLU A 16 -16.67 -6.49 16.61
N GLU A 17 -17.88 -6.32 16.08
CA GLU A 17 -18.07 -5.97 14.68
C GLU A 17 -17.62 -4.55 14.42
N VAL A 18 -17.89 -3.66 15.37
CA VAL A 18 -17.53 -2.24 15.20
C VAL A 18 -16.03 -2.06 15.02
N GLU A 19 -15.24 -2.67 15.90
CA GLU A 19 -13.79 -2.57 15.80
C GLU A 19 -13.28 -3.34 14.59
N LEU A 20 -13.99 -4.41 14.26
CA LEU A 20 -13.64 -5.24 13.14
C LEU A 20 -13.95 -4.52 11.82
N LYS A 21 -15.03 -3.76 11.81
CA LYS A 21 -15.45 -3.02 10.62
C LYS A 21 -14.51 -1.88 10.27
N LYS A 22 -14.03 -1.19 11.29
CA LYS A 22 -13.13 -0.06 11.08
C LYS A 22 -11.81 -0.51 10.49
N LEU A 23 -11.24 -1.57 11.05
CA LEU A 23 -9.98 -2.10 10.54
C LEU A 23 -10.14 -2.50 9.09
N LYS A 24 -11.31 -3.07 8.77
CA LYS A 24 -11.64 -3.48 7.44
C LYS A 24 -11.56 -2.31 6.49
N ASP A 25 -12.20 -1.22 6.89
CA ASP A 25 -12.21 0.02 6.12
C ASP A 25 -10.78 0.46 5.81
N LEU A 26 -9.88 0.23 6.76
CA LEU A 26 -8.49 0.61 6.59
C LEU A 26 -7.87 -0.13 5.39
N GLU A 27 -8.22 -1.40 5.25
CA GLU A 27 -7.71 -2.21 4.14
C GLU A 27 -8.16 -1.61 2.81
N VAL A 28 -9.38 -1.11 2.80
CA VAL A 28 -9.97 -0.49 1.61
C VAL A 28 -9.15 0.70 1.18
N SER A 29 -8.81 1.53 2.16
CA SER A 29 -7.99 2.70 1.94
C SER A 29 -6.69 2.22 1.35
N ALA A 30 -6.27 1.08 1.87
CA ALA A 30 -5.04 0.43 1.41
C ALA A 30 -5.23 -0.05 -0.02
N GLU A 31 -6.40 -0.60 -0.29
CA GLU A 31 -6.74 -1.08 -1.61
C GLU A 31 -6.83 0.09 -2.57
N LYS A 32 -7.36 1.21 -2.09
CA LYS A 32 -7.51 2.42 -2.91
C LYS A 32 -6.13 3.00 -3.24
N ILE A 33 -5.26 3.11 -2.25
CA ILE A 33 -3.92 3.63 -2.49
C ILE A 33 -3.21 2.73 -3.49
N ALA A 34 -3.37 1.41 -3.29
CA ALA A 34 -2.76 0.44 -4.18
C ALA A 34 -3.32 0.60 -5.59
N ASN A 35 -4.64 0.84 -5.66
CA ASN A 35 -5.30 1.03 -6.95
C ASN A 35 -4.76 2.26 -7.64
N HIS A 36 -4.45 3.29 -6.85
CA HIS A 36 -3.91 4.54 -7.38
C HIS A 36 -2.60 4.28 -8.12
N LEU A 37 -1.80 3.38 -7.58
CA LEU A 37 -0.52 3.04 -8.19
C LEU A 37 -0.74 2.41 -9.56
N GLN A 38 -1.76 1.56 -9.66
CA GLN A 38 -2.08 0.89 -10.90
C GLN A 38 -2.56 1.89 -11.96
N GLU A 39 -3.46 2.77 -11.54
CA GLU A 39 -4.04 3.79 -12.39
C GLU A 39 -3.03 4.87 -12.73
N LEU A 40 -2.38 5.37 -11.69
CA LEU A 40 -1.39 6.41 -11.85
C LEU A 40 -0.26 5.95 -12.73
N ASN A 41 0.09 4.65 -12.66
CA ASN A 41 1.18 4.16 -13.50
C ASN A 41 0.78 4.18 -14.97
N LYS A 42 -0.47 3.82 -15.26
CA LYS A 42 -0.96 3.80 -16.62
C LYS A 42 -0.89 5.20 -17.24
N GLU A 43 -1.34 6.19 -16.47
CA GLU A 43 -1.34 7.58 -16.94
C GLU A 43 0.09 8.10 -17.04
N LEU A 44 0.94 7.68 -16.12
CA LEU A 44 2.34 8.10 -16.11
C LEU A 44 3.07 7.52 -17.31
N SER A 45 2.84 6.23 -17.54
CA SER A 45 3.45 5.54 -18.66
C SER A 45 3.11 6.24 -19.97
N GLY A 46 1.91 6.79 -20.03
CA GLY A 46 1.46 7.51 -21.20
C GLY A 46 2.26 8.78 -21.36
N ILE A 47 2.42 9.47 -20.25
CA ILE A 47 3.19 10.69 -20.21
C ILE A 47 4.65 10.35 -20.43
N GLN A 48 5.04 9.20 -19.89
CA GLN A 48 6.42 8.73 -20.00
C GLN A 48 6.89 8.73 -21.45
N GLN A 49 6.00 8.37 -22.36
CA GLN A 49 6.32 8.33 -23.79
C GLN A 49 7.05 9.60 -24.22
N GLY A 50 6.31 10.69 -24.34
CA GLY A 50 6.91 11.95 -24.75
C GLY A 50 7.67 11.84 -26.06
N PHE A 51 8.96 12.15 -26.02
CA PHE A 51 9.79 12.09 -27.21
C PHE A 51 11.24 12.41 -26.88
N LEU A 52 11.71 11.93 -25.73
CA LEU A 52 13.08 12.16 -25.31
C LEU A 52 13.99 11.01 -25.72
N ALA A 53 15.28 11.15 -25.46
CA ALA A 53 16.25 10.12 -25.81
C ALA A 53 16.32 9.05 -24.71
N LYS A 54 17.16 8.05 -24.93
CA LYS A 54 17.32 6.97 -23.96
C LYS A 54 17.80 7.51 -22.62
N GLU A 55 18.55 8.61 -22.65
CA GLU A 55 19.06 9.22 -21.43
C GLU A 55 17.93 9.70 -20.54
N LEU A 56 16.97 10.42 -21.14
CA LEU A 56 15.84 10.94 -20.40
C LEU A 56 14.85 9.83 -20.08
N GLN A 57 14.78 8.82 -20.95
CA GLN A 57 13.88 7.69 -20.74
C GLN A 57 14.23 6.98 -19.45
N ALA A 58 15.51 6.65 -19.28
CA ALA A 58 15.97 5.98 -18.08
C ALA A 58 15.76 6.86 -16.87
N GLU A 59 15.91 8.17 -17.08
CA GLU A 59 15.73 9.15 -16.02
C GLU A 59 14.25 9.25 -15.64
N ALA A 60 13.39 9.32 -16.67
CA ALA A 60 11.96 9.42 -16.46
C ALA A 60 11.42 8.14 -15.83
N LEU A 61 11.95 7.00 -16.26
CA LEU A 61 11.52 5.72 -15.74
C LEU A 61 11.78 5.63 -14.24
N CYS A 62 12.96 6.07 -13.82
CA CYS A 62 13.32 6.06 -12.40
C CYS A 62 12.30 6.89 -11.62
N LYS A 63 11.85 7.99 -12.23
CA LYS A 63 10.85 8.84 -11.61
C LYS A 63 9.57 8.03 -11.41
N LEU A 64 9.31 7.13 -12.37
CA LEU A 64 8.14 6.27 -12.30
C LEU A 64 8.25 5.40 -11.07
N ASP A 65 9.43 4.80 -10.91
CA ASP A 65 9.71 3.96 -9.76
C ASP A 65 9.62 4.78 -8.50
N ARG A 66 10.09 6.02 -8.58
CA ARG A 66 10.06 6.93 -7.45
C ARG A 66 8.63 7.25 -7.06
N LYS A 67 7.77 7.37 -8.05
CA LYS A 67 6.36 7.65 -7.78
C LYS A 67 5.75 6.46 -7.09
N VAL A 68 6.24 5.29 -7.46
CA VAL A 68 5.80 4.07 -6.85
C VAL A 68 6.12 4.14 -5.37
N LYS A 69 7.26 4.75 -5.06
CA LYS A 69 7.71 4.91 -3.69
C LYS A 69 6.70 5.73 -2.91
N ALA A 70 6.10 6.72 -3.58
CA ALA A 70 5.09 7.55 -2.95
C ALA A 70 3.91 6.69 -2.50
N THR A 71 3.54 5.73 -3.34
CA THR A 71 2.45 4.82 -3.01
C THR A 71 2.86 3.94 -1.84
N ILE A 72 4.12 3.49 -1.88
CA ILE A 72 4.65 2.65 -0.81
C ILE A 72 4.61 3.41 0.51
N GLU A 73 4.95 4.69 0.44
CA GLU A 73 4.96 5.54 1.62
C GLU A 73 3.59 5.53 2.30
N GLN A 74 2.53 5.57 1.49
CA GLN A 74 1.17 5.52 2.04
C GLN A 74 1.02 4.25 2.84
N PHE A 75 1.46 3.14 2.25
CA PHE A 75 1.40 1.84 2.90
C PHE A 75 2.18 1.87 4.21
N MET A 76 3.29 2.61 4.21
CA MET A 76 4.13 2.75 5.40
C MET A 76 3.36 3.50 6.48
N LYS A 77 2.55 4.47 6.06
CA LYS A 77 1.75 5.27 6.99
C LYS A 77 0.67 4.42 7.64
N ILE A 78 0.03 3.56 6.84
CA ILE A 78 -1.02 2.69 7.34
C ILE A 78 -0.46 1.74 8.39
N LEU A 79 0.72 1.21 8.13
CA LEU A 79 1.37 0.29 9.07
C LEU A 79 1.75 1.02 10.34
N GLU A 80 2.39 2.17 10.20
CA GLU A 80 2.80 2.98 11.34
C GLU A 80 1.61 3.36 12.22
N GLU A 81 0.49 3.64 11.57
CA GLU A 81 -0.73 4.02 12.28
C GLU A 81 -1.26 2.83 13.05
N ILE A 82 -1.31 1.70 12.37
CA ILE A 82 -1.75 0.45 12.99
C ILE A 82 -0.76 0.05 14.06
N ASP A 83 0.52 0.30 13.78
CA ASP A 83 1.60 -0.03 14.71
C ASP A 83 1.36 0.60 16.08
N THR A 84 0.83 1.82 16.07
CA THR A 84 0.56 2.54 17.32
C THR A 84 -0.94 2.59 17.61
N MET A 85 -1.67 1.64 17.05
CA MET A 85 -3.12 1.58 17.24
C MET A 85 -3.46 1.15 18.67
N VAL A 86 -4.67 1.49 19.11
CA VAL A 86 -5.12 1.14 20.45
C VAL A 86 -6.10 -0.03 20.41
N LEU A 87 -5.67 -1.18 20.92
CA LEU A 87 -6.51 -2.37 20.94
C LEU A 87 -6.07 -3.33 22.05
N PRO A 88 -6.91 -3.55 23.06
CA PRO A 88 -6.59 -4.44 24.18
C PRO A 88 -6.69 -5.91 23.78
N GLU A 89 -6.11 -6.78 24.61
CA GLU A 89 -6.13 -8.21 24.34
C GLU A 89 -7.44 -8.84 24.83
N GLN A 90 -8.47 -8.80 23.99
CA GLN A 90 -9.77 -9.36 24.34
C GLN A 90 -10.48 -9.88 23.09
N PHE A 91 -10.50 -9.07 22.06
CA PHE A 91 -11.16 -9.43 20.80
C PHE A 91 -10.24 -10.30 19.95
N LYS A 92 -10.55 -11.60 19.90
CA LYS A 92 -9.74 -12.54 19.13
C LYS A 92 -9.88 -12.33 17.63
N ASP A 93 -11.11 -12.24 17.15
CA ASP A 93 -11.35 -12.04 15.71
C ASP A 93 -10.83 -10.70 15.24
N SER A 94 -11.14 -9.64 16.00
CA SER A 94 -10.70 -8.31 15.64
C SER A 94 -9.17 -8.22 15.64
N ARG A 95 -8.55 -8.80 16.66
CA ARG A 95 -7.10 -8.79 16.77
C ARG A 95 -6.46 -9.60 15.66
N LEU A 96 -6.99 -10.79 15.43
CA LEU A 96 -6.48 -11.64 14.37
C LEU A 96 -6.59 -10.89 13.05
N LYS A 97 -7.67 -10.13 12.92
CA LYS A 97 -7.91 -9.34 11.72
C LYS A 97 -6.86 -8.25 11.56
N ARG A 98 -6.61 -7.52 12.66
CA ARG A 98 -5.63 -6.45 12.65
C ARG A 98 -4.24 -6.97 12.32
N LYS A 99 -3.86 -8.09 12.95
CA LYS A 99 -2.56 -8.69 12.72
C LYS A 99 -2.41 -9.07 11.26
N ASN A 100 -3.42 -9.75 10.73
CA ASN A 100 -3.41 -10.15 9.33
C ASN A 100 -3.41 -8.90 8.45
N LEU A 101 -4.08 -7.85 8.92
CA LEU A 101 -4.16 -6.60 8.21
C LEU A 101 -2.80 -5.95 8.15
N VAL A 102 -2.09 -5.97 9.27
CA VAL A 102 -0.77 -5.40 9.30
C VAL A 102 0.06 -6.08 8.23
N LYS A 103 0.01 -7.41 8.23
CA LYS A 103 0.71 -8.19 7.24
C LYS A 103 0.18 -7.95 5.84
N LYS A 104 -1.11 -7.62 5.73
CA LYS A 104 -1.67 -7.32 4.44
C LYS A 104 -0.90 -6.15 3.89
N VAL A 105 -0.55 -5.26 4.81
CA VAL A 105 0.21 -4.07 4.47
C VAL A 105 1.63 -4.46 4.06
N GLN A 106 2.19 -5.43 4.77
CA GLN A 106 3.54 -5.88 4.47
C GLN A 106 3.65 -6.32 3.02
N VAL A 107 2.69 -7.12 2.57
CA VAL A 107 2.67 -7.60 1.20
C VAL A 107 2.35 -6.50 0.21
N PHE A 108 1.29 -5.75 0.49
CA PHE A 108 0.87 -4.65 -0.39
C PHE A 108 1.89 -3.53 -0.44
N LEU A 109 2.52 -3.27 0.68
CA LEU A 109 3.53 -2.21 0.74
C LEU A 109 4.75 -2.63 -0.05
N ALA A 110 5.14 -3.87 0.20
CA ALA A 110 6.27 -4.47 -0.50
C ALA A 110 5.92 -4.72 -1.96
N GLU A 111 4.65 -5.05 -2.20
CA GLU A 111 4.18 -5.30 -3.55
C GLU A 111 4.38 -4.06 -4.40
N CYS A 112 4.17 -2.91 -3.79
CA CYS A 112 4.37 -1.64 -4.46
C CYS A 112 5.83 -1.50 -4.85
N ASP A 113 6.73 -1.87 -3.94
CA ASP A 113 8.16 -1.80 -4.20
C ASP A 113 8.55 -2.76 -5.31
N THR A 114 7.93 -3.94 -5.33
CA THR A 114 8.23 -4.91 -6.36
C THR A 114 7.95 -4.32 -7.73
N VAL A 115 6.85 -3.57 -7.83
CA VAL A 115 6.49 -2.91 -9.07
C VAL A 115 7.54 -1.86 -9.40
N GLU A 116 7.99 -1.15 -8.37
CA GLU A 116 9.02 -0.13 -8.52
C GLU A 116 10.31 -0.79 -8.96
N GLN A 117 10.65 -1.89 -8.30
CA GLN A 117 11.86 -2.64 -8.61
C GLN A 117 11.76 -3.33 -9.97
N TYR A 118 10.55 -3.80 -10.29
CA TYR A 118 10.30 -4.50 -11.56
C TYR A 118 10.43 -3.56 -12.73
N ILE A 119 9.80 -2.40 -12.61
CA ILE A 119 9.87 -1.40 -13.67
C ILE A 119 11.30 -0.91 -13.79
N CYS A 120 11.94 -0.73 -12.65
CA CYS A 120 13.33 -0.27 -12.62
C CYS A 120 14.30 -1.33 -13.15
N GLN A 121 14.15 -2.57 -12.67
CA GLN A 121 15.01 -3.66 -13.07
C GLN A 121 14.83 -4.07 -14.53
N GLU A 122 13.59 -4.00 -15.02
CA GLU A 122 13.31 -4.38 -16.41
C GLU A 122 13.99 -3.40 -17.34
N THR A 123 13.83 -2.12 -17.03
CA THR A 123 14.44 -1.06 -17.80
C THR A 123 15.94 -1.08 -17.57
N GLU A 124 16.32 -1.37 -16.33
CA GLU A 124 17.72 -1.44 -15.96
C GLU A 124 18.46 -2.45 -16.82
N ARG A 125 17.84 -3.62 -17.01
CA ARG A 125 18.43 -4.66 -17.83
C ARG A 125 18.46 -4.24 -19.30
N LEU A 126 17.43 -3.53 -19.71
CA LEU A 126 17.32 -3.05 -21.09
C LEU A 126 18.43 -2.05 -21.39
N GLN A 127 18.81 -1.27 -20.38
CA GLN A 127 19.85 -0.27 -20.55
C GLN A 127 21.21 -0.82 -20.12
N SER A 128 22.27 -0.31 -20.72
CA SER A 128 23.62 -0.75 -20.42
C SER A 128 24.35 0.27 -19.54
N THR A 129 25.60 -0.02 -19.21
CA THR A 129 26.41 0.87 -18.39
C THR A 129 26.89 2.07 -19.19
N ASN A 130 26.95 3.23 -18.54
CA ASN A 130 27.41 4.45 -19.21
C ASN A 130 26.49 4.80 -20.38
N LEU A 131 25.73 5.87 -20.24
CA LEU A 131 24.82 6.31 -21.28
C LEU A 131 25.57 7.07 -22.37
N ALA A 132 24.99 7.11 -23.56
CA ALA A 132 25.59 7.80 -24.69
C ALA A 132 25.10 9.24 -24.80
N LEU A 133 25.54 9.93 -25.85
CA LEU A 133 25.13 11.31 -26.06
C LEU A 133 24.06 11.40 -27.14
N ALA A 134 23.06 12.26 -26.91
CA ALA A 134 21.97 12.43 -27.86
C ALA A 134 21.91 13.87 -28.37
N GLU A 135 22.07 14.82 -27.44
CA GLU A 135 22.03 16.23 -27.79
C GLU A 135 22.72 17.08 -26.72
N GLY A 1 -25.79 18.43 9.47
CA GLY A 1 -26.17 17.03 9.75
C GLY A 1 -25.23 16.35 10.71
N SER A 2 -24.44 15.40 10.20
CA SER A 2 -23.48 14.67 11.03
C SER A 2 -24.20 13.91 12.15
N PRO A 3 -24.22 12.56 12.07
CA PRO A 3 -24.88 11.73 13.08
C PRO A 3 -24.17 11.78 14.43
N GLU A 4 -24.91 11.57 15.50
CA GLU A 4 -24.35 11.59 16.84
C GLU A 4 -24.94 10.47 17.70
N PHE A 5 -24.53 10.42 18.97
CA PHE A 5 -25.01 9.42 19.91
C PHE A 5 -25.07 8.03 19.26
N MET A 6 -24.00 7.26 19.40
CA MET A 6 -23.93 5.92 18.83
C MET A 6 -23.81 4.87 19.93
N LEU A 7 -22.86 5.08 20.85
CA LEU A 7 -22.64 4.15 21.95
C LEU A 7 -22.19 2.79 21.43
N ILE A 8 -23.15 1.98 20.98
CA ILE A 8 -22.85 0.66 20.46
C ILE A 8 -23.30 0.51 19.01
N GLY A 9 -24.46 1.08 18.70
CA GLY A 9 -24.99 1.01 17.34
C GLY A 9 -26.30 0.27 17.28
N GLU A 10 -26.24 -1.02 16.99
CA GLU A 10 -27.44 -1.85 16.88
C GLU A 10 -27.08 -3.33 16.80
N LYS A 11 -28.03 -4.19 17.17
CA LYS A 11 -27.81 -5.63 17.13
C LYS A 11 -26.66 -6.04 18.05
N SER A 12 -26.34 -7.33 18.06
CA SER A 12 -25.27 -7.85 18.89
C SER A 12 -23.91 -7.36 18.41
N ASN A 13 -22.85 -7.80 19.06
CA ASN A 13 -21.49 -7.41 18.69
C ASN A 13 -21.33 -5.89 18.78
N PRO A 14 -21.62 -5.30 19.95
CA PRO A 14 -21.51 -3.86 20.16
C PRO A 14 -20.09 -3.35 19.93
N GLU A 15 -19.22 -3.56 20.92
CA GLU A 15 -17.83 -3.11 20.81
C GLU A 15 -17.10 -3.85 19.71
N GLU A 16 -17.47 -5.11 19.49
CA GLU A 16 -16.85 -5.91 18.45
C GLU A 16 -17.00 -5.22 17.11
N GLU A 17 -18.19 -4.68 16.88
CA GLU A 17 -18.49 -3.97 15.65
C GLU A 17 -17.74 -2.64 15.60
N VAL A 18 -17.64 -1.99 16.75
CA VAL A 18 -16.96 -0.70 16.85
C VAL A 18 -15.48 -0.83 16.51
N GLU A 19 -14.81 -1.79 17.11
CA GLU A 19 -13.39 -2.00 16.87
C GLU A 19 -13.17 -2.51 15.45
N LEU A 20 -14.15 -3.26 14.94
CA LEU A 20 -14.06 -3.82 13.62
C LEU A 20 -14.25 -2.73 12.56
N LYS A 21 -15.12 -1.76 12.83
CA LYS A 21 -15.39 -0.69 11.88
C LYS A 21 -14.21 0.26 11.71
N LYS A 22 -13.50 0.52 12.79
CA LYS A 22 -12.35 1.41 12.74
C LYS A 22 -11.24 0.81 11.90
N LEU A 23 -10.96 -0.47 12.14
CA LEU A 23 -9.92 -1.16 11.38
C LEU A 23 -10.32 -1.27 9.92
N LYS A 24 -11.61 -1.50 9.67
CA LYS A 24 -12.13 -1.60 8.35
C LYS A 24 -11.86 -0.33 7.57
N ASP A 25 -12.19 0.79 8.19
CA ASP A 25 -11.98 2.10 7.58
C ASP A 25 -10.51 2.26 7.16
N LEU A 26 -9.61 1.70 7.96
CA LEU A 26 -8.18 1.77 7.65
C LEU A 26 -7.89 1.08 6.32
N GLU A 27 -8.58 -0.04 6.08
CA GLU A 27 -8.41 -0.80 4.85
C GLU A 27 -8.80 0.03 3.64
N VAL A 28 -9.86 0.82 3.82
CA VAL A 28 -10.38 1.68 2.77
C VAL A 28 -9.39 2.76 2.40
N SER A 29 -8.83 3.40 3.42
CA SER A 29 -7.84 4.43 3.23
C SER A 29 -6.68 3.79 2.50
N ALA A 30 -6.45 2.55 2.89
CA ALA A 30 -5.39 1.74 2.27
C ALA A 30 -5.78 1.41 0.85
N GLU A 31 -7.04 1.07 0.68
CA GLU A 31 -7.60 0.73 -0.61
C GLU A 31 -7.46 1.91 -1.57
N LYS A 32 -7.62 3.12 -1.02
CA LYS A 32 -7.48 4.33 -1.82
C LYS A 32 -6.06 4.48 -2.33
N ILE A 33 -5.09 4.29 -1.44
CA ILE A 33 -3.69 4.37 -1.83
C ILE A 33 -3.40 3.28 -2.84
N ALA A 34 -3.88 2.07 -2.53
CA ALA A 34 -3.71 0.93 -3.41
C ALA A 34 -4.41 1.17 -4.74
N ASN A 35 -5.53 1.90 -4.69
CA ASN A 35 -6.29 2.20 -5.90
C ASN A 35 -5.48 3.10 -6.82
N HIS A 36 -4.81 4.08 -6.24
CA HIS A 36 -3.99 5.01 -7.00
C HIS A 36 -2.91 4.25 -7.77
N LEU A 37 -2.36 3.23 -7.14
CA LEU A 37 -1.32 2.41 -7.75
C LEU A 37 -1.84 1.75 -9.02
N GLN A 38 -3.00 1.12 -8.92
CA GLN A 38 -3.62 0.45 -10.06
C GLN A 38 -3.85 1.44 -11.20
N GLU A 39 -4.20 2.65 -10.84
CA GLU A 39 -4.45 3.72 -11.79
C GLU A 39 -3.15 4.18 -12.39
N LEU A 40 -2.19 4.44 -11.50
CA LEU A 40 -0.88 4.89 -11.91
C LEU A 40 -0.21 3.86 -12.80
N ASN A 41 -0.38 2.57 -12.50
CA ASN A 41 0.25 1.56 -13.35
C ASN A 41 -0.38 1.52 -14.74
N LYS A 42 -1.69 1.75 -14.79
CA LYS A 42 -2.42 1.76 -16.05
C LYS A 42 -1.96 2.92 -16.92
N GLU A 43 -1.83 4.09 -16.30
CA GLU A 43 -1.39 5.28 -17.01
C GLU A 43 0.07 5.15 -17.41
N LEU A 44 0.86 4.52 -16.55
CA LEU A 44 2.28 4.32 -16.81
C LEU A 44 2.47 3.40 -18.00
N SER A 45 1.70 2.32 -18.03
CA SER A 45 1.77 1.36 -19.12
C SER A 45 1.24 1.99 -20.40
N GLY A 46 0.25 2.86 -20.27
CA GLY A 46 -0.31 3.52 -21.42
C GLY A 46 0.68 4.48 -22.03
N ILE A 47 1.31 5.26 -21.16
CA ILE A 47 2.33 6.19 -21.58
C ILE A 47 3.54 5.40 -22.04
N GLN A 48 3.78 4.28 -21.35
CA GLN A 48 4.91 3.41 -21.68
C GLN A 48 4.94 3.08 -23.18
N GLN A 49 3.75 2.92 -23.75
CA GLN A 49 3.64 2.60 -25.18
C GLN A 49 4.42 3.59 -26.03
N GLY A 50 4.54 4.82 -25.54
CA GLY A 50 5.26 5.84 -26.26
C GLY A 50 6.75 5.58 -26.29
N PHE A 51 7.55 6.65 -26.29
CA PHE A 51 9.00 6.50 -26.31
C PHE A 51 9.69 7.87 -26.27
N LEU A 52 10.54 8.05 -25.27
CA LEU A 52 11.28 9.30 -25.11
C LEU A 52 12.78 9.04 -25.03
N ALA A 53 13.57 10.08 -25.25
CA ALA A 53 15.02 9.95 -25.20
C ALA A 53 15.46 9.44 -23.82
N LYS A 54 16.72 9.07 -23.71
CA LYS A 54 17.27 8.57 -22.45
C LYS A 54 17.08 9.60 -21.34
N GLU A 55 17.10 10.87 -21.72
CA GLU A 55 16.94 11.96 -20.76
C GLU A 55 15.56 11.95 -20.11
N LEU A 56 14.52 11.82 -20.91
CA LEU A 56 13.15 11.81 -20.38
C LEU A 56 12.79 10.45 -19.80
N GLN A 57 13.10 9.38 -20.53
CA GLN A 57 12.79 8.04 -20.07
C GLN A 57 13.43 7.79 -18.71
N ALA A 58 14.72 8.08 -18.60
CA ALA A 58 15.44 7.91 -17.35
C ALA A 58 14.84 8.82 -16.28
N GLU A 59 14.41 10.00 -16.71
CA GLU A 59 13.81 10.98 -15.81
C GLU A 59 12.45 10.50 -15.31
N ALA A 60 11.64 9.97 -16.22
CA ALA A 60 10.30 9.50 -15.87
C ALA A 60 10.35 8.25 -15.01
N LEU A 61 11.17 7.27 -15.39
CA LEU A 61 11.28 6.02 -14.65
C LEU A 61 11.86 6.24 -13.26
N CYS A 62 12.96 6.99 -13.18
CA CYS A 62 13.60 7.27 -11.89
C CYS A 62 12.64 7.98 -10.96
N LYS A 63 11.96 9.00 -11.47
CA LYS A 63 10.99 9.73 -10.68
C LYS A 63 9.87 8.80 -10.24
N LEU A 64 9.55 7.85 -11.12
CA LEU A 64 8.52 6.88 -10.82
C LEU A 64 8.94 6.02 -9.64
N ASP A 65 10.17 5.53 -9.69
CA ASP A 65 10.71 4.72 -8.62
C ASP A 65 10.70 5.50 -7.31
N ARG A 66 11.20 6.74 -7.39
CA ARG A 66 11.24 7.61 -6.22
C ARG A 66 9.83 7.83 -5.68
N LYS A 67 8.87 7.93 -6.59
CA LYS A 67 7.49 8.11 -6.19
C LYS A 67 7.02 6.90 -5.41
N VAL A 68 7.56 5.76 -5.77
CA VAL A 68 7.25 4.53 -5.09
C VAL A 68 7.65 4.69 -3.63
N LYS A 69 8.76 5.39 -3.42
CA LYS A 69 9.26 5.64 -2.08
C LYS A 69 8.20 6.36 -1.26
N ALA A 70 7.58 7.35 -1.87
CA ALA A 70 6.53 8.10 -1.20
C ALA A 70 5.37 7.17 -0.88
N THR A 71 5.02 6.31 -1.83
CA THR A 71 3.95 5.35 -1.64
C THR A 71 4.30 4.39 -0.51
N ILE A 72 5.54 3.92 -0.52
CA ILE A 72 6.02 3.00 0.50
C ILE A 72 5.90 3.63 1.89
N GLU A 73 6.23 4.91 1.97
CA GLU A 73 6.15 5.65 3.22
C GLU A 73 4.71 5.73 3.73
N GLN A 74 3.77 5.95 2.81
CA GLN A 74 2.35 6.05 3.18
C GLN A 74 1.81 4.70 3.61
N PHE A 75 2.06 3.69 2.79
CA PHE A 75 1.59 2.34 3.09
C PHE A 75 2.30 1.78 4.32
N MET A 76 3.58 2.10 4.47
CA MET A 76 4.36 1.62 5.60
C MET A 76 3.91 2.29 6.90
N LYS A 77 3.68 3.60 6.86
CA LYS A 77 3.25 4.33 8.05
C LYS A 77 1.93 3.76 8.58
N ILE A 78 1.02 3.41 7.67
CA ILE A 78 -0.26 2.84 8.06
C ILE A 78 -0.03 1.51 8.77
N LEU A 79 0.94 0.75 8.27
CA LEU A 79 1.29 -0.54 8.84
C LEU A 79 1.89 -0.37 10.22
N GLU A 80 2.82 0.58 10.33
CA GLU A 80 3.49 0.87 11.60
C GLU A 80 2.50 1.23 12.69
N GLU A 81 1.44 1.94 12.31
CA GLU A 81 0.40 2.35 13.26
C GLU A 81 -0.34 1.11 13.76
N ILE A 82 -0.70 0.26 12.81
CA ILE A 82 -1.38 -0.99 13.14
C ILE A 82 -0.42 -1.88 13.90
N ASP A 83 0.85 -1.83 13.49
CA ASP A 83 1.88 -2.63 14.11
C ASP A 83 1.97 -2.36 15.61
N THR A 84 1.67 -1.13 16.00
CA THR A 84 1.72 -0.74 17.41
C THR A 84 0.33 -0.41 17.94
N MET A 85 -0.68 -1.08 17.40
CA MET A 85 -2.06 -0.85 17.84
C MET A 85 -2.37 -1.65 19.10
N VAL A 86 -3.28 -1.12 19.93
CA VAL A 86 -3.66 -1.78 21.16
C VAL A 86 -5.01 -2.48 21.02
N LEU A 87 -5.25 -3.45 21.90
CA LEU A 87 -6.50 -4.21 21.87
C LEU A 87 -6.96 -4.55 23.29
N PRO A 88 -8.24 -4.28 23.61
CA PRO A 88 -8.79 -4.56 24.94
C PRO A 88 -9.15 -6.03 25.13
N GLU A 89 -9.85 -6.60 24.14
CA GLU A 89 -10.27 -7.99 24.21
C GLU A 89 -9.72 -8.79 23.03
N GLN A 90 -8.69 -8.25 22.37
CA GLN A 90 -8.07 -8.91 21.22
C GLN A 90 -8.99 -8.96 20.01
N PHE A 91 -10.19 -9.53 20.20
CA PHE A 91 -11.15 -9.65 19.09
C PHE A 91 -10.61 -10.62 18.04
N LYS A 92 -11.31 -11.74 17.86
CA LYS A 92 -10.89 -12.75 16.89
C LYS A 92 -11.04 -12.27 15.44
N ASP A 93 -12.21 -11.74 15.12
CA ASP A 93 -12.50 -11.26 13.76
C ASP A 93 -11.68 -10.02 13.43
N SER A 94 -11.61 -9.07 14.35
CA SER A 94 -10.85 -7.85 14.13
C SER A 94 -9.39 -8.15 13.86
N ARG A 95 -8.81 -9.07 14.62
CA ARG A 95 -7.41 -9.43 14.43
C ARG A 95 -7.20 -10.09 13.07
N LEU A 96 -8.06 -11.02 12.73
CA LEU A 96 -7.98 -11.67 11.44
C LEU A 96 -8.09 -10.62 10.35
N LYS A 97 -8.92 -9.63 10.60
CA LYS A 97 -9.14 -8.53 9.68
C LYS A 97 -7.87 -7.68 9.53
N ARG A 98 -7.29 -7.32 10.67
CA ARG A 98 -6.09 -6.48 10.69
C ARG A 98 -4.87 -7.24 10.15
N LYS A 99 -4.69 -8.48 10.58
CA LYS A 99 -3.55 -9.27 10.14
C LYS A 99 -3.49 -9.34 8.63
N ASN A 100 -4.62 -9.66 8.01
CA ASN A 100 -4.69 -9.73 6.56
C ASN A 100 -4.46 -8.34 5.97
N LEU A 101 -4.94 -7.34 6.69
CA LEU A 101 -4.81 -5.95 6.28
C LEU A 101 -3.36 -5.51 6.34
N VAL A 102 -2.64 -5.97 7.35
CA VAL A 102 -1.25 -5.59 7.46
C VAL A 102 -0.46 -6.19 6.31
N LYS A 103 -0.63 -7.48 6.09
CA LYS A 103 0.07 -8.16 5.01
C LYS A 103 -0.36 -7.66 3.65
N LYS A 104 -1.62 -7.29 3.52
CA LYS A 104 -2.10 -6.75 2.26
C LYS A 104 -1.27 -5.52 1.95
N VAL A 105 -0.99 -4.80 3.02
CA VAL A 105 -0.20 -3.58 2.95
C VAL A 105 1.25 -3.89 2.60
N GLN A 106 1.77 -4.97 3.19
CA GLN A 106 3.15 -5.36 2.96
C GLN A 106 3.40 -5.80 1.53
N VAL A 107 2.52 -6.66 1.03
CA VAL A 107 2.67 -7.18 -0.32
C VAL A 107 2.40 -6.14 -1.41
N PHE A 108 1.29 -5.44 -1.30
CA PHE A 108 0.94 -4.45 -2.30
C PHE A 108 1.91 -3.28 -2.32
N LEU A 109 2.31 -2.85 -1.15
CA LEU A 109 3.23 -1.73 -1.06
C LEU A 109 4.62 -2.14 -1.50
N ALA A 110 5.05 -3.29 -0.99
CA ALA A 110 6.36 -3.83 -1.33
C ALA A 110 6.39 -4.25 -2.79
N GLU A 111 5.28 -4.80 -3.28
CA GLU A 111 5.19 -5.21 -4.67
C GLU A 111 5.41 -3.99 -5.54
N CYS A 112 4.90 -2.86 -5.06
CA CYS A 112 5.05 -1.59 -5.75
C CYS A 112 6.52 -1.26 -5.98
N ASP A 113 7.33 -1.39 -4.92
CA ASP A 113 8.74 -1.09 -5.02
C ASP A 113 9.45 -2.05 -5.97
N THR A 114 9.20 -3.35 -5.82
CA THR A 114 9.83 -4.34 -6.68
C THR A 114 9.47 -4.14 -8.14
N VAL A 115 8.18 -4.00 -8.43
CA VAL A 115 7.75 -3.80 -9.80
C VAL A 115 8.40 -2.54 -10.37
N GLU A 116 8.33 -1.46 -9.60
CA GLU A 116 8.94 -0.21 -10.00
C GLU A 116 10.45 -0.37 -10.08
N GLN A 117 11.02 -1.11 -9.12
CA GLN A 117 12.45 -1.36 -9.09
C GLN A 117 12.90 -1.96 -10.42
N TYR A 118 12.03 -2.79 -10.98
CA TYR A 118 12.30 -3.44 -12.25
C TYR A 118 12.42 -2.40 -13.34
N ILE A 119 11.47 -1.47 -13.37
CA ILE A 119 11.49 -0.40 -14.34
C ILE A 119 12.81 0.36 -14.17
N CYS A 120 13.20 0.53 -12.92
CA CYS A 120 14.45 1.22 -12.61
C CYS A 120 15.65 0.37 -13.03
N GLN A 121 15.54 -0.93 -12.78
CA GLN A 121 16.60 -1.88 -13.10
C GLN A 121 16.80 -2.06 -14.61
N GLU A 122 15.71 -2.02 -15.36
CA GLU A 122 15.78 -2.19 -16.81
C GLU A 122 16.55 -1.03 -17.40
N THR A 123 16.22 0.17 -16.94
CA THR A 123 16.90 1.38 -17.38
C THR A 123 18.32 1.35 -16.84
N GLU A 124 18.45 0.86 -15.60
CA GLU A 124 19.75 0.77 -14.97
C GLU A 124 20.70 -0.08 -15.81
N ARG A 125 20.17 -1.19 -16.33
CA ARG A 125 20.97 -2.09 -17.17
C ARG A 125 21.31 -1.42 -18.49
N LEU A 126 20.30 -0.85 -19.13
CA LEU A 126 20.49 -0.18 -20.41
C LEU A 126 21.39 1.05 -20.26
N GLN A 127 21.39 1.64 -19.07
CA GLN A 127 22.21 2.81 -18.81
C GLN A 127 23.57 2.39 -18.26
N SER A 128 24.54 2.21 -19.15
CA SER A 128 25.88 1.81 -18.76
C SER A 128 26.46 2.77 -17.73
N THR A 129 26.97 2.21 -16.63
CA THR A 129 27.56 3.02 -15.57
C THR A 129 28.99 2.59 -15.29
N ASN A 130 29.94 3.19 -16.01
CA ASN A 130 31.34 2.88 -15.84
C ASN A 130 31.85 3.30 -14.46
N LEU A 131 32.83 2.57 -13.94
CA LEU A 131 33.39 2.86 -12.63
C LEU A 131 34.43 3.97 -12.73
N ALA A 132 34.78 4.54 -11.57
CA ALA A 132 35.76 5.63 -11.51
C ALA A 132 35.28 6.85 -12.28
N LEU A 133 35.42 6.81 -13.60
CA LEU A 133 35.00 7.93 -14.44
C LEU A 133 33.80 7.54 -15.31
N ALA A 134 33.12 8.53 -15.86
CA ALA A 134 31.97 8.29 -16.72
C ALA A 134 32.37 8.25 -18.19
N GLU A 135 33.15 9.25 -18.60
CA GLU A 135 33.60 9.34 -19.99
C GLU A 135 34.71 8.32 -20.26
N GLY A 1 -25.43 -30.27 19.10
CA GLY A 1 -24.89 -31.06 17.96
C GLY A 1 -23.45 -31.52 18.20
N SER A 2 -22.51 -30.59 18.05
CA SER A 2 -21.10 -30.88 18.25
C SER A 2 -20.24 -29.64 17.99
N PRO A 3 -20.40 -29.00 16.82
CA PRO A 3 -19.62 -27.81 16.46
C PRO A 3 -19.78 -26.69 17.49
N GLU A 4 -20.96 -26.65 18.13
CA GLU A 4 -21.24 -25.63 19.14
C GLU A 4 -22.51 -25.96 19.90
N PHE A 5 -22.64 -25.42 21.10
CA PHE A 5 -23.81 -25.67 21.93
C PHE A 5 -24.73 -24.44 21.95
N MET A 6 -24.24 -23.36 22.55
CA MET A 6 -25.00 -22.12 22.65
C MET A 6 -24.11 -20.91 22.46
N LEU A 7 -23.06 -21.06 21.66
CA LEU A 7 -22.13 -19.98 21.40
C LEU A 7 -22.44 -19.29 20.08
N ILE A 8 -22.46 -17.96 20.10
CA ILE A 8 -22.75 -17.18 18.90
C ILE A 8 -21.68 -16.11 18.67
N GLY A 9 -21.59 -15.64 17.44
CA GLY A 9 -20.60 -14.62 17.10
C GLY A 9 -20.22 -14.65 15.64
N GLU A 10 -19.26 -13.80 15.26
CA GLU A 10 -18.80 -13.73 13.89
C GLU A 10 -19.94 -13.35 12.95
N LYS A 11 -20.27 -12.06 12.92
CA LYS A 11 -21.35 -11.57 12.06
C LYS A 11 -21.33 -10.05 11.99
N SER A 12 -21.54 -9.40 13.13
CA SER A 12 -21.56 -7.94 13.20
C SER A 12 -21.18 -7.46 14.59
N ASN A 13 -22.02 -7.78 15.57
CA ASN A 13 -21.78 -7.39 16.96
C ASN A 13 -21.71 -5.87 17.08
N PRO A 14 -21.79 -5.34 18.32
CA PRO A 14 -21.73 -3.91 18.56
C PRO A 14 -20.30 -3.36 18.62
N GLU A 15 -19.62 -3.62 19.73
CA GLU A 15 -18.25 -3.14 19.91
C GLU A 15 -17.33 -3.65 18.82
N GLU A 16 -17.60 -4.84 18.32
CA GLU A 16 -16.80 -5.42 17.25
C GLU A 16 -16.79 -4.47 16.07
N GLU A 17 -17.97 -3.97 15.75
CA GLU A 17 -18.15 -3.03 14.66
C GLU A 17 -17.28 -1.80 14.88
N VAL A 18 -17.16 -1.37 16.14
CA VAL A 18 -16.35 -0.20 16.44
C VAL A 18 -14.90 -0.45 16.04
N GLU A 19 -14.36 -1.58 16.48
CA GLU A 19 -12.99 -1.95 16.14
C GLU A 19 -12.93 -2.32 14.66
N LEU A 20 -14.03 -2.86 14.17
CA LEU A 20 -14.16 -3.29 12.80
C LEU A 20 -14.25 -2.11 11.84
N LYS A 21 -14.94 -1.06 12.27
CA LYS A 21 -15.13 0.13 11.45
C LYS A 21 -13.85 0.92 11.23
N LYS A 22 -13.07 1.05 12.28
CA LYS A 22 -11.82 1.80 12.21
C LYS A 22 -10.82 1.09 11.31
N LEU A 23 -10.69 -0.22 11.50
CA LEU A 23 -9.78 -1.01 10.70
C LEU A 23 -10.19 -0.99 9.24
N LYS A 24 -11.50 -1.02 9.00
CA LYS A 24 -12.04 -1.00 7.67
C LYS A 24 -11.58 0.23 6.91
N ASP A 25 -11.73 1.38 7.55
CA ASP A 25 -11.32 2.65 6.96
C ASP A 25 -9.83 2.64 6.64
N LEU A 26 -9.06 1.99 7.49
CA LEU A 26 -7.60 1.91 7.32
C LEU A 26 -7.24 1.16 6.03
N GLU A 27 -7.89 0.02 5.80
CA GLU A 27 -7.61 -0.77 4.61
C GLU A 27 -8.01 -0.03 3.35
N VAL A 28 -9.11 0.70 3.43
CA VAL A 28 -9.62 1.48 2.30
C VAL A 28 -8.66 2.58 1.92
N SER A 29 -8.21 3.30 2.94
CA SER A 29 -7.27 4.38 2.73
C SER A 29 -6.04 3.77 2.10
N ALA A 30 -5.75 2.57 2.54
CA ALA A 30 -4.63 1.80 2.02
C ALA A 30 -4.92 1.39 0.59
N GLU A 31 -6.18 1.00 0.38
CA GLU A 31 -6.64 0.60 -0.94
C GLU A 31 -6.48 1.74 -1.92
N LYS A 32 -6.71 2.96 -1.44
CA LYS A 32 -6.58 4.14 -2.28
C LYS A 32 -5.12 4.36 -2.67
N ILE A 33 -4.23 4.24 -1.69
CA ILE A 33 -2.80 4.40 -1.96
C ILE A 33 -2.36 3.34 -2.94
N ALA A 34 -2.80 2.11 -2.69
CA ALA A 34 -2.49 0.98 -3.56
C ALA A 34 -3.14 1.16 -4.92
N ASN A 35 -4.33 1.75 -4.93
CA ASN A 35 -5.06 1.98 -6.17
C ASN A 35 -4.38 3.06 -7.01
N HIS A 36 -3.83 4.07 -6.33
CA HIS A 36 -3.15 5.17 -7.00
C HIS A 36 -1.99 4.65 -7.83
N LEU A 37 -1.15 3.83 -7.22
CA LEU A 37 0.01 3.25 -7.90
C LEU A 37 -0.44 2.47 -9.12
N GLN A 38 -1.43 1.61 -8.94
CA GLN A 38 -1.96 0.81 -10.04
C GLN A 38 -2.63 1.70 -11.08
N GLU A 39 -3.24 2.78 -10.62
CA GLU A 39 -3.93 3.72 -11.50
C GLU A 39 -2.92 4.48 -12.33
N LEU A 40 -1.91 5.05 -11.68
CA LEU A 40 -0.88 5.79 -12.37
C LEU A 40 -0.10 4.82 -13.25
N ASN A 41 0.07 3.59 -12.76
CA ASN A 41 0.79 2.57 -13.53
C ASN A 41 0.15 2.37 -14.90
N LYS A 42 -1.17 2.28 -14.93
CA LYS A 42 -1.90 2.10 -16.17
C LYS A 42 -1.68 3.31 -17.09
N GLU A 43 -1.67 4.50 -16.48
CA GLU A 43 -1.45 5.73 -17.23
C GLU A 43 -0.03 5.80 -17.75
N LEU A 44 0.92 5.35 -16.94
CA LEU A 44 2.32 5.34 -17.32
C LEU A 44 2.54 4.33 -18.44
N SER A 45 1.95 3.15 -18.28
CA SER A 45 2.04 2.11 -19.28
C SER A 45 1.61 2.65 -20.64
N GLY A 46 0.64 3.56 -20.60
CA GLY A 46 0.14 4.18 -21.82
C GLY A 46 1.21 5.06 -22.41
N ILE A 47 1.84 5.83 -21.54
CA ILE A 47 2.94 6.70 -21.93
C ILE A 47 4.09 5.83 -22.41
N GLN A 48 4.25 4.70 -21.74
CA GLN A 48 5.31 3.75 -22.07
C GLN A 48 5.23 3.34 -23.54
N GLN A 49 4.01 3.21 -24.05
CA GLN A 49 3.80 2.82 -25.43
C GLN A 49 4.32 3.90 -26.37
N GLY A 50 4.26 5.15 -25.91
CA GLY A 50 4.73 6.25 -26.73
C GLY A 50 6.19 6.12 -27.11
N PHE A 51 6.77 7.19 -27.66
CA PHE A 51 8.17 7.18 -28.07
C PHE A 51 8.85 8.51 -27.71
N LEU A 52 9.40 8.57 -26.50
CA LEU A 52 10.09 9.76 -26.03
C LEU A 52 11.56 9.72 -26.42
N ALA A 53 12.34 9.03 -25.59
CA ALA A 53 13.77 8.88 -25.81
C ALA A 53 14.44 8.34 -24.55
N LYS A 54 15.70 7.96 -24.66
CA LYS A 54 16.43 7.42 -23.52
C LYS A 54 16.44 8.43 -22.37
N GLU A 55 16.46 9.71 -22.73
CA GLU A 55 16.47 10.78 -21.73
C GLU A 55 15.15 10.87 -20.97
N LEU A 56 14.03 10.87 -21.70
CA LEU A 56 12.72 10.98 -21.07
C LEU A 56 12.25 9.63 -20.54
N GLN A 57 12.48 8.56 -21.31
CA GLN A 57 12.07 7.23 -20.88
C GLN A 57 12.69 6.87 -19.55
N ALA A 58 14.00 7.05 -19.44
CA ALA A 58 14.71 6.76 -18.20
C ALA A 58 14.25 7.73 -17.12
N GLU A 59 13.97 8.96 -17.53
CA GLU A 59 13.53 10.01 -16.62
C GLU A 59 12.12 9.73 -16.11
N ALA A 60 11.26 9.24 -16.99
CA ALA A 60 9.87 8.95 -16.64
C ALA A 60 9.76 7.77 -15.67
N LEU A 61 10.46 6.68 -15.99
CA LEU A 61 10.43 5.49 -15.16
C LEU A 61 11.08 5.73 -13.80
N CYS A 62 12.26 6.34 -13.80
CA CYS A 62 12.96 6.63 -12.55
C CYS A 62 12.09 7.48 -11.66
N LYS A 63 11.44 8.48 -12.25
CA LYS A 63 10.56 9.36 -11.52
C LYS A 63 9.31 8.57 -11.11
N LEU A 64 8.91 7.63 -11.96
CA LEU A 64 7.77 6.79 -11.70
C LEU A 64 8.05 5.92 -10.50
N ASP A 65 9.23 5.29 -10.49
CA ASP A 65 9.63 4.43 -9.39
C ASP A 65 9.75 5.24 -8.12
N ARG A 66 10.30 6.44 -8.24
CA ARG A 66 10.46 7.32 -7.09
C ARG A 66 9.11 7.66 -6.49
N LYS A 67 8.12 7.86 -7.35
CA LYS A 67 6.79 8.16 -6.89
C LYS A 67 6.23 6.95 -6.17
N VAL A 68 6.62 5.79 -6.65
CA VAL A 68 6.22 4.55 -6.03
C VAL A 68 6.72 4.55 -4.60
N LYS A 69 7.92 5.12 -4.42
CA LYS A 69 8.54 5.20 -3.11
C LYS A 69 7.64 5.97 -2.14
N ALA A 70 7.08 7.06 -2.62
CA ALA A 70 6.20 7.88 -1.79
C ALA A 70 4.98 7.06 -1.37
N THR A 71 4.47 6.25 -2.28
CA THR A 71 3.32 5.40 -1.99
C THR A 71 3.71 4.33 -0.98
N ILE A 72 4.91 3.79 -1.16
CA ILE A 72 5.44 2.77 -0.26
C ILE A 72 5.57 3.34 1.15
N GLU A 73 6.05 4.57 1.22
CA GLU A 73 6.24 5.26 2.49
C GLU A 73 4.93 5.32 3.27
N GLN A 74 3.83 5.61 2.57
CA GLN A 74 2.53 5.67 3.22
C GLN A 74 2.21 4.33 3.84
N PHE A 75 2.50 3.27 3.08
CA PHE A 75 2.28 1.91 3.55
C PHE A 75 3.11 1.61 4.78
N MET A 76 4.32 2.16 4.82
CA MET A 76 5.22 1.95 5.96
C MET A 76 4.67 2.63 7.22
N LYS A 77 4.24 3.87 7.09
CA LYS A 77 3.70 4.61 8.23
C LYS A 77 2.41 3.96 8.73
N ILE A 78 1.58 3.51 7.81
CA ILE A 78 0.32 2.86 8.17
C ILE A 78 0.58 1.60 8.99
N LEU A 79 1.49 0.77 8.51
CA LEU A 79 1.84 -0.47 9.22
C LEU A 79 2.41 -0.15 10.59
N GLU A 80 3.35 0.79 10.62
CA GLU A 80 3.98 1.21 11.88
C GLU A 80 2.94 1.72 12.87
N GLU A 81 1.93 2.41 12.35
CA GLU A 81 0.87 2.95 13.18
C GLU A 81 0.03 1.82 13.75
N ILE A 82 -0.32 0.89 12.88
CA ILE A 82 -1.08 -0.28 13.28
C ILE A 82 -0.23 -1.11 14.23
N ASP A 83 1.07 -1.15 13.93
CA ASP A 83 2.02 -1.91 14.73
C ASP A 83 1.94 -1.49 16.20
N THR A 84 1.66 -0.21 16.42
CA THR A 84 1.55 0.32 17.78
C THR A 84 0.24 -0.11 18.44
N MET A 85 -0.80 -0.26 17.63
CA MET A 85 -2.11 -0.67 18.13
C MET A 85 -2.01 -2.03 18.83
N VAL A 86 -2.89 -2.25 19.80
CA VAL A 86 -2.92 -3.50 20.54
C VAL A 86 -4.34 -3.99 20.76
N LEU A 87 -4.62 -5.21 20.34
CA LEU A 87 -5.95 -5.80 20.50
C LEU A 87 -5.89 -7.07 21.33
N PRO A 88 -6.67 -7.14 22.43
CA PRO A 88 -6.69 -8.32 23.30
C PRO A 88 -7.44 -9.48 22.68
N GLU A 89 -7.55 -10.57 23.42
CA GLU A 89 -8.24 -11.76 22.94
C GLU A 89 -9.74 -11.67 23.23
N GLN A 90 -10.48 -11.10 22.29
CA GLN A 90 -11.92 -10.94 22.44
C GLN A 90 -12.58 -10.78 21.07
N PHE A 91 -12.10 -9.81 20.30
CA PHE A 91 -12.64 -9.56 18.97
C PHE A 91 -11.98 -10.45 17.93
N LYS A 92 -12.62 -11.58 17.63
CA LYS A 92 -12.08 -12.51 16.66
C LYS A 92 -12.13 -11.94 15.25
N ASP A 93 -13.30 -11.42 14.86
CA ASP A 93 -13.47 -10.85 13.54
C ASP A 93 -12.62 -9.58 13.37
N SER A 94 -12.58 -8.76 14.41
CA SER A 94 -11.81 -7.53 14.38
C SER A 94 -10.31 -7.83 14.33
N ARG A 95 -9.85 -8.76 15.17
CA ARG A 95 -8.45 -9.11 15.20
C ARG A 95 -8.01 -9.78 13.91
N LEU A 96 -8.81 -10.73 13.45
CA LEU A 96 -8.52 -11.42 12.21
C LEU A 96 -8.47 -10.41 11.08
N LYS A 97 -9.32 -9.40 11.18
CA LYS A 97 -9.39 -8.34 10.17
C LYS A 97 -8.11 -7.51 10.17
N ARG A 98 -7.69 -7.09 11.35
CA ARG A 98 -6.47 -6.28 11.50
C ARG A 98 -5.23 -7.05 11.06
N LYS A 99 -5.12 -8.29 11.50
CA LYS A 99 -3.96 -9.12 11.15
C LYS A 99 -3.85 -9.29 9.65
N ASN A 100 -4.96 -9.63 9.01
CA ASN A 100 -4.98 -9.80 7.56
C ASN A 100 -4.66 -8.48 6.89
N LEU A 101 -5.11 -7.40 7.51
CA LEU A 101 -4.86 -6.06 7.00
C LEU A 101 -3.39 -5.71 7.08
N VAL A 102 -2.78 -6.02 8.21
CA VAL A 102 -1.37 -5.71 8.39
C VAL A 102 -0.55 -6.43 7.34
N LYS A 103 -0.77 -7.73 7.22
CA LYS A 103 -0.06 -8.53 6.23
C LYS A 103 -0.41 -8.12 4.82
N LYS A 104 -1.62 -7.68 4.61
CA LYS A 104 -2.01 -7.23 3.28
C LYS A 104 -1.11 -6.07 2.93
N VAL A 105 -0.84 -5.29 3.97
CA VAL A 105 0.01 -4.12 3.84
C VAL A 105 1.45 -4.54 3.57
N GLN A 106 1.88 -5.60 4.24
CA GLN A 106 3.23 -6.11 4.07
C GLN A 106 3.50 -6.46 2.61
N VAL A 107 2.55 -7.17 2.01
CA VAL A 107 2.68 -7.59 0.62
C VAL A 107 2.52 -6.39 -0.33
N PHE A 108 1.49 -5.60 -0.11
CA PHE A 108 1.21 -4.43 -0.94
C PHE A 108 2.29 -3.37 -0.80
N LEU A 109 2.83 -3.22 0.39
CA LEU A 109 3.86 -2.23 0.64
C LEU A 109 5.17 -2.68 -0.02
N ALA A 110 5.48 -3.94 0.18
CA ALA A 110 6.67 -4.56 -0.39
C ALA A 110 6.51 -4.71 -1.90
N GLU A 111 5.30 -5.05 -2.33
CA GLU A 111 5.04 -5.22 -3.76
C GLU A 111 5.32 -3.92 -4.48
N CYS A 112 5.02 -2.82 -3.81
CA CYS A 112 5.25 -1.50 -4.35
C CYS A 112 6.75 -1.29 -4.57
N ASP A 113 7.55 -1.71 -3.58
CA ASP A 113 9.00 -1.59 -3.67
C ASP A 113 9.53 -2.36 -4.88
N THR A 114 8.95 -3.52 -5.14
CA THR A 114 9.37 -4.33 -6.27
C THR A 114 9.12 -3.58 -7.57
N VAL A 115 7.94 -3.00 -7.70
CA VAL A 115 7.60 -2.24 -8.88
C VAL A 115 8.58 -1.08 -9.04
N GLU A 116 8.86 -0.41 -7.92
CA GLU A 116 9.80 0.69 -7.90
C GLU A 116 11.20 0.19 -8.24
N GLN A 117 11.60 -0.91 -7.61
CA GLN A 117 12.92 -1.48 -7.84
C GLN A 117 13.05 -2.03 -9.26
N TYR A 118 11.96 -2.60 -9.77
CA TYR A 118 11.95 -3.17 -11.12
C TYR A 118 12.07 -2.08 -12.17
N ILE A 119 11.28 -1.03 -12.00
CA ILE A 119 11.33 0.09 -12.90
C ILE A 119 12.65 0.82 -12.75
N CYS A 120 13.10 0.92 -11.51
CA CYS A 120 14.36 1.60 -11.22
C CYS A 120 15.56 0.78 -11.73
N GLN A 121 15.57 -0.52 -11.43
CA GLN A 121 16.65 -1.39 -11.84
C GLN A 121 16.72 -1.54 -13.35
N GLU A 122 15.57 -1.57 -14.01
CA GLU A 122 15.53 -1.71 -15.46
C GLU A 122 16.08 -0.45 -16.10
N THR A 123 15.65 0.69 -15.57
CA THR A 123 16.11 1.98 -16.03
C THR A 123 17.60 2.12 -15.70
N GLU A 124 17.95 1.61 -14.52
CA GLU A 124 19.34 1.66 -14.06
C GLU A 124 20.26 1.00 -15.08
N ARG A 125 19.80 -0.10 -15.65
CA ARG A 125 20.59 -0.83 -16.64
C ARG A 125 20.70 0.02 -17.91
N LEU A 126 19.63 0.73 -18.23
CA LEU A 126 19.58 1.59 -19.40
C LEU A 126 20.66 2.67 -19.33
N GLN A 127 21.04 3.02 -18.10
CA GLN A 127 22.06 4.05 -17.87
C GLN A 127 23.39 3.66 -18.52
N SER A 128 23.55 2.36 -18.82
CA SER A 128 24.77 1.87 -19.45
C SER A 128 25.91 1.79 -18.44
N THR A 129 26.77 0.79 -18.59
CA THR A 129 27.89 0.59 -17.69
C THR A 129 29.18 1.13 -18.29
N ASN A 130 29.46 2.41 -18.04
CA ASN A 130 30.67 3.05 -18.56
C ASN A 130 30.68 3.04 -20.08
N LEU A 131 30.62 4.23 -20.68
CA LEU A 131 30.62 4.36 -22.13
C LEU A 131 31.98 4.82 -22.63
N ALA A 132 32.67 5.61 -21.81
CA ALA A 132 33.99 6.12 -22.16
C ALA A 132 34.76 6.56 -20.92
N LEU A 133 34.09 7.31 -20.05
CA LEU A 133 34.72 7.79 -18.82
C LEU A 133 33.84 7.51 -17.61
N ALA A 134 34.46 7.19 -16.49
CA ALA A 134 33.74 6.88 -15.26
C ALA A 134 34.02 7.94 -14.19
N GLU A 135 33.09 8.87 -14.03
CA GLU A 135 33.24 9.93 -13.03
C GLU A 135 32.72 9.47 -11.67
#